data_2LD7
#
_entry.id   2LD7
#
loop_
_entity.id
_entity.type
_entity.pdbx_description
1 polymer 'Histone deacetylase complex subunit SAP30'
2 polymer 'Paired amphipathic helix protein Sin3a'
#
loop_
_entity_poly.entity_id
_entity_poly.type
_entity_poly.pdbx_seq_one_letter_code
_entity_poly.pdbx_strand_id
1 'polypeptide(L)'
;SNAGSDDDGGDSPVQDIDTPEVDLYQLQVNTLRRYKRHFKLPTRPGLNKAQLVEIVGCHFKSIPVNEKDTLTCFIYSVRN
DKNKSDLKADSGVH
;
A
2 'polypeptide(L)' SNASKHGVGTESLFFDKVRKALRSAEAYENFLRCLVIFNQEVISRAELVQLVSPFLGKFPELFNWFKNFLGYKES B
#
# COMPACT_ATOMS: atom_id res chain seq x y z
N SER A 1 -35.09 -15.67 -12.89
CA SER A 1 -35.18 -15.90 -14.35
C SER A 1 -33.85 -15.65 -15.02
N ASN A 2 -33.16 -14.58 -14.60
CA ASN A 2 -31.83 -14.23 -15.10
C ASN A 2 -31.88 -13.80 -16.56
N ALA A 3 -30.72 -13.41 -17.09
CA ALA A 3 -30.57 -13.02 -18.50
C ALA A 3 -31.37 -11.77 -18.82
N GLY A 4 -31.77 -11.03 -17.80
CA GLY A 4 -32.54 -9.82 -18.01
C GLY A 4 -31.85 -8.61 -17.43
N SER A 5 -30.90 -8.85 -16.54
CA SER A 5 -30.14 -7.78 -15.91
C SER A 5 -28.72 -8.24 -15.66
N ASP A 6 -27.82 -7.30 -15.36
CA ASP A 6 -26.41 -7.62 -15.12
C ASP A 6 -26.09 -7.59 -13.64
N ASP A 7 -27.11 -7.53 -12.81
CA ASP A 7 -26.92 -7.50 -11.36
C ASP A 7 -26.43 -8.84 -10.86
N ASP A 8 -26.05 -8.88 -9.59
CA ASP A 8 -25.58 -10.10 -8.96
C ASP A 8 -26.76 -10.89 -8.40
N GLY A 9 -26.75 -12.19 -8.60
CA GLY A 9 -27.83 -13.03 -8.14
C GLY A 9 -27.52 -13.75 -6.84
N GLY A 10 -26.52 -13.26 -6.12
CA GLY A 10 -26.15 -13.87 -4.86
C GLY A 10 -26.57 -13.03 -3.67
N ASP A 11 -26.98 -11.79 -3.94
CA ASP A 11 -27.43 -10.84 -2.91
C ASP A 11 -26.24 -10.32 -2.10
N SER A 12 -25.47 -11.23 -1.53
CA SER A 12 -24.28 -10.88 -0.79
C SER A 12 -23.23 -11.95 -0.99
N PRO A 13 -22.06 -11.58 -1.55
CA PRO A 13 -20.96 -12.51 -1.79
C PRO A 13 -20.37 -13.03 -0.48
N VAL A 14 -19.54 -14.05 -0.58
CA VAL A 14 -18.89 -14.61 0.60
C VAL A 14 -17.85 -13.65 1.17
N GLN A 15 -18.23 -12.94 2.22
CA GLN A 15 -17.35 -11.98 2.87
C GLN A 15 -17.94 -11.57 4.22
N ASP A 16 -17.33 -12.06 5.29
CA ASP A 16 -17.77 -11.72 6.63
C ASP A 16 -17.18 -10.38 7.05
N ILE A 17 -16.31 -9.84 6.19
CA ILE A 17 -15.68 -8.56 6.43
C ILE A 17 -16.50 -7.46 5.77
N ASP A 18 -16.54 -6.30 6.40
CA ASP A 18 -17.25 -5.15 5.87
C ASP A 18 -16.41 -4.40 4.84
N THR A 19 -15.37 -5.08 4.40
CA THR A 19 -14.38 -4.51 3.50
C THR A 19 -13.50 -3.51 4.25
N PRO A 20 -12.21 -3.86 4.44
CA PRO A 20 -11.27 -3.02 5.18
C PRO A 20 -11.13 -1.64 4.54
N GLU A 21 -11.21 -0.61 5.38
CA GLU A 21 -11.11 0.76 4.90
C GLU A 21 -9.72 1.32 5.20
N VAL A 22 -9.18 2.03 4.24
CA VAL A 22 -7.83 2.56 4.35
C VAL A 22 -7.83 3.91 5.07
N ASP A 23 -7.04 4.00 6.13
CA ASP A 23 -6.85 5.26 6.82
C ASP A 23 -5.82 6.10 6.09
N LEU A 24 -6.25 7.22 5.54
CA LEU A 24 -5.36 8.11 4.80
C LEU A 24 -4.96 9.27 5.68
N TYR A 25 -5.46 9.28 6.91
CA TYR A 25 -5.17 10.35 7.85
C TYR A 25 -3.83 10.07 8.52
N GLN A 26 -3.40 8.82 8.46
CA GLN A 26 -2.13 8.40 9.03
C GLN A 26 -0.97 8.94 8.20
N LEU A 27 -1.22 9.16 6.92
CA LEU A 27 -0.20 9.64 6.01
C LEU A 27 0.27 11.04 6.40
N GLN A 28 1.53 11.32 6.13
CA GLN A 28 2.09 12.62 6.42
C GLN A 28 1.43 13.69 5.56
N VAL A 29 1.40 14.92 6.08
CA VAL A 29 0.85 16.05 5.32
C VAL A 29 1.57 16.18 3.99
N ASN A 30 2.88 15.96 4.03
CA ASN A 30 3.73 16.06 2.85
C ASN A 30 3.33 15.00 1.83
N THR A 31 3.01 13.81 2.32
CA THR A 31 2.62 12.70 1.46
C THR A 31 1.30 13.01 0.72
N LEU A 32 0.33 13.56 1.46
CA LEU A 32 -0.96 13.90 0.88
C LEU A 32 -0.82 15.03 -0.14
N ARG A 33 0.00 16.01 0.20
CA ARG A 33 0.26 17.13 -0.72
C ARG A 33 1.02 16.64 -1.95
N ARG A 34 1.85 15.63 -1.76
CA ARG A 34 2.61 15.05 -2.85
C ARG A 34 1.68 14.34 -3.82
N TYR A 35 0.73 13.57 -3.27
CA TYR A 35 -0.33 12.97 -4.07
C TYR A 35 -1.01 14.03 -4.93
N LYS A 36 -1.39 15.13 -4.29
CA LYS A 36 -2.09 16.22 -4.98
C LYS A 36 -1.22 16.85 -6.07
N ARG A 37 0.08 16.90 -5.84
CA ARG A 37 0.98 17.51 -6.80
C ARG A 37 1.29 16.57 -7.96
N HIS A 38 1.44 15.29 -7.67
CA HIS A 38 1.81 14.33 -8.71
C HIS A 38 0.61 13.96 -9.56
N PHE A 39 -0.57 13.95 -8.95
CA PHE A 39 -1.81 13.67 -9.68
C PHE A 39 -2.44 14.95 -10.20
N LYS A 40 -1.84 16.08 -9.82
CA LYS A 40 -2.33 17.41 -10.20
C LYS A 40 -3.77 17.62 -9.77
N LEU A 41 -3.97 17.98 -8.51
CA LEU A 41 -5.29 18.26 -7.99
C LEU A 41 -5.36 19.72 -7.56
N PRO A 42 -5.86 20.60 -8.45
CA PRO A 42 -6.00 22.02 -8.17
C PRO A 42 -6.95 22.26 -6.99
N THR A 43 -6.48 23.01 -6.01
CA THR A 43 -7.23 23.22 -4.79
C THR A 43 -7.16 24.68 -4.34
N ARG A 44 -7.85 24.98 -3.26
CA ARG A 44 -7.86 26.34 -2.72
C ARG A 44 -6.78 26.47 -1.65
N PRO A 45 -6.18 27.66 -1.53
CA PRO A 45 -5.17 27.93 -0.52
C PRO A 45 -5.73 27.84 0.90
N GLY A 46 -4.91 27.38 1.83
CA GLY A 46 -5.35 27.23 3.20
C GLY A 46 -5.81 25.82 3.51
N LEU A 47 -5.19 24.84 2.84
CA LEU A 47 -5.52 23.45 3.05
C LEU A 47 -4.98 22.93 4.38
N ASN A 48 -5.74 22.04 5.00
CA ASN A 48 -5.33 21.44 6.26
C ASN A 48 -5.26 19.93 6.12
N LYS A 49 -4.79 19.26 7.18
CA LYS A 49 -4.62 17.81 7.16
C LYS A 49 -5.91 17.10 6.78
N ALA A 50 -6.99 17.41 7.48
CA ALA A 50 -8.28 16.78 7.21
C ALA A 50 -8.75 17.05 5.78
N GLN A 51 -8.51 18.26 5.31
CA GLN A 51 -8.90 18.66 3.97
C GLN A 51 -8.16 17.81 2.94
N LEU A 52 -6.86 17.65 3.15
CA LEU A 52 -6.04 16.86 2.25
C LEU A 52 -6.55 15.43 2.19
N VAL A 53 -6.77 14.84 3.35
CA VAL A 53 -7.19 13.45 3.44
C VAL A 53 -8.51 13.22 2.69
N GLU A 54 -9.44 14.17 2.80
CA GLU A 54 -10.72 14.07 2.12
C GLU A 54 -10.53 14.12 0.60
N ILE A 55 -9.76 15.10 0.14
CA ILE A 55 -9.50 15.26 -1.28
C ILE A 55 -8.72 14.08 -1.84
N VAL A 56 -7.66 13.69 -1.13
CA VAL A 56 -6.86 12.54 -1.53
C VAL A 56 -7.72 11.30 -1.56
N GLY A 57 -8.50 11.08 -0.50
CA GLY A 57 -9.34 9.91 -0.42
C GLY A 57 -10.39 9.87 -1.51
N CYS A 58 -10.95 11.02 -1.83
CA CYS A 58 -11.97 11.10 -2.87
C CYS A 58 -11.40 10.68 -4.21
N HIS A 59 -10.18 11.10 -4.51
CA HIS A 59 -9.54 10.77 -5.77
C HIS A 59 -8.92 9.37 -5.70
N PHE A 60 -8.48 8.98 -4.51
CA PHE A 60 -7.86 7.68 -4.29
C PHE A 60 -8.86 6.56 -4.51
N LYS A 61 -10.13 6.86 -4.29
CA LYS A 61 -11.21 5.89 -4.53
C LYS A 61 -11.44 5.66 -6.02
N SER A 62 -10.77 6.45 -6.86
CA SER A 62 -10.94 6.33 -8.30
C SER A 62 -9.58 6.31 -9.01
N ILE A 63 -8.77 5.32 -8.67
CA ILE A 63 -7.48 5.13 -9.33
C ILE A 63 -7.52 3.87 -10.19
N PRO A 64 -7.31 4.03 -11.50
CA PRO A 64 -7.21 2.91 -12.44
C PRO A 64 -5.95 2.10 -12.19
N VAL A 65 -6.10 0.79 -12.06
CA VAL A 65 -4.99 -0.06 -11.70
C VAL A 65 -5.06 -1.40 -12.45
N ASN A 66 -3.91 -2.04 -12.62
CA ASN A 66 -3.83 -3.31 -13.34
C ASN A 66 -2.96 -4.29 -12.57
N GLU A 67 -3.54 -5.45 -12.22
CA GLU A 67 -2.86 -6.43 -11.35
C GLU A 67 -1.44 -6.71 -11.80
N LYS A 68 -1.31 -7.29 -12.99
CA LYS A 68 -0.02 -7.76 -13.49
C LYS A 68 1.01 -6.64 -13.53
N ASP A 69 0.67 -5.54 -14.17
CA ASP A 69 1.59 -4.43 -14.33
C ASP A 69 1.93 -3.77 -13.01
N THR A 70 0.91 -3.58 -12.17
CA THR A 70 1.11 -2.95 -10.87
C THR A 70 2.00 -3.80 -9.97
N LEU A 71 1.80 -5.12 -10.00
CA LEU A 71 2.65 -6.03 -9.25
C LEU A 71 4.08 -5.96 -9.78
N THR A 72 4.20 -5.94 -11.10
CA THR A 72 5.51 -5.87 -11.74
C THR A 72 6.27 -4.61 -11.32
N CYS A 73 5.60 -3.46 -11.38
CA CYS A 73 6.20 -2.19 -10.97
C CYS A 73 6.66 -2.27 -9.52
N PHE A 74 5.76 -2.73 -8.65
CA PHE A 74 6.05 -2.85 -7.23
C PHE A 74 7.28 -3.73 -7.00
N ILE A 75 7.24 -4.95 -7.51
CA ILE A 75 8.33 -5.89 -7.33
C ILE A 75 9.64 -5.31 -7.86
N TYR A 76 9.56 -4.72 -9.05
CA TYR A 76 10.72 -4.18 -9.74
C TYR A 76 11.39 -3.08 -8.92
N SER A 77 10.64 -2.02 -8.63
CA SER A 77 11.19 -0.86 -7.95
C SER A 77 11.71 -1.20 -6.56
N VAL A 78 10.93 -1.95 -5.79
CA VAL A 78 11.32 -2.24 -4.42
C VAL A 78 12.56 -3.12 -4.36
N ARG A 79 12.70 -4.05 -5.29
CA ARG A 79 13.87 -4.91 -5.33
C ARG A 79 15.08 -4.17 -5.91
N ASN A 80 14.83 -3.03 -6.52
CA ASN A 80 15.90 -2.22 -7.09
C ASN A 80 16.20 -1.02 -6.20
N ASP A 81 15.39 0.02 -6.33
CA ASP A 81 15.58 1.24 -5.56
C ASP A 81 14.35 1.55 -4.72
N LYS A 82 14.49 1.35 -3.43
CA LYS A 82 13.43 1.60 -2.47
C LYS A 82 13.27 3.09 -2.23
N ASN A 83 12.42 3.72 -3.05
CA ASN A 83 12.18 5.16 -2.98
C ASN A 83 13.46 5.93 -3.32
N LYS A 84 13.67 6.15 -4.61
CA LYS A 84 14.83 6.89 -5.08
C LYS A 84 14.55 8.39 -4.98
N SER A 85 15.55 9.15 -4.56
CA SER A 85 15.39 10.58 -4.41
C SER A 85 15.51 11.29 -5.76
N ASP A 86 16.73 11.37 -6.28
CA ASP A 86 17.02 12.00 -7.59
C ASP A 86 16.33 13.36 -7.74
N LEU A 87 16.97 14.39 -7.22
CA LEU A 87 16.39 15.73 -7.23
C LEU A 87 16.61 16.39 -8.59
N LYS A 88 15.53 16.53 -9.35
CA LYS A 88 15.59 17.16 -10.66
C LYS A 88 14.25 17.82 -10.99
N ALA A 89 14.31 19.03 -11.51
CA ALA A 89 13.10 19.73 -11.93
C ALA A 89 12.81 19.43 -13.40
N ASP A 90 11.58 19.03 -13.68
CA ASP A 90 11.17 18.70 -15.05
C ASP A 90 10.75 19.94 -15.81
N SER A 91 9.60 20.49 -15.46
CA SER A 91 9.03 21.61 -16.18
C SER A 91 9.64 22.92 -15.70
N GLY A 92 10.35 23.61 -16.59
CA GLY A 92 10.91 24.90 -16.25
C GLY A 92 9.87 26.01 -16.31
N VAL A 93 9.02 26.06 -15.31
CA VAL A 93 7.94 27.04 -15.25
C VAL A 93 8.48 28.43 -14.90
N HIS A 94 9.57 28.45 -14.15
CA HIS A 94 10.20 29.68 -13.73
C HIS A 94 11.66 29.43 -13.40
N SER B 1 3.15 -15.34 -19.00
CA SER B 1 4.21 -16.25 -19.48
C SER B 1 5.55 -15.92 -18.80
N ASN B 2 6.15 -16.95 -18.19
CA ASN B 2 7.47 -16.82 -17.57
C ASN B 2 7.49 -15.80 -16.43
N ALA B 3 6.34 -15.63 -15.79
CA ALA B 3 6.23 -14.67 -14.69
C ALA B 3 6.32 -15.38 -13.34
N SER B 4 5.25 -16.06 -12.96
CA SER B 4 5.18 -16.73 -11.67
C SER B 4 5.67 -18.17 -11.77
N LYS B 5 6.66 -18.39 -12.63
CA LYS B 5 7.19 -19.72 -12.85
C LYS B 5 8.50 -19.94 -12.11
N HIS B 6 9.56 -19.29 -12.59
CA HIS B 6 10.88 -19.47 -12.02
C HIS B 6 11.36 -18.18 -11.36
N GLY B 7 11.02 -17.05 -11.96
CA GLY B 7 11.41 -15.77 -11.42
C GLY B 7 10.61 -15.41 -10.18
N VAL B 8 9.35 -15.05 -10.38
CA VAL B 8 8.47 -14.69 -9.28
C VAL B 8 7.91 -15.93 -8.61
N GLY B 9 8.19 -16.07 -7.32
CA GLY B 9 7.74 -17.24 -6.60
C GLY B 9 7.09 -16.88 -5.27
N THR B 10 7.89 -16.38 -4.35
CA THR B 10 7.41 -16.04 -3.02
C THR B 10 6.58 -14.75 -3.09
N GLU B 11 6.86 -13.92 -4.09
CA GLU B 11 6.10 -12.70 -4.30
C GLU B 11 4.68 -13.05 -4.71
N SER B 12 4.56 -14.03 -5.61
CA SER B 12 3.25 -14.49 -6.05
C SER B 12 2.52 -15.14 -4.89
N LEU B 13 3.28 -15.78 -4.00
CA LEU B 13 2.74 -16.34 -2.78
C LEU B 13 2.13 -15.22 -1.92
N PHE B 14 2.89 -14.16 -1.73
CA PHE B 14 2.42 -12.99 -1.00
C PHE B 14 1.13 -12.43 -1.60
N PHE B 15 1.14 -12.19 -2.90
CA PHE B 15 -0.01 -11.58 -3.57
C PHE B 15 -1.23 -12.49 -3.53
N ASP B 16 -1.00 -13.80 -3.60
CA ASP B 16 -2.09 -14.76 -3.47
C ASP B 16 -2.73 -14.63 -2.09
N LYS B 17 -1.87 -14.55 -1.07
CA LYS B 17 -2.31 -14.34 0.30
C LYS B 17 -3.11 -13.06 0.42
N VAL B 18 -2.57 -11.96 -0.11
CA VAL B 18 -3.25 -10.66 -0.06
C VAL B 18 -4.62 -10.74 -0.75
N ARG B 19 -4.65 -11.34 -1.92
CA ARG B 19 -5.89 -11.48 -2.70
C ARG B 19 -6.90 -12.32 -1.91
N LYS B 20 -6.40 -13.35 -1.25
CA LYS B 20 -7.26 -14.29 -0.53
C LYS B 20 -7.69 -13.73 0.82
N ALA B 21 -6.84 -12.91 1.42
CA ALA B 21 -7.11 -12.34 2.73
C ALA B 21 -8.06 -11.16 2.65
N LEU B 22 -7.79 -10.23 1.72
CA LEU B 22 -8.61 -9.05 1.57
C LEU B 22 -10.00 -9.43 1.08
N ARG B 23 -10.05 -10.39 0.15
CA ARG B 23 -11.29 -10.99 -0.34
C ARG B 23 -12.10 -10.02 -1.21
N SER B 24 -12.26 -8.79 -0.77
CA SER B 24 -13.00 -7.79 -1.51
C SER B 24 -12.21 -7.34 -2.74
N ALA B 25 -12.89 -7.22 -3.86
CA ALA B 25 -12.25 -6.79 -5.10
C ALA B 25 -11.67 -5.39 -4.97
N GLU B 26 -12.44 -4.50 -4.36
CA GLU B 26 -12.02 -3.12 -4.19
C GLU B 26 -10.92 -3.02 -3.16
N ALA B 27 -10.92 -3.92 -2.19
CA ALA B 27 -9.87 -3.94 -1.17
C ALA B 27 -8.54 -4.34 -1.77
N TYR B 28 -8.56 -5.34 -2.65
CA TYR B 28 -7.36 -5.75 -3.35
C TYR B 28 -6.92 -4.65 -4.31
N GLU B 29 -7.90 -3.98 -4.93
CA GLU B 29 -7.61 -2.85 -5.78
C GLU B 29 -6.93 -1.75 -4.96
N ASN B 30 -7.42 -1.54 -3.74
CA ASN B 30 -6.83 -0.59 -2.82
C ASN B 30 -5.34 -0.86 -2.62
N PHE B 31 -5.01 -2.12 -2.35
CA PHE B 31 -3.62 -2.55 -2.21
C PHE B 31 -2.81 -2.15 -3.43
N LEU B 32 -3.36 -2.44 -4.61
CA LEU B 32 -2.68 -2.13 -5.86
C LEU B 32 -2.60 -0.62 -6.07
N ARG B 33 -3.59 0.11 -5.57
CA ARG B 33 -3.56 1.57 -5.66
C ARG B 33 -2.44 2.14 -4.80
N CYS B 34 -2.23 1.52 -3.64
CA CYS B 34 -1.10 1.89 -2.80
C CYS B 34 0.21 1.62 -3.53
N LEU B 35 0.23 0.54 -4.31
CA LEU B 35 1.41 0.18 -5.08
C LEU B 35 1.69 1.21 -6.17
N VAL B 36 0.68 1.60 -6.93
CA VAL B 36 0.87 2.53 -8.03
C VAL B 36 1.32 3.90 -7.54
N ILE B 37 0.73 4.41 -6.46
CA ILE B 37 1.13 5.71 -5.94
C ILE B 37 2.53 5.65 -5.34
N PHE B 38 2.91 4.50 -4.78
CA PHE B 38 4.28 4.30 -4.35
C PHE B 38 5.21 4.34 -5.56
N ASN B 39 4.81 3.65 -6.61
CA ASN B 39 5.58 3.59 -7.85
C ASN B 39 5.67 4.97 -8.50
N GLN B 40 4.59 5.73 -8.38
CA GLN B 40 4.52 7.06 -8.97
C GLN B 40 5.18 8.11 -8.07
N GLU B 41 6.02 7.65 -7.13
CA GLU B 41 6.84 8.55 -6.31
C GLU B 41 5.97 9.45 -5.44
N VAL B 42 4.80 8.94 -5.06
CA VAL B 42 3.85 9.70 -4.26
C VAL B 42 4.03 9.43 -2.77
N ILE B 43 3.98 8.16 -2.38
CA ILE B 43 4.06 7.82 -0.97
C ILE B 43 5.43 7.25 -0.62
N SER B 44 5.86 7.49 0.61
CA SER B 44 7.14 6.99 1.10
C SER B 44 7.05 5.51 1.45
N ARG B 45 8.19 4.91 1.78
CA ARG B 45 8.26 3.47 2.08
C ARG B 45 7.32 3.11 3.23
N ALA B 46 7.56 3.74 4.38
CA ALA B 46 6.76 3.50 5.57
C ALA B 46 5.30 3.85 5.32
N GLU B 47 5.07 4.92 4.57
CA GLU B 47 3.71 5.32 4.21
C GLU B 47 2.98 4.18 3.50
N LEU B 48 3.71 3.46 2.67
CA LEU B 48 3.19 2.30 1.96
C LEU B 48 2.81 1.18 2.94
N VAL B 49 3.74 0.80 3.81
CA VAL B 49 3.48 -0.28 4.77
C VAL B 49 2.36 0.11 5.73
N GLN B 50 2.35 1.37 6.16
CA GLN B 50 1.35 1.85 7.10
C GLN B 50 -0.04 1.89 6.46
N LEU B 51 -0.10 2.26 5.19
CA LEU B 51 -1.38 2.46 4.52
C LEU B 51 -2.17 1.16 4.47
N VAL B 52 -1.49 0.06 4.18
CA VAL B 52 -2.13 -1.24 4.08
C VAL B 52 -2.24 -1.93 5.45
N SER B 53 -2.03 -1.17 6.52
CA SER B 53 -2.14 -1.72 7.88
C SER B 53 -3.54 -2.32 8.13
N PRO B 54 -4.64 -1.57 7.86
CA PRO B 54 -6.01 -2.10 8.06
C PRO B 54 -6.30 -3.31 7.20
N PHE B 55 -5.38 -3.62 6.29
CA PHE B 55 -5.56 -4.72 5.35
C PHE B 55 -4.66 -5.90 5.70
N LEU B 56 -3.36 -5.68 5.69
CA LEU B 56 -2.38 -6.75 5.87
C LEU B 56 -1.93 -6.85 7.32
N GLY B 57 -2.21 -5.82 8.10
CA GLY B 57 -1.74 -5.77 9.48
C GLY B 57 -2.39 -6.83 10.35
N LYS B 58 -3.52 -7.36 9.90
CA LYS B 58 -4.22 -8.42 10.62
C LYS B 58 -3.44 -9.72 10.53
N PHE B 59 -2.58 -9.81 9.52
CA PHE B 59 -1.85 -11.04 9.26
C PHE B 59 -0.35 -10.80 9.44
N PRO B 60 0.19 -11.17 10.62
CA PRO B 60 1.59 -10.95 10.98
C PRO B 60 2.58 -11.52 9.95
N GLU B 61 2.34 -12.75 9.51
CA GLU B 61 3.20 -13.40 8.53
C GLU B 61 3.20 -12.63 7.21
N LEU B 62 2.03 -12.12 6.85
CA LEU B 62 1.83 -11.44 5.58
C LEU B 62 2.47 -10.05 5.63
N PHE B 63 2.19 -9.32 6.70
CA PHE B 63 2.69 -7.96 6.86
C PHE B 63 4.20 -7.97 7.07
N ASN B 64 4.71 -9.01 7.71
CA ASN B 64 6.15 -9.14 7.92
C ASN B 64 6.85 -9.44 6.61
N TRP B 65 6.23 -10.29 5.78
CA TRP B 65 6.74 -10.56 4.43
C TRP B 65 6.89 -9.24 3.68
N PHE B 66 5.83 -8.44 3.74
CA PHE B 66 5.80 -7.14 3.11
C PHE B 66 6.95 -6.26 3.61
N LYS B 67 7.11 -6.19 4.92
CA LYS B 67 8.20 -5.42 5.52
C LYS B 67 9.56 -5.91 5.06
N ASN B 68 9.73 -7.23 5.05
CA ASN B 68 11.01 -7.84 4.67
C ASN B 68 11.32 -7.55 3.20
N PHE B 69 10.29 -7.50 2.38
CA PHE B 69 10.46 -7.22 0.96
C PHE B 69 10.83 -5.76 0.73
N LEU B 70 10.21 -4.88 1.52
CA LEU B 70 10.45 -3.44 1.39
C LEU B 70 11.78 -3.05 2.04
N GLY B 71 12.35 -3.95 2.82
CA GLY B 71 13.53 -3.62 3.57
C GLY B 71 13.19 -2.67 4.70
N TYR B 72 12.09 -2.96 5.37
CA TYR B 72 11.59 -2.12 6.45
C TYR B 72 12.34 -2.42 7.73
N LYS B 73 13.33 -1.59 8.03
CA LYS B 73 14.16 -1.78 9.21
C LYS B 73 13.37 -1.53 10.49
N GLU B 74 13.13 -0.27 10.78
CA GLU B 74 12.44 0.17 12.00
C GLU B 74 13.19 -0.31 13.24
N SER B 75 14.45 -0.66 13.05
CA SER B 75 15.28 -1.20 14.10
C SER B 75 16.52 -0.34 14.28
N SER A 1 -46.44 -17.79 1.84
CA SER A 1 -45.73 -16.71 1.12
C SER A 1 -45.71 -15.44 1.96
N ASN A 2 -44.98 -14.42 1.48
CA ASN A 2 -44.86 -13.13 2.16
C ASN A 2 -44.12 -13.29 3.48
N ALA A 3 -44.01 -12.19 4.22
CA ALA A 3 -43.31 -12.19 5.50
C ALA A 3 -43.81 -11.03 6.35
N GLY A 4 -43.11 -10.77 7.44
CA GLY A 4 -43.43 -9.64 8.26
C GLY A 4 -42.68 -8.40 7.79
N SER A 5 -42.35 -7.52 8.72
CA SER A 5 -41.57 -6.35 8.41
C SER A 5 -40.09 -6.62 8.68
N ASP A 6 -39.82 -7.80 9.20
CA ASP A 6 -38.47 -8.16 9.62
C ASP A 6 -38.01 -9.41 8.88
N ASP A 7 -36.81 -9.36 8.33
CA ASP A 7 -36.24 -10.49 7.61
C ASP A 7 -35.12 -11.13 8.42
N ASP A 8 -35.41 -12.26 9.04
CA ASP A 8 -34.42 -12.99 9.81
C ASP A 8 -33.99 -14.24 9.06
N GLY A 9 -32.75 -14.27 8.61
CA GLY A 9 -32.26 -15.40 7.85
C GLY A 9 -30.75 -15.39 7.73
N GLY A 10 -30.10 -16.22 8.54
CA GLY A 10 -28.66 -16.29 8.54
C GLY A 10 -28.16 -17.62 9.05
N ASP A 11 -28.18 -18.62 8.18
CA ASP A 11 -27.75 -19.96 8.55
C ASP A 11 -26.24 -20.01 8.78
N SER A 12 -25.50 -19.31 7.94
CA SER A 12 -24.06 -19.28 8.07
C SER A 12 -23.53 -17.95 7.54
N PRO A 13 -23.09 -17.06 8.46
CA PRO A 13 -22.56 -15.74 8.08
C PRO A 13 -21.20 -15.85 7.39
N VAL A 14 -21.10 -15.27 6.20
CA VAL A 14 -19.87 -15.27 5.44
C VAL A 14 -18.87 -14.28 6.03
N GLN A 15 -17.60 -14.52 5.78
CA GLN A 15 -16.55 -13.64 6.27
C GLN A 15 -16.08 -12.72 5.15
N ASP A 16 -16.88 -11.71 4.86
CA ASP A 16 -16.60 -10.77 3.78
C ASP A 16 -15.66 -9.68 4.28
N ILE A 17 -15.73 -9.41 5.58
CA ILE A 17 -14.86 -8.43 6.25
C ILE A 17 -15.27 -7.01 5.86
N ASP A 18 -16.41 -6.92 5.23
CA ASP A 18 -17.02 -5.65 4.79
C ASP A 18 -16.11 -4.90 3.82
N THR A 19 -15.06 -5.59 3.36
CA THR A 19 -14.00 -4.99 2.58
C THR A 19 -13.11 -4.11 3.44
N PRO A 20 -11.86 -4.54 3.68
CA PRO A 20 -10.87 -3.74 4.40
C PRO A 20 -10.66 -2.40 3.74
N GLU A 21 -10.60 -1.36 4.55
CA GLU A 21 -10.48 0.00 4.05
C GLU A 21 -9.10 0.57 4.36
N VAL A 22 -8.78 1.67 3.72
CA VAL A 22 -7.53 2.36 3.98
C VAL A 22 -7.80 3.72 4.60
N ASP A 23 -6.98 4.10 5.56
CA ASP A 23 -7.11 5.41 6.19
C ASP A 23 -5.99 6.31 5.71
N LEU A 24 -6.35 7.46 5.16
CA LEU A 24 -5.37 8.37 4.61
C LEU A 24 -5.15 9.55 5.55
N TYR A 25 -5.82 9.51 6.69
CA TYR A 25 -5.68 10.52 7.71
C TYR A 25 -4.51 10.14 8.61
N GLN A 26 -4.17 8.85 8.60
CA GLN A 26 -3.06 8.34 9.37
C GLN A 26 -1.72 8.74 8.74
N LEU A 27 -1.78 9.15 7.48
CA LEU A 27 -0.59 9.53 6.73
C LEU A 27 -0.07 10.90 7.16
N GLN A 28 1.09 11.26 6.64
CA GLN A 28 1.65 12.57 6.87
C GLN A 28 1.15 13.56 5.83
N VAL A 29 0.95 14.80 6.27
CA VAL A 29 0.45 15.86 5.41
C VAL A 29 1.28 16.01 4.13
N ASN A 30 2.60 15.93 4.29
CA ASN A 30 3.52 16.06 3.15
C ASN A 30 3.25 14.99 2.10
N THR A 31 2.86 13.81 2.55
CA THR A 31 2.58 12.70 1.66
C THR A 31 1.31 12.95 0.86
N LEU A 32 0.29 13.47 1.54
CA LEU A 32 -0.98 13.79 0.89
C LEU A 32 -0.79 14.89 -0.14
N ARG A 33 0.03 15.88 0.21
CA ARG A 33 0.37 16.96 -0.70
C ARG A 33 1.15 16.43 -1.90
N ARG A 34 2.01 15.46 -1.65
CA ARG A 34 2.81 14.86 -2.70
C ARG A 34 1.93 14.08 -3.68
N TYR A 35 0.91 13.42 -3.14
CA TYR A 35 -0.11 12.77 -3.97
C TYR A 35 -0.76 13.81 -4.89
N LYS A 36 -1.21 14.91 -4.29
CA LYS A 36 -1.91 15.94 -5.04
C LYS A 36 -1.03 16.54 -6.13
N ARG A 37 0.26 16.64 -5.84
CA ARG A 37 1.20 17.26 -6.77
C ARG A 37 1.52 16.32 -7.92
N HIS A 38 1.58 15.02 -7.63
CA HIS A 38 1.87 14.03 -8.66
C HIS A 38 0.65 13.76 -9.54
N PHE A 39 -0.51 13.65 -8.91
CA PHE A 39 -1.74 13.38 -9.66
C PHE A 39 -2.42 14.68 -10.11
N LYS A 40 -1.77 15.81 -9.82
CA LYS A 40 -2.23 17.13 -10.24
C LYS A 40 -3.67 17.38 -9.79
N LEU A 41 -3.85 17.63 -8.50
CA LEU A 41 -5.20 17.83 -7.95
C LEU A 41 -5.41 19.28 -7.53
N PRO A 42 -6.64 19.79 -7.72
CA PRO A 42 -7.00 21.16 -7.33
C PRO A 42 -6.93 21.37 -5.82
N THR A 43 -6.89 22.62 -5.40
CA THR A 43 -6.82 22.95 -3.98
C THR A 43 -7.69 24.17 -3.66
N ARG A 44 -7.71 24.54 -2.39
CA ARG A 44 -8.42 25.72 -1.94
C ARG A 44 -7.67 26.37 -0.79
N PRO A 45 -7.70 27.71 -0.71
CA PRO A 45 -7.00 28.45 0.35
C PRO A 45 -7.44 28.02 1.74
N GLY A 46 -6.47 27.69 2.58
CA GLY A 46 -6.77 27.27 3.93
C GLY A 46 -6.74 25.76 4.08
N LEU A 47 -5.79 25.13 3.42
CA LEU A 47 -5.63 23.68 3.50
C LEU A 47 -5.24 23.24 4.90
N ASN A 48 -5.57 22.00 5.21
CA ASN A 48 -5.24 21.40 6.50
C ASN A 48 -5.17 19.90 6.30
N LYS A 49 -5.06 19.14 7.38
CA LYS A 49 -4.92 17.70 7.30
C LYS A 49 -6.16 17.05 6.67
N ALA A 50 -7.30 17.20 7.35
CA ALA A 50 -8.56 16.59 6.90
C ALA A 50 -8.91 17.04 5.48
N GLN A 51 -8.49 18.26 5.14
CA GLN A 51 -8.71 18.81 3.80
C GLN A 51 -8.06 17.92 2.75
N LEU A 52 -6.77 17.69 2.93
CA LEU A 52 -5.98 16.90 2.00
C LEU A 52 -6.48 15.47 1.96
N VAL A 53 -6.79 14.93 3.13
CA VAL A 53 -7.24 13.55 3.24
C VAL A 53 -8.52 13.32 2.44
N GLU A 54 -9.41 14.32 2.46
CA GLU A 54 -10.63 14.25 1.67
C GLU A 54 -10.32 14.23 0.17
N ILE A 55 -9.55 15.21 -0.28
CA ILE A 55 -9.21 15.31 -1.70
C ILE A 55 -8.46 14.06 -2.17
N VAL A 56 -7.43 13.68 -1.41
CA VAL A 56 -6.64 12.50 -1.74
C VAL A 56 -7.51 11.25 -1.78
N GLY A 57 -8.31 11.05 -0.74
CA GLY A 57 -9.17 9.88 -0.68
C GLY A 57 -10.16 9.83 -1.82
N CYS A 58 -10.67 10.99 -2.19
CA CYS A 58 -11.64 11.09 -3.27
C CYS A 58 -11.05 10.60 -4.59
N HIS A 59 -9.80 10.98 -4.86
CA HIS A 59 -9.15 10.55 -6.10
C HIS A 59 -8.47 9.19 -5.94
N PHE A 60 -8.10 8.85 -4.72
CA PHE A 60 -7.45 7.58 -4.43
C PHE A 60 -8.38 6.41 -4.77
N LYS A 61 -9.64 6.55 -4.40
CA LYS A 61 -10.62 5.50 -4.63
C LYS A 61 -11.15 5.53 -6.07
N SER A 62 -10.55 6.35 -6.91
CA SER A 62 -10.97 6.44 -8.30
C SER A 62 -9.78 6.20 -9.24
N ILE A 63 -8.68 5.68 -8.70
CA ILE A 63 -7.51 5.38 -9.49
C ILE A 63 -7.68 4.05 -10.24
N PRO A 64 -7.62 4.08 -11.57
CA PRO A 64 -7.67 2.87 -12.40
C PRO A 64 -6.41 2.04 -12.26
N VAL A 65 -6.54 0.84 -11.74
CA VAL A 65 -5.38 0.01 -11.45
C VAL A 65 -5.54 -1.38 -12.07
N ASN A 66 -4.42 -2.05 -12.32
CA ASN A 66 -4.42 -3.39 -12.90
C ASN A 66 -3.56 -4.33 -12.06
N GLU A 67 -4.03 -5.56 -11.84
CA GLU A 67 -3.38 -6.49 -10.94
C GLU A 67 -1.91 -6.72 -11.30
N LYS A 68 -1.67 -7.35 -12.44
CA LYS A 68 -0.33 -7.77 -12.80
C LYS A 68 0.53 -6.58 -13.19
N ASP A 69 -0.09 -5.62 -13.85
CA ASP A 69 0.59 -4.40 -14.28
C ASP A 69 1.24 -3.72 -13.08
N THR A 70 0.45 -3.56 -12.03
CA THR A 70 0.90 -2.86 -10.84
C THR A 70 1.83 -3.74 -10.00
N LEU A 71 1.58 -5.04 -9.97
CA LEU A 71 2.49 -5.96 -9.29
C LEU A 71 3.89 -5.85 -9.89
N THR A 72 3.94 -5.86 -11.21
CA THR A 72 5.19 -5.76 -11.93
C THR A 72 5.90 -4.44 -11.62
N CYS A 73 5.14 -3.35 -11.61
CA CYS A 73 5.68 -2.03 -11.29
C CYS A 73 6.33 -2.03 -9.91
N PHE A 74 5.58 -2.50 -8.92
CA PHE A 74 6.03 -2.48 -7.54
C PHE A 74 7.25 -3.37 -7.33
N ILE A 75 7.19 -4.60 -7.85
CA ILE A 75 8.27 -5.56 -7.66
C ILE A 75 9.57 -5.06 -8.27
N TYR A 76 9.49 -4.54 -9.49
CA TYR A 76 10.67 -4.04 -10.18
C TYR A 76 11.21 -2.80 -9.48
N SER A 77 10.31 -1.99 -8.94
CA SER A 77 10.70 -0.79 -8.21
C SER A 77 11.52 -1.15 -6.99
N VAL A 78 10.92 -1.88 -6.07
CA VAL A 78 11.55 -2.20 -4.79
C VAL A 78 12.85 -2.99 -4.98
N ARG A 79 12.86 -3.93 -5.91
CA ARG A 79 14.05 -4.75 -6.13
C ARG A 79 15.16 -3.96 -6.84
N ASN A 80 14.84 -2.77 -7.32
CA ASN A 80 15.83 -1.90 -7.96
C ASN A 80 16.15 -0.71 -7.07
N ASP A 81 15.21 0.22 -6.98
CA ASP A 81 15.32 1.35 -6.07
C ASP A 81 13.95 1.68 -5.52
N LYS A 82 13.83 1.54 -4.22
CA LYS A 82 12.53 1.57 -3.56
C LYS A 82 11.92 2.97 -3.55
N ASN A 83 12.65 3.93 -3.01
CA ASN A 83 12.15 5.30 -2.87
C ASN A 83 13.21 6.17 -2.21
N LYS A 84 13.68 7.17 -2.94
CA LYS A 84 14.67 8.11 -2.41
C LYS A 84 14.22 8.73 -1.10
N SER A 85 15.16 8.98 -0.21
CA SER A 85 14.86 9.49 1.11
C SER A 85 15.83 10.58 1.53
N ASP A 86 15.33 11.81 1.63
CA ASP A 86 16.13 12.94 2.10
C ASP A 86 15.68 13.32 3.50
N LEU A 87 16.62 13.26 4.45
CA LEU A 87 16.33 13.51 5.86
C LEU A 87 15.31 12.49 6.37
N LYS A 88 15.73 11.23 6.37
CA LYS A 88 14.82 10.12 6.64
C LYS A 88 14.91 9.65 8.09
N ALA A 89 16.13 9.40 8.57
CA ALA A 89 16.33 8.82 9.90
C ALA A 89 17.80 8.79 10.27
N ASP A 90 18.62 8.24 9.36
CA ASP A 90 20.06 8.14 9.55
C ASP A 90 20.38 7.17 10.68
N SER A 91 19.48 6.23 10.90
CA SER A 91 19.61 5.28 11.99
C SER A 91 19.45 3.85 11.47
N GLY A 92 20.08 2.92 12.15
CA GLY A 92 20.01 1.53 11.74
C GLY A 92 21.26 1.10 11.00
N VAL A 93 21.09 0.32 9.95
CA VAL A 93 22.22 -0.16 9.17
C VAL A 93 22.21 0.47 7.78
N HIS A 94 21.14 1.18 7.46
CA HIS A 94 21.01 1.82 6.16
C HIS A 94 20.72 3.30 6.32
N SER B 1 12.16 -25.60 -19.62
CA SER B 1 10.68 -25.68 -19.64
C SER B 1 10.12 -25.90 -18.24
N ASN B 2 10.55 -26.97 -17.58
CA ASN B 2 10.12 -27.28 -16.23
C ASN B 2 10.92 -26.48 -15.23
N ALA B 3 12.23 -26.37 -15.49
CA ALA B 3 13.13 -25.63 -14.61
C ALA B 3 12.81 -24.14 -14.66
N SER B 4 13.37 -23.39 -13.73
CA SER B 4 13.11 -21.96 -13.65
C SER B 4 14.37 -21.17 -13.95
N LYS B 5 14.21 -20.06 -14.67
CA LYS B 5 15.34 -19.18 -14.96
C LYS B 5 15.71 -18.36 -13.73
N HIS B 6 14.70 -17.86 -13.03
CA HIS B 6 14.93 -17.08 -11.82
C HIS B 6 15.05 -17.98 -10.61
N GLY B 7 14.39 -19.14 -10.66
CA GLY B 7 14.51 -20.12 -9.60
C GLY B 7 13.49 -19.93 -8.50
N VAL B 8 13.39 -18.70 -8.01
CA VAL B 8 12.47 -18.39 -6.91
C VAL B 8 11.42 -17.38 -7.35
N GLY B 9 10.34 -17.32 -6.59
CA GLY B 9 9.28 -16.37 -6.86
C GLY B 9 8.45 -16.08 -5.63
N THR B 10 9.12 -15.75 -4.54
CA THR B 10 8.45 -15.53 -3.27
C THR B 10 7.62 -14.24 -3.30
N GLU B 11 8.00 -13.33 -4.18
CA GLU B 11 7.27 -12.07 -4.33
C GLU B 11 5.85 -12.35 -4.82
N SER B 12 5.74 -13.08 -5.91
CA SER B 12 4.44 -13.46 -6.46
C SER B 12 3.65 -14.29 -5.45
N LEU B 13 4.37 -15.09 -4.66
CA LEU B 13 3.76 -15.89 -3.60
C LEU B 13 3.09 -14.98 -2.58
N PHE B 14 3.83 -13.99 -2.10
CA PHE B 14 3.29 -12.98 -1.19
C PHE B 14 2.03 -12.33 -1.76
N PHE B 15 2.09 -11.86 -2.99
CA PHE B 15 0.97 -11.14 -3.59
C PHE B 15 -0.25 -12.04 -3.77
N ASP B 16 -0.03 -13.31 -4.06
CA ASP B 16 -1.13 -14.26 -4.17
C ASP B 16 -1.80 -14.44 -2.81
N LYS B 17 -0.98 -14.46 -1.75
CA LYS B 17 -1.49 -14.53 -0.39
C LYS B 17 -2.31 -13.28 -0.07
N VAL B 18 -1.76 -12.11 -0.40
CA VAL B 18 -2.46 -10.84 -0.18
C VAL B 18 -3.79 -10.84 -0.94
N ARG B 19 -3.74 -11.27 -2.20
CA ARG B 19 -4.91 -11.33 -3.05
C ARG B 19 -6.00 -12.22 -2.44
N LYS B 20 -5.58 -13.31 -1.82
CA LYS B 20 -6.52 -14.24 -1.20
C LYS B 20 -6.99 -13.71 0.16
N ALA B 21 -6.06 -13.15 0.92
CA ALA B 21 -6.33 -12.70 2.29
C ALA B 21 -7.28 -11.52 2.32
N LEU B 22 -7.06 -10.56 1.43
CA LEU B 22 -7.90 -9.37 1.38
C LEU B 22 -9.30 -9.70 0.92
N ARG B 23 -9.42 -10.74 0.07
CA ARG B 23 -10.70 -11.25 -0.42
C ARG B 23 -11.38 -10.27 -1.38
N SER B 24 -11.67 -9.08 -0.88
CA SER B 24 -12.38 -8.08 -1.64
C SER B 24 -11.55 -7.55 -2.79
N ALA B 25 -12.16 -7.43 -3.95
CA ALA B 25 -11.50 -6.90 -5.13
C ALA B 25 -11.17 -5.43 -4.93
N GLU B 26 -12.06 -4.72 -4.26
CA GLU B 26 -11.85 -3.31 -3.94
C GLU B 26 -10.72 -3.15 -2.93
N ALA B 27 -10.67 -4.06 -1.96
CA ALA B 27 -9.60 -4.05 -0.97
C ALA B 27 -8.25 -4.29 -1.64
N TYR B 28 -8.21 -5.28 -2.53
CA TYR B 28 -6.99 -5.57 -3.27
C TYR B 28 -6.67 -4.42 -4.22
N GLU B 29 -7.71 -3.76 -4.70
CA GLU B 29 -7.55 -2.58 -5.56
C GLU B 29 -6.89 -1.45 -4.77
N ASN B 30 -7.35 -1.27 -3.52
CA ASN B 30 -6.74 -0.30 -2.61
C ASN B 30 -5.26 -0.57 -2.44
N PHE B 31 -4.93 -1.84 -2.23
CA PHE B 31 -3.54 -2.28 -2.12
C PHE B 31 -2.75 -1.87 -3.36
N LEU B 32 -3.33 -2.13 -4.52
CA LEU B 32 -2.68 -1.80 -5.78
C LEU B 32 -2.57 -0.29 -5.97
N ARG B 33 -3.54 0.46 -5.47
CA ARG B 33 -3.46 1.92 -5.47
C ARG B 33 -2.26 2.37 -4.65
N CYS B 34 -2.04 1.73 -3.53
CA CYS B 34 -0.88 2.03 -2.70
C CYS B 34 0.41 1.73 -3.46
N LEU B 35 0.37 0.69 -4.28
CA LEU B 35 1.54 0.31 -5.06
C LEU B 35 1.86 1.34 -6.14
N VAL B 36 0.83 1.76 -6.89
CA VAL B 36 1.04 2.71 -7.98
C VAL B 36 1.52 4.07 -7.46
N ILE B 37 0.94 4.54 -6.36
CA ILE B 37 1.37 5.81 -5.80
C ILE B 37 2.77 5.70 -5.21
N PHE B 38 3.12 4.54 -4.69
CA PHE B 38 4.49 4.29 -4.24
C PHE B 38 5.44 4.31 -5.43
N ASN B 39 5.00 3.68 -6.52
CA ASN B 39 5.76 3.62 -7.76
C ASN B 39 6.02 5.02 -8.31
N GLN B 40 5.03 5.89 -8.18
CA GLN B 40 5.12 7.25 -8.68
C GLN B 40 5.76 8.18 -7.66
N GLU B 41 6.42 7.60 -6.66
CA GLU B 41 7.14 8.35 -5.62
C GLU B 41 6.20 9.29 -4.85
N VAL B 42 4.93 8.93 -4.79
CA VAL B 42 3.95 9.70 -4.05
C VAL B 42 4.09 9.42 -2.56
N ILE B 43 4.16 8.14 -2.21
CA ILE B 43 4.31 7.75 -0.82
C ILE B 43 5.67 7.09 -0.61
N SER B 44 6.15 7.13 0.62
CA SER B 44 7.43 6.51 0.94
C SER B 44 7.20 5.12 1.50
N ARG B 45 8.27 4.47 1.97
CA ARG B 45 8.17 3.14 2.54
C ARG B 45 7.14 3.10 3.67
N ALA B 46 7.38 3.92 4.70
CA ALA B 46 6.57 3.90 5.92
C ALA B 46 5.10 4.18 5.62
N GLU B 47 4.84 5.12 4.71
CA GLU B 47 3.48 5.46 4.33
C GLU B 47 2.78 4.23 3.77
N LEU B 48 3.50 3.51 2.92
CA LEU B 48 2.98 2.32 2.26
C LEU B 48 2.63 1.24 3.28
N VAL B 49 3.52 1.00 4.23
CA VAL B 49 3.29 -0.04 5.22
C VAL B 49 2.11 0.33 6.13
N GLN B 50 1.95 1.62 6.39
CA GLN B 50 0.88 2.09 7.26
C GLN B 50 -0.49 1.94 6.59
N LEU B 51 -0.58 2.25 5.30
CA LEU B 51 -1.84 2.19 4.59
C LEU B 51 -2.39 0.78 4.51
N VAL B 52 -1.51 -0.18 4.32
CA VAL B 52 -1.93 -1.57 4.21
C VAL B 52 -2.06 -2.23 5.59
N SER B 53 -2.01 -1.41 6.64
CA SER B 53 -2.13 -1.90 8.01
C SER B 53 -3.48 -2.60 8.26
N PRO B 54 -4.63 -1.96 7.94
CA PRO B 54 -5.94 -2.60 8.13
C PRO B 54 -6.12 -3.84 7.25
N PHE B 55 -5.26 -3.97 6.24
CA PHE B 55 -5.31 -5.07 5.32
C PHE B 55 -4.46 -6.25 5.80
N LEU B 56 -3.15 -6.04 5.85
CA LEU B 56 -2.20 -7.11 6.15
C LEU B 56 -1.90 -7.17 7.64
N GLY B 57 -2.43 -6.21 8.39
CA GLY B 57 -2.21 -6.19 9.83
C GLY B 57 -2.87 -7.34 10.54
N LYS B 58 -3.81 -7.98 9.86
CA LYS B 58 -4.49 -9.16 10.40
C LYS B 58 -3.53 -10.34 10.38
N PHE B 59 -2.51 -10.24 9.53
CA PHE B 59 -1.55 -11.31 9.34
C PHE B 59 -0.14 -10.78 9.61
N PRO B 60 0.28 -10.81 10.88
CA PRO B 60 1.57 -10.25 11.31
C PRO B 60 2.75 -10.72 10.46
N GLU B 61 2.82 -12.02 10.22
CA GLU B 61 3.93 -12.58 9.44
C GLU B 61 3.91 -12.08 8.00
N LEU B 62 2.71 -11.93 7.44
CA LEU B 62 2.57 -11.46 6.07
C LEU B 62 2.95 -9.99 5.98
N PHE B 63 2.56 -9.23 7.01
CA PHE B 63 2.92 -7.82 7.11
C PHE B 63 4.44 -7.68 7.28
N ASN B 64 5.02 -8.64 8.00
CA ASN B 64 6.47 -8.67 8.18
C ASN B 64 7.18 -9.03 6.88
N TRP B 65 6.55 -9.86 6.06
CA TRP B 65 7.08 -10.17 4.72
C TRP B 65 7.19 -8.87 3.94
N PHE B 66 6.11 -8.09 3.97
CA PHE B 66 6.05 -6.81 3.28
C PHE B 66 7.19 -5.91 3.76
N LYS B 67 7.36 -5.83 5.08
CA LYS B 67 8.46 -5.07 5.65
C LYS B 67 9.81 -5.60 5.19
N ASN B 68 9.92 -6.92 5.14
CA ASN B 68 11.15 -7.58 4.70
C ASN B 68 11.51 -7.22 3.27
N PHE B 69 10.48 -6.96 2.47
CA PHE B 69 10.67 -6.63 1.06
C PHE B 69 11.18 -5.20 0.92
N LEU B 70 10.64 -4.31 1.74
CA LEU B 70 11.04 -2.91 1.72
C LEU B 70 12.34 -2.70 2.49
N GLY B 71 12.62 -3.58 3.43
CA GLY B 71 13.82 -3.46 4.23
C GLY B 71 13.55 -2.76 5.54
N TYR B 72 12.34 -2.92 6.05
CA TYR B 72 11.93 -2.28 7.29
C TYR B 72 12.34 -3.16 8.46
N LYS B 73 13.52 -2.90 9.01
CA LYS B 73 14.06 -3.71 10.09
C LYS B 73 13.74 -3.05 11.44
N GLU B 74 12.64 -2.31 11.49
CA GLU B 74 12.18 -1.62 12.70
C GLU B 74 13.23 -0.61 13.19
N SER B 75 14.04 -0.12 12.26
CA SER B 75 15.08 0.84 12.57
C SER B 75 14.61 2.25 12.17
N SER A 1 13.78 -22.10 12.94
CA SER A 1 13.72 -20.65 13.13
C SER A 1 12.63 -20.27 14.13
N ASN A 2 12.11 -21.27 14.86
CA ASN A 2 11.04 -21.07 15.84
C ASN A 2 9.77 -20.56 15.17
N ALA A 3 9.63 -20.89 13.88
CA ALA A 3 8.46 -20.47 13.12
C ALA A 3 7.32 -21.49 13.30
N GLY A 4 6.31 -21.08 14.04
CA GLY A 4 5.19 -21.96 14.29
C GLY A 4 4.23 -21.38 15.32
N SER A 5 3.17 -22.10 15.62
CA SER A 5 2.16 -21.62 16.54
C SER A 5 1.60 -22.77 17.37
N ASP A 6 0.93 -22.44 18.46
CA ASP A 6 0.26 -23.43 19.30
C ASP A 6 -1.23 -23.46 18.98
N ASP A 7 -1.63 -22.58 18.06
CA ASP A 7 -3.01 -22.45 17.59
C ASP A 7 -4.05 -22.54 18.72
N ASP A 8 -4.69 -23.70 18.88
CA ASP A 8 -5.74 -23.91 19.88
C ASP A 8 -6.84 -22.86 19.73
N GLY A 9 -7.70 -23.07 18.75
CA GLY A 9 -8.76 -22.13 18.46
C GLY A 9 -8.39 -21.25 17.28
N GLY A 10 -7.50 -20.31 17.51
CA GLY A 10 -7.08 -19.41 16.46
C GLY A 10 -7.85 -18.11 16.49
N ASP A 11 -7.99 -17.54 17.67
CA ASP A 11 -8.75 -16.30 17.84
C ASP A 11 -7.98 -15.13 17.26
N SER A 12 -8.46 -14.62 16.14
CA SER A 12 -7.82 -13.51 15.46
C SER A 12 -8.25 -12.18 16.09
N PRO A 13 -7.29 -11.31 16.42
CA PRO A 13 -7.59 -9.99 17.00
C PRO A 13 -8.58 -9.20 16.15
N VAL A 14 -8.24 -9.02 14.89
CA VAL A 14 -9.13 -8.33 13.96
C VAL A 14 -9.55 -9.29 12.85
N GLN A 15 -10.77 -9.76 12.95
CA GLN A 15 -11.32 -10.72 12.00
C GLN A 15 -12.67 -10.23 11.48
N ASP A 16 -13.27 -11.03 10.60
CA ASP A 16 -14.57 -10.69 9.98
C ASP A 16 -14.46 -9.46 9.11
N ILE A 17 -14.38 -9.67 7.80
CA ILE A 17 -14.22 -8.59 6.86
C ILE A 17 -14.91 -8.89 5.54
N ASP A 18 -15.59 -7.89 5.00
CA ASP A 18 -16.15 -7.98 3.68
C ASP A 18 -15.40 -7.03 2.74
N THR A 19 -15.22 -5.81 3.23
CA THR A 19 -14.49 -4.79 2.49
C THR A 19 -13.85 -3.80 3.47
N PRO A 20 -12.56 -4.01 3.80
CA PRO A 20 -11.83 -3.08 4.67
C PRO A 20 -11.51 -1.77 3.97
N GLU A 21 -11.33 -0.71 4.74
CA GLU A 21 -11.18 0.62 4.17
C GLU A 21 -9.93 1.32 4.70
N VAL A 22 -9.22 1.97 3.80
CA VAL A 22 -8.05 2.75 4.16
C VAL A 22 -8.48 4.16 4.59
N ASP A 23 -7.93 4.61 5.71
CA ASP A 23 -8.28 5.91 6.27
C ASP A 23 -7.42 7.01 5.68
N LEU A 24 -6.23 6.61 5.25
CA LEU A 24 -5.25 7.51 4.63
C LEU A 24 -4.75 8.58 5.61
N TYR A 25 -5.03 8.41 6.90
CA TYR A 25 -4.70 9.44 7.88
C TYR A 25 -3.28 9.25 8.41
N GLN A 26 -2.70 8.08 8.19
CA GLN A 26 -1.32 7.81 8.60
C GLN A 26 -0.33 8.49 7.65
N LEU A 27 -0.81 8.91 6.49
CA LEU A 27 0.05 9.57 5.52
C LEU A 27 0.52 10.92 6.03
N GLN A 28 1.78 11.23 5.77
CA GLN A 28 2.34 12.51 6.17
C GLN A 28 1.73 13.64 5.34
N VAL A 29 1.77 14.85 5.87
CA VAL A 29 1.19 16.01 5.16
C VAL A 29 1.79 16.15 3.77
N ASN A 30 3.11 16.00 3.68
CA ASN A 30 3.81 16.15 2.42
C ASN A 30 3.38 15.06 1.44
N THR A 31 3.13 13.86 1.97
CA THR A 31 2.70 12.74 1.16
C THR A 31 1.33 13.02 0.53
N LEU A 32 0.41 13.52 1.35
CA LEU A 32 -0.92 13.87 0.90
C LEU A 32 -0.87 14.98 -0.14
N ARG A 33 -0.04 15.97 0.11
CA ARG A 33 0.13 17.10 -0.79
C ARG A 33 0.83 16.67 -2.08
N ARG A 34 1.67 15.65 -1.97
CA ARG A 34 2.39 15.13 -3.13
C ARG A 34 1.44 14.38 -4.03
N TYR A 35 0.59 13.55 -3.42
CA TYR A 35 -0.48 12.88 -4.14
C TYR A 35 -1.30 13.90 -4.93
N LYS A 36 -1.73 14.94 -4.23
CA LYS A 36 -2.57 15.96 -4.83
C LYS A 36 -1.85 16.75 -5.91
N ARG A 37 -0.54 16.89 -5.79
CA ARG A 37 0.22 17.62 -6.79
C ARG A 37 0.53 16.74 -7.99
N HIS A 38 0.91 15.50 -7.74
CA HIS A 38 1.32 14.58 -8.80
C HIS A 38 0.13 14.20 -9.67
N PHE A 39 -1.05 14.13 -9.06
CA PHE A 39 -2.26 13.80 -9.81
C PHE A 39 -3.01 15.07 -10.22
N LYS A 40 -2.46 16.22 -9.86
CA LYS A 40 -3.03 17.53 -10.18
C LYS A 40 -4.46 17.68 -9.65
N LEU A 41 -4.56 17.92 -8.35
CA LEU A 41 -5.84 18.14 -7.70
C LEU A 41 -5.88 19.52 -7.05
N PRO A 42 -6.97 20.26 -7.24
CA PRO A 42 -7.07 21.66 -6.80
C PRO A 42 -6.98 21.82 -5.29
N THR A 43 -6.55 23.00 -4.86
CA THR A 43 -6.47 23.32 -3.44
C THR A 43 -6.97 24.75 -3.20
N ARG A 44 -6.93 25.18 -1.95
CA ARG A 44 -7.32 26.54 -1.58
C ARG A 44 -6.83 26.84 -0.16
N PRO A 45 -6.72 28.13 0.20
CA PRO A 45 -6.27 28.54 1.55
C PRO A 45 -7.13 27.93 2.65
N GLY A 46 -6.47 27.36 3.65
CA GLY A 46 -7.17 26.75 4.76
C GLY A 46 -7.07 25.25 4.72
N LEU A 47 -5.95 24.74 4.20
CA LEU A 47 -5.74 23.31 4.12
C LEU A 47 -5.27 22.75 5.46
N ASN A 48 -5.79 21.58 5.78
CA ASN A 48 -5.46 20.89 7.03
C ASN A 48 -5.12 19.45 6.72
N LYS A 49 -4.65 18.72 7.73
CA LYS A 49 -4.34 17.31 7.58
C LYS A 49 -5.57 16.55 7.09
N ALA A 50 -6.69 16.71 7.81
CA ALA A 50 -7.93 16.02 7.46
C ALA A 50 -8.43 16.44 6.08
N GLN A 51 -8.21 17.70 5.72
CA GLN A 51 -8.66 18.23 4.44
C GLN A 51 -7.92 17.56 3.29
N LEU A 52 -6.62 17.39 3.46
CA LEU A 52 -5.79 16.72 2.47
C LEU A 52 -6.29 15.30 2.29
N VAL A 53 -6.49 14.61 3.42
CA VAL A 53 -6.93 13.23 3.40
C VAL A 53 -8.29 13.10 2.71
N GLU A 54 -9.12 14.14 2.84
CA GLU A 54 -10.41 14.18 2.15
C GLU A 54 -10.21 14.16 0.64
N ILE A 55 -9.45 15.13 0.14
CA ILE A 55 -9.22 15.25 -1.29
C ILE A 55 -8.50 14.01 -1.83
N VAL A 56 -7.49 13.55 -1.08
CA VAL A 56 -6.76 12.36 -1.45
C VAL A 56 -7.69 11.15 -1.52
N GLY A 57 -8.51 10.97 -0.50
CA GLY A 57 -9.45 9.86 -0.48
C GLY A 57 -10.46 9.94 -1.60
N CYS A 58 -10.94 11.15 -1.87
CA CYS A 58 -11.90 11.39 -2.94
C CYS A 58 -11.37 10.89 -4.28
N HIS A 59 -10.09 11.15 -4.55
CA HIS A 59 -9.50 10.72 -5.82
C HIS A 59 -8.96 9.29 -5.72
N PHE A 60 -8.53 8.90 -4.53
CA PHE A 60 -7.95 7.59 -4.29
C PHE A 60 -8.97 6.49 -4.55
N LYS A 61 -10.23 6.78 -4.27
CA LYS A 61 -11.30 5.81 -4.48
C LYS A 61 -11.71 5.73 -5.95
N SER A 62 -10.90 6.28 -6.84
CA SER A 62 -11.20 6.26 -8.26
C SER A 62 -9.94 6.17 -9.11
N ILE A 63 -8.94 5.44 -8.62
CA ILE A 63 -7.70 5.25 -9.35
C ILE A 63 -7.76 3.96 -10.18
N PRO A 64 -7.73 4.09 -11.52
CA PRO A 64 -7.66 2.93 -12.41
C PRO A 64 -6.34 2.18 -12.23
N VAL A 65 -6.43 0.89 -11.99
CA VAL A 65 -5.26 0.09 -11.69
C VAL A 65 -5.37 -1.31 -12.29
N ASN A 66 -4.22 -1.90 -12.63
CA ASN A 66 -4.19 -3.25 -13.21
C ASN A 66 -3.55 -4.22 -12.23
N GLU A 67 -3.88 -5.50 -12.34
CA GLU A 67 -3.33 -6.50 -11.42
C GLU A 67 -1.85 -6.77 -11.67
N LYS A 68 -1.54 -7.35 -12.83
CA LYS A 68 -0.17 -7.79 -13.12
C LYS A 68 0.75 -6.62 -13.39
N ASP A 69 0.26 -5.68 -14.19
CA ASP A 69 1.03 -4.47 -14.53
C ASP A 69 1.54 -3.78 -13.27
N THR A 70 0.66 -3.59 -12.30
CA THR A 70 1.01 -2.87 -11.09
C THR A 70 1.93 -3.71 -10.20
N LEU A 71 1.64 -5.00 -10.07
CA LEU A 71 2.49 -5.89 -9.29
C LEU A 71 3.91 -5.86 -9.83
N THR A 72 4.03 -5.94 -11.15
CA THR A 72 5.33 -5.96 -11.80
C THR A 72 6.08 -4.66 -11.54
N CYS A 73 5.38 -3.53 -11.63
CA CYS A 73 5.98 -2.22 -11.37
C CYS A 73 6.53 -2.16 -9.94
N PHE A 74 5.69 -2.53 -8.98
CA PHE A 74 6.07 -2.50 -7.58
C PHE A 74 7.26 -3.41 -7.33
N ILE A 75 7.13 -4.68 -7.71
CA ILE A 75 8.19 -5.66 -7.47
C ILE A 75 9.51 -5.18 -8.06
N TYR A 76 9.48 -4.76 -9.32
CA TYR A 76 10.68 -4.35 -10.03
C TYR A 76 11.36 -3.19 -9.31
N SER A 77 10.57 -2.23 -8.85
CA SER A 77 11.10 -1.06 -8.16
C SER A 77 11.77 -1.44 -6.84
N VAL A 78 11.13 -2.32 -6.08
CA VAL A 78 11.65 -2.73 -4.77
C VAL A 78 12.86 -3.66 -4.95
N ARG A 79 12.94 -4.30 -6.11
CA ARG A 79 14.10 -5.10 -6.46
C ARG A 79 15.31 -4.18 -6.69
N ASN A 80 15.05 -2.99 -7.19
CA ASN A 80 16.09 -2.02 -7.49
C ASN A 80 16.47 -1.21 -6.25
N ASP A 81 15.46 -0.60 -5.63
CA ASP A 81 15.68 0.27 -4.48
C ASP A 81 14.54 0.04 -3.48
N LYS A 82 14.36 0.98 -2.56
CA LYS A 82 13.29 0.87 -1.58
C LYS A 82 12.27 1.97 -1.83
N ASN A 83 12.65 2.97 -2.61
CA ASN A 83 11.75 4.06 -3.00
C ASN A 83 12.22 4.65 -4.32
N LYS A 84 13.51 4.97 -4.37
CA LYS A 84 14.14 5.55 -5.54
C LYS A 84 15.63 5.67 -5.28
N SER A 85 16.44 5.10 -6.17
CA SER A 85 17.89 5.02 -5.95
C SER A 85 18.51 6.40 -5.76
N ASP A 86 18.84 6.70 -4.52
CA ASP A 86 19.44 7.97 -4.17
C ASP A 86 20.94 7.81 -3.93
N LEU A 87 21.29 7.15 -2.82
CA LEU A 87 22.68 6.92 -2.46
C LEU A 87 22.76 6.15 -1.14
N LYS A 88 21.96 6.58 -0.18
CA LYS A 88 21.95 5.96 1.14
C LYS A 88 20.52 5.65 1.59
N ALA A 89 19.78 4.96 0.73
CA ALA A 89 18.40 4.58 1.04
C ALA A 89 18.40 3.35 1.95
N ASP A 90 19.54 2.66 1.97
CA ASP A 90 19.73 1.51 2.82
C ASP A 90 20.12 1.94 4.24
N SER A 91 21.14 2.78 4.32
CA SER A 91 21.62 3.29 5.59
C SER A 91 22.64 4.39 5.35
N GLY A 92 23.72 4.06 4.67
CA GLY A 92 24.80 5.01 4.45
C GLY A 92 25.57 5.27 5.72
N VAL A 93 25.02 6.10 6.58
CA VAL A 93 25.63 6.41 7.86
C VAL A 93 24.64 6.10 9.00
N HIS A 94 23.36 6.07 8.66
CA HIS A 94 22.31 5.84 9.65
C HIS A 94 21.06 5.26 8.98
N SER B 1 17.16 -19.42 -26.17
CA SER B 1 17.52 -20.84 -26.03
C SER B 1 17.11 -21.36 -24.67
N ASN B 2 17.67 -20.78 -23.62
CA ASN B 2 17.29 -21.11 -22.25
C ASN B 2 16.33 -20.06 -21.71
N ALA B 3 15.14 -20.49 -21.36
CA ALA B 3 14.13 -19.60 -20.78
C ALA B 3 14.38 -19.41 -19.29
N SER B 4 13.73 -18.43 -18.71
CA SER B 4 13.86 -18.19 -17.27
C SER B 4 12.89 -19.08 -16.50
N LYS B 5 12.28 -20.04 -17.21
CA LYS B 5 11.31 -20.96 -16.63
C LYS B 5 10.10 -20.19 -16.11
N HIS B 6 9.41 -20.73 -15.12
CA HIS B 6 8.27 -20.06 -14.54
C HIS B 6 8.40 -20.00 -13.02
N GLY B 7 8.15 -18.83 -12.47
CA GLY B 7 8.30 -18.62 -11.05
C GLY B 7 9.02 -17.33 -10.75
N VAL B 8 8.28 -16.32 -10.31
CA VAL B 8 8.87 -15.03 -10.00
C VAL B 8 9.52 -15.04 -8.62
N GLY B 9 9.03 -15.92 -7.76
CA GLY B 9 9.56 -16.02 -6.41
C GLY B 9 8.47 -16.09 -5.36
N THR B 10 8.86 -15.94 -4.11
CA THR B 10 7.90 -16.00 -2.99
C THR B 10 6.89 -14.86 -3.05
N GLU B 11 7.21 -13.85 -3.84
CA GLU B 11 6.34 -12.71 -4.04
C GLU B 11 4.97 -13.15 -4.55
N SER B 12 4.97 -14.19 -5.39
CA SER B 12 3.73 -14.72 -5.94
C SER B 12 2.84 -15.23 -4.80
N LEU B 13 3.44 -15.93 -3.85
CA LEU B 13 2.72 -16.43 -2.69
C LEU B 13 2.17 -15.28 -1.89
N PHE B 14 3.01 -14.26 -1.66
CA PHE B 14 2.59 -13.06 -0.94
C PHE B 14 1.33 -12.45 -1.55
N PHE B 15 1.40 -12.07 -2.83
CA PHE B 15 0.30 -11.37 -3.47
C PHE B 15 -0.95 -12.25 -3.59
N ASP B 16 -0.74 -13.54 -3.82
CA ASP B 16 -1.84 -14.49 -3.88
C ASP B 16 -2.55 -14.56 -2.54
N LYS B 17 -1.76 -14.62 -1.47
CA LYS B 17 -2.29 -14.66 -0.13
C LYS B 17 -2.95 -13.33 0.24
N VAL B 18 -2.32 -12.22 -0.17
CA VAL B 18 -2.91 -10.90 0.04
C VAL B 18 -4.29 -10.82 -0.59
N ARG B 19 -4.39 -11.26 -1.83
CA ARG B 19 -5.64 -11.22 -2.57
C ARG B 19 -6.72 -11.99 -1.82
N LYS B 20 -6.37 -13.17 -1.32
CA LYS B 20 -7.35 -14.02 -0.64
C LYS B 20 -7.62 -13.53 0.78
N ALA B 21 -6.59 -13.03 1.44
CA ALA B 21 -6.70 -12.60 2.84
C ALA B 21 -7.54 -11.33 2.97
N LEU B 22 -7.35 -10.39 2.05
CA LEU B 22 -8.13 -9.15 2.04
C LEU B 22 -9.60 -9.44 1.83
N ARG B 23 -9.87 -10.50 1.06
CA ARG B 23 -11.23 -11.02 0.84
C ARG B 23 -12.10 -10.06 0.03
N SER B 24 -11.52 -8.92 -0.33
CA SER B 24 -12.24 -7.92 -1.08
C SER B 24 -11.46 -7.52 -2.32
N ALA B 25 -12.14 -7.50 -3.45
CA ALA B 25 -11.54 -7.07 -4.71
C ALA B 25 -11.22 -5.57 -4.64
N GLU B 26 -12.09 -4.82 -3.97
CA GLU B 26 -11.90 -3.39 -3.80
C GLU B 26 -10.70 -3.13 -2.90
N ALA B 27 -10.54 -3.96 -1.88
CA ALA B 27 -9.40 -3.83 -0.98
C ALA B 27 -8.09 -4.21 -1.68
N TYR B 28 -8.16 -5.22 -2.55
CA TYR B 28 -7.00 -5.62 -3.32
C TYR B 28 -6.66 -4.53 -4.33
N GLU B 29 -7.69 -3.92 -4.90
CA GLU B 29 -7.50 -2.80 -5.80
C GLU B 29 -6.83 -1.66 -5.05
N ASN B 30 -7.29 -1.43 -3.82
CA ASN B 30 -6.68 -0.46 -2.91
C ASN B 30 -5.18 -0.71 -2.78
N PHE B 31 -4.81 -1.95 -2.49
CA PHE B 31 -3.42 -2.37 -2.39
C PHE B 31 -2.66 -1.96 -3.65
N LEU B 32 -3.23 -2.27 -4.80
CA LEU B 32 -2.61 -1.97 -6.07
C LEU B 32 -2.53 -0.47 -6.31
N ARG B 33 -3.52 0.27 -5.81
CA ARG B 33 -3.50 1.72 -5.92
C ARG B 33 -2.36 2.30 -5.09
N CYS B 34 -2.12 1.69 -3.93
CA CYS B 34 -0.99 2.06 -3.11
C CYS B 34 0.31 1.81 -3.86
N LEU B 35 0.32 0.73 -4.66
CA LEU B 35 1.49 0.38 -5.43
C LEU B 35 1.75 1.38 -6.55
N VAL B 36 0.71 1.76 -7.29
CA VAL B 36 0.88 2.69 -8.41
C VAL B 36 1.35 4.06 -7.93
N ILE B 37 0.77 4.56 -6.84
CA ILE B 37 1.18 5.85 -6.32
C ILE B 37 2.59 5.77 -5.73
N PHE B 38 2.96 4.62 -5.20
CA PHE B 38 4.33 4.39 -4.76
C PHE B 38 5.28 4.41 -5.96
N ASN B 39 4.86 3.75 -7.03
CA ASN B 39 5.66 3.64 -8.24
C ASN B 39 5.77 5.00 -8.94
N GLN B 40 4.90 5.92 -8.57
CA GLN B 40 4.90 7.25 -9.15
C GLN B 40 5.54 8.26 -8.20
N GLU B 41 6.28 7.75 -7.21
CA GLU B 41 7.02 8.60 -6.26
C GLU B 41 6.07 9.42 -5.38
N VAL B 42 4.78 9.11 -5.44
CA VAL B 42 3.77 9.85 -4.71
C VAL B 42 3.88 9.60 -3.22
N ILE B 43 3.99 8.34 -2.84
CA ILE B 43 4.14 7.99 -1.44
C ILE B 43 5.53 7.42 -1.19
N SER B 44 5.81 7.06 0.05
CA SER B 44 7.08 6.48 0.42
C SER B 44 6.87 5.09 1.00
N ARG B 45 7.97 4.37 1.19
CA ARG B 45 7.93 3.02 1.77
C ARG B 45 7.11 2.99 3.05
N ALA B 46 7.50 3.82 4.02
CA ALA B 46 6.80 3.87 5.31
C ALA B 46 5.32 4.19 5.13
N GLU B 47 5.04 5.16 4.25
CA GLU B 47 3.66 5.53 3.95
C GLU B 47 2.86 4.32 3.49
N LEU B 48 3.44 3.59 2.53
CA LEU B 48 2.82 2.39 1.98
C LEU B 48 2.62 1.34 3.06
N VAL B 49 3.65 1.11 3.86
CA VAL B 49 3.61 0.11 4.93
C VAL B 49 2.50 0.42 5.93
N GLN B 50 2.28 1.71 6.19
CA GLN B 50 1.23 2.12 7.13
C GLN B 50 -0.14 2.16 6.46
N LEU B 51 -0.16 2.37 5.15
CA LEU B 51 -1.41 2.43 4.40
C LEU B 51 -2.12 1.08 4.41
N VAL B 52 -1.35 0.03 4.21
CA VAL B 52 -1.90 -1.31 4.09
C VAL B 52 -2.12 -1.95 5.46
N SER B 53 -2.02 -1.13 6.52
CA SER B 53 -2.19 -1.61 7.88
C SER B 53 -3.59 -2.21 8.12
N PRO B 54 -4.70 -1.52 7.74
CA PRO B 54 -6.06 -2.08 7.86
C PRO B 54 -6.26 -3.36 7.05
N PHE B 55 -5.28 -3.71 6.23
CA PHE B 55 -5.41 -4.85 5.35
C PHE B 55 -4.48 -5.99 5.78
N LEU B 56 -3.17 -5.73 5.78
CA LEU B 56 -2.20 -6.78 6.06
C LEU B 56 -1.75 -6.75 7.51
N GLY B 57 -2.05 -5.66 8.21
CA GLY B 57 -1.61 -5.51 9.60
C GLY B 57 -2.23 -6.53 10.51
N LYS B 58 -3.33 -7.12 10.08
CA LYS B 58 -4.04 -8.11 10.86
C LYS B 58 -3.44 -9.50 10.64
N PHE B 59 -2.47 -9.59 9.74
CA PHE B 59 -1.80 -10.84 9.45
C PHE B 59 -0.30 -10.69 9.68
N PRO B 60 0.19 -11.07 10.87
CA PRO B 60 1.58 -10.87 11.28
C PRO B 60 2.58 -11.40 10.26
N GLU B 61 2.40 -12.65 9.82
CA GLU B 61 3.31 -13.29 8.88
C GLU B 61 3.35 -12.53 7.54
N LEU B 62 2.19 -12.05 7.11
CA LEU B 62 2.07 -11.42 5.81
C LEU B 62 2.61 -10.00 5.85
N PHE B 63 2.30 -9.29 6.92
CA PHE B 63 2.79 -7.93 7.11
C PHE B 63 4.30 -7.95 7.30
N ASN B 64 4.79 -8.95 8.03
CA ASN B 64 6.21 -9.13 8.26
C ASN B 64 6.93 -9.45 6.95
N TRP B 65 6.26 -10.21 6.08
CA TRP B 65 6.80 -10.51 4.76
C TRP B 65 7.02 -9.21 4.00
N PHE B 66 6.01 -8.35 4.00
CA PHE B 66 6.04 -7.09 3.26
C PHE B 66 7.16 -6.19 3.81
N LYS B 67 7.27 -6.15 5.13
CA LYS B 67 8.31 -5.37 5.79
C LYS B 67 9.69 -5.88 5.41
N ASN B 68 9.83 -7.20 5.32
CA ASN B 68 11.09 -7.84 4.97
C ASN B 68 11.51 -7.46 3.56
N PHE B 69 10.58 -7.56 2.61
CA PHE B 69 10.87 -7.29 1.20
C PHE B 69 11.23 -5.82 0.98
N LEU B 70 10.58 -4.94 1.74
CA LEU B 70 10.81 -3.51 1.60
C LEU B 70 12.02 -3.05 2.42
N GLY B 71 12.55 -3.94 3.24
CA GLY B 71 13.69 -3.60 4.07
C GLY B 71 13.33 -2.65 5.19
N TYR B 72 12.18 -2.88 5.80
CA TYR B 72 11.72 -2.04 6.88
C TYR B 72 12.40 -2.45 8.18
N LYS B 73 13.34 -1.61 8.62
CA LYS B 73 14.17 -1.90 9.79
C LYS B 73 13.33 -2.09 11.04
N GLU B 74 12.78 -0.99 11.52
CA GLU B 74 11.98 -0.96 12.75
C GLU B 74 12.82 -1.33 13.96
N SER B 75 13.37 -0.30 14.59
CA SER B 75 14.20 -0.48 15.78
C SER B 75 14.20 0.81 16.59
N SER A 1 -35.58 -4.48 -11.42
CA SER A 1 -35.63 -3.85 -10.09
C SER A 1 -35.97 -4.88 -9.04
N ASN A 2 -35.49 -4.64 -7.81
CA ASN A 2 -35.68 -5.56 -6.69
C ASN A 2 -34.85 -6.83 -6.92
N ALA A 3 -33.58 -6.77 -6.55
CA ALA A 3 -32.68 -7.89 -6.71
C ALA A 3 -32.42 -8.56 -5.37
N GLY A 4 -32.61 -7.80 -4.31
CA GLY A 4 -32.40 -8.32 -2.98
C GLY A 4 -32.49 -7.23 -1.93
N SER A 5 -33.61 -7.19 -1.24
CA SER A 5 -33.82 -6.23 -0.17
C SER A 5 -33.02 -6.64 1.06
N ASP A 6 -33.20 -7.91 1.46
CA ASP A 6 -32.49 -8.50 2.60
C ASP A 6 -32.68 -7.68 3.88
N ASP A 7 -33.71 -8.03 4.63
CA ASP A 7 -33.96 -7.38 5.91
C ASP A 7 -32.85 -7.71 6.90
N ASP A 8 -32.37 -8.95 6.84
CA ASP A 8 -31.28 -9.39 7.69
C ASP A 8 -30.77 -10.75 7.22
N GLY A 9 -29.53 -10.79 6.76
CA GLY A 9 -28.94 -12.04 6.32
C GLY A 9 -27.47 -11.90 6.01
N GLY A 10 -26.74 -11.30 6.95
CA GLY A 10 -25.32 -11.08 6.74
C GLY A 10 -24.67 -10.46 7.95
N ASP A 11 -24.38 -11.26 8.96
CA ASP A 11 -23.74 -10.77 10.17
C ASP A 11 -22.25 -11.05 10.14
N SER A 12 -21.48 -10.10 10.63
CA SER A 12 -20.03 -10.22 10.66
C SER A 12 -19.56 -10.72 12.03
N PRO A 13 -18.90 -11.88 12.07
CA PRO A 13 -18.38 -12.47 13.31
C PRO A 13 -17.10 -11.79 13.78
N VAL A 14 -16.33 -12.47 14.61
CA VAL A 14 -15.08 -11.94 15.13
C VAL A 14 -13.94 -12.14 14.12
N GLN A 15 -14.31 -12.39 12.87
CA GLN A 15 -13.36 -12.61 11.80
C GLN A 15 -14.12 -12.64 10.47
N ASP A 16 -13.43 -13.04 9.39
CA ASP A 16 -14.04 -13.11 8.06
C ASP A 16 -14.41 -11.70 7.57
N ILE A 17 -13.45 -11.04 6.95
CA ILE A 17 -13.60 -9.63 6.58
C ILE A 17 -14.45 -9.48 5.33
N ASP A 18 -15.26 -8.43 5.31
CA ASP A 18 -15.99 -8.07 4.09
C ASP A 18 -15.16 -7.09 3.28
N THR A 19 -14.86 -5.94 3.88
CA THR A 19 -14.10 -4.90 3.22
C THR A 19 -13.43 -3.99 4.26
N PRO A 20 -12.10 -4.05 4.38
CA PRO A 20 -11.35 -3.19 5.30
C PRO A 20 -11.23 -1.76 4.77
N GLU A 21 -10.88 -0.83 5.65
CA GLU A 21 -10.77 0.56 5.28
C GLU A 21 -9.32 1.03 5.41
N VAL A 22 -8.96 2.05 4.65
CA VAL A 22 -7.61 2.60 4.70
C VAL A 22 -7.65 4.01 5.28
N ASP A 23 -6.71 4.30 6.17
CA ASP A 23 -6.62 5.61 6.78
C ASP A 23 -5.52 6.42 6.12
N LEU A 24 -5.82 7.67 5.79
CA LEU A 24 -4.87 8.53 5.12
C LEU A 24 -4.49 9.70 6.03
N TYR A 25 -5.03 9.68 7.24
CA TYR A 25 -4.72 10.69 8.23
C TYR A 25 -3.37 10.36 8.87
N GLN A 26 -3.07 9.07 8.89
CA GLN A 26 -1.79 8.56 9.38
C GLN A 26 -0.62 9.13 8.56
N LEU A 27 -0.87 9.39 7.29
CA LEU A 27 0.18 9.79 6.35
C LEU A 27 0.71 11.18 6.66
N GLN A 28 1.83 11.49 6.03
CA GLN A 28 2.44 12.81 6.17
C GLN A 28 1.64 13.84 5.38
N VAL A 29 1.87 15.11 5.68
CA VAL A 29 1.21 16.19 4.96
C VAL A 29 1.75 16.28 3.53
N ASN A 30 3.07 16.19 3.42
CA ASN A 30 3.73 16.28 2.12
C ASN A 30 3.34 15.12 1.22
N THR A 31 3.08 13.96 1.82
CA THR A 31 2.65 12.78 1.09
C THR A 31 1.34 13.05 0.35
N LEU A 32 0.39 13.65 1.05
CA LEU A 32 -0.92 13.95 0.49
C LEU A 32 -0.82 15.01 -0.59
N ARG A 33 0.03 16.01 -0.36
CA ARG A 33 0.28 17.05 -1.35
C ARG A 33 0.89 16.45 -2.61
N ARG A 34 1.81 15.50 -2.42
CA ARG A 34 2.49 14.85 -3.53
C ARG A 34 1.50 14.07 -4.37
N TYR A 35 0.58 13.38 -3.71
CA TYR A 35 -0.52 12.71 -4.38
C TYR A 35 -1.29 13.67 -5.27
N LYS A 36 -1.69 14.79 -4.70
CA LYS A 36 -2.51 15.77 -5.41
C LYS A 36 -1.75 16.44 -6.55
N ARG A 37 -0.45 16.53 -6.41
CA ARG A 37 0.39 17.16 -7.43
C ARG A 37 0.62 16.21 -8.61
N HIS A 38 0.89 14.95 -8.31
CA HIS A 38 1.16 13.97 -9.36
C HIS A 38 -0.11 13.51 -10.06
N PHE A 39 -1.20 13.37 -9.30
CA PHE A 39 -2.48 12.97 -9.89
C PHE A 39 -3.22 14.18 -10.46
N LYS A 40 -2.64 15.36 -10.28
CA LYS A 40 -3.21 16.61 -10.80
C LYS A 40 -4.61 16.85 -10.24
N LEU A 41 -4.69 17.32 -9.01
CA LEU A 41 -5.99 17.58 -8.38
C LEU A 41 -6.16 19.06 -8.09
N PRO A 42 -7.12 19.70 -8.79
CA PRO A 42 -7.38 21.14 -8.68
C PRO A 42 -7.96 21.51 -7.31
N THR A 43 -7.46 22.59 -6.74
CA THR A 43 -7.88 23.01 -5.41
C THR A 43 -7.31 24.39 -5.08
N ARG A 44 -7.93 25.06 -4.13
CA ARG A 44 -7.47 26.36 -3.66
C ARG A 44 -6.13 26.21 -2.92
N PRO A 45 -5.34 27.30 -2.85
CA PRO A 45 -4.08 27.31 -2.11
C PRO A 45 -4.28 27.42 -0.61
N GLY A 46 -3.31 26.93 0.16
CA GLY A 46 -3.41 27.00 1.61
C GLY A 46 -4.19 25.85 2.19
N LEU A 47 -3.83 24.63 1.80
CA LEU A 47 -4.51 23.45 2.28
C LEU A 47 -3.77 22.87 3.49
N ASN A 48 -4.54 22.31 4.41
CA ASN A 48 -3.97 21.69 5.60
C ASN A 48 -4.22 20.20 5.58
N LYS A 49 -3.71 19.51 6.60
CA LYS A 49 -3.81 18.05 6.70
C LYS A 49 -5.22 17.55 6.41
N ALA A 50 -6.21 18.04 7.16
CA ALA A 50 -7.59 17.56 7.02
C ALA A 50 -8.09 17.68 5.59
N GLN A 51 -7.90 18.87 4.99
CA GLN A 51 -8.38 19.12 3.63
C GLN A 51 -7.75 18.15 2.65
N LEU A 52 -6.45 17.92 2.83
CA LEU A 52 -5.70 17.03 1.95
C LEU A 52 -6.25 15.60 2.02
N VAL A 53 -6.44 15.11 3.25
CA VAL A 53 -6.90 13.74 3.45
C VAL A 53 -8.25 13.53 2.78
N GLU A 54 -9.13 14.52 2.92
CA GLU A 54 -10.46 14.47 2.31
C GLU A 54 -10.34 14.32 0.79
N ILE A 55 -9.52 15.17 0.18
CA ILE A 55 -9.33 15.13 -1.26
C ILE A 55 -8.67 13.83 -1.70
N VAL A 56 -7.59 13.46 -1.02
CA VAL A 56 -6.84 12.27 -1.37
C VAL A 56 -7.72 11.04 -1.29
N GLY A 57 -8.49 10.91 -0.22
CA GLY A 57 -9.34 9.75 -0.04
C GLY A 57 -10.45 9.69 -1.08
N CYS A 58 -11.02 10.84 -1.40
CA CYS A 58 -12.09 10.92 -2.38
C CYS A 58 -11.61 10.40 -3.73
N HIS A 59 -10.38 10.73 -4.10
CA HIS A 59 -9.83 10.29 -5.38
C HIS A 59 -9.17 8.91 -5.25
N PHE A 60 -8.71 8.59 -4.04
CA PHE A 60 -8.00 7.34 -3.76
C PHE A 60 -8.88 6.14 -4.06
N LYS A 61 -10.13 6.22 -3.64
CA LYS A 61 -11.07 5.11 -3.87
C LYS A 61 -11.63 5.16 -5.29
N SER A 62 -10.91 5.82 -6.19
CA SER A 62 -11.31 5.91 -7.59
C SER A 62 -10.09 5.91 -8.51
N ILE A 63 -9.01 5.28 -8.07
CA ILE A 63 -7.80 5.21 -8.89
C ILE A 63 -7.83 3.97 -9.77
N PRO A 64 -7.66 4.17 -11.09
CA PRO A 64 -7.50 3.06 -12.04
C PRO A 64 -6.17 2.33 -11.82
N VAL A 65 -6.19 1.01 -11.93
CA VAL A 65 -5.01 0.22 -11.60
C VAL A 65 -5.00 -1.09 -12.38
N ASN A 66 -3.84 -1.43 -12.95
CA ASN A 66 -3.70 -2.63 -13.75
C ASN A 66 -2.99 -3.70 -12.92
N GLU A 67 -3.73 -4.73 -12.53
CA GLU A 67 -3.27 -5.72 -11.54
C GLU A 67 -1.86 -6.23 -11.84
N LYS A 68 -1.68 -6.89 -12.97
CA LYS A 68 -0.40 -7.52 -13.29
C LYS A 68 0.70 -6.48 -13.48
N ASP A 69 0.40 -5.42 -14.21
CA ASP A 69 1.38 -4.37 -14.47
C ASP A 69 1.83 -3.73 -13.18
N THR A 70 0.89 -3.45 -12.29
CA THR A 70 1.18 -2.81 -11.02
C THR A 70 2.04 -3.72 -10.15
N LEU A 71 1.79 -5.03 -10.20
CA LEU A 71 2.63 -5.98 -9.49
C LEU A 71 4.05 -5.90 -10.02
N THR A 72 4.16 -5.90 -11.35
CA THR A 72 5.46 -5.83 -12.01
C THR A 72 6.19 -4.54 -11.60
N CYS A 73 5.47 -3.43 -11.62
CA CYS A 73 6.02 -2.14 -11.25
C CYS A 73 6.50 -2.13 -9.81
N PHE A 74 5.63 -2.55 -8.90
CA PHE A 74 5.96 -2.56 -7.47
C PHE A 74 7.23 -3.36 -7.20
N ILE A 75 7.22 -4.62 -7.62
CA ILE A 75 8.36 -5.51 -7.39
C ILE A 75 9.64 -4.89 -7.93
N TYR A 76 9.56 -4.43 -9.18
CA TYR A 76 10.72 -3.85 -9.86
C TYR A 76 11.22 -2.61 -9.13
N SER A 77 10.28 -1.78 -8.69
CA SER A 77 10.61 -0.53 -8.00
C SER A 77 11.35 -0.80 -6.70
N VAL A 78 10.88 -1.79 -5.94
CA VAL A 78 11.49 -2.14 -4.66
C VAL A 78 12.88 -2.76 -4.88
N ARG A 79 13.06 -3.39 -6.03
CA ARG A 79 14.37 -3.92 -6.38
C ARG A 79 15.33 -2.80 -6.75
N ASN A 80 14.77 -1.63 -7.06
CA ASN A 80 15.57 -0.46 -7.43
C ASN A 80 15.87 0.40 -6.21
N ASP A 81 14.84 0.63 -5.38
CA ASP A 81 14.98 1.46 -4.19
C ASP A 81 13.79 1.22 -3.29
N LYS A 82 13.88 1.72 -2.08
CA LYS A 82 12.80 1.61 -1.11
C LYS A 82 11.87 2.80 -1.18
N ASN A 83 12.28 3.82 -1.93
CA ASN A 83 11.43 4.99 -2.15
C ASN A 83 11.93 5.82 -3.33
N LYS A 84 11.01 6.51 -4.00
CA LYS A 84 11.34 7.39 -5.12
C LYS A 84 12.18 6.65 -6.16
N SER A 85 11.78 5.45 -6.51
CA SER A 85 12.50 4.62 -7.47
C SER A 85 12.77 5.39 -8.77
N ASP A 86 14.04 5.73 -8.98
CA ASP A 86 14.43 6.57 -10.11
C ASP A 86 14.40 5.75 -11.40
N LEU A 87 13.74 6.30 -12.42
CA LEU A 87 13.59 5.60 -13.69
C LEU A 87 13.50 6.61 -14.83
N LYS A 88 12.74 7.67 -14.60
CA LYS A 88 12.58 8.76 -15.57
C LYS A 88 11.83 9.91 -14.93
N ALA A 89 11.79 11.05 -15.61
CA ALA A 89 11.12 12.23 -15.09
C ALA A 89 9.63 12.20 -15.42
N ASP A 90 9.33 12.27 -16.71
CA ASP A 90 7.95 12.25 -17.18
C ASP A 90 7.91 11.94 -18.66
N SER A 91 6.90 11.18 -19.07
CA SER A 91 6.78 10.77 -20.46
C SER A 91 5.31 10.69 -20.87
N GLY A 92 4.43 11.31 -20.09
CA GLY A 92 3.02 11.33 -20.42
C GLY A 92 2.21 10.40 -19.55
N VAL A 93 1.68 9.34 -20.15
CA VAL A 93 0.83 8.40 -19.42
C VAL A 93 1.57 7.10 -19.13
N HIS A 94 2.74 6.93 -19.73
CA HIS A 94 3.58 5.76 -19.50
C HIS A 94 5.03 6.11 -19.80
N SER B 1 -6.86 -21.23 -14.67
CA SER B 1 -6.63 -21.69 -16.06
C SER B 1 -5.25 -22.31 -16.21
N ASN B 2 -4.23 -21.46 -16.32
CA ASN B 2 -2.86 -21.93 -16.50
C ASN B 2 -2.12 -21.97 -15.17
N ALA B 3 -1.20 -22.90 -15.04
CA ALA B 3 -0.43 -23.05 -13.83
C ALA B 3 1.05 -23.17 -14.16
N SER B 4 1.83 -22.21 -13.68
CA SER B 4 3.25 -22.16 -14.01
C SER B 4 4.06 -23.02 -13.04
N LYS B 5 4.95 -23.85 -13.58
CA LYS B 5 5.86 -24.63 -12.76
C LYS B 5 6.83 -23.70 -12.03
N HIS B 6 7.24 -22.66 -12.72
CA HIS B 6 8.12 -21.66 -12.15
C HIS B 6 7.66 -20.26 -12.54
N GLY B 7 7.19 -19.51 -11.56
CA GLY B 7 6.81 -18.13 -11.79
C GLY B 7 7.85 -17.17 -11.28
N VAL B 8 7.41 -16.23 -10.44
CA VAL B 8 8.32 -15.27 -9.83
C VAL B 8 8.95 -15.86 -8.57
N GLY B 9 8.17 -16.66 -7.86
CA GLY B 9 8.67 -17.31 -6.66
C GLY B 9 7.90 -16.93 -5.43
N THR B 10 8.60 -16.39 -4.43
CA THR B 10 7.99 -16.04 -3.16
C THR B 10 7.14 -14.77 -3.28
N GLU B 11 7.48 -13.93 -4.23
CA GLU B 11 6.73 -12.70 -4.46
C GLU B 11 5.31 -13.05 -4.90
N SER B 12 5.18 -14.06 -5.74
CA SER B 12 3.88 -14.53 -6.19
C SER B 12 3.13 -15.18 -5.02
N LEU B 13 3.89 -15.76 -4.09
CA LEU B 13 3.33 -16.34 -2.89
C LEU B 13 2.70 -15.24 -2.04
N PHE B 14 3.44 -14.14 -1.87
CA PHE B 14 2.95 -12.96 -1.18
C PHE B 14 1.61 -12.49 -1.74
N PHE B 15 1.58 -12.17 -3.04
CA PHE B 15 0.37 -11.62 -3.67
C PHE B 15 -0.79 -12.62 -3.61
N ASP B 16 -0.49 -13.90 -3.67
CA ASP B 16 -1.52 -14.94 -3.56
C ASP B 16 -2.17 -14.88 -2.18
N LYS B 17 -1.34 -14.76 -1.15
CA LYS B 17 -1.83 -14.63 0.21
C LYS B 17 -2.64 -13.36 0.37
N VAL B 18 -2.13 -12.26 -0.18
CA VAL B 18 -2.84 -10.98 -0.15
C VAL B 18 -4.22 -11.11 -0.78
N ARG B 19 -4.26 -11.80 -1.92
CA ARG B 19 -5.51 -12.05 -2.64
C ARG B 19 -6.54 -12.75 -1.76
N LYS B 20 -6.13 -13.84 -1.12
CA LYS B 20 -7.04 -14.63 -0.32
C LYS B 20 -7.32 -13.98 1.04
N ALA B 21 -6.40 -13.15 1.50
CA ALA B 21 -6.53 -12.51 2.81
C ALA B 21 -7.49 -11.33 2.75
N LEU B 22 -7.39 -10.52 1.70
CA LEU B 22 -8.22 -9.34 1.57
C LEU B 22 -9.63 -9.70 1.10
N ARG B 23 -9.70 -10.57 0.09
CA ARG B 23 -10.97 -11.06 -0.47
C ARG B 23 -11.70 -9.97 -1.24
N SER B 24 -11.95 -8.86 -0.58
CA SER B 24 -12.66 -7.73 -1.17
C SER B 24 -11.86 -7.16 -2.33
N ALA B 25 -12.51 -7.06 -3.48
CA ALA B 25 -11.89 -6.52 -4.68
C ALA B 25 -11.37 -5.11 -4.45
N GLU B 26 -12.22 -4.26 -3.85
CA GLU B 26 -11.86 -2.87 -3.58
C GLU B 26 -10.68 -2.79 -2.61
N ALA B 27 -10.60 -3.77 -1.71
CA ALA B 27 -9.50 -3.81 -0.75
C ALA B 27 -8.20 -4.22 -1.42
N TYR B 28 -8.28 -5.20 -2.31
CA TYR B 28 -7.11 -5.63 -3.07
C TYR B 28 -6.70 -4.55 -4.06
N GLU B 29 -7.69 -3.90 -4.63
CA GLU B 29 -7.45 -2.78 -5.52
C GLU B 29 -6.81 -1.65 -4.74
N ASN B 30 -7.25 -1.45 -3.51
CA ASN B 30 -6.68 -0.45 -2.61
C ASN B 30 -5.19 -0.71 -2.41
N PHE B 31 -4.84 -1.97 -2.18
CA PHE B 31 -3.44 -2.38 -2.07
C PHE B 31 -2.67 -1.97 -3.33
N LEU B 32 -3.28 -2.23 -4.49
CA LEU B 32 -2.68 -1.88 -5.76
C LEU B 32 -2.61 -0.37 -5.95
N ARG B 33 -3.55 0.36 -5.35
CA ARG B 33 -3.51 1.83 -5.35
C ARG B 33 -2.27 2.31 -4.62
N CYS B 34 -1.99 1.68 -3.49
CA CYS B 34 -0.79 2.00 -2.73
C CYS B 34 0.45 1.71 -3.56
N LEU B 35 0.38 0.66 -4.36
CA LEU B 35 1.50 0.27 -5.22
C LEU B 35 1.75 1.32 -6.29
N VAL B 36 0.70 1.69 -7.04
CA VAL B 36 0.85 2.64 -8.14
C VAL B 36 1.35 3.99 -7.65
N ILE B 37 0.81 4.47 -6.53
CA ILE B 37 1.25 5.76 -5.99
C ILE B 37 2.68 5.67 -5.46
N PHE B 38 3.09 4.48 -5.04
CA PHE B 38 4.49 4.25 -4.66
C PHE B 38 5.38 4.33 -5.91
N ASN B 39 4.87 3.79 -7.01
CA ASN B 39 5.62 3.74 -8.26
C ASN B 39 5.72 5.12 -8.90
N GLN B 40 4.67 5.92 -8.76
CA GLN B 40 4.61 7.24 -9.39
C GLN B 40 5.24 8.31 -8.49
N GLU B 41 6.07 7.87 -7.54
CA GLU B 41 6.77 8.77 -6.64
C GLU B 41 5.79 9.67 -5.88
N VAL B 42 4.75 9.08 -5.32
CA VAL B 42 3.77 9.81 -4.52
C VAL B 42 4.02 9.57 -3.03
N ILE B 43 4.14 8.31 -2.65
CA ILE B 43 4.35 7.96 -1.26
C ILE B 43 5.76 7.40 -1.03
N SER B 44 6.11 7.20 0.22
CA SER B 44 7.37 6.60 0.57
C SER B 44 7.14 5.19 1.13
N ARG B 45 8.23 4.51 1.49
CA ARG B 45 8.12 3.14 2.02
C ARG B 45 7.28 3.12 3.29
N ALA B 46 7.57 4.04 4.21
CA ALA B 46 6.84 4.11 5.47
C ALA B 46 5.34 4.25 5.23
N GLU B 47 4.98 5.23 4.39
CA GLU B 47 3.58 5.47 4.06
C GLU B 47 2.94 4.19 3.50
N LEU B 48 3.65 3.54 2.58
CA LEU B 48 3.18 2.32 1.95
C LEU B 48 2.91 1.23 2.98
N VAL B 49 3.86 1.02 3.88
CA VAL B 49 3.76 -0.03 4.89
C VAL B 49 2.61 0.26 5.87
N GLN B 50 2.43 1.53 6.19
CA GLN B 50 1.44 1.93 7.17
C GLN B 50 0.02 1.90 6.59
N LEU B 51 -0.12 2.15 5.30
CA LEU B 51 -1.42 2.23 4.67
C LEU B 51 -2.11 0.87 4.66
N VAL B 52 -1.36 -0.17 4.38
CA VAL B 52 -1.92 -1.51 4.24
C VAL B 52 -1.99 -2.22 5.61
N SER B 53 -1.76 -1.47 6.69
CA SER B 53 -1.77 -2.05 8.03
C SER B 53 -3.15 -2.59 8.44
N PRO B 54 -4.27 -1.84 8.19
CA PRO B 54 -5.63 -2.33 8.50
C PRO B 54 -6.01 -3.51 7.62
N PHE B 55 -5.19 -3.79 6.62
CA PHE B 55 -5.46 -4.87 5.69
C PHE B 55 -4.65 -6.11 6.06
N LEU B 56 -3.33 -6.02 5.90
CA LEU B 56 -2.45 -7.17 6.06
C LEU B 56 -1.86 -7.22 7.47
N GLY B 57 -2.07 -6.16 8.24
CA GLY B 57 -1.49 -6.07 9.57
C GLY B 57 -2.01 -7.13 10.52
N LYS B 58 -3.12 -7.74 10.16
CA LYS B 58 -3.70 -8.81 10.97
C LYS B 58 -3.10 -10.15 10.59
N PHE B 59 -2.24 -10.15 9.59
CA PHE B 59 -1.58 -11.36 9.13
C PHE B 59 -0.08 -11.24 9.33
N PRO B 60 0.44 -11.79 10.44
CA PRO B 60 1.86 -11.65 10.83
C PRO B 60 2.81 -12.07 9.70
N GLU B 61 2.61 -13.27 9.17
CA GLU B 61 3.48 -13.82 8.13
C GLU B 61 3.49 -12.94 6.89
N LEU B 62 2.33 -12.42 6.53
CA LEU B 62 2.16 -11.69 5.29
C LEU B 62 2.66 -10.26 5.42
N PHE B 63 2.32 -9.62 6.54
CA PHE B 63 2.72 -8.24 6.79
C PHE B 63 4.22 -8.16 7.02
N ASN B 64 4.78 -9.21 7.62
CA ASN B 64 6.22 -9.27 7.86
C ASN B 64 6.97 -9.53 6.55
N TRP B 65 6.35 -10.33 5.68
CA TRP B 65 6.90 -10.56 4.34
C TRP B 65 7.06 -9.22 3.64
N PHE B 66 6.00 -8.42 3.68
CA PHE B 66 5.98 -7.10 3.10
C PHE B 66 7.11 -6.24 3.67
N LYS B 67 7.27 -6.28 4.99
CA LYS B 67 8.34 -5.56 5.67
C LYS B 67 9.71 -6.01 5.16
N ASN B 68 9.91 -7.33 5.11
CA ASN B 68 11.19 -7.90 4.71
C ASN B 68 11.54 -7.51 3.27
N PHE B 69 10.57 -7.55 2.39
CA PHE B 69 10.78 -7.21 0.98
C PHE B 69 11.19 -5.75 0.82
N LEU B 70 10.61 -4.90 1.67
CA LEU B 70 10.90 -3.47 1.63
C LEU B 70 12.10 -3.13 2.48
N GLY B 71 12.60 -4.12 3.22
CA GLY B 71 13.73 -3.89 4.12
C GLY B 71 13.36 -3.00 5.28
N TYR B 72 12.08 -3.02 5.63
CA TYR B 72 11.55 -2.16 6.69
C TYR B 72 11.73 -2.81 8.05
N LYS B 73 12.27 -2.07 8.99
CA LYS B 73 12.50 -2.56 10.33
C LYS B 73 11.90 -1.61 11.37
N GLU B 74 11.42 -2.16 12.47
CA GLU B 74 10.79 -1.36 13.51
C GLU B 74 11.70 -1.28 14.74
N SER B 75 12.93 -1.70 14.55
CA SER B 75 13.92 -1.69 15.62
C SER B 75 14.70 -0.38 15.61
N SER A 1 -16.40 -6.17 17.38
CA SER A 1 -15.61 -7.38 17.63
C SER A 1 -14.97 -7.34 19.02
N ASN A 2 -15.68 -7.87 20.00
CA ASN A 2 -15.19 -7.91 21.37
C ASN A 2 -15.16 -9.33 21.89
N ALA A 3 -16.09 -10.14 21.40
CA ALA A 3 -16.20 -11.53 21.83
C ALA A 3 -15.55 -12.45 20.82
N GLY A 4 -15.42 -13.71 21.19
CA GLY A 4 -14.88 -14.71 20.29
C GLY A 4 -15.08 -16.11 20.81
N SER A 5 -15.85 -16.90 20.08
CA SER A 5 -16.13 -18.27 20.47
C SER A 5 -14.86 -19.11 20.54
N ASP A 6 -13.86 -18.75 19.74
CA ASP A 6 -12.57 -19.41 19.80
C ASP A 6 -11.47 -18.36 19.87
N ASP A 7 -11.42 -17.50 18.85
CA ASP A 7 -10.53 -16.35 18.89
C ASP A 7 -11.36 -15.08 18.78
N ASP A 8 -11.08 -14.13 19.65
CA ASP A 8 -11.86 -12.89 19.70
C ASP A 8 -11.60 -12.03 18.47
N GLY A 9 -12.66 -11.51 17.88
CA GLY A 9 -12.52 -10.62 16.73
C GLY A 9 -12.35 -11.37 15.42
N GLY A 10 -12.16 -12.68 15.51
CA GLY A 10 -11.98 -13.48 14.31
C GLY A 10 -12.61 -14.84 14.44
N ASP A 11 -13.78 -14.87 15.08
CA ASP A 11 -14.47 -16.14 15.32
C ASP A 11 -15.46 -16.44 14.20
N SER A 12 -15.49 -15.58 13.19
CA SER A 12 -16.39 -15.75 12.06
C SER A 12 -15.69 -16.46 10.91
N PRO A 13 -16.10 -17.71 10.62
CA PRO A 13 -15.58 -18.49 9.49
C PRO A 13 -16.19 -18.03 8.17
N VAL A 14 -15.54 -18.40 7.06
CA VAL A 14 -16.00 -18.05 5.72
C VAL A 14 -16.04 -16.53 5.53
N GLN A 15 -14.93 -16.00 5.03
CA GLN A 15 -14.80 -14.57 4.74
C GLN A 15 -14.93 -13.75 6.02
N ASP A 16 -13.86 -13.72 6.79
CA ASP A 16 -13.81 -12.98 8.04
C ASP A 16 -13.59 -11.49 7.82
N ILE A 17 -13.25 -11.12 6.59
CA ILE A 17 -13.07 -9.72 6.24
C ILE A 17 -14.15 -9.29 5.25
N ASP A 18 -14.60 -8.05 5.37
CA ASP A 18 -15.53 -7.49 4.40
C ASP A 18 -14.77 -6.52 3.50
N THR A 19 -14.21 -5.48 4.12
CA THR A 19 -13.40 -4.50 3.40
C THR A 19 -12.58 -3.68 4.41
N PRO A 20 -11.26 -3.89 4.46
CA PRO A 20 -10.37 -3.12 5.34
C PRO A 20 -10.36 -1.65 4.95
N GLU A 21 -10.28 -0.80 5.96
CA GLU A 21 -10.30 0.64 5.75
C GLU A 21 -8.89 1.22 5.79
N VAL A 22 -8.49 1.82 4.68
CA VAL A 22 -7.18 2.46 4.60
C VAL A 22 -7.22 3.85 5.23
N ASP A 23 -6.37 4.08 6.20
CA ASP A 23 -6.25 5.37 6.85
C ASP A 23 -5.23 6.23 6.12
N LEU A 24 -5.61 7.46 5.80
CA LEU A 24 -4.70 8.36 5.10
C LEU A 24 -4.26 9.50 6.01
N TYR A 25 -4.65 9.42 7.28
CA TYR A 25 -4.25 10.41 8.27
C TYR A 25 -2.85 10.09 8.75
N GLN A 26 -2.50 8.81 8.68
CA GLN A 26 -1.16 8.34 9.02
C GLN A 26 -0.12 8.83 8.03
N LEU A 27 -0.55 9.18 6.82
CA LEU A 27 0.36 9.67 5.80
C LEU A 27 0.93 11.02 6.20
N GLN A 28 2.13 11.30 5.74
CA GLN A 28 2.76 12.58 6.01
C GLN A 28 1.95 13.69 5.35
N VAL A 29 1.94 14.87 5.96
CA VAL A 29 1.22 16.01 5.40
C VAL A 29 1.72 16.30 3.99
N ASN A 30 3.04 16.31 3.84
CA ASN A 30 3.67 16.56 2.56
C ASN A 30 3.31 15.49 1.54
N THR A 31 3.13 14.26 2.00
CA THR A 31 2.77 13.15 1.12
C THR A 31 1.39 13.37 0.50
N LEU A 32 0.44 13.78 1.33
CA LEU A 32 -0.93 14.05 0.88
C LEU A 32 -0.94 15.23 -0.09
N ARG A 33 -0.10 16.21 0.18
CA ARG A 33 0.05 17.36 -0.70
C ARG A 33 0.70 16.94 -2.02
N ARG A 34 1.65 16.02 -1.93
CA ARG A 34 2.34 15.52 -3.10
C ARG A 34 1.38 14.76 -4.01
N TYR A 35 0.53 13.95 -3.39
CA TYR A 35 -0.54 13.26 -4.09
C TYR A 35 -1.38 14.28 -4.88
N LYS A 36 -1.74 15.36 -4.21
CA LYS A 36 -2.52 16.42 -4.84
C LYS A 36 -1.77 17.06 -6.00
N ARG A 37 -0.51 17.42 -5.75
CA ARG A 37 0.30 18.10 -6.75
C ARG A 37 0.55 17.20 -7.96
N HIS A 38 0.95 15.96 -7.71
CA HIS A 38 1.29 15.04 -8.78
C HIS A 38 0.05 14.71 -9.62
N PHE A 39 -1.08 14.49 -8.95
CA PHE A 39 -2.30 14.13 -9.66
C PHE A 39 -3.08 15.37 -10.11
N LYS A 40 -2.50 16.55 -9.87
CA LYS A 40 -3.09 17.82 -10.28
C LYS A 40 -4.51 17.97 -9.73
N LEU A 41 -4.62 17.96 -8.41
CA LEU A 41 -5.92 18.06 -7.77
C LEU A 41 -6.23 19.51 -7.41
N PRO A 42 -7.43 20.00 -7.77
CA PRO A 42 -7.84 21.36 -7.46
C PRO A 42 -7.92 21.59 -5.95
N THR A 43 -7.21 22.61 -5.48
CA THR A 43 -7.13 22.91 -4.07
C THR A 43 -6.92 24.39 -3.83
N ARG A 44 -6.74 24.78 -2.58
CA ARG A 44 -6.52 26.17 -2.22
C ARG A 44 -5.34 26.29 -1.27
N PRO A 45 -4.58 27.39 -1.35
CA PRO A 45 -3.45 27.63 -0.45
C PRO A 45 -3.89 27.66 1.01
N GLY A 46 -3.17 26.94 1.86
CA GLY A 46 -3.54 26.87 3.25
C GLY A 46 -4.41 25.67 3.54
N LEU A 47 -4.00 24.52 3.03
CA LEU A 47 -4.75 23.28 3.21
C LEU A 47 -4.57 22.73 4.61
N ASN A 48 -5.57 22.01 5.08
CA ASN A 48 -5.52 21.37 6.39
C ASN A 48 -5.27 19.88 6.25
N LYS A 49 -4.90 19.26 7.37
CA LYS A 49 -4.64 17.81 7.41
C LYS A 49 -5.85 17.04 6.92
N ALA A 50 -7.02 17.36 7.47
CA ALA A 50 -8.26 16.68 7.12
C ALA A 50 -8.62 16.93 5.67
N GLN A 51 -8.35 18.15 5.21
CA GLN A 51 -8.60 18.52 3.82
C GLN A 51 -7.77 17.67 2.88
N LEU A 52 -6.53 17.44 3.26
CA LEU A 52 -5.64 16.61 2.49
C LEU A 52 -6.20 15.20 2.42
N VAL A 53 -6.52 14.64 3.58
CA VAL A 53 -7.04 13.27 3.67
C VAL A 53 -8.32 13.11 2.85
N GLU A 54 -9.27 14.03 3.05
CA GLU A 54 -10.57 13.91 2.39
C GLU A 54 -10.44 13.93 0.87
N ILE A 55 -9.66 14.88 0.35
CA ILE A 55 -9.49 14.99 -1.09
C ILE A 55 -8.66 13.83 -1.65
N VAL A 56 -7.63 13.42 -0.90
CA VAL A 56 -6.80 12.30 -1.32
C VAL A 56 -7.61 11.03 -1.35
N GLY A 57 -8.36 10.79 -0.28
CA GLY A 57 -9.16 9.58 -0.17
C GLY A 57 -10.24 9.51 -1.22
N CYS A 58 -10.88 10.64 -1.47
CA CYS A 58 -11.94 10.74 -2.47
C CYS A 58 -11.40 10.36 -3.84
N HIS A 59 -10.22 10.87 -4.19
CA HIS A 59 -9.60 10.57 -5.48
C HIS A 59 -8.96 9.19 -5.46
N PHE A 60 -8.50 8.77 -4.28
CA PHE A 60 -7.84 7.49 -4.10
C PHE A 60 -8.76 6.34 -4.46
N LYS A 61 -10.04 6.50 -4.11
CA LYS A 61 -11.04 5.47 -4.39
C LYS A 61 -11.46 5.47 -5.86
N SER A 62 -10.78 6.27 -6.69
CA SER A 62 -11.11 6.33 -8.11
C SER A 62 -9.86 6.14 -8.97
N ILE A 63 -8.83 5.54 -8.39
CA ILE A 63 -7.60 5.25 -9.13
C ILE A 63 -7.70 3.88 -9.80
N PRO A 64 -7.65 3.83 -11.13
CA PRO A 64 -7.65 2.57 -11.89
C PRO A 64 -6.29 1.90 -11.87
N VAL A 65 -6.27 0.59 -11.68
CA VAL A 65 -5.03 -0.16 -11.65
C VAL A 65 -5.03 -1.29 -12.67
N ASN A 66 -3.85 -1.84 -12.88
CA ASN A 66 -3.66 -3.00 -13.73
C ASN A 66 -2.94 -4.08 -12.94
N GLU A 67 -3.64 -5.16 -12.61
CA GLU A 67 -3.13 -6.18 -11.70
C GLU A 67 -1.71 -6.61 -12.09
N LYS A 68 -1.56 -7.13 -13.30
CA LYS A 68 -0.27 -7.58 -13.81
C LYS A 68 0.78 -6.46 -13.74
N ASP A 69 0.48 -5.34 -14.38
CA ASP A 69 1.43 -4.26 -14.54
C ASP A 69 1.83 -3.67 -13.19
N THR A 70 0.84 -3.38 -12.36
CA THR A 70 1.08 -2.74 -11.08
C THR A 70 1.91 -3.62 -10.15
N LEU A 71 1.64 -4.92 -10.14
CA LEU A 71 2.42 -5.85 -9.33
C LEU A 71 3.85 -5.91 -9.85
N THR A 72 3.99 -5.97 -11.17
CA THR A 72 5.30 -6.02 -11.81
C THR A 72 6.12 -4.78 -11.45
N CYS A 73 5.46 -3.62 -11.43
CA CYS A 73 6.09 -2.37 -11.03
C CYS A 73 6.65 -2.48 -9.62
N PHE A 74 5.78 -2.82 -8.67
CA PHE A 74 6.15 -2.92 -7.27
C PHE A 74 7.29 -3.89 -7.06
N ILE A 75 7.14 -5.09 -7.61
CA ILE A 75 8.10 -6.16 -7.41
C ILE A 75 9.50 -5.75 -7.87
N TYR A 76 9.61 -5.33 -9.12
CA TYR A 76 10.92 -5.04 -9.71
C TYR A 76 11.56 -3.79 -9.12
N SER A 77 10.76 -2.81 -8.73
CA SER A 77 11.29 -1.58 -8.16
C SER A 77 11.88 -1.82 -6.77
N VAL A 78 11.13 -2.54 -5.92
CA VAL A 78 11.57 -2.78 -4.55
C VAL A 78 12.69 -3.83 -4.50
N ARG A 79 12.70 -4.72 -5.47
CA ARG A 79 13.75 -5.74 -5.56
C ARG A 79 15.08 -5.13 -6.00
N ASN A 80 15.04 -3.86 -6.40
CA ASN A 80 16.26 -3.13 -6.73
C ASN A 80 16.59 -2.12 -5.64
N ASP A 81 15.62 -1.29 -5.28
CA ASP A 81 15.83 -0.29 -4.23
C ASP A 81 14.50 0.18 -3.66
N LYS A 82 13.71 0.82 -4.48
CA LYS A 82 12.43 1.36 -4.07
C LYS A 82 11.64 1.87 -5.27
N ASN A 83 12.14 2.90 -5.91
CA ASN A 83 11.50 3.43 -7.12
C ASN A 83 12.54 4.15 -7.97
N LYS A 84 12.23 4.35 -9.24
CA LYS A 84 13.17 4.98 -10.17
C LYS A 84 13.00 6.49 -10.16
N SER A 85 13.66 7.12 -9.20
CA SER A 85 13.59 8.57 -9.06
C SER A 85 14.91 9.22 -9.45
N ASP A 86 15.83 8.40 -9.94
CA ASP A 86 17.15 8.89 -10.34
C ASP A 86 17.28 8.95 -11.86
N LEU A 87 17.37 10.16 -12.38
CA LEU A 87 17.53 10.38 -13.81
C LEU A 87 18.88 11.03 -14.08
N LYS A 88 19.29 11.06 -15.33
CA LYS A 88 20.59 11.60 -15.70
C LYS A 88 20.60 13.13 -15.60
N ALA A 89 21.65 13.65 -14.98
CA ALA A 89 21.82 15.10 -14.84
C ALA A 89 23.25 15.50 -15.16
N ASP A 90 24.21 14.75 -14.62
CA ASP A 90 25.63 15.02 -14.86
C ASP A 90 26.13 14.22 -16.04
N SER A 91 26.54 14.94 -17.09
CA SER A 91 27.04 14.32 -18.31
C SER A 91 27.94 15.30 -19.06
N GLY A 92 29.05 14.79 -19.59
CA GLY A 92 29.98 15.64 -20.30
C GLY A 92 30.38 15.06 -21.64
N VAL A 93 29.49 15.15 -22.61
CA VAL A 93 29.72 14.58 -23.93
C VAL A 93 30.33 15.63 -24.86
N HIS A 94 30.04 16.91 -24.57
CA HIS A 94 30.48 18.03 -25.41
C HIS A 94 29.79 17.96 -26.77
N SER B 1 20.58 -6.92 -6.24
CA SER B 1 20.59 -8.33 -5.79
C SER B 1 21.85 -8.62 -4.98
N ASN B 2 21.68 -9.29 -3.85
CA ASN B 2 22.81 -9.59 -2.97
C ASN B 2 23.17 -11.07 -3.04
N ALA B 3 22.16 -11.92 -2.90
CA ALA B 3 22.36 -13.36 -2.97
C ALA B 3 21.15 -14.00 -3.62
N SER B 4 21.33 -15.20 -4.15
CA SER B 4 20.23 -15.91 -4.79
C SER B 4 19.53 -16.83 -3.79
N LYS B 5 18.38 -16.38 -3.31
CA LYS B 5 17.59 -17.15 -2.36
C LYS B 5 16.67 -18.12 -3.09
N HIS B 6 16.11 -19.08 -2.37
CA HIS B 6 15.22 -20.06 -2.98
C HIS B 6 13.89 -19.40 -3.35
N GLY B 7 13.58 -18.30 -2.70
CA GLY B 7 12.39 -17.55 -3.03
C GLY B 7 12.57 -16.72 -4.29
N VAL B 8 12.18 -17.28 -5.42
CA VAL B 8 12.24 -16.57 -6.69
C VAL B 8 10.83 -16.18 -7.12
N GLY B 9 9.83 -16.87 -6.58
CA GLY B 9 8.46 -16.54 -6.85
C GLY B 9 7.70 -16.24 -5.57
N THR B 10 8.45 -15.79 -4.56
CA THR B 10 7.88 -15.49 -3.25
C THR B 10 6.83 -14.38 -3.35
N GLU B 11 7.11 -13.40 -4.20
CA GLU B 11 6.19 -12.29 -4.42
C GLU B 11 4.84 -12.80 -4.89
N SER B 12 4.85 -13.74 -5.81
CA SER B 12 3.63 -14.33 -6.34
C SER B 12 2.82 -14.98 -5.20
N LEU B 13 3.53 -15.71 -4.35
CA LEU B 13 2.91 -16.36 -3.20
C LEU B 13 2.26 -15.31 -2.29
N PHE B 14 3.02 -14.27 -1.97
CA PHE B 14 2.53 -13.16 -1.17
C PHE B 14 1.25 -12.57 -1.77
N PHE B 15 1.31 -12.16 -3.03
CA PHE B 15 0.20 -11.47 -3.68
C PHE B 15 -1.04 -12.36 -3.78
N ASP B 16 -0.85 -13.65 -3.98
CA ASP B 16 -1.99 -14.56 -4.05
C ASP B 16 -2.69 -14.63 -2.71
N LYS B 17 -1.91 -14.71 -1.63
CA LYS B 17 -2.47 -14.67 -0.29
C LYS B 17 -3.17 -13.35 -0.02
N VAL B 18 -2.52 -12.25 -0.39
CA VAL B 18 -3.11 -10.92 -0.22
C VAL B 18 -4.45 -10.84 -0.95
N ARG B 19 -4.45 -11.26 -2.20
CA ARG B 19 -5.65 -11.23 -3.03
C ARG B 19 -6.75 -12.12 -2.45
N LYS B 20 -6.34 -13.26 -1.92
CA LYS B 20 -7.29 -14.26 -1.44
C LYS B 20 -7.82 -13.91 -0.05
N ALA B 21 -6.98 -13.28 0.76
CA ALA B 21 -7.36 -12.92 2.13
C ALA B 21 -8.20 -11.65 2.15
N LEU B 22 -7.74 -10.64 1.42
CA LEU B 22 -8.46 -9.36 1.33
C LEU B 22 -9.87 -9.59 0.79
N ARG B 23 -9.96 -10.37 -0.30
CA ARG B 23 -11.25 -10.79 -0.87
C ARG B 23 -12.00 -9.64 -1.57
N SER B 24 -12.12 -8.52 -0.88
CA SER B 24 -12.83 -7.37 -1.40
C SER B 24 -12.11 -6.79 -2.61
N ALA B 25 -12.86 -6.58 -3.68
CA ALA B 25 -12.33 -6.07 -4.92
C ALA B 25 -11.60 -4.76 -4.72
N GLU B 26 -12.23 -3.82 -4.03
CA GLU B 26 -11.64 -2.51 -3.83
C GLU B 26 -10.53 -2.58 -2.78
N ALA B 27 -10.57 -3.58 -1.92
CA ALA B 27 -9.51 -3.76 -0.92
C ALA B 27 -8.20 -4.10 -1.61
N TYR B 28 -8.25 -5.12 -2.47
CA TYR B 28 -7.09 -5.50 -3.26
C TYR B 28 -6.69 -4.36 -4.19
N GLU B 29 -7.69 -3.71 -4.78
CA GLU B 29 -7.44 -2.58 -5.64
C GLU B 29 -6.74 -1.47 -4.86
N ASN B 30 -7.19 -1.24 -3.64
CA ASN B 30 -6.64 -0.19 -2.78
C ASN B 30 -5.16 -0.44 -2.53
N PHE B 31 -4.81 -1.71 -2.34
CA PHE B 31 -3.41 -2.11 -2.23
C PHE B 31 -2.66 -1.69 -3.49
N LEU B 32 -3.25 -1.94 -4.64
CA LEU B 32 -2.66 -1.57 -5.91
C LEU B 32 -2.60 -0.04 -6.08
N ARG B 33 -3.59 0.66 -5.52
CA ARG B 33 -3.56 2.13 -5.52
C ARG B 33 -2.30 2.62 -4.82
N CYS B 34 -2.01 2.03 -3.67
CA CYS B 34 -0.80 2.34 -2.93
C CYS B 34 0.44 2.05 -3.79
N LEU B 35 0.39 0.96 -4.54
CA LEU B 35 1.51 0.58 -5.39
C LEU B 35 1.75 1.59 -6.50
N VAL B 36 0.70 1.97 -7.22
CA VAL B 36 0.85 2.88 -8.34
C VAL B 36 1.35 4.25 -7.90
N ILE B 37 0.81 4.78 -6.80
CA ILE B 37 1.27 6.08 -6.31
C ILE B 37 2.68 5.99 -5.76
N PHE B 38 3.06 4.81 -5.26
CA PHE B 38 4.42 4.57 -4.81
C PHE B 38 5.38 4.57 -5.99
N ASN B 39 4.95 3.93 -7.08
CA ASN B 39 5.81 3.79 -8.26
C ASN B 39 5.78 5.07 -9.10
N GLN B 40 4.80 5.93 -8.83
CA GLN B 40 4.70 7.21 -9.53
C GLN B 40 5.27 8.35 -8.70
N GLU B 41 6.14 8.00 -7.75
CA GLU B 41 6.92 9.00 -7.00
C GLU B 41 6.02 9.88 -6.12
N VAL B 42 4.86 9.36 -5.72
CA VAL B 42 3.95 10.10 -4.87
C VAL B 42 4.21 9.78 -3.40
N ILE B 43 4.15 8.49 -3.05
CA ILE B 43 4.39 8.08 -1.67
C ILE B 43 5.70 7.31 -1.58
N SER B 44 6.23 7.19 -0.37
CA SER B 44 7.46 6.45 -0.16
C SER B 44 7.16 5.10 0.49
N ARG B 45 8.23 4.38 0.82
CA ARG B 45 8.11 3.05 1.43
C ARG B 45 7.27 3.11 2.68
N ALA B 46 7.64 4.02 3.57
CA ALA B 46 6.96 4.21 4.84
C ALA B 46 5.45 4.32 4.67
N GLU B 47 5.01 5.21 3.77
CA GLU B 47 3.59 5.40 3.50
C GLU B 47 2.96 4.11 3.00
N LEU B 48 3.63 3.44 2.07
CA LEU B 48 3.16 2.20 1.49
C LEU B 48 2.92 1.15 2.58
N VAL B 49 3.89 1.02 3.48
CA VAL B 49 3.80 0.05 4.57
C VAL B 49 2.64 0.39 5.51
N GLN B 50 2.44 1.68 5.75
CA GLN B 50 1.40 2.14 6.66
C GLN B 50 0.00 1.94 6.07
N LEU B 51 -0.17 2.25 4.80
CA LEU B 51 -1.48 2.21 4.17
C LEU B 51 -2.07 0.81 4.15
N VAL B 52 -1.24 -0.18 3.88
CA VAL B 52 -1.71 -1.55 3.78
C VAL B 52 -1.72 -2.23 5.16
N SER B 53 -1.42 -1.47 6.20
CA SER B 53 -1.38 -2.01 7.56
C SER B 53 -2.75 -2.60 7.97
N PRO B 54 -3.87 -1.84 7.85
CA PRO B 54 -5.21 -2.36 8.16
C PRO B 54 -5.57 -3.61 7.35
N PHE B 55 -4.85 -3.82 6.25
CA PHE B 55 -5.15 -4.93 5.35
C PHE B 55 -4.35 -6.18 5.73
N LEU B 56 -3.04 -6.02 5.89
CA LEU B 56 -2.18 -7.16 6.14
C LEU B 56 -1.86 -7.32 7.63
N GLY B 57 -2.21 -6.31 8.41
CA GLY B 57 -1.90 -6.31 9.84
C GLY B 57 -2.69 -7.35 10.60
N LYS B 58 -3.72 -7.89 9.95
CA LYS B 58 -4.51 -8.97 10.54
C LYS B 58 -3.75 -10.28 10.44
N PHE B 59 -2.72 -10.28 9.59
CA PHE B 59 -1.94 -11.47 9.33
C PHE B 59 -0.46 -11.21 9.60
N PRO B 60 0.01 -11.59 10.80
CA PRO B 60 1.39 -11.33 11.24
C PRO B 60 2.45 -11.76 10.21
N GLU B 61 2.31 -12.98 9.70
CA GLU B 61 3.28 -13.53 8.74
C GLU B 61 3.24 -12.77 7.42
N LEU B 62 2.04 -12.43 6.97
CA LEU B 62 1.86 -11.77 5.69
C LEU B 62 2.42 -10.35 5.72
N PHE B 63 2.12 -9.63 6.79
CA PHE B 63 2.61 -8.27 6.96
C PHE B 63 4.11 -8.29 7.18
N ASN B 64 4.60 -9.34 7.83
CA ASN B 64 6.04 -9.51 8.06
C ASN B 64 6.75 -9.67 6.72
N TRP B 65 6.15 -10.46 5.84
CA TRP B 65 6.68 -10.67 4.49
C TRP B 65 6.83 -9.33 3.78
N PHE B 66 5.76 -8.54 3.82
CA PHE B 66 5.73 -7.25 3.16
C PHE B 66 6.85 -6.34 3.68
N LYS B 67 6.97 -6.27 5.00
CA LYS B 67 8.00 -5.46 5.63
C LYS B 67 9.40 -5.96 5.28
N ASN B 68 9.53 -7.27 5.17
CA ASN B 68 10.82 -7.90 4.88
C ASN B 68 11.23 -7.66 3.43
N PHE B 69 10.25 -7.68 2.53
CA PHE B 69 10.52 -7.49 1.10
C PHE B 69 11.01 -6.08 0.82
N LEU B 70 10.48 -5.14 1.58
CA LEU B 70 10.84 -3.73 1.43
C LEU B 70 12.11 -3.40 2.18
N GLY B 71 12.53 -4.30 3.07
CA GLY B 71 13.67 -4.01 3.92
C GLY B 71 13.34 -2.98 4.97
N TYR B 72 12.10 -3.04 5.44
CA TYR B 72 11.60 -2.09 6.42
C TYR B 72 12.14 -2.41 7.81
N LYS B 73 12.95 -1.52 8.34
CA LYS B 73 13.51 -1.68 9.67
C LYS B 73 12.72 -0.84 10.67
N GLU B 74 12.61 -1.32 11.89
CA GLU B 74 11.85 -0.62 12.93
C GLU B 74 12.80 -0.01 13.95
N SER B 75 13.41 1.09 13.56
CA SER B 75 14.29 1.85 14.43
C SER B 75 14.38 3.27 13.91
N SER A 1 -26.23 -17.91 37.38
CA SER A 1 -26.70 -18.58 38.61
C SER A 1 -26.37 -20.07 38.57
N ASN A 2 -26.46 -20.67 37.38
CA ASN A 2 -26.17 -22.09 37.22
C ASN A 2 -24.68 -22.33 37.09
N ALA A 3 -24.25 -23.56 37.36
CA ALA A 3 -22.85 -23.91 37.27
C ALA A 3 -22.49 -24.39 35.88
N GLY A 4 -21.54 -23.70 35.25
CA GLY A 4 -21.09 -24.09 33.93
C GLY A 4 -19.60 -23.93 33.78
N SER A 5 -19.06 -24.34 32.65
CA SER A 5 -17.64 -24.20 32.39
C SER A 5 -17.41 -23.66 30.98
N ASP A 6 -17.06 -22.38 30.92
CA ASP A 6 -16.79 -21.70 29.66
C ASP A 6 -15.88 -20.52 29.91
N ASP A 7 -15.20 -20.05 28.87
CA ASP A 7 -14.32 -18.90 29.02
C ASP A 7 -14.48 -17.93 27.86
N ASP A 8 -14.53 -18.47 26.65
CA ASP A 8 -14.71 -17.65 25.46
C ASP A 8 -16.16 -17.19 25.35
N GLY A 9 -16.36 -16.10 24.63
CA GLY A 9 -17.69 -15.55 24.48
C GLY A 9 -17.67 -14.16 23.93
N GLY A 10 -18.72 -13.79 23.20
CA GLY A 10 -18.79 -12.46 22.61
C GLY A 10 -17.76 -12.27 21.51
N ASP A 11 -17.34 -13.37 20.90
CA ASP A 11 -16.37 -13.31 19.81
C ASP A 11 -17.08 -13.25 18.48
N SER A 12 -16.46 -12.59 17.52
CA SER A 12 -16.99 -12.54 16.16
C SER A 12 -16.72 -13.87 15.47
N PRO A 13 -17.78 -14.64 15.17
CA PRO A 13 -17.65 -15.97 14.57
C PRO A 13 -17.29 -15.91 13.09
N VAL A 14 -17.49 -14.74 12.49
CA VAL A 14 -17.20 -14.56 11.08
C VAL A 14 -16.26 -13.37 10.87
N GLN A 15 -15.68 -13.30 9.67
CA GLN A 15 -14.83 -12.19 9.28
C GLN A 15 -14.65 -12.22 7.76
N ASP A 16 -15.48 -11.45 7.07
CA ASP A 16 -15.43 -11.39 5.62
C ASP A 16 -14.71 -10.12 5.19
N ILE A 17 -14.93 -9.07 5.99
CA ILE A 17 -14.32 -7.75 5.79
C ILE A 17 -14.92 -7.03 4.59
N ASP A 18 -15.18 -5.76 4.77
CA ASP A 18 -15.69 -4.91 3.71
C ASP A 18 -14.52 -4.23 3.04
N THR A 19 -13.89 -3.32 3.77
CA THR A 19 -12.77 -2.56 3.27
C THR A 19 -11.91 -2.10 4.45
N PRO A 20 -10.67 -2.60 4.54
CA PRO A 20 -9.72 -2.17 5.57
C PRO A 20 -9.48 -0.67 5.49
N GLU A 21 -9.51 -0.02 6.64
CA GLU A 21 -9.38 1.42 6.69
C GLU A 21 -7.95 1.86 6.42
N VAL A 22 -7.74 2.48 5.27
CA VAL A 22 -6.46 3.08 4.97
C VAL A 22 -6.31 4.34 5.80
N ASP A 23 -5.42 4.31 6.78
CA ASP A 23 -5.20 5.48 7.61
C ASP A 23 -4.45 6.53 6.79
N LEU A 24 -5.21 7.37 6.10
CA LEU A 24 -4.63 8.38 5.22
C LEU A 24 -4.41 9.66 6.01
N TYR A 25 -4.91 9.67 7.24
CA TYR A 25 -4.78 10.85 8.10
C TYR A 25 -3.43 10.85 8.79
N GLN A 26 -2.83 9.66 8.89
CA GLN A 26 -1.51 9.51 9.52
C GLN A 26 -0.41 10.04 8.60
N LEU A 27 -0.73 10.16 7.32
CA LEU A 27 0.24 10.62 6.33
C LEU A 27 0.64 12.06 6.59
N GLN A 28 1.81 12.44 6.14
CA GLN A 28 2.29 13.80 6.30
C GLN A 28 1.51 14.75 5.40
N VAL A 29 1.53 16.02 5.75
CA VAL A 29 0.79 17.03 4.98
C VAL A 29 1.32 17.07 3.55
N ASN A 30 2.64 17.08 3.42
CA ASN A 30 3.28 17.14 2.11
C ASN A 30 3.06 15.86 1.32
N THR A 31 2.75 14.77 2.01
CA THR A 31 2.48 13.50 1.34
C THR A 31 1.16 13.58 0.58
N LEU A 32 0.11 14.01 1.27
CA LEU A 32 -1.20 14.21 0.63
C LEU A 32 -1.11 15.35 -0.38
N ARG A 33 -0.25 16.30 -0.06
CA ARG A 33 0.06 17.41 -0.95
C ARG A 33 0.70 16.89 -2.24
N ARG A 34 1.63 15.95 -2.10
CA ARG A 34 2.32 15.39 -3.25
C ARG A 34 1.36 14.53 -4.07
N TYR A 35 0.47 13.81 -3.39
CA TYR A 35 -0.57 13.05 -4.08
C TYR A 35 -1.32 13.93 -5.06
N LYS A 36 -1.90 15.02 -4.56
CA LYS A 36 -2.68 15.92 -5.42
C LYS A 36 -1.76 16.63 -6.42
N ARG A 37 -0.51 16.80 -6.06
CA ARG A 37 0.47 17.44 -6.94
C ARG A 37 0.77 16.56 -8.15
N HIS A 38 1.05 15.29 -7.89
CA HIS A 38 1.41 14.35 -8.95
C HIS A 38 0.19 14.01 -9.82
N PHE A 39 -0.93 13.73 -9.17
CA PHE A 39 -2.13 13.33 -9.88
C PHE A 39 -2.88 14.54 -10.43
N LYS A 40 -2.31 15.72 -10.20
CA LYS A 40 -2.84 16.98 -10.71
C LYS A 40 -4.27 17.20 -10.24
N LEU A 41 -4.42 17.56 -8.98
CA LEU A 41 -5.72 17.85 -8.41
C LEU A 41 -5.82 19.33 -8.09
N PRO A 42 -6.60 20.09 -8.88
CA PRO A 42 -6.77 21.52 -8.67
C PRO A 42 -7.35 21.81 -7.29
N THR A 43 -6.67 22.66 -6.54
CA THR A 43 -7.07 22.95 -5.18
C THR A 43 -7.06 24.45 -4.92
N ARG A 44 -7.69 24.86 -3.83
CA ARG A 44 -7.75 26.26 -3.46
C ARG A 44 -6.83 26.52 -2.26
N PRO A 45 -6.13 27.67 -2.25
CA PRO A 45 -5.21 28.01 -1.16
C PRO A 45 -5.88 28.03 0.20
N GLY A 46 -5.21 27.47 1.20
CA GLY A 46 -5.75 27.43 2.54
C GLY A 46 -6.37 26.09 2.87
N LEU A 47 -5.69 25.02 2.50
CA LEU A 47 -6.17 23.66 2.76
C LEU A 47 -5.76 23.19 4.14
N ASN A 48 -6.61 22.41 4.77
CA ASN A 48 -6.31 21.83 6.07
C ASN A 48 -5.92 20.37 5.91
N LYS A 49 -5.41 19.78 6.98
CA LYS A 49 -4.94 18.39 6.96
C LYS A 49 -6.08 17.43 6.58
N ALA A 50 -7.19 17.51 7.31
CA ALA A 50 -8.33 16.64 7.06
C ALA A 50 -8.88 16.86 5.65
N GLN A 51 -8.78 18.10 5.19
CA GLN A 51 -9.22 18.46 3.85
C GLN A 51 -8.41 17.70 2.81
N LEU A 52 -7.10 17.67 3.02
CA LEU A 52 -6.19 16.95 2.12
C LEU A 52 -6.56 15.48 2.06
N VAL A 53 -6.77 14.89 3.23
CA VAL A 53 -7.06 13.47 3.32
C VAL A 53 -8.32 13.11 2.55
N GLU A 54 -9.36 13.91 2.70
CA GLU A 54 -10.62 13.67 2.00
C GLU A 54 -10.43 13.74 0.49
N ILE A 55 -9.71 14.76 0.02
CA ILE A 55 -9.42 14.90 -1.40
C ILE A 55 -8.65 13.67 -1.91
N VAL A 56 -7.65 13.26 -1.14
CA VAL A 56 -6.83 12.12 -1.50
C VAL A 56 -7.66 10.85 -1.58
N GLY A 57 -8.47 10.60 -0.55
CA GLY A 57 -9.29 9.40 -0.51
C GLY A 57 -10.32 9.36 -1.60
N CYS A 58 -10.91 10.52 -1.88
CA CYS A 58 -11.91 10.65 -2.92
C CYS A 58 -11.33 10.24 -4.28
N HIS A 59 -10.12 10.68 -4.56
CA HIS A 59 -9.45 10.34 -5.82
C HIS A 59 -8.76 8.98 -5.71
N PHE A 60 -8.45 8.57 -4.50
CA PHE A 60 -7.73 7.33 -4.25
C PHE A 60 -8.57 6.14 -4.67
N LYS A 61 -9.86 6.20 -4.37
CA LYS A 61 -10.78 5.12 -4.77
C LYS A 61 -11.02 5.11 -6.28
N SER A 62 -10.71 6.22 -6.94
CA SER A 62 -10.97 6.33 -8.36
C SER A 62 -9.69 6.24 -9.20
N ILE A 63 -8.68 5.55 -8.66
CA ILE A 63 -7.45 5.33 -9.42
C ILE A 63 -7.54 4.04 -10.23
N PRO A 64 -7.54 4.15 -11.57
CA PRO A 64 -7.57 2.98 -12.45
C PRO A 64 -6.27 2.19 -12.38
N VAL A 65 -6.33 1.06 -11.68
CA VAL A 65 -5.14 0.24 -11.45
C VAL A 65 -5.23 -1.07 -12.24
N ASN A 66 -4.11 -1.68 -12.53
CA ASN A 66 -4.07 -2.94 -13.27
C ASN A 66 -3.26 -3.98 -12.51
N GLU A 67 -3.87 -5.13 -12.28
CA GLU A 67 -3.27 -6.20 -11.48
C GLU A 67 -1.85 -6.53 -11.95
N LYS A 68 -1.74 -6.94 -13.19
CA LYS A 68 -0.47 -7.43 -13.73
C LYS A 68 0.63 -6.38 -13.69
N ASP A 69 0.37 -5.24 -14.32
CA ASP A 69 1.40 -4.24 -14.49
C ASP A 69 1.80 -3.62 -13.16
N THR A 70 0.83 -3.38 -12.31
CA THR A 70 1.08 -2.76 -11.01
C THR A 70 1.90 -3.68 -10.09
N LEU A 71 1.61 -4.97 -10.13
CA LEU A 71 2.41 -5.94 -9.37
C LEU A 71 3.83 -5.94 -9.91
N THR A 72 3.96 -5.99 -11.23
CA THR A 72 5.25 -5.94 -11.89
C THR A 72 6.01 -4.66 -11.53
N CYS A 73 5.27 -3.55 -11.48
CA CYS A 73 5.83 -2.26 -11.09
C CYS A 73 6.47 -2.32 -9.71
N PHE A 74 5.69 -2.75 -8.73
CA PHE A 74 6.14 -2.77 -7.35
C PHE A 74 7.32 -3.71 -7.17
N ILE A 75 7.17 -4.95 -7.64
CA ILE A 75 8.19 -5.96 -7.45
C ILE A 75 9.53 -5.56 -8.05
N TYR A 76 9.51 -5.10 -9.30
CA TYR A 76 10.73 -4.79 -10.03
C TYR A 76 11.39 -3.53 -9.49
N SER A 77 10.58 -2.61 -8.99
CA SER A 77 11.09 -1.39 -8.41
C SER A 77 11.72 -1.65 -7.05
N VAL A 78 10.99 -2.28 -6.14
CA VAL A 78 11.46 -2.48 -4.76
C VAL A 78 12.68 -3.40 -4.72
N ARG A 79 12.72 -4.40 -5.59
CA ARG A 79 13.87 -5.30 -5.67
C ARG A 79 15.07 -4.59 -6.30
N ASN A 80 14.84 -3.39 -6.82
CA ASN A 80 15.90 -2.61 -7.43
C ASN A 80 16.36 -1.52 -6.46
N ASP A 81 15.39 -0.76 -5.96
CA ASP A 81 15.63 0.28 -4.96
C ASP A 81 14.27 0.71 -4.41
N LYS A 82 14.20 1.87 -3.80
CA LYS A 82 12.95 2.36 -3.25
C LYS A 82 12.72 3.82 -3.61
N ASN A 83 11.51 4.11 -4.08
CA ASN A 83 11.12 5.46 -4.53
C ASN A 83 11.87 5.83 -5.82
N LYS A 84 13.15 6.19 -5.67
CA LYS A 84 14.02 6.52 -6.79
C LYS A 84 13.59 7.82 -7.47
N SER A 85 14.52 8.45 -8.20
CA SER A 85 14.27 9.71 -8.89
C SER A 85 14.05 10.83 -7.86
N ASP A 86 14.74 10.70 -6.74
CA ASP A 86 14.65 11.67 -5.64
C ASP A 86 15.55 12.87 -5.91
N LEU A 87 15.55 13.33 -7.16
CA LEU A 87 16.39 14.46 -7.56
C LEU A 87 15.84 15.76 -6.99
N LYS A 88 16.75 16.57 -6.44
CA LYS A 88 16.42 17.86 -5.82
C LYS A 88 15.70 17.63 -4.50
N ALA A 89 16.45 17.74 -3.41
CA ALA A 89 15.92 17.45 -2.08
C ALA A 89 15.09 18.61 -1.55
N ASP A 90 15.33 19.80 -2.08
CA ASP A 90 14.59 20.98 -1.65
C ASP A 90 13.23 21.04 -2.33
N SER A 91 12.22 21.44 -1.58
CA SER A 91 10.87 21.53 -2.10
C SER A 91 10.21 22.83 -1.65
N GLY A 92 11.01 23.88 -1.50
CA GLY A 92 10.50 25.16 -1.06
C GLY A 92 9.84 25.95 -2.17
N VAL A 93 8.85 25.34 -2.81
CA VAL A 93 8.14 25.98 -3.91
C VAL A 93 6.78 26.50 -3.46
N HIS A 94 6.07 27.16 -4.37
CA HIS A 94 4.79 27.74 -4.07
C HIS A 94 3.81 27.46 -5.20
N SER B 1 7.55 -35.48 -11.74
CA SER B 1 8.08 -35.45 -10.37
C SER B 1 7.63 -34.18 -9.65
N ASN B 2 7.39 -34.29 -8.35
CA ASN B 2 6.96 -33.17 -7.52
C ASN B 2 5.55 -32.71 -7.88
N ALA B 3 5.02 -31.75 -7.14
CA ALA B 3 3.67 -31.26 -7.38
C ALA B 3 3.65 -29.75 -7.58
N SER B 4 4.55 -29.06 -6.90
CA SER B 4 4.62 -27.61 -6.98
C SER B 4 6.06 -27.15 -7.18
N LYS B 5 6.26 -26.24 -8.13
CA LYS B 5 7.57 -25.69 -8.40
C LYS B 5 7.98 -24.68 -7.35
N HIS B 6 9.26 -24.63 -7.04
CA HIS B 6 9.79 -23.67 -6.08
C HIS B 6 10.87 -22.80 -6.73
N GLY B 7 11.57 -22.03 -5.91
CA GLY B 7 12.61 -21.15 -6.43
C GLY B 7 12.31 -19.69 -6.15
N VAL B 8 12.43 -18.85 -7.17
CA VAL B 8 12.16 -17.44 -7.02
C VAL B 8 10.69 -17.16 -7.35
N GLY B 9 9.83 -17.34 -6.35
CA GLY B 9 8.42 -17.11 -6.54
C GLY B 9 7.71 -16.82 -5.23
N THR B 10 8.46 -16.30 -4.26
CA THR B 10 7.89 -15.99 -2.97
C THR B 10 7.08 -14.70 -3.05
N GLU B 11 7.43 -13.86 -4.03
CA GLU B 11 6.68 -12.65 -4.28
C GLU B 11 5.26 -13.00 -4.72
N SER B 12 5.17 -13.93 -5.67
CA SER B 12 3.89 -14.41 -6.15
C SER B 12 3.09 -15.04 -5.01
N LEU B 13 3.80 -15.69 -4.10
CA LEU B 13 3.19 -16.28 -2.91
C LEU B 13 2.57 -15.19 -2.05
N PHE B 14 3.38 -14.17 -1.72
CA PHE B 14 2.92 -13.03 -0.96
C PHE B 14 1.67 -12.40 -1.55
N PHE B 15 1.75 -11.97 -2.80
CA PHE B 15 0.67 -11.22 -3.42
C PHE B 15 -0.61 -12.04 -3.56
N ASP B 16 -0.48 -13.33 -3.80
CA ASP B 16 -1.65 -14.21 -3.85
C ASP B 16 -2.33 -14.25 -2.49
N LYS B 17 -1.52 -14.33 -1.43
CA LYS B 17 -2.04 -14.33 -0.08
C LYS B 17 -2.65 -12.98 0.26
N VAL B 18 -2.06 -11.90 -0.26
CA VAL B 18 -2.62 -10.56 -0.08
C VAL B 18 -3.99 -10.48 -0.74
N ARG B 19 -4.10 -11.05 -1.92
CA ARG B 19 -5.35 -11.07 -2.67
C ARG B 19 -6.43 -11.80 -1.86
N LYS B 20 -6.05 -12.92 -1.25
CA LYS B 20 -6.99 -13.69 -0.43
C LYS B 20 -7.24 -13.00 0.91
N ALA B 21 -6.21 -12.37 1.47
CA ALA B 21 -6.30 -11.72 2.77
C ALA B 21 -7.24 -10.51 2.73
N LEU B 22 -7.05 -9.65 1.73
CA LEU B 22 -7.90 -8.48 1.58
C LEU B 22 -9.27 -8.90 1.10
N ARG B 23 -9.30 -9.91 0.22
CA ARG B 23 -10.54 -10.58 -0.20
C ARG B 23 -11.39 -9.72 -1.11
N SER B 24 -11.82 -8.57 -0.62
CA SER B 24 -12.68 -7.68 -1.35
C SER B 24 -11.95 -7.08 -2.54
N ALA B 25 -12.64 -6.96 -3.68
CA ALA B 25 -12.05 -6.41 -4.90
C ALA B 25 -11.54 -5.00 -4.66
N GLU B 26 -12.36 -4.19 -3.99
CA GLU B 26 -11.98 -2.81 -3.69
C GLU B 26 -10.79 -2.77 -2.74
N ALA B 27 -10.79 -3.69 -1.79
CA ALA B 27 -9.71 -3.78 -0.80
C ALA B 27 -8.38 -4.07 -1.49
N TYR B 28 -8.35 -5.11 -2.32
CA TYR B 28 -7.14 -5.48 -3.04
C TYR B 28 -6.77 -4.39 -4.03
N GLU B 29 -7.78 -3.79 -4.65
CA GLU B 29 -7.56 -2.67 -5.55
C GLU B 29 -6.87 -1.54 -4.80
N ASN B 30 -7.31 -1.29 -3.57
CA ASN B 30 -6.75 -0.24 -2.75
C ASN B 30 -5.28 -0.48 -2.48
N PHE B 31 -4.92 -1.73 -2.17
CA PHE B 31 -3.53 -2.13 -2.05
C PHE B 31 -2.76 -1.76 -3.32
N LEU B 32 -3.34 -2.04 -4.46
CA LEU B 32 -2.73 -1.75 -5.74
C LEU B 32 -2.61 -0.25 -5.98
N ARG B 33 -3.57 0.53 -5.46
CA ARG B 33 -3.47 1.99 -5.50
C ARG B 33 -2.26 2.46 -4.71
N CYS B 34 -2.00 1.78 -3.60
CA CYS B 34 -0.84 2.09 -2.79
C CYS B 34 0.44 1.80 -3.57
N LEU B 35 0.41 0.73 -4.37
CA LEU B 35 1.55 0.34 -5.17
C LEU B 35 1.87 1.39 -6.23
N VAL B 36 0.85 1.83 -6.96
CA VAL B 36 1.06 2.80 -8.04
C VAL B 36 1.55 4.14 -7.51
N ILE B 37 0.97 4.62 -6.40
CA ILE B 37 1.39 5.91 -5.85
C ILE B 37 2.81 5.82 -5.28
N PHE B 38 3.19 4.66 -4.77
CA PHE B 38 4.56 4.45 -4.32
C PHE B 38 5.51 4.46 -5.51
N ASN B 39 5.12 3.75 -6.57
CA ASN B 39 5.94 3.60 -7.76
C ASN B 39 6.18 4.95 -8.42
N GLN B 40 5.16 5.79 -8.43
CA GLN B 40 5.22 7.08 -9.10
C GLN B 40 5.82 8.16 -8.19
N GLU B 41 6.47 7.74 -7.11
CA GLU B 41 7.19 8.65 -6.22
C GLU B 41 6.22 9.63 -5.56
N VAL B 42 5.04 9.15 -5.19
CA VAL B 42 4.04 9.99 -4.55
C VAL B 42 4.09 9.86 -3.03
N ILE B 43 4.41 8.67 -2.54
CA ILE B 43 4.47 8.45 -1.10
C ILE B 43 5.83 7.90 -0.69
N SER B 44 6.20 8.17 0.55
CA SER B 44 7.46 7.68 1.10
C SER B 44 7.34 6.23 1.53
N ARG B 45 8.49 5.61 1.76
CA ARG B 45 8.55 4.21 2.22
C ARG B 45 7.72 4.02 3.48
N ALA B 46 8.00 4.83 4.49
CA ALA B 46 7.28 4.76 5.76
C ALA B 46 5.78 4.95 5.55
N GLU B 47 5.43 5.97 4.77
CA GLU B 47 4.04 6.30 4.47
C GLU B 47 3.31 5.07 3.89
N LEU B 48 3.95 4.41 2.93
CA LEU B 48 3.39 3.21 2.31
C LEU B 48 3.17 2.11 3.35
N VAL B 49 4.21 1.84 4.12
CA VAL B 49 4.18 0.82 5.15
C VAL B 49 3.10 1.13 6.19
N GLN B 50 2.91 2.40 6.47
CA GLN B 50 1.89 2.86 7.41
C GLN B 50 0.48 2.62 6.87
N LEU B 51 0.27 2.89 5.60
CA LEU B 51 -1.08 2.78 5.00
C LEU B 51 -1.56 1.34 4.98
N VAL B 52 -0.66 0.43 4.67
CA VAL B 52 -1.02 -0.97 4.53
C VAL B 52 -1.00 -1.69 5.88
N SER B 53 -0.71 -0.92 6.94
CA SER B 53 -0.67 -1.46 8.29
C SER B 53 -2.00 -2.11 8.70
N PRO B 54 -3.15 -1.39 8.59
CA PRO B 54 -4.46 -1.99 8.88
C PRO B 54 -4.79 -3.15 7.95
N PHE B 55 -4.21 -3.12 6.76
CA PHE B 55 -4.47 -4.14 5.75
C PHE B 55 -3.77 -5.45 6.09
N LEU B 56 -2.45 -5.43 6.19
CA LEU B 56 -1.68 -6.66 6.35
C LEU B 56 -1.23 -6.84 7.80
N GLY B 57 -1.40 -5.81 8.62
CA GLY B 57 -0.93 -5.85 9.99
C GLY B 57 -1.61 -6.92 10.82
N LYS B 58 -2.79 -7.35 10.40
CA LYS B 58 -3.51 -8.41 11.09
C LYS B 58 -2.99 -9.78 10.67
N PHE B 59 -2.00 -9.77 9.79
CA PHE B 59 -1.32 -11.00 9.37
C PHE B 59 0.18 -10.84 9.60
N PRO B 60 0.67 -11.23 10.80
CA PRO B 60 2.06 -11.01 11.20
C PRO B 60 3.09 -11.47 10.16
N GLU B 61 2.88 -12.65 9.60
CA GLU B 61 3.81 -13.19 8.62
C GLU B 61 3.76 -12.38 7.33
N LEU B 62 2.56 -12.07 6.88
CA LEU B 62 2.37 -11.39 5.61
C LEU B 62 2.89 -9.96 5.68
N PHE B 63 2.60 -9.29 6.78
CA PHE B 63 3.04 -7.91 6.98
C PHE B 63 4.56 -7.86 7.12
N ASN B 64 5.12 -8.85 7.81
CA ASN B 64 6.58 -8.91 7.98
C ASN B 64 7.26 -9.18 6.65
N TRP B 65 6.63 -10.02 5.82
CA TRP B 65 7.14 -10.29 4.47
C TRP B 65 7.26 -8.98 3.71
N PHE B 66 6.18 -8.18 3.75
CA PHE B 66 6.14 -6.89 3.08
C PHE B 66 7.24 -5.97 3.59
N LYS B 67 7.40 -5.92 4.90
CA LYS B 67 8.43 -5.10 5.54
C LYS B 67 9.82 -5.57 5.12
N ASN B 68 10.01 -6.89 5.11
CA ASN B 68 11.30 -7.48 4.74
C ASN B 68 11.60 -7.21 3.27
N PHE B 69 10.55 -7.21 2.45
CA PHE B 69 10.69 -6.96 1.02
C PHE B 69 11.17 -5.53 0.79
N LEU B 70 10.59 -4.59 1.53
CA LEU B 70 10.95 -3.18 1.41
C LEU B 70 12.26 -2.88 2.12
N GLY B 71 12.70 -3.79 2.97
CA GLY B 71 13.91 -3.56 3.74
C GLY B 71 13.63 -2.66 4.91
N TYR B 72 12.36 -2.50 5.24
CA TYR B 72 11.93 -1.63 6.33
C TYR B 72 11.98 -2.40 7.63
N LYS B 73 12.98 -2.11 8.44
CA LYS B 73 13.16 -2.82 9.70
C LYS B 73 12.47 -2.07 10.84
N GLU B 74 11.36 -2.61 11.28
CA GLU B 74 10.59 -2.02 12.37
C GLU B 74 10.03 -3.15 13.24
N SER B 75 10.93 -3.85 13.92
CA SER B 75 10.57 -5.01 14.71
C SER B 75 9.95 -6.09 13.82
N SER A 1 -21.04 -18.60 19.72
CA SER A 1 -20.82 -19.98 20.18
C SER A 1 -22.12 -20.55 20.77
N ASN A 2 -22.12 -21.85 21.05
CA ASN A 2 -23.29 -22.54 21.60
C ASN A 2 -23.70 -21.92 22.93
N ALA A 3 -22.77 -21.88 23.87
CA ALA A 3 -23.05 -21.39 25.21
C ALA A 3 -21.88 -20.56 25.73
N GLY A 4 -21.85 -20.33 27.03
CA GLY A 4 -20.74 -19.61 27.64
C GLY A 4 -19.42 -20.34 27.46
N SER A 5 -19.49 -21.66 27.45
CA SER A 5 -18.31 -22.48 27.20
C SER A 5 -17.87 -22.31 25.75
N ASP A 6 -16.79 -21.55 25.56
CA ASP A 6 -16.28 -21.28 24.22
C ASP A 6 -15.72 -22.54 23.59
N ASP A 7 -15.59 -22.53 22.27
CA ASP A 7 -15.19 -23.71 21.52
C ASP A 7 -13.69 -23.95 21.63
N ASP A 8 -13.00 -23.01 22.29
CA ASP A 8 -11.55 -23.04 22.44
C ASP A 8 -10.86 -23.01 21.08
N GLY A 9 -10.65 -21.81 20.56
CA GLY A 9 -10.04 -21.64 19.27
C GLY A 9 -9.58 -20.23 19.04
N GLY A 10 -8.28 -20.00 19.19
CA GLY A 10 -7.73 -18.69 19.00
C GLY A 10 -6.61 -18.69 17.97
N ASP A 11 -6.67 -19.65 17.06
CA ASP A 11 -5.65 -19.79 16.01
C ASP A 11 -5.93 -18.81 14.88
N SER A 12 -7.18 -18.76 14.45
CA SER A 12 -7.57 -17.90 13.36
C SER A 12 -9.09 -17.67 13.37
N PRO A 13 -9.53 -16.45 13.05
CA PRO A 13 -10.95 -16.13 12.96
C PRO A 13 -11.58 -16.67 11.69
N VAL A 14 -12.89 -16.53 11.58
CA VAL A 14 -13.64 -17.06 10.45
C VAL A 14 -13.82 -16.01 9.36
N GLN A 15 -12.79 -15.16 9.20
CA GLN A 15 -12.83 -14.05 8.24
C GLN A 15 -14.06 -13.18 8.49
N ASP A 16 -14.05 -12.49 9.62
CA ASP A 16 -15.17 -11.64 10.02
C ASP A 16 -15.10 -10.28 9.32
N ILE A 17 -14.04 -10.08 8.56
CA ILE A 17 -13.85 -8.81 7.87
C ILE A 17 -14.80 -8.70 6.69
N ASP A 18 -15.37 -7.53 6.53
CA ASP A 18 -16.23 -7.24 5.40
C ASP A 18 -15.41 -6.50 4.35
N THR A 19 -14.86 -5.37 4.77
CA THR A 19 -14.01 -4.55 3.93
C THR A 19 -13.21 -3.57 4.80
N PRO A 20 -11.89 -3.74 4.87
CA PRO A 20 -11.02 -2.85 5.62
C PRO A 20 -10.85 -1.51 4.90
N GLU A 21 -10.53 -0.47 5.65
CA GLU A 21 -10.43 0.86 5.09
C GLU A 21 -9.05 1.46 5.34
N VAL A 22 -8.58 2.25 4.38
CA VAL A 22 -7.31 2.95 4.53
C VAL A 22 -7.56 4.38 4.99
N ASP A 23 -6.93 4.77 6.09
CA ASP A 23 -7.17 6.08 6.70
C ASP A 23 -6.54 7.19 5.88
N LEU A 24 -5.45 6.85 5.22
CA LEU A 24 -4.64 7.79 4.43
C LEU A 24 -4.09 8.94 5.28
N TYR A 25 -4.27 8.83 6.59
CA TYR A 25 -3.78 9.83 7.52
C TYR A 25 -2.27 9.66 7.66
N GLN A 26 -1.83 8.42 7.44
CA GLN A 26 -0.43 8.04 7.57
C GLN A 26 0.48 8.81 6.62
N LEU A 27 -0.10 9.40 5.59
CA LEU A 27 0.68 10.07 4.55
C LEU A 27 1.14 11.47 4.99
N GLN A 28 0.85 11.82 6.24
CA GLN A 28 1.16 13.15 6.76
C GLN A 28 0.53 14.23 5.87
N VAL A 29 0.87 15.49 6.08
CA VAL A 29 0.42 16.53 5.16
C VAL A 29 1.28 16.53 3.89
N ASN A 30 2.58 16.28 4.06
CA ASN A 30 3.54 16.35 2.96
C ASN A 30 3.18 15.40 1.81
N THR A 31 2.98 14.12 2.12
CA THR A 31 2.73 13.13 1.09
C THR A 31 1.33 13.32 0.47
N LEU A 32 0.36 13.73 1.29
CA LEU A 32 -0.98 14.03 0.77
C LEU A 32 -0.93 15.18 -0.23
N ARG A 33 -0.11 16.18 0.10
CA ARG A 33 0.07 17.33 -0.78
C ARG A 33 0.82 16.93 -2.03
N ARG A 34 1.72 15.95 -1.91
CA ARG A 34 2.45 15.44 -3.06
C ARG A 34 1.51 14.72 -4.00
N TYR A 35 0.61 13.91 -3.42
CA TYR A 35 -0.44 13.26 -4.19
C TYR A 35 -1.20 14.29 -5.03
N LYS A 36 -1.65 15.35 -4.38
CA LYS A 36 -2.37 16.42 -5.07
C LYS A 36 -1.53 17.08 -6.15
N ARG A 37 -0.28 17.35 -5.82
CA ARG A 37 0.63 18.06 -6.72
C ARG A 37 1.00 17.20 -7.92
N HIS A 38 1.22 15.91 -7.69
CA HIS A 38 1.65 15.00 -8.74
C HIS A 38 0.49 14.58 -9.64
N PHE A 39 -0.69 14.41 -9.05
CA PHE A 39 -1.86 14.00 -9.81
C PHE A 39 -2.67 15.20 -10.30
N LYS A 40 -2.16 16.39 -9.98
CA LYS A 40 -2.80 17.64 -10.38
C LYS A 40 -4.21 17.75 -9.82
N LEU A 41 -4.30 18.13 -8.56
CA LEU A 41 -5.57 18.34 -7.90
C LEU A 41 -5.67 19.79 -7.41
N PRO A 42 -6.36 20.66 -8.16
CA PRO A 42 -6.52 22.06 -7.78
C PRO A 42 -7.25 22.20 -6.44
N THR A 43 -6.62 22.92 -5.52
CA THR A 43 -7.17 23.06 -4.18
C THR A 43 -7.20 24.52 -3.72
N ARG A 44 -8.30 24.90 -3.07
CA ARG A 44 -8.46 26.24 -2.54
C ARG A 44 -7.45 26.50 -1.42
N PRO A 45 -6.97 27.75 -1.30
CA PRO A 45 -6.05 28.13 -0.23
C PRO A 45 -6.67 27.99 1.15
N GLY A 46 -5.98 27.27 2.02
CA GLY A 46 -6.50 27.04 3.36
C GLY A 46 -6.82 25.58 3.59
N LEU A 47 -5.87 24.72 3.31
CA LEU A 47 -6.06 23.28 3.46
C LEU A 47 -5.68 22.82 4.86
N ASN A 48 -6.12 21.62 5.21
CA ASN A 48 -5.83 21.03 6.50
C ASN A 48 -5.56 19.54 6.33
N LYS A 49 -4.99 18.91 7.36
CA LYS A 49 -4.65 17.48 7.33
C LYS A 49 -5.84 16.64 6.86
N ALA A 50 -6.98 16.79 7.55
CA ALA A 50 -8.19 16.04 7.23
C ALA A 50 -8.68 16.35 5.83
N GLN A 51 -8.60 17.61 5.44
CA GLN A 51 -9.07 18.05 4.13
C GLN A 51 -8.23 17.40 3.03
N LEU A 52 -6.94 17.29 3.30
CA LEU A 52 -6.03 16.62 2.39
C LEU A 52 -6.43 15.16 2.25
N VAL A 53 -6.74 14.51 3.37
CA VAL A 53 -7.14 13.11 3.37
C VAL A 53 -8.39 12.90 2.54
N GLU A 54 -9.42 13.71 2.77
CA GLU A 54 -10.68 13.56 2.04
C GLU A 54 -10.47 13.67 0.53
N ILE A 55 -9.82 14.74 0.09
CA ILE A 55 -9.58 14.94 -1.33
C ILE A 55 -8.70 13.84 -1.92
N VAL A 56 -7.67 13.43 -1.16
CA VAL A 56 -6.80 12.36 -1.60
C VAL A 56 -7.58 11.06 -1.71
N GLY A 57 -8.34 10.73 -0.67
CA GLY A 57 -9.12 9.51 -0.66
C GLY A 57 -10.15 9.49 -1.77
N CYS A 58 -10.72 10.66 -2.05
CA CYS A 58 -11.71 10.82 -3.11
C CYS A 58 -11.10 10.41 -4.45
N HIS A 59 -9.90 10.89 -4.73
CA HIS A 59 -9.22 10.56 -5.98
C HIS A 59 -8.57 9.17 -5.89
N PHE A 60 -8.19 8.79 -4.68
CA PHE A 60 -7.51 7.53 -4.44
C PHE A 60 -8.37 6.34 -4.85
N LYS A 61 -9.63 6.35 -4.44
CA LYS A 61 -10.55 5.26 -4.77
C LYS A 61 -10.98 5.33 -6.23
N SER A 62 -10.54 6.36 -6.93
CA SER A 62 -10.92 6.57 -8.32
C SER A 62 -9.74 6.27 -9.26
N ILE A 63 -8.73 5.55 -8.74
CA ILE A 63 -7.57 5.19 -9.53
C ILE A 63 -7.81 3.86 -10.25
N PRO A 64 -7.79 3.88 -11.60
CA PRO A 64 -7.90 2.68 -12.41
C PRO A 64 -6.61 1.88 -12.39
N VAL A 65 -6.57 0.83 -11.58
CA VAL A 65 -5.36 0.08 -11.35
C VAL A 65 -5.50 -1.35 -11.85
N ASN A 66 -4.47 -1.83 -12.56
CA ASN A 66 -4.46 -3.20 -13.08
C ASN A 66 -3.48 -4.05 -12.29
N GLU A 67 -3.98 -5.17 -11.77
CA GLU A 67 -3.18 -6.06 -10.93
C GLU A 67 -1.84 -6.43 -11.57
N LYS A 68 -1.89 -7.05 -12.74
CA LYS A 68 -0.69 -7.58 -13.40
C LYS A 68 0.42 -6.54 -13.52
N ASP A 69 0.12 -5.42 -14.17
CA ASP A 69 1.13 -4.39 -14.42
C ASP A 69 1.62 -3.78 -13.13
N THR A 70 0.70 -3.54 -12.20
CA THR A 70 1.03 -2.90 -10.94
C THR A 70 1.93 -3.78 -10.09
N LEU A 71 1.63 -5.08 -10.05
CA LEU A 71 2.47 -6.02 -9.33
C LEU A 71 3.87 -6.01 -9.91
N THR A 72 3.94 -6.01 -11.24
CA THR A 72 5.23 -5.96 -11.93
C THR A 72 6.01 -4.70 -11.54
N CYS A 73 5.33 -3.55 -11.59
CA CYS A 73 5.98 -2.28 -11.24
C CYS A 73 6.50 -2.32 -9.80
N PHE A 74 5.64 -2.75 -8.89
CA PHE A 74 5.96 -2.78 -7.48
C PHE A 74 7.18 -3.66 -7.20
N ILE A 75 7.07 -4.93 -7.53
CA ILE A 75 8.13 -5.90 -7.23
C ILE A 75 9.44 -5.47 -7.86
N TYR A 76 9.36 -5.04 -9.11
CA TYR A 76 10.54 -4.63 -9.87
C TYR A 76 11.21 -3.43 -9.22
N SER A 77 10.41 -2.48 -8.76
CA SER A 77 10.93 -1.28 -8.12
C SER A 77 11.68 -1.63 -6.84
N VAL A 78 11.04 -2.39 -5.97
CA VAL A 78 11.59 -2.71 -4.67
C VAL A 78 12.86 -3.58 -4.81
N ARG A 79 12.92 -4.37 -5.88
CA ARG A 79 14.05 -5.27 -6.07
C ARG A 79 15.24 -4.58 -6.75
N ASN A 80 15.10 -3.30 -7.09
CA ASN A 80 16.25 -2.55 -7.58
C ASN A 80 16.60 -1.41 -6.64
N ASP A 81 15.60 -0.65 -6.20
CA ASP A 81 15.81 0.40 -5.22
C ASP A 81 14.47 0.98 -4.78
N LYS A 82 14.33 1.21 -3.49
CA LYS A 82 13.07 1.68 -2.93
C LYS A 82 12.89 3.17 -3.21
N ASN A 83 12.24 3.45 -4.33
CA ASN A 83 12.06 4.82 -4.83
C ASN A 83 13.42 5.44 -5.14
N LYS A 84 13.97 5.06 -6.29
CA LYS A 84 15.32 5.47 -6.67
C LYS A 84 15.30 6.86 -7.29
N SER A 85 16.30 7.66 -6.94
CA SER A 85 16.47 8.96 -7.56
C SER A 85 17.10 8.81 -8.94
N ASP A 86 16.96 9.84 -9.76
CA ASP A 86 17.52 9.81 -11.11
C ASP A 86 19.00 10.18 -11.07
N LEU A 87 19.83 9.28 -11.58
CA LEU A 87 21.27 9.48 -11.59
C LEU A 87 21.80 9.55 -13.02
N LYS A 88 21.99 10.75 -13.51
CA LYS A 88 22.49 10.96 -14.86
C LYS A 88 24.00 10.76 -14.91
N ALA A 89 24.72 11.50 -14.06
CA ALA A 89 26.17 11.42 -13.96
C ALA A 89 26.84 11.82 -15.28
N ASP A 90 26.11 12.55 -16.11
CA ASP A 90 26.64 13.00 -17.40
C ASP A 90 27.61 14.14 -17.20
N SER A 91 27.32 14.97 -16.20
CA SER A 91 28.13 16.14 -15.86
C SER A 91 28.48 16.98 -17.09
N GLY A 92 27.50 17.73 -17.57
CA GLY A 92 27.74 18.63 -18.68
C GLY A 92 27.97 20.04 -18.18
N VAL A 93 26.89 20.67 -17.74
CA VAL A 93 26.92 22.01 -17.15
C VAL A 93 27.51 23.04 -18.12
N HIS A 94 26.65 23.63 -18.94
CA HIS A 94 27.06 24.67 -19.86
C HIS A 94 26.63 26.02 -19.32
N SER B 1 18.31 -28.25 -15.07
CA SER B 1 16.91 -28.54 -14.76
C SER B 1 15.98 -27.60 -15.51
N ASN B 2 14.76 -28.07 -15.78
CA ASN B 2 13.77 -27.24 -16.44
C ASN B 2 12.89 -26.55 -15.39
N ALA B 3 13.17 -25.28 -15.15
CA ALA B 3 12.46 -24.51 -14.14
C ALA B 3 11.15 -23.94 -14.69
N SER B 4 10.05 -24.37 -14.10
CA SER B 4 8.74 -23.90 -14.50
C SER B 4 8.21 -22.90 -13.48
N LYS B 5 8.36 -23.23 -12.21
CA LYS B 5 7.85 -22.40 -11.12
C LYS B 5 8.51 -22.77 -9.81
N HIS B 6 8.54 -24.06 -9.52
CA HIS B 6 9.12 -24.56 -8.27
C HIS B 6 10.59 -24.16 -8.16
N GLY B 7 10.85 -23.23 -7.25
CA GLY B 7 12.20 -22.74 -7.07
C GLY B 7 12.22 -21.23 -6.89
N VAL B 8 11.30 -20.54 -7.55
CA VAL B 8 11.24 -19.09 -7.49
C VAL B 8 9.83 -18.59 -7.77
N GLY B 9 9.32 -17.74 -6.90
CA GLY B 9 7.98 -17.20 -7.08
C GLY B 9 7.26 -17.01 -5.76
N THR B 10 8.00 -16.74 -4.71
CA THR B 10 7.45 -16.55 -3.38
C THR B 10 6.66 -15.25 -3.31
N GLU B 11 6.99 -14.32 -4.21
CA GLU B 11 6.28 -13.05 -4.32
C GLU B 11 4.80 -13.30 -4.61
N SER B 12 4.56 -14.25 -5.50
CA SER B 12 3.21 -14.61 -5.90
C SER B 12 2.45 -15.19 -4.71
N LEU B 13 3.15 -15.93 -3.87
CA LEU B 13 2.57 -16.51 -2.67
C LEU B 13 2.10 -15.40 -1.73
N PHE B 14 2.94 -14.39 -1.57
CA PHE B 14 2.60 -13.21 -0.79
C PHE B 14 1.28 -12.60 -1.27
N PHE B 15 1.19 -12.28 -2.56
CA PHE B 15 0.02 -11.62 -3.11
C PHE B 15 -1.22 -12.51 -3.04
N ASP B 16 -1.02 -13.82 -3.16
CA ASP B 16 -2.11 -14.78 -3.02
C ASP B 16 -2.69 -14.71 -1.61
N LYS B 17 -1.80 -14.59 -0.63
CA LYS B 17 -2.22 -14.46 0.76
C LYS B 17 -2.93 -13.13 0.99
N VAL B 18 -2.37 -12.05 0.43
CA VAL B 18 -2.99 -10.73 0.52
C VAL B 18 -4.42 -10.79 -0.03
N ARG B 19 -4.56 -11.48 -1.16
CA ARG B 19 -5.85 -11.67 -1.79
C ARG B 19 -6.84 -12.34 -0.84
N LYS B 20 -6.44 -13.48 -0.28
CA LYS B 20 -7.32 -14.28 0.55
C LYS B 20 -7.56 -13.64 1.91
N ALA B 21 -6.55 -12.95 2.43
CA ALA B 21 -6.61 -12.36 3.75
C ALA B 21 -7.51 -11.13 3.78
N LEU B 22 -7.32 -10.23 2.82
CA LEU B 22 -8.10 -9.01 2.76
C LEU B 22 -9.56 -9.31 2.39
N ARG B 23 -9.74 -10.33 1.55
CA ARG B 23 -11.07 -10.82 1.15
C ARG B 23 -11.79 -9.85 0.22
N SER B 24 -11.67 -8.56 0.50
CA SER B 24 -12.38 -7.54 -0.25
C SER B 24 -11.61 -7.16 -1.50
N ALA B 25 -12.30 -7.21 -2.63
CA ALA B 25 -11.70 -6.90 -3.92
C ALA B 25 -11.11 -5.49 -3.93
N GLU B 26 -11.87 -4.51 -3.45
CA GLU B 26 -11.43 -3.12 -3.49
C GLU B 26 -10.31 -2.88 -2.49
N ALA B 27 -10.24 -3.69 -1.45
CA ALA B 27 -9.16 -3.58 -0.48
C ALA B 27 -7.84 -4.00 -1.13
N TYR B 28 -7.89 -5.07 -1.91
CA TYR B 28 -6.73 -5.50 -2.67
C TYR B 28 -6.39 -4.45 -3.72
N GLU B 29 -7.42 -3.84 -4.28
CA GLU B 29 -7.25 -2.76 -5.23
C GLU B 29 -6.55 -1.57 -4.56
N ASN B 30 -6.97 -1.26 -3.33
CA ASN B 30 -6.35 -0.21 -2.53
C ASN B 30 -4.85 -0.45 -2.41
N PHE B 31 -4.49 -1.69 -2.11
CA PHE B 31 -3.08 -2.09 -2.04
C PHE B 31 -2.36 -1.75 -3.34
N LEU B 32 -2.97 -2.14 -4.44
CA LEU B 32 -2.40 -1.89 -5.77
C LEU B 32 -2.31 -0.40 -6.07
N ARG B 33 -3.27 0.37 -5.58
CA ARG B 33 -3.25 1.82 -5.77
C ARG B 33 -2.09 2.44 -4.99
N CYS B 34 -1.83 1.90 -3.82
CA CYS B 34 -0.68 2.32 -3.04
C CYS B 34 0.61 2.02 -3.81
N LEU B 35 0.59 0.92 -4.56
CA LEU B 35 1.74 0.52 -5.34
C LEU B 35 2.01 1.49 -6.49
N VAL B 36 0.96 1.89 -7.20
CA VAL B 36 1.12 2.80 -8.34
C VAL B 36 1.61 4.17 -7.88
N ILE B 37 1.04 4.69 -6.80
CA ILE B 37 1.47 6.00 -6.30
C ILE B 37 2.87 5.91 -5.70
N PHE B 38 3.24 4.73 -5.23
CA PHE B 38 4.60 4.48 -4.77
C PHE B 38 5.57 4.52 -5.95
N ASN B 39 5.14 3.98 -7.07
CA ASN B 39 5.99 3.92 -8.26
C ASN B 39 6.14 5.30 -8.90
N GLN B 40 5.16 6.17 -8.66
CA GLN B 40 5.16 7.50 -9.24
C GLN B 40 5.79 8.52 -8.28
N GLU B 41 6.54 8.02 -7.30
CA GLU B 41 7.27 8.87 -6.34
C GLU B 41 6.32 9.68 -5.46
N VAL B 42 5.04 9.31 -5.46
CA VAL B 42 4.05 10.04 -4.69
C VAL B 42 4.16 9.70 -3.21
N ILE B 43 4.37 8.43 -2.92
CA ILE B 43 4.57 7.99 -1.55
C ILE B 43 5.90 7.28 -1.41
N SER B 44 6.31 7.01 -0.18
CA SER B 44 7.56 6.34 0.08
C SER B 44 7.30 5.05 0.86
N ARG B 45 8.36 4.36 1.25
CA ARG B 45 8.26 3.07 1.93
C ARG B 45 7.42 3.17 3.20
N ALA B 46 7.73 4.17 4.03
CA ALA B 46 7.10 4.30 5.33
C ALA B 46 5.58 4.38 5.22
N GLU B 47 5.09 5.32 4.42
CA GLU B 47 3.66 5.49 4.25
C GLU B 47 3.04 4.33 3.48
N LEU B 48 3.79 3.74 2.55
CA LEU B 48 3.31 2.57 1.81
C LEU B 48 2.97 1.44 2.77
N VAL B 49 3.89 1.15 3.67
CA VAL B 49 3.70 0.11 4.67
C VAL B 49 2.56 0.47 5.61
N GLN B 50 2.48 1.74 5.97
CA GLN B 50 1.45 2.21 6.90
C GLN B 50 0.06 2.22 6.26
N LEU B 51 0.00 2.33 4.93
CA LEU B 51 -1.28 2.33 4.23
C LEU B 51 -1.94 0.96 4.27
N VAL B 52 -1.13 -0.07 4.11
CA VAL B 52 -1.64 -1.44 4.10
C VAL B 52 -1.63 -2.02 5.52
N SER B 53 -1.27 -1.19 6.49
CA SER B 53 -1.25 -1.60 7.89
C SER B 53 -2.64 -2.09 8.36
N PRO B 54 -3.73 -1.34 8.08
CA PRO B 54 -5.09 -1.78 8.43
C PRO B 54 -5.51 -3.07 7.73
N PHE B 55 -4.70 -3.50 6.78
CA PHE B 55 -5.04 -4.66 5.96
C PHE B 55 -4.19 -5.87 6.34
N LEU B 56 -2.87 -5.73 6.20
CA LEU B 56 -1.97 -6.85 6.45
C LEU B 56 -1.52 -6.88 7.90
N GLY B 57 -1.79 -5.80 8.63
CA GLY B 57 -1.38 -5.71 10.02
C GLY B 57 -2.11 -6.68 10.92
N LYS B 58 -3.11 -7.35 10.37
CA LYS B 58 -3.85 -8.36 11.11
C LYS B 58 -3.12 -9.69 11.02
N PHE B 59 -2.22 -9.80 10.07
CA PHE B 59 -1.51 -11.04 9.80
C PHE B 59 -0.01 -10.82 9.92
N PRO B 60 0.57 -11.17 11.08
CA PRO B 60 1.98 -10.89 11.41
C PRO B 60 2.96 -11.39 10.34
N GLU B 61 2.84 -12.65 9.97
CA GLU B 61 3.79 -13.26 9.02
C GLU B 61 3.65 -12.64 7.64
N LEU B 62 2.43 -12.22 7.30
CA LEU B 62 2.16 -11.64 6.00
C LEU B 62 2.67 -10.21 5.94
N PHE B 63 2.39 -9.46 6.99
CA PHE B 63 2.85 -8.09 7.10
C PHE B 63 4.37 -8.06 7.24
N ASN B 64 4.93 -9.09 7.86
CA ASN B 64 6.38 -9.23 7.99
C ASN B 64 7.00 -9.47 6.63
N TRP B 65 6.36 -10.32 5.83
CA TRP B 65 6.81 -10.59 4.46
C TRP B 65 6.92 -9.26 3.70
N PHE B 66 5.85 -8.47 3.79
CA PHE B 66 5.81 -7.17 3.14
C PHE B 66 6.94 -6.28 3.64
N LYS B 67 6.96 -6.02 4.94
CA LYS B 67 7.94 -5.10 5.53
C LYS B 67 9.37 -5.54 5.21
N ASN B 68 9.63 -6.84 5.27
CA ASN B 68 10.96 -7.39 4.97
C ASN B 68 11.33 -7.09 3.52
N PHE B 69 10.36 -7.18 2.63
CA PHE B 69 10.56 -6.94 1.21
C PHE B 69 10.89 -5.47 0.95
N LEU B 70 10.11 -4.58 1.55
CA LEU B 70 10.29 -3.13 1.35
C LEU B 70 11.55 -2.61 2.01
N GLY B 71 12.10 -3.39 2.94
CA GLY B 71 13.24 -2.94 3.68
C GLY B 71 12.83 -2.17 4.92
N TYR B 72 11.70 -2.54 5.49
CA TYR B 72 11.21 -1.94 6.72
C TYR B 72 11.52 -2.86 7.88
N LYS B 73 12.65 -2.60 8.54
CA LYS B 73 13.15 -3.47 9.59
C LYS B 73 12.25 -3.42 10.82
N GLU B 74 11.45 -2.36 10.90
CA GLU B 74 10.59 -2.13 12.05
C GLU B 74 11.45 -1.84 13.28
N SER B 75 12.26 -0.79 13.16
CA SER B 75 13.20 -0.39 14.20
C SER B 75 14.26 -1.46 14.41
N SER A 1 -19.06 14.20 12.45
CA SER A 1 -20.40 13.61 12.55
C SER A 1 -20.84 13.58 14.01
N ASN A 2 -22.11 13.28 14.25
CA ASN A 2 -22.63 13.22 15.62
C ASN A 2 -22.44 11.83 16.21
N ALA A 3 -22.35 10.82 15.36
CA ALA A 3 -22.12 9.46 15.81
C ALA A 3 -20.88 8.88 15.12
N GLY A 4 -19.91 8.49 15.92
CA GLY A 4 -18.69 7.91 15.39
C GLY A 4 -18.47 6.52 15.91
N SER A 5 -17.75 5.70 15.15
CA SER A 5 -17.49 4.33 15.55
C SER A 5 -16.07 3.93 15.15
N ASP A 6 -15.14 4.19 16.05
CA ASP A 6 -13.73 3.85 15.84
C ASP A 6 -13.54 2.34 15.94
N ASP A 7 -12.99 1.74 14.90
CA ASP A 7 -12.78 0.30 14.89
C ASP A 7 -11.32 -0.04 15.20
N ASP A 8 -11.14 -1.08 16.01
CA ASP A 8 -9.81 -1.57 16.35
C ASP A 8 -9.74 -3.08 16.12
N GLY A 9 -10.63 -3.58 15.28
CA GLY A 9 -10.73 -5.00 15.05
C GLY A 9 -12.00 -5.58 15.66
N GLY A 10 -13.02 -5.75 14.84
CA GLY A 10 -14.28 -6.30 15.31
C GLY A 10 -14.14 -7.76 15.75
N ASP A 11 -14.87 -8.13 16.79
CA ASP A 11 -14.82 -9.49 17.32
C ASP A 11 -15.98 -10.32 16.80
N SER A 12 -16.60 -9.86 15.72
CA SER A 12 -17.72 -10.55 15.10
C SER A 12 -17.35 -12.00 14.77
N PRO A 13 -18.21 -12.95 15.15
CA PRO A 13 -18.01 -14.39 14.88
C PRO A 13 -17.78 -14.65 13.39
N VAL A 14 -16.68 -15.36 13.09
CA VAL A 14 -16.26 -15.59 11.71
C VAL A 14 -15.97 -14.27 11.01
N GLN A 15 -14.74 -13.80 11.14
CA GLN A 15 -14.34 -12.52 10.57
C GLN A 15 -13.82 -12.71 9.15
N ASP A 16 -14.72 -12.53 8.18
CA ASP A 16 -14.37 -12.61 6.78
C ASP A 16 -14.08 -11.21 6.23
N ILE A 17 -14.57 -10.20 6.97
CA ILE A 17 -14.36 -8.79 6.65
C ILE A 17 -15.15 -8.37 5.41
N ASP A 18 -15.64 -7.15 5.43
CA ASP A 18 -16.32 -6.57 4.27
C ASP A 18 -15.30 -5.90 3.37
N THR A 19 -14.69 -4.85 3.89
CA THR A 19 -13.63 -4.13 3.20
C THR A 19 -12.84 -3.32 4.21
N PRO A 20 -11.55 -3.67 4.42
CA PRO A 20 -10.67 -2.93 5.32
C PRO A 20 -10.45 -1.50 4.83
N GLU A 21 -10.50 -0.56 5.74
CA GLU A 21 -10.39 0.85 5.38
C GLU A 21 -8.97 1.35 5.52
N VAL A 22 -8.53 2.06 4.51
CA VAL A 22 -7.21 2.66 4.51
C VAL A 22 -7.29 4.09 5.04
N ASP A 23 -6.88 4.27 6.28
CA ASP A 23 -6.82 5.59 6.89
C ASP A 23 -5.67 6.40 6.28
N LEU A 24 -6.01 7.51 5.64
CA LEU A 24 -5.01 8.37 5.02
C LEU A 24 -4.64 9.52 5.94
N TYR A 25 -5.22 9.53 7.12
CA TYR A 25 -4.96 10.58 8.10
C TYR A 25 -3.66 10.29 8.83
N GLN A 26 -3.31 9.02 8.89
CA GLN A 26 -2.09 8.57 9.54
C GLN A 26 -0.85 9.03 8.77
N LEU A 27 -1.04 9.35 7.49
CA LEU A 27 0.07 9.68 6.62
C LEU A 27 0.66 11.05 6.93
N GLN A 28 1.84 11.29 6.37
CA GLN A 28 2.49 12.59 6.50
C GLN A 28 1.79 13.64 5.66
N VAL A 29 1.90 14.89 6.07
CA VAL A 29 1.30 16.00 5.33
C VAL A 29 1.90 16.10 3.94
N ASN A 30 3.22 16.01 3.88
CA ASN A 30 3.94 16.08 2.60
C ASN A 30 3.52 14.92 1.70
N THR A 31 3.22 13.78 2.31
CA THR A 31 2.78 12.60 1.57
C THR A 31 1.48 12.87 0.82
N LEU A 32 0.49 13.39 1.54
CA LEU A 32 -0.80 13.70 0.96
C LEU A 32 -0.68 14.79 -0.10
N ARG A 33 0.16 15.77 0.18
CA ARG A 33 0.39 16.87 -0.76
C ARG A 33 1.11 16.37 -2.01
N ARG A 34 1.93 15.33 -1.84
CA ARG A 34 2.69 14.77 -2.94
C ARG A 34 1.75 14.04 -3.88
N TYR A 35 0.79 13.32 -3.31
CA TYR A 35 -0.27 12.69 -4.09
C TYR A 35 -1.02 13.72 -4.91
N LYS A 36 -1.47 14.77 -4.24
CA LYS A 36 -2.24 15.83 -4.88
C LYS A 36 -1.46 16.50 -6.00
N ARG A 37 -0.16 16.61 -5.84
CA ARG A 37 0.69 17.24 -6.84
C ARG A 37 0.94 16.30 -8.02
N HIS A 38 1.23 15.04 -7.71
CA HIS A 38 1.51 14.06 -8.76
C HIS A 38 0.29 13.78 -9.63
N PHE A 39 -0.87 13.64 -8.98
CA PHE A 39 -2.09 13.30 -9.71
C PHE A 39 -2.86 14.56 -10.11
N LYS A 40 -2.32 15.73 -9.74
CA LYS A 40 -2.92 17.03 -10.08
C LYS A 40 -4.36 17.13 -9.55
N LEU A 41 -4.48 17.43 -8.26
CA LEU A 41 -5.80 17.57 -7.65
C LEU A 41 -6.14 19.04 -7.43
N PRO A 42 -7.24 19.49 -8.05
CA PRO A 42 -7.67 20.89 -8.03
C PRO A 42 -8.15 21.33 -6.65
N THR A 43 -7.62 22.45 -6.19
CA THR A 43 -7.97 22.99 -4.89
C THR A 43 -7.22 24.31 -4.65
N ARG A 44 -7.61 25.01 -3.59
CA ARG A 44 -6.97 26.27 -3.23
C ARG A 44 -5.70 26.01 -2.43
N PRO A 45 -4.69 26.88 -2.59
CA PRO A 45 -3.43 26.74 -1.86
C PRO A 45 -3.58 27.03 -0.36
N GLY A 46 -3.03 26.15 0.46
CA GLY A 46 -3.06 26.34 1.90
C GLY A 46 -4.12 25.49 2.57
N LEU A 47 -4.06 24.19 2.36
CA LEU A 47 -5.01 23.26 2.93
C LEU A 47 -4.47 22.68 4.22
N ASN A 48 -5.38 22.38 5.15
CA ASN A 48 -5.00 21.72 6.40
C ASN A 48 -4.95 20.21 6.22
N LYS A 49 -4.57 19.50 7.28
CA LYS A 49 -4.42 18.05 7.24
C LYS A 49 -5.72 17.36 6.82
N ALA A 50 -6.82 17.70 7.50
CA ALA A 50 -8.11 17.09 7.22
C ALA A 50 -8.52 17.31 5.78
N GLN A 51 -8.26 18.51 5.27
CA GLN A 51 -8.57 18.87 3.91
C GLN A 51 -7.84 17.95 2.94
N LEU A 52 -6.54 17.78 3.18
CA LEU A 52 -5.70 16.94 2.34
C LEU A 52 -6.20 15.50 2.33
N VAL A 53 -6.46 14.96 3.52
CA VAL A 53 -6.86 13.56 3.66
C VAL A 53 -8.12 13.27 2.87
N GLU A 54 -9.12 14.13 3.01
CA GLU A 54 -10.41 13.92 2.34
C GLU A 54 -10.28 14.06 0.83
N ILE A 55 -9.48 15.03 0.39
CA ILE A 55 -9.26 15.23 -1.04
C ILE A 55 -8.48 14.05 -1.63
N VAL A 56 -7.39 13.66 -0.97
CA VAL A 56 -6.60 12.52 -1.41
C VAL A 56 -7.47 11.28 -1.49
N GLY A 57 -8.25 11.03 -0.44
CA GLY A 57 -9.12 9.88 -0.41
C GLY A 57 -10.17 9.91 -1.51
N CYS A 58 -10.65 11.10 -1.83
CA CYS A 58 -11.65 11.27 -2.87
C CYS A 58 -11.10 10.83 -4.23
N HIS A 59 -9.85 11.15 -4.49
CA HIS A 59 -9.21 10.74 -5.75
C HIS A 59 -8.63 9.34 -5.65
N PHE A 60 -8.19 8.96 -4.46
CA PHE A 60 -7.51 7.69 -4.23
C PHE A 60 -8.42 6.50 -4.50
N LYS A 61 -9.68 6.61 -4.08
CA LYS A 61 -10.62 5.49 -4.24
C LYS A 61 -11.07 5.34 -5.70
N SER A 62 -10.67 6.27 -6.55
CA SER A 62 -11.09 6.25 -7.94
C SER A 62 -9.93 5.95 -8.89
N ILE A 63 -8.89 5.31 -8.37
CA ILE A 63 -7.75 4.94 -9.19
C ILE A 63 -8.00 3.61 -9.93
N PRO A 64 -8.06 3.65 -11.26
CA PRO A 64 -8.18 2.45 -12.09
C PRO A 64 -6.87 1.68 -12.13
N VAL A 65 -6.81 0.57 -11.42
CA VAL A 65 -5.57 -0.16 -11.27
C VAL A 65 -5.58 -1.47 -12.05
N ASN A 66 -4.44 -1.83 -12.62
CA ASN A 66 -4.29 -3.10 -13.34
C ASN A 66 -3.39 -4.04 -12.56
N GLU A 67 -3.97 -5.13 -12.08
CA GLU A 67 -3.29 -6.09 -11.22
C GLU A 67 -1.90 -6.47 -11.74
N LYS A 68 -1.84 -7.03 -12.94
CA LYS A 68 -0.59 -7.56 -13.47
C LYS A 68 0.49 -6.49 -13.60
N ASP A 69 0.16 -5.39 -14.28
CA ASP A 69 1.14 -4.33 -14.54
C ASP A 69 1.59 -3.69 -13.23
N THR A 70 0.64 -3.50 -12.32
CA THR A 70 0.93 -2.88 -11.04
C THR A 70 1.89 -3.72 -10.21
N LEU A 71 1.65 -5.03 -10.18
CA LEU A 71 2.55 -5.95 -9.48
C LEU A 71 3.94 -5.88 -10.09
N THR A 72 3.99 -5.89 -11.41
CA THR A 72 5.25 -5.82 -12.13
C THR A 72 6.03 -4.56 -11.74
N CYS A 73 5.33 -3.43 -11.73
CA CYS A 73 5.94 -2.15 -11.38
C CYS A 73 6.49 -2.17 -9.96
N PHE A 74 5.66 -2.58 -9.02
CA PHE A 74 6.04 -2.61 -7.61
C PHE A 74 7.25 -3.52 -7.39
N ILE A 75 7.16 -4.74 -7.91
CA ILE A 75 8.23 -5.72 -7.71
C ILE A 75 9.56 -5.20 -8.23
N TYR A 76 9.57 -4.70 -9.46
CA TYR A 76 10.79 -4.18 -10.08
C TYR A 76 11.32 -2.98 -9.31
N SER A 77 10.44 -2.18 -8.74
CA SER A 77 10.85 -1.03 -7.96
C SER A 77 11.52 -1.46 -6.65
N VAL A 78 10.86 -2.31 -5.89
CA VAL A 78 11.37 -2.72 -4.58
C VAL A 78 12.64 -3.57 -4.75
N ARG A 79 12.78 -4.22 -5.90
CA ARG A 79 13.99 -4.99 -6.19
C ARG A 79 15.09 -4.13 -6.82
N ASN A 80 14.80 -2.84 -7.00
CA ASN A 80 15.80 -1.92 -7.56
C ASN A 80 15.78 -0.59 -6.82
N ASP A 81 14.87 0.29 -7.19
CA ASP A 81 14.75 1.60 -6.57
C ASP A 81 13.38 1.76 -5.92
N LYS A 82 13.35 1.75 -4.60
CA LYS A 82 12.10 1.84 -3.84
C LYS A 82 11.32 3.10 -4.24
N ASN A 83 11.96 4.25 -4.10
CA ASN A 83 11.35 5.53 -4.48
C ASN A 83 12.43 6.59 -4.64
N LYS A 84 13.62 6.15 -5.01
CA LYS A 84 14.77 7.03 -5.12
C LYS A 84 15.53 6.75 -6.40
N SER A 85 16.62 7.46 -6.63
CA SER A 85 17.44 7.25 -7.81
C SER A 85 18.89 7.63 -7.54
N ASP A 86 19.72 6.61 -7.30
CA ASP A 86 21.14 6.84 -7.07
C ASP A 86 22.00 5.92 -7.95
N LEU A 87 21.35 5.13 -8.80
CA LEU A 87 22.06 4.24 -9.71
C LEU A 87 22.34 4.95 -11.02
N LYS A 88 23.55 5.48 -11.14
CA LYS A 88 23.97 6.17 -12.34
C LYS A 88 25.01 5.35 -13.08
N ALA A 89 24.58 4.68 -14.15
CA ALA A 89 25.48 3.88 -14.96
C ALA A 89 26.11 4.72 -16.05
N ASP A 90 27.20 4.21 -16.63
CA ASP A 90 27.89 4.91 -17.70
C ASP A 90 27.28 4.54 -19.05
N SER A 91 27.88 5.04 -20.12
CA SER A 91 27.40 4.74 -21.46
C SER A 91 28.58 4.69 -22.43
N GLY A 92 28.95 3.49 -22.83
CA GLY A 92 30.08 3.33 -23.74
C GLY A 92 29.63 3.15 -25.18
N VAL A 93 30.53 3.40 -26.12
CA VAL A 93 30.21 3.26 -27.53
C VAL A 93 30.35 1.80 -27.96
N HIS A 94 31.26 1.09 -27.31
CA HIS A 94 31.52 -0.30 -27.63
C HIS A 94 32.01 -1.03 -26.38
N SER B 1 3.57 -27.53 -11.01
CA SER B 1 4.62 -27.67 -9.98
C SER B 1 6.00 -27.42 -10.58
N ASN B 2 6.32 -28.18 -11.62
CA ASN B 2 7.60 -28.04 -12.31
C ASN B 2 7.50 -26.98 -13.40
N ALA B 3 8.24 -25.89 -13.24
CA ALA B 3 8.26 -24.84 -14.22
C ALA B 3 9.67 -24.62 -14.75
N SER B 4 10.64 -24.83 -13.86
CA SER B 4 12.06 -24.70 -14.19
C SER B 4 12.38 -23.31 -14.73
N LYS B 5 11.98 -22.29 -13.97
CA LYS B 5 12.22 -20.92 -14.37
C LYS B 5 12.92 -20.15 -13.25
N HIS B 6 13.36 -18.94 -13.54
CA HIS B 6 14.06 -18.13 -12.56
C HIS B 6 13.59 -16.68 -12.62
N GLY B 7 13.83 -15.92 -11.56
CA GLY B 7 13.48 -14.52 -11.55
C GLY B 7 12.72 -14.14 -10.30
N VAL B 8 11.41 -14.36 -10.33
CA VAL B 8 10.56 -14.02 -9.21
C VAL B 8 9.88 -15.27 -8.67
N GLY B 9 9.37 -15.19 -7.44
CA GLY B 9 8.66 -16.31 -6.86
C GLY B 9 8.11 -15.97 -5.49
N THR B 10 9.00 -15.52 -4.61
CA THR B 10 8.62 -15.14 -3.26
C THR B 10 7.65 -13.95 -3.26
N GLU B 11 7.87 -13.03 -4.19
CA GLU B 11 6.99 -11.88 -4.34
C GLU B 11 5.61 -12.32 -4.83
N SER B 12 5.60 -13.23 -5.79
CA SER B 12 4.34 -13.78 -6.29
C SER B 12 3.64 -14.57 -5.19
N LEU B 13 4.45 -15.23 -4.35
CA LEU B 13 3.95 -15.93 -3.18
C LEU B 13 3.15 -14.98 -2.30
N PHE B 14 3.78 -13.86 -1.96
CA PHE B 14 3.14 -12.81 -1.17
C PHE B 14 1.83 -12.35 -1.79
N PHE B 15 1.86 -11.98 -3.07
CA PHE B 15 0.69 -11.41 -3.74
C PHE B 15 -0.46 -12.40 -3.82
N ASP B 16 -0.16 -13.68 -4.01
CA ASP B 16 -1.19 -14.71 -4.02
C ASP B 16 -1.84 -14.80 -2.65
N LYS B 17 -1.02 -14.76 -1.61
CA LYS B 17 -1.51 -14.75 -0.24
C LYS B 17 -2.38 -13.51 -0.02
N VAL B 18 -1.90 -12.36 -0.47
CA VAL B 18 -2.66 -11.12 -0.36
C VAL B 18 -4.00 -11.24 -1.09
N ARG B 19 -3.96 -11.89 -2.25
CA ARG B 19 -5.15 -12.12 -3.06
C ARG B 19 -6.24 -12.83 -2.25
N LYS B 20 -5.86 -13.89 -1.54
CA LYS B 20 -6.83 -14.64 -0.75
C LYS B 20 -7.07 -14.00 0.61
N ALA B 21 -6.04 -13.42 1.19
CA ALA B 21 -6.12 -12.86 2.54
C ALA B 21 -7.05 -11.64 2.60
N LEU B 22 -6.87 -10.70 1.69
CA LEU B 22 -7.69 -9.49 1.68
C LEU B 22 -9.14 -9.83 1.33
N ARG B 23 -9.31 -10.84 0.47
CA ARG B 23 -10.63 -11.36 0.08
C ARG B 23 -11.43 -10.35 -0.76
N SER B 24 -11.66 -9.17 -0.22
CA SER B 24 -12.39 -8.14 -0.91
C SER B 24 -11.61 -7.65 -2.12
N ALA B 25 -12.26 -7.60 -3.27
CA ALA B 25 -11.62 -7.14 -4.49
C ALA B 25 -11.30 -5.66 -4.41
N GLU B 26 -12.13 -4.92 -3.68
CA GLU B 26 -11.90 -3.50 -3.45
C GLU B 26 -10.71 -3.31 -2.54
N ALA B 27 -10.57 -4.20 -1.57
CA ALA B 27 -9.44 -4.18 -0.65
C ALA B 27 -8.15 -4.48 -1.40
N TYR B 28 -8.18 -5.51 -2.23
CA TYR B 28 -7.03 -5.88 -3.03
C TYR B 28 -6.70 -4.77 -4.03
N GLU B 29 -7.74 -4.18 -4.60
CA GLU B 29 -7.60 -3.04 -5.50
C GLU B 29 -6.91 -1.89 -4.77
N ASN B 30 -7.32 -1.65 -3.53
CA ASN B 30 -6.76 -0.60 -2.72
C ASN B 30 -5.26 -0.82 -2.50
N PHE B 31 -4.91 -2.06 -2.21
CA PHE B 31 -3.50 -2.45 -2.09
C PHE B 31 -2.74 -2.11 -3.36
N LEU B 32 -3.33 -2.45 -4.50
CA LEU B 32 -2.72 -2.20 -5.79
C LEU B 32 -2.60 -0.70 -6.06
N ARG B 33 -3.57 0.07 -5.57
CA ARG B 33 -3.52 1.52 -5.70
C ARG B 33 -2.36 2.08 -4.88
N CYS B 34 -2.12 1.48 -3.72
CA CYS B 34 -0.95 1.82 -2.92
C CYS B 34 0.31 1.53 -3.72
N LEU B 35 0.30 0.44 -4.48
CA LEU B 35 1.44 0.05 -5.28
C LEU B 35 1.74 1.07 -6.37
N VAL B 36 0.71 1.51 -7.10
CA VAL B 36 0.91 2.46 -8.19
C VAL B 36 1.42 3.79 -7.69
N ILE B 37 0.89 4.28 -6.55
CA ILE B 37 1.36 5.54 -6.01
C ILE B 37 2.78 5.41 -5.46
N PHE B 38 3.11 4.26 -4.89
CA PHE B 38 4.48 3.99 -4.47
C PHE B 38 5.42 4.01 -5.69
N ASN B 39 4.98 3.33 -6.75
CA ASN B 39 5.76 3.24 -7.99
C ASN B 39 5.99 4.61 -8.62
N GLN B 40 5.00 5.49 -8.49
CA GLN B 40 5.08 6.82 -9.08
C GLN B 40 5.76 7.81 -8.13
N GLU B 41 6.40 7.29 -7.09
CA GLU B 41 7.17 8.10 -6.13
C GLU B 41 6.25 9.06 -5.38
N VAL B 42 4.97 8.71 -5.31
CA VAL B 42 3.97 9.54 -4.64
C VAL B 42 4.09 9.40 -3.13
N ILE B 43 4.35 8.19 -2.67
CA ILE B 43 4.52 7.95 -1.24
C ILE B 43 5.77 7.12 -1.00
N SER B 44 6.29 7.18 0.22
CA SER B 44 7.53 6.50 0.56
C SER B 44 7.26 5.12 1.18
N ARG B 45 8.35 4.43 1.56
CA ARG B 45 8.28 3.06 2.07
C ARG B 45 7.34 2.97 3.29
N ALA B 46 7.61 3.79 4.30
CA ALA B 46 6.84 3.75 5.53
C ALA B 46 5.37 4.00 5.29
N GLU B 47 5.06 4.92 4.38
CA GLU B 47 3.66 5.26 4.08
C GLU B 47 2.93 4.05 3.52
N LEU B 48 3.60 3.32 2.62
CA LEU B 48 3.04 2.10 2.04
C LEU B 48 2.73 1.09 3.14
N VAL B 49 3.72 0.87 3.97
CA VAL B 49 3.64 -0.10 5.06
C VAL B 49 2.51 0.25 6.04
N GLN B 50 2.30 1.55 6.25
CA GLN B 50 1.28 2.00 7.18
C GLN B 50 -0.12 1.95 6.56
N LEU B 51 -0.21 2.24 5.26
CA LEU B 51 -1.50 2.22 4.57
C LEU B 51 -2.06 0.81 4.47
N VAL B 52 -1.19 -0.15 4.22
CA VAL B 52 -1.60 -1.53 4.10
C VAL B 52 -1.66 -2.21 5.47
N SER B 53 -1.36 -1.45 6.53
CA SER B 53 -1.39 -1.96 7.90
C SER B 53 -2.80 -2.45 8.29
N PRO B 54 -3.88 -1.67 8.03
CA PRO B 54 -5.25 -2.11 8.29
C PRO B 54 -5.65 -3.33 7.47
N PHE B 55 -4.78 -3.72 6.54
CA PHE B 55 -5.04 -4.87 5.68
C PHE B 55 -4.22 -6.08 6.13
N LEU B 56 -2.90 -5.92 6.16
CA LEU B 56 -2.01 -7.03 6.47
C LEU B 56 -1.76 -7.15 7.97
N GLY B 57 -2.35 -6.25 8.74
CA GLY B 57 -2.15 -6.24 10.18
C GLY B 57 -2.74 -7.47 10.86
N LYS B 58 -3.65 -8.15 10.16
CA LYS B 58 -4.25 -9.36 10.69
C LYS B 58 -3.45 -10.57 10.24
N PHE B 59 -2.43 -10.32 9.44
CA PHE B 59 -1.62 -11.38 8.86
C PHE B 59 -0.15 -11.10 9.14
N PRO B 60 0.33 -11.53 10.33
CA PRO B 60 1.70 -11.27 10.78
C PRO B 60 2.75 -11.66 9.76
N GLU B 61 2.60 -12.85 9.17
CA GLU B 61 3.52 -13.34 8.17
C GLU B 61 3.59 -12.39 6.97
N LEU B 62 2.43 -11.97 6.50
CA LEU B 62 2.34 -11.14 5.31
C LEU B 62 2.89 -9.74 5.58
N PHE B 63 2.57 -9.21 6.76
CA PHE B 63 3.05 -7.90 7.16
C PHE B 63 4.56 -7.92 7.33
N ASN B 64 5.08 -8.98 7.94
CA ASN B 64 6.51 -9.15 8.15
C ASN B 64 7.23 -9.25 6.81
N TRP B 65 6.67 -10.04 5.91
CA TRP B 65 7.23 -10.21 4.57
C TRP B 65 7.35 -8.87 3.87
N PHE B 66 6.27 -8.09 3.91
CA PHE B 66 6.22 -6.80 3.25
C PHE B 66 7.32 -5.87 3.77
N LYS B 67 7.44 -5.82 5.09
CA LYS B 67 8.47 -5.00 5.73
C LYS B 67 9.87 -5.47 5.31
N ASN B 68 10.05 -6.78 5.27
CA ASN B 68 11.34 -7.37 4.93
C ASN B 68 11.72 -7.07 3.49
N PHE B 69 10.76 -7.20 2.58
CA PHE B 69 11.00 -6.98 1.16
C PHE B 69 11.34 -5.51 0.90
N LEU B 70 10.57 -4.62 1.51
CA LEU B 70 10.78 -3.18 1.35
C LEU B 70 12.04 -2.70 2.06
N GLY B 71 12.42 -3.43 3.10
CA GLY B 71 13.58 -3.03 3.88
C GLY B 71 13.22 -2.06 4.98
N TYR B 72 12.05 -2.28 5.57
CA TYR B 72 11.55 -1.43 6.64
C TYR B 72 11.99 -2.00 7.98
N LYS B 73 12.82 -1.24 8.69
CA LYS B 73 13.36 -1.69 9.96
C LYS B 73 13.25 -0.59 11.01
N GLU B 74 12.40 0.38 10.74
CA GLU B 74 12.18 1.51 11.65
C GLU B 74 11.16 1.15 12.73
N SER B 75 10.99 -0.13 12.97
CA SER B 75 10.04 -0.61 13.95
C SER B 75 10.71 -1.55 14.94
N SER A 1 -20.99 -22.35 26.74
CA SER A 1 -19.94 -21.38 26.37
C SER A 1 -19.97 -20.19 27.31
N ASN A 2 -18.82 -19.88 27.91
CA ASN A 2 -18.72 -18.80 28.88
C ASN A 2 -18.77 -17.45 28.20
N ALA A 3 -18.07 -17.32 27.08
CA ALA A 3 -18.04 -16.08 26.34
C ALA A 3 -18.45 -16.31 24.89
N GLY A 4 -17.58 -16.93 24.11
CA GLY A 4 -17.85 -17.16 22.71
C GLY A 4 -18.02 -15.87 21.94
N SER A 5 -18.87 -15.89 20.92
CA SER A 5 -19.15 -14.70 20.14
C SER A 5 -20.15 -13.82 20.88
N ASP A 6 -19.77 -12.58 21.14
CA ASP A 6 -20.61 -11.65 21.89
C ASP A 6 -20.35 -10.23 21.43
N ASP A 7 -19.18 -9.72 21.79
CA ASP A 7 -18.77 -8.36 21.44
C ASP A 7 -17.32 -8.19 21.87
N ASP A 8 -16.73 -7.04 21.54
CA ASP A 8 -15.34 -6.72 21.91
C ASP A 8 -14.34 -7.59 21.16
N GLY A 9 -13.60 -6.95 20.26
CA GLY A 9 -12.58 -7.65 19.51
C GLY A 9 -11.28 -6.88 19.49
N GLY A 10 -10.19 -7.56 19.15
CA GLY A 10 -8.90 -6.91 19.10
C GLY A 10 -8.69 -6.20 17.77
N ASP A 11 -8.76 -4.87 17.80
CA ASP A 11 -8.67 -4.03 16.60
C ASP A 11 -9.93 -4.17 15.75
N SER A 12 -10.14 -5.35 15.21
CA SER A 12 -11.31 -5.63 14.40
C SER A 12 -12.25 -6.58 15.15
N PRO A 13 -13.35 -6.04 15.71
CA PRO A 13 -14.32 -6.84 16.46
C PRO A 13 -15.08 -7.82 15.56
N VAL A 14 -15.40 -7.36 14.35
CA VAL A 14 -16.12 -8.18 13.39
C VAL A 14 -15.18 -9.19 12.75
N GLN A 15 -15.45 -10.47 12.95
CA GLN A 15 -14.62 -11.52 12.40
C GLN A 15 -15.08 -11.86 10.99
N ASP A 16 -14.14 -12.29 10.15
CA ASP A 16 -14.38 -12.59 8.75
C ASP A 16 -14.68 -11.30 7.98
N ILE A 17 -13.70 -10.82 7.23
CA ILE A 17 -13.81 -9.54 6.56
C ILE A 17 -14.58 -9.61 5.26
N ASP A 18 -15.41 -8.61 5.04
CA ASP A 18 -16.04 -8.40 3.74
C ASP A 18 -15.12 -7.50 2.92
N THR A 19 -14.82 -6.34 3.51
CA THR A 19 -13.96 -5.34 2.89
C THR A 19 -13.37 -4.45 3.98
N PRO A 20 -12.07 -4.59 4.29
CA PRO A 20 -11.39 -3.72 5.25
C PRO A 20 -11.21 -2.32 4.69
N GLU A 21 -10.94 -1.36 5.56
CA GLU A 21 -10.87 0.04 5.15
C GLU A 21 -9.45 0.59 5.31
N VAL A 22 -9.08 1.48 4.41
CA VAL A 22 -7.78 2.12 4.46
C VAL A 22 -7.91 3.57 4.91
N ASP A 23 -7.20 3.91 5.96
CA ASP A 23 -7.17 5.29 6.42
C ASP A 23 -6.06 6.06 5.73
N LEU A 24 -6.37 7.25 5.28
CA LEU A 24 -5.40 8.11 4.63
C LEU A 24 -5.12 9.35 5.45
N TYR A 25 -5.78 9.43 6.61
CA TYR A 25 -5.58 10.54 7.52
C TYR A 25 -4.26 10.35 8.26
N GLN A 26 -3.85 9.09 8.35
CA GLN A 26 -2.57 8.71 8.93
C GLN A 26 -1.40 9.21 8.08
N LEU A 27 -1.63 9.41 6.79
CA LEU A 27 -0.58 9.83 5.88
C LEU A 27 -0.03 11.19 6.28
N GLN A 28 1.26 11.40 6.04
CA GLN A 28 1.89 12.68 6.30
C GLN A 28 1.26 13.76 5.45
N VAL A 29 1.17 14.97 6.01
CA VAL A 29 0.59 16.10 5.31
C VAL A 29 1.33 16.36 3.99
N ASN A 30 2.64 16.14 4.00
CA ASN A 30 3.45 16.31 2.79
C ASN A 30 3.19 15.17 1.80
N THR A 31 2.92 13.98 2.30
CA THR A 31 2.64 12.83 1.45
C THR A 31 1.33 13.07 0.69
N LEU A 32 0.35 13.64 1.39
CA LEU A 32 -0.92 14.02 0.77
C LEU A 32 -0.70 15.12 -0.26
N ARG A 33 0.19 16.03 0.10
CA ARG A 33 0.57 17.12 -0.78
C ARG A 33 1.24 16.58 -2.04
N ARG A 34 2.04 15.54 -1.88
CA ARG A 34 2.76 14.94 -2.98
C ARG A 34 1.77 14.25 -3.92
N TYR A 35 0.83 13.51 -3.33
CA TYR A 35 -0.23 12.85 -4.08
C TYR A 35 -0.95 13.83 -5.01
N LYS A 36 -1.52 14.88 -4.44
CA LYS A 36 -2.33 15.80 -5.22
C LYS A 36 -1.50 16.61 -6.22
N ARG A 37 -0.26 16.90 -5.87
CA ARG A 37 0.60 17.67 -6.76
C ARG A 37 1.06 16.81 -7.94
N HIS A 38 1.30 15.53 -7.68
CA HIS A 38 1.80 14.63 -8.70
C HIS A 38 0.69 14.22 -9.66
N PHE A 39 -0.54 14.15 -9.15
CA PHE A 39 -1.70 13.80 -9.98
C PHE A 39 -2.39 15.05 -10.52
N LYS A 40 -1.91 16.21 -10.11
CA LYS A 40 -2.48 17.50 -10.55
C LYS A 40 -3.95 17.62 -10.15
N LEU A 41 -4.19 17.56 -8.86
CA LEU A 41 -5.55 17.67 -8.33
C LEU A 41 -5.87 19.13 -8.01
N PRO A 42 -7.08 19.57 -8.39
CA PRO A 42 -7.49 20.96 -8.18
C PRO A 42 -7.53 21.33 -6.70
N THR A 43 -6.82 22.38 -6.35
CA THR A 43 -6.75 22.83 -4.97
C THR A 43 -6.95 24.34 -4.88
N ARG A 44 -7.22 24.80 -3.67
CA ARG A 44 -7.36 26.22 -3.39
C ARG A 44 -6.44 26.60 -2.23
N PRO A 45 -5.87 27.80 -2.26
CA PRO A 45 -4.93 28.26 -1.24
C PRO A 45 -5.54 28.28 0.16
N GLY A 46 -4.83 27.70 1.12
CA GLY A 46 -5.32 27.65 2.48
C GLY A 46 -5.78 26.27 2.86
N LEU A 47 -5.08 25.26 2.36
CA LEU A 47 -5.44 23.88 2.62
C LEU A 47 -5.09 23.46 4.05
N ASN A 48 -5.60 22.31 4.44
CA ASN A 48 -5.40 21.77 5.78
C ASN A 48 -5.12 20.27 5.70
N LYS A 49 -4.48 19.72 6.72
CA LYS A 49 -4.20 18.28 6.80
C LYS A 49 -5.44 17.46 6.44
N ALA A 50 -6.55 17.74 7.10
CA ALA A 50 -7.80 17.04 6.88
C ALA A 50 -8.29 17.22 5.45
N GLN A 51 -8.18 18.44 4.94
CA GLN A 51 -8.63 18.75 3.58
C GLN A 51 -7.81 17.98 2.56
N LEU A 52 -6.53 17.84 2.85
CA LEU A 52 -5.65 17.09 1.97
C LEU A 52 -6.06 15.63 1.93
N VAL A 53 -6.41 15.09 3.09
CA VAL A 53 -6.89 13.72 3.22
C VAL A 53 -8.18 13.53 2.44
N GLU A 54 -9.07 14.50 2.51
CA GLU A 54 -10.33 14.43 1.78
C GLU A 54 -10.08 14.34 0.28
N ILE A 55 -9.25 15.24 -0.24
CA ILE A 55 -8.91 15.26 -1.66
C ILE A 55 -8.22 13.96 -2.07
N VAL A 56 -7.25 13.52 -1.27
CA VAL A 56 -6.51 12.30 -1.56
C VAL A 56 -7.45 11.10 -1.53
N GLY A 57 -8.25 10.99 -0.48
CA GLY A 57 -9.16 9.88 -0.33
C GLY A 57 -10.20 9.83 -1.43
N CYS A 58 -10.69 11.00 -1.82
CA CYS A 58 -11.70 11.11 -2.86
C CYS A 58 -11.16 10.57 -4.18
N HIS A 59 -9.93 10.92 -4.52
CA HIS A 59 -9.34 10.46 -5.78
C HIS A 59 -8.76 9.06 -5.64
N PHE A 60 -8.32 8.71 -4.43
CA PHE A 60 -7.76 7.40 -4.14
C PHE A 60 -8.77 6.31 -4.43
N LYS A 61 -10.02 6.57 -4.06
CA LYS A 61 -11.09 5.62 -4.29
C LYS A 61 -11.55 5.62 -5.74
N SER A 62 -10.81 6.31 -6.61
CA SER A 62 -11.16 6.39 -8.02
C SER A 62 -9.95 6.09 -8.91
N ILE A 63 -8.89 5.52 -8.33
CA ILE A 63 -7.69 5.22 -9.10
C ILE A 63 -7.86 3.90 -9.87
N PRO A 64 -7.75 3.98 -11.21
CA PRO A 64 -7.79 2.79 -12.06
C PRO A 64 -6.48 2.01 -11.98
N VAL A 65 -6.57 0.73 -11.64
CA VAL A 65 -5.38 -0.05 -11.38
C VAL A 65 -5.51 -1.49 -11.91
N ASN A 66 -4.51 -1.90 -12.68
CA ASN A 66 -4.46 -3.26 -13.23
C ASN A 66 -3.55 -4.13 -12.37
N GLU A 67 -4.07 -5.29 -11.94
CA GLU A 67 -3.35 -6.19 -11.04
C GLU A 67 -1.96 -6.57 -11.58
N LYS A 68 -1.95 -7.20 -12.75
CA LYS A 68 -0.71 -7.73 -13.34
C LYS A 68 0.36 -6.65 -13.46
N ASP A 69 0.02 -5.57 -14.18
CA ASP A 69 0.97 -4.49 -14.45
C ASP A 69 1.46 -3.84 -13.16
N THR A 70 0.54 -3.59 -12.24
CA THR A 70 0.85 -2.90 -11.00
C THR A 70 1.78 -3.73 -10.12
N LEU A 71 1.52 -5.04 -10.02
CA LEU A 71 2.40 -5.92 -9.27
C LEU A 71 3.80 -5.87 -9.88
N THR A 72 3.85 -5.96 -11.20
CA THR A 72 5.12 -5.94 -11.91
C THR A 72 5.86 -4.62 -11.69
N CYS A 73 5.13 -3.52 -11.68
CA CYS A 73 5.72 -2.20 -11.45
C CYS A 73 6.33 -2.13 -10.05
N PHE A 74 5.53 -2.48 -9.05
CA PHE A 74 5.97 -2.43 -7.66
C PHE A 74 7.21 -3.28 -7.45
N ILE A 75 7.09 -4.57 -7.77
CA ILE A 75 8.17 -5.52 -7.54
C ILE A 75 9.46 -5.03 -8.21
N TYR A 76 9.37 -4.77 -9.51
CA TYR A 76 10.53 -4.40 -10.32
C TYR A 76 11.22 -3.16 -9.75
N SER A 77 10.43 -2.20 -9.29
CA SER A 77 10.97 -0.97 -8.74
C SER A 77 11.71 -1.22 -7.43
N VAL A 78 11.08 -1.94 -6.50
CA VAL A 78 11.67 -2.19 -5.19
C VAL A 78 12.89 -3.12 -5.30
N ARG A 79 12.93 -3.90 -6.38
CA ARG A 79 14.08 -4.74 -6.69
C ARG A 79 15.27 -3.86 -7.11
N ASN A 80 14.96 -2.70 -7.66
CA ASN A 80 15.98 -1.77 -8.14
C ASN A 80 16.32 -0.74 -7.07
N ASP A 81 15.36 0.10 -6.74
CA ASP A 81 15.56 1.10 -5.71
C ASP A 81 14.30 1.22 -4.88
N LYS A 82 14.48 1.19 -3.58
CA LYS A 82 13.36 1.25 -2.65
C LYS A 82 12.94 2.70 -2.40
N ASN A 83 12.59 3.39 -3.49
CA ASN A 83 12.14 4.79 -3.43
C ASN A 83 13.24 5.68 -2.85
N LYS A 84 14.26 5.93 -3.66
CA LYS A 84 15.39 6.74 -3.23
C LYS A 84 15.29 8.15 -3.77
N SER A 85 14.20 8.43 -4.48
CA SER A 85 13.97 9.75 -5.05
C SER A 85 13.86 10.80 -3.95
N ASP A 86 13.25 10.42 -2.83
CA ASP A 86 13.05 11.34 -1.72
C ASP A 86 13.91 10.95 -0.53
N LEU A 87 13.70 9.73 -0.04
CA LEU A 87 14.40 9.26 1.15
C LEU A 87 15.82 8.84 0.80
N LYS A 88 16.78 9.55 1.39
CA LYS A 88 18.18 9.25 1.17
C LYS A 88 18.79 8.66 2.43
N ALA A 89 19.32 7.44 2.30
CA ALA A 89 19.97 6.72 3.40
C ALA A 89 18.98 6.38 4.50
N ASP A 90 18.36 5.20 4.39
CA ASP A 90 17.41 4.74 5.37
C ASP A 90 18.12 4.04 6.52
N SER A 91 17.86 4.49 7.73
CA SER A 91 18.44 3.88 8.94
C SER A 91 19.97 3.92 8.88
N GLY A 92 20.52 5.11 8.69
CA GLY A 92 21.96 5.27 8.61
C GLY A 92 22.61 5.22 9.97
N VAL A 93 21.80 5.44 11.01
CA VAL A 93 22.29 5.41 12.37
C VAL A 93 22.78 4.01 12.74
N HIS A 94 23.95 3.93 13.36
CA HIS A 94 24.54 2.65 13.72
C HIS A 94 25.48 2.85 14.90
N SER B 1 14.97 -32.03 3.34
CA SER B 1 15.26 -30.71 3.91
C SER B 1 13.98 -29.89 4.02
N ASN B 2 14.11 -28.64 4.46
CA ASN B 2 12.98 -27.74 4.57
C ASN B 2 12.59 -27.23 3.18
N ALA B 3 13.58 -26.83 2.41
CA ALA B 3 13.35 -26.33 1.06
C ALA B 3 13.69 -27.42 0.03
N SER B 4 12.65 -28.07 -0.47
CA SER B 4 12.80 -29.11 -1.47
C SER B 4 12.86 -28.48 -2.86
N LYS B 5 12.14 -27.39 -3.04
CA LYS B 5 12.10 -26.70 -4.32
C LYS B 5 12.39 -25.22 -4.13
N HIS B 6 12.84 -24.56 -5.19
CA HIS B 6 13.12 -23.14 -5.13
C HIS B 6 12.54 -22.46 -6.36
N GLY B 7 11.79 -21.39 -6.13
CA GLY B 7 11.15 -20.69 -7.22
C GLY B 7 11.93 -19.48 -7.67
N VAL B 8 11.25 -18.57 -8.35
CA VAL B 8 11.87 -17.34 -8.83
C VAL B 8 11.97 -16.31 -7.71
N GLY B 9 11.01 -16.35 -6.80
CA GLY B 9 10.99 -15.41 -5.70
C GLY B 9 9.82 -15.66 -4.78
N THR B 10 9.86 -15.02 -3.61
CA THR B 10 8.78 -15.18 -2.63
C THR B 10 7.71 -14.11 -2.83
N GLU B 11 7.91 -13.24 -3.82
CA GLU B 11 6.97 -12.17 -4.14
C GLU B 11 5.59 -12.73 -4.49
N SER B 12 5.53 -13.64 -5.46
CA SER B 12 4.27 -14.25 -5.88
C SER B 12 3.59 -14.95 -4.72
N LEU B 13 4.40 -15.49 -3.81
CA LEU B 13 3.89 -16.12 -2.59
C LEU B 13 3.16 -15.10 -1.73
N PHE B 14 3.82 -13.96 -1.50
CA PHE B 14 3.24 -12.87 -0.73
C PHE B 14 1.93 -12.39 -1.35
N PHE B 15 1.98 -12.02 -2.63
CA PHE B 15 0.83 -11.41 -3.28
C PHE B 15 -0.36 -12.36 -3.36
N ASP B 16 -0.09 -13.65 -3.49
CA ASP B 16 -1.16 -14.65 -3.51
C ASP B 16 -1.84 -14.70 -2.13
N LYS B 17 -1.02 -14.71 -1.08
CA LYS B 17 -1.54 -14.68 0.28
C LYS B 17 -2.34 -13.40 0.52
N VAL B 18 -1.81 -12.27 0.07
CA VAL B 18 -2.50 -10.99 0.20
C VAL B 18 -3.87 -11.02 -0.46
N ARG B 19 -3.88 -11.53 -1.70
CA ARG B 19 -5.10 -11.62 -2.49
C ARG B 19 -6.14 -12.47 -1.77
N LYS B 20 -5.68 -13.54 -1.14
CA LYS B 20 -6.55 -14.47 -0.41
C LYS B 20 -6.98 -13.89 0.94
N ALA B 21 -6.03 -13.27 1.62
CA ALA B 21 -6.24 -12.76 2.97
C ALA B 21 -7.18 -11.56 2.98
N LEU B 22 -6.94 -10.62 2.09
CA LEU B 22 -7.76 -9.41 2.02
C LEU B 22 -9.16 -9.73 1.54
N ARG B 23 -9.27 -10.78 0.72
CA ARG B 23 -10.55 -11.29 0.22
C ARG B 23 -11.20 -10.35 -0.77
N SER B 24 -11.49 -9.14 -0.32
CA SER B 24 -12.16 -8.15 -1.12
C SER B 24 -11.28 -7.69 -2.28
N ALA B 25 -11.83 -7.74 -3.48
CA ALA B 25 -11.13 -7.27 -4.66
C ALA B 25 -10.97 -5.76 -4.59
N GLU B 26 -11.84 -5.12 -3.82
CA GLU B 26 -11.77 -3.68 -3.62
C GLU B 26 -10.63 -3.35 -2.68
N ALA B 27 -10.47 -4.17 -1.64
CA ALA B 27 -9.37 -4.02 -0.69
C ALA B 27 -8.04 -4.31 -1.38
N TYR B 28 -8.03 -5.37 -2.18
CA TYR B 28 -6.84 -5.71 -2.96
C TYR B 28 -6.57 -4.60 -3.99
N GLU B 29 -7.63 -3.98 -4.48
CA GLU B 29 -7.52 -2.85 -5.39
C GLU B 29 -6.84 -1.70 -4.65
N ASN B 30 -7.28 -1.44 -3.42
CA ASN B 30 -6.67 -0.42 -2.57
C ASN B 30 -5.17 -0.68 -2.41
N PHE B 31 -4.81 -1.93 -2.16
CA PHE B 31 -3.41 -2.33 -2.07
C PHE B 31 -2.67 -1.94 -3.34
N LEU B 32 -3.30 -2.19 -4.48
CA LEU B 32 -2.72 -1.87 -5.77
C LEU B 32 -2.66 -0.35 -5.97
N ARG B 33 -3.62 0.39 -5.41
CA ARG B 33 -3.57 1.85 -5.43
C ARG B 33 -2.32 2.33 -4.71
N CYS B 34 -2.05 1.73 -3.57
CA CYS B 34 -0.86 2.06 -2.82
C CYS B 34 0.39 1.77 -3.64
N LEU B 35 0.34 0.68 -4.41
CA LEU B 35 1.47 0.29 -5.26
C LEU B 35 1.70 1.30 -6.38
N VAL B 36 0.63 1.68 -7.08
CA VAL B 36 0.76 2.60 -8.22
C VAL B 36 1.25 3.98 -7.78
N ILE B 37 0.74 4.48 -6.67
CA ILE B 37 1.17 5.79 -6.19
C ILE B 37 2.61 5.72 -5.66
N PHE B 38 2.99 4.59 -5.09
CA PHE B 38 4.37 4.37 -4.68
C PHE B 38 5.28 4.38 -5.90
N ASN B 39 4.84 3.70 -6.96
CA ASN B 39 5.60 3.59 -8.19
C ASN B 39 5.71 4.96 -8.87
N GLN B 40 4.66 5.77 -8.73
CA GLN B 40 4.62 7.08 -9.36
C GLN B 40 5.25 8.16 -8.46
N GLU B 41 6.10 7.73 -7.53
CA GLU B 41 6.89 8.66 -6.70
C GLU B 41 5.99 9.53 -5.82
N VAL B 42 4.81 9.03 -5.51
CA VAL B 42 3.84 9.78 -4.73
C VAL B 42 4.03 9.53 -3.23
N ILE B 43 4.14 8.27 -2.85
CA ILE B 43 4.31 7.95 -1.45
C ILE B 43 5.65 7.27 -1.22
N SER B 44 6.11 7.28 0.02
CA SER B 44 7.36 6.63 0.38
C SER B 44 7.08 5.24 0.94
N ARG B 45 8.14 4.58 1.42
CA ARG B 45 8.03 3.22 1.93
C ARG B 45 7.15 3.12 3.16
N ALA B 46 7.43 3.92 4.17
CA ALA B 46 6.77 3.79 5.48
C ALA B 46 5.25 3.92 5.36
N GLU B 47 4.78 4.94 4.65
CA GLU B 47 3.34 5.14 4.49
C GLU B 47 2.74 4.01 3.65
N LEU B 48 3.51 3.49 2.71
CA LEU B 48 3.06 2.36 1.89
C LEU B 48 2.73 1.17 2.77
N VAL B 49 3.60 0.89 3.75
CA VAL B 49 3.40 -0.26 4.63
C VAL B 49 2.21 -0.01 5.56
N GLN B 50 2.09 1.21 6.08
CA GLN B 50 1.08 1.51 7.09
C GLN B 50 -0.32 1.59 6.49
N LEU B 51 -0.42 1.86 5.20
CA LEU B 51 -1.72 1.91 4.53
C LEU B 51 -2.35 0.53 4.49
N VAL B 52 -1.52 -0.48 4.27
CA VAL B 52 -2.00 -1.86 4.19
C VAL B 52 -1.99 -2.51 5.58
N SER B 53 -1.69 -1.71 6.61
CA SER B 53 -1.66 -2.18 7.98
C SER B 53 -3.04 -2.71 8.43
N PRO B 54 -4.16 -1.99 8.18
CA PRO B 54 -5.51 -2.48 8.51
C PRO B 54 -5.83 -3.81 7.81
N PHE B 55 -5.05 -4.15 6.80
CA PHE B 55 -5.30 -5.35 6.02
C PHE B 55 -4.38 -6.49 6.45
N LEU B 56 -3.08 -6.22 6.49
CA LEU B 56 -2.09 -7.25 6.80
C LEU B 56 -1.78 -7.29 8.29
N GLY B 57 -2.44 -6.43 9.07
CA GLY B 57 -2.18 -6.39 10.51
C GLY B 57 -2.66 -7.64 11.21
N LYS B 58 -3.51 -8.41 10.55
CA LYS B 58 -4.01 -9.67 11.09
C LYS B 58 -3.09 -10.80 10.66
N PHE B 59 -2.11 -10.46 9.85
CA PHE B 59 -1.22 -11.44 9.26
C PHE B 59 0.23 -11.04 9.49
N PRO B 60 0.79 -11.41 10.67
CA PRO B 60 2.12 -10.97 11.11
C PRO B 60 3.21 -11.27 10.08
N GLU B 61 3.23 -12.50 9.59
CA GLU B 61 4.24 -12.94 8.63
C GLU B 61 4.16 -12.14 7.34
N LEU B 62 2.94 -11.76 6.96
CA LEU B 62 2.70 -11.12 5.70
C LEU B 62 3.09 -9.64 5.76
N PHE B 63 2.72 -8.99 6.85
CA PHE B 63 3.08 -7.59 7.04
C PHE B 63 4.59 -7.44 7.24
N ASN B 64 5.17 -8.40 7.94
CA ASN B 64 6.61 -8.41 8.16
C ASN B 64 7.35 -8.67 6.86
N TRP B 65 6.75 -9.50 6.01
CA TRP B 65 7.30 -9.77 4.68
C TRP B 65 7.40 -8.47 3.90
N PHE B 66 6.32 -7.70 3.92
CA PHE B 66 6.26 -6.43 3.22
C PHE B 66 7.37 -5.51 3.73
N LYS B 67 7.54 -5.47 5.04
CA LYS B 67 8.62 -4.69 5.65
C LYS B 67 9.98 -5.18 5.17
N ASN B 68 10.15 -6.50 5.14
CA ASN B 68 11.41 -7.11 4.73
C ASN B 68 11.75 -6.80 3.27
N PHE B 69 10.73 -6.80 2.40
CA PHE B 69 10.95 -6.58 0.97
C PHE B 69 11.32 -5.13 0.73
N LEU B 70 10.79 -4.26 1.57
CA LEU B 70 11.09 -2.83 1.49
C LEU B 70 12.32 -2.49 2.30
N GLY B 71 12.93 -3.50 2.92
CA GLY B 71 14.10 -3.28 3.75
C GLY B 71 13.82 -2.34 4.90
N TYR B 72 12.63 -2.45 5.46
CA TYR B 72 12.17 -1.55 6.49
C TYR B 72 12.30 -2.19 7.87
N LYS B 73 13.17 -1.64 8.68
CA LYS B 73 13.35 -2.08 10.05
C LYS B 73 12.58 -1.15 10.99
N GLU B 74 11.81 -1.72 11.88
CA GLU B 74 10.99 -0.94 12.79
C GLU B 74 11.01 -1.57 14.17
N SER B 75 11.99 -1.19 14.97
CA SER B 75 12.15 -1.74 16.31
C SER B 75 11.13 -1.12 17.27
N SER A 1 -20.77 8.86 20.01
CA SER A 1 -20.37 8.96 21.45
C SER A 1 -19.79 10.33 21.75
N ASN A 2 -19.24 10.98 20.74
CA ASN A 2 -18.64 12.32 20.87
C ASN A 2 -17.40 12.28 21.76
N ALA A 3 -16.23 12.26 21.10
CA ALA A 3 -14.94 12.28 21.77
C ALA A 3 -14.70 11.03 22.60
N GLY A 4 -15.35 9.94 22.21
CA GLY A 4 -15.21 8.70 22.96
C GLY A 4 -15.68 7.49 22.17
N SER A 5 -15.73 6.35 22.84
CA SER A 5 -16.16 5.11 22.22
C SER A 5 -17.04 4.33 23.19
N ASP A 6 -18.28 4.07 22.78
CA ASP A 6 -19.23 3.39 23.65
C ASP A 6 -19.73 2.10 23.01
N ASP A 7 -20.27 1.21 23.84
CA ASP A 7 -20.83 -0.04 23.37
C ASP A 7 -22.19 -0.28 24.03
N ASP A 8 -23.16 -0.76 23.26
CA ASP A 8 -24.51 -0.93 23.77
C ASP A 8 -24.82 -2.42 23.97
N GLY A 9 -23.78 -3.24 24.01
CA GLY A 9 -23.96 -4.67 24.15
C GLY A 9 -24.12 -5.36 22.82
N GLY A 10 -23.97 -6.66 22.80
CA GLY A 10 -24.15 -7.40 21.57
C GLY A 10 -23.34 -8.68 21.52
N ASP A 11 -23.03 -9.12 20.32
CA ASP A 11 -22.24 -10.32 20.11
C ASP A 11 -21.29 -10.10 18.94
N SER A 12 -20.02 -10.47 19.13
CA SER A 12 -19.00 -10.28 18.12
C SER A 12 -19.33 -11.05 16.84
N PRO A 13 -19.44 -10.34 15.71
CA PRO A 13 -19.73 -10.95 14.41
C PRO A 13 -18.55 -11.77 13.88
N VAL A 14 -18.76 -12.45 12.77
CA VAL A 14 -17.68 -13.19 12.13
C VAL A 14 -16.75 -12.21 11.41
N GLN A 15 -15.46 -12.48 11.48
CA GLN A 15 -14.48 -11.58 10.86
C GLN A 15 -14.02 -12.13 9.52
N ASP A 16 -14.94 -12.15 8.57
CA ASP A 16 -14.64 -12.52 7.20
C ASP A 16 -14.27 -11.28 6.41
N ILE A 17 -14.63 -10.12 6.99
CA ILE A 17 -14.35 -8.80 6.43
C ILE A 17 -15.11 -8.58 5.13
N ASP A 18 -15.75 -7.43 5.03
CA ASP A 18 -16.43 -7.07 3.79
C ASP A 18 -15.48 -6.25 2.92
N THR A 19 -14.97 -5.16 3.47
CA THR A 19 -14.00 -4.32 2.78
C THR A 19 -13.25 -3.44 3.78
N PRO A 20 -11.94 -3.71 3.99
CA PRO A 20 -11.10 -2.89 4.84
C PRO A 20 -10.86 -1.50 4.24
N GLU A 21 -10.81 -0.49 5.10
CA GLU A 21 -10.57 0.87 4.66
C GLU A 21 -9.11 1.25 4.90
N VAL A 22 -8.53 1.99 3.97
CA VAL A 22 -7.16 2.44 4.11
C VAL A 22 -7.11 3.73 4.93
N ASP A 23 -6.25 3.74 5.94
CA ASP A 23 -6.08 4.91 6.78
C ASP A 23 -5.15 5.91 6.08
N LEU A 24 -5.75 6.92 5.47
CA LEU A 24 -4.97 7.94 4.77
C LEU A 24 -4.61 9.09 5.71
N TYR A 25 -4.99 8.93 6.98
CA TYR A 25 -4.59 9.88 8.00
C TYR A 25 -3.14 9.62 8.36
N GLN A 26 -2.75 8.37 8.17
CA GLN A 26 -1.36 7.93 8.27
C GLN A 26 -0.43 8.79 7.42
N LEU A 27 -0.88 9.12 6.21
CA LEU A 27 -0.07 9.90 5.29
C LEU A 27 0.26 11.27 5.87
N GLN A 28 1.53 11.60 5.87
CA GLN A 28 1.99 12.91 6.33
C GLN A 28 1.40 14.02 5.48
N VAL A 29 1.40 15.24 6.01
CA VAL A 29 0.86 16.40 5.29
C VAL A 29 1.54 16.52 3.94
N ASN A 30 2.86 16.36 3.92
CA ASN A 30 3.63 16.48 2.70
C ASN A 30 3.27 15.36 1.71
N THR A 31 3.03 14.17 2.24
CA THR A 31 2.66 13.03 1.41
C THR A 31 1.31 13.27 0.75
N LEU A 32 0.35 13.76 1.53
CA LEU A 32 -0.97 14.10 1.02
C LEU A 32 -0.86 15.17 -0.07
N ARG A 33 -0.09 16.20 0.21
CA ARG A 33 0.13 17.29 -0.74
C ARG A 33 0.84 16.78 -1.99
N ARG A 34 1.73 15.81 -1.80
CA ARG A 34 2.49 15.23 -2.90
C ARG A 34 1.57 14.47 -3.84
N TYR A 35 0.69 13.66 -3.26
CA TYR A 35 -0.35 12.98 -4.02
C TYR A 35 -1.13 13.98 -4.86
N LYS A 36 -1.55 15.07 -4.23
CA LYS A 36 -2.34 16.09 -4.90
C LYS A 36 -1.55 16.78 -6.00
N ARG A 37 -0.26 16.95 -5.77
CA ARG A 37 0.60 17.66 -6.73
C ARG A 37 0.90 16.79 -7.94
N HIS A 38 1.15 15.51 -7.71
CA HIS A 38 1.47 14.58 -8.79
C HIS A 38 0.23 14.24 -9.60
N PHE A 39 -0.87 13.97 -8.92
CA PHE A 39 -2.12 13.61 -9.60
C PHE A 39 -2.90 14.85 -10.00
N LYS A 40 -2.34 16.03 -9.69
CA LYS A 40 -2.92 17.31 -10.08
C LYS A 40 -4.35 17.47 -9.54
N LEU A 41 -4.46 17.68 -8.24
CA LEU A 41 -5.75 17.80 -7.60
C LEU A 41 -5.97 19.21 -7.07
N PRO A 42 -7.16 19.79 -7.30
CA PRO A 42 -7.51 21.14 -6.83
C PRO A 42 -7.40 21.27 -5.32
N THR A 43 -7.24 22.50 -4.84
CA THR A 43 -7.09 22.75 -3.41
C THR A 43 -7.86 23.98 -2.99
N ARG A 44 -8.96 23.78 -2.28
CA ARG A 44 -9.74 24.88 -1.73
C ARG A 44 -8.93 25.63 -0.68
N PRO A 45 -9.17 26.93 -0.50
CA PRO A 45 -8.49 27.74 0.52
C PRO A 45 -8.82 27.25 1.93
N GLY A 46 -7.79 27.01 2.73
CA GLY A 46 -7.98 26.55 4.08
C GLY A 46 -7.78 25.06 4.20
N LEU A 47 -6.60 24.60 3.80
CA LEU A 47 -6.29 23.18 3.85
C LEU A 47 -5.82 22.75 5.23
N ASN A 48 -6.23 21.56 5.62
CA ASN A 48 -5.86 20.98 6.90
C ASN A 48 -5.53 19.50 6.69
N LYS A 49 -5.18 18.82 7.78
CA LYS A 49 -4.84 17.40 7.71
C LYS A 49 -6.01 16.59 7.13
N ALA A 50 -7.18 16.76 7.73
CA ALA A 50 -8.36 16.04 7.29
C ALA A 50 -8.81 16.49 5.91
N GLN A 51 -8.52 17.74 5.57
CA GLN A 51 -8.91 18.28 4.27
C GLN A 51 -8.13 17.59 3.16
N LEU A 52 -6.83 17.43 3.38
CA LEU A 52 -5.99 16.75 2.43
C LEU A 52 -6.42 15.30 2.32
N VAL A 53 -6.71 14.68 3.46
CA VAL A 53 -7.14 13.29 3.49
C VAL A 53 -8.44 13.09 2.71
N GLU A 54 -9.38 14.00 2.87
CA GLU A 54 -10.67 13.86 2.20
C GLU A 54 -10.54 14.00 0.69
N ILE A 55 -9.72 14.96 0.24
CA ILE A 55 -9.46 15.12 -1.19
C ILE A 55 -8.69 13.92 -1.73
N VAL A 56 -7.62 13.54 -1.04
CA VAL A 56 -6.81 12.40 -1.44
C VAL A 56 -7.66 11.13 -1.49
N GLY A 57 -8.42 10.88 -0.45
CA GLY A 57 -9.23 9.67 -0.37
C GLY A 57 -10.30 9.64 -1.44
N CYS A 58 -10.87 10.78 -1.73
CA CYS A 58 -11.90 10.91 -2.75
C CYS A 58 -11.36 10.46 -4.11
N HIS A 59 -10.16 10.94 -4.45
CA HIS A 59 -9.56 10.59 -5.73
C HIS A 59 -8.85 9.24 -5.67
N PHE A 60 -8.42 8.84 -4.47
CA PHE A 60 -7.69 7.61 -4.28
C PHE A 60 -8.57 6.40 -4.56
N LYS A 61 -9.85 6.52 -4.23
CA LYS A 61 -10.80 5.44 -4.50
C LYS A 61 -11.22 5.41 -5.96
N SER A 62 -10.55 6.19 -6.80
CA SER A 62 -10.89 6.25 -8.21
C SER A 62 -9.63 6.22 -9.09
N ILE A 63 -8.65 5.41 -8.67
CA ILE A 63 -7.43 5.24 -9.46
C ILE A 63 -7.47 3.92 -10.22
N PRO A 64 -7.47 3.98 -11.56
CA PRO A 64 -7.44 2.79 -12.42
C PRO A 64 -6.12 2.05 -12.32
N VAL A 65 -6.16 0.85 -11.76
CA VAL A 65 -4.95 0.09 -11.51
C VAL A 65 -4.94 -1.20 -12.35
N ASN A 66 -3.74 -1.70 -12.63
CA ASN A 66 -3.59 -2.92 -13.42
C ASN A 66 -2.89 -3.98 -12.59
N GLU A 67 -3.59 -5.06 -12.24
CA GLU A 67 -3.07 -6.07 -11.33
C GLU A 67 -1.69 -6.57 -11.74
N LYS A 68 -1.59 -7.23 -12.89
CA LYS A 68 -0.34 -7.80 -13.37
C LYS A 68 0.74 -6.73 -13.52
N ASP A 69 0.39 -5.63 -14.17
CA ASP A 69 1.37 -4.59 -14.48
C ASP A 69 1.88 -3.90 -13.21
N THR A 70 0.96 -3.55 -12.31
CA THR A 70 1.32 -2.81 -11.12
C THR A 70 2.14 -3.67 -10.18
N LEU A 71 1.81 -4.96 -10.09
CA LEU A 71 2.60 -5.89 -9.31
C LEU A 71 4.01 -5.95 -9.87
N THR A 72 4.10 -6.09 -11.19
CA THR A 72 5.39 -6.15 -11.88
C THR A 72 6.21 -4.90 -11.59
N CYS A 73 5.57 -3.74 -11.71
CA CYS A 73 6.22 -2.46 -11.48
C CYS A 73 6.76 -2.38 -10.05
N PHE A 74 5.91 -2.75 -9.10
CA PHE A 74 6.27 -2.69 -7.69
C PHE A 74 7.40 -3.66 -7.36
N ILE A 75 7.26 -4.89 -7.83
CA ILE A 75 8.24 -5.93 -7.53
C ILE A 75 9.63 -5.51 -8.01
N TYR A 76 9.71 -4.96 -9.22
CA TYR A 76 11.00 -4.57 -9.78
C TYR A 76 11.55 -3.34 -9.06
N SER A 77 10.66 -2.44 -8.66
CA SER A 77 11.07 -1.24 -7.94
C SER A 77 11.77 -1.61 -6.63
N VAL A 78 11.13 -2.48 -5.85
CA VAL A 78 11.66 -2.86 -4.54
C VAL A 78 12.89 -3.75 -4.69
N ARG A 79 12.91 -4.58 -5.74
CA ARG A 79 14.06 -5.45 -6.00
C ARG A 79 15.28 -4.64 -6.44
N ASN A 80 15.04 -3.48 -7.03
CA ASN A 80 16.14 -2.58 -7.41
C ASN A 80 16.78 -1.98 -6.16
N ASP A 81 16.00 -1.22 -5.42
CA ASP A 81 16.41 -0.63 -4.15
C ASP A 81 15.24 0.14 -3.57
N LYS A 82 15.43 0.70 -2.40
CA LYS A 82 14.38 1.43 -1.72
C LYS A 82 14.60 2.94 -1.88
N ASN A 83 13.62 3.60 -2.51
CA ASN A 83 13.67 5.04 -2.72
C ASN A 83 13.68 5.78 -1.39
N LYS A 84 14.78 6.46 -1.10
CA LYS A 84 14.95 7.16 0.15
C LYS A 84 16.05 8.21 0.01
N SER A 85 17.31 7.75 0.14
CA SER A 85 18.48 8.61 -0.07
C SER A 85 18.53 9.76 0.94
N ASP A 86 19.53 10.63 0.78
CA ASP A 86 19.71 11.78 1.65
C ASP A 86 20.54 12.86 0.95
N LEU A 87 21.63 12.44 0.31
CA LEU A 87 22.47 13.35 -0.43
C LEU A 87 22.16 13.29 -1.91
N LYS A 88 21.48 14.31 -2.41
CA LYS A 88 21.14 14.39 -3.83
C LYS A 88 21.75 15.65 -4.42
N ALA A 89 22.63 16.27 -3.65
CA ALA A 89 23.32 17.49 -4.07
C ALA A 89 24.75 17.18 -4.49
N ASP A 90 25.05 15.90 -4.66
CA ASP A 90 26.39 15.47 -5.06
C ASP A 90 26.48 15.38 -6.57
N SER A 91 25.49 14.74 -7.18
CA SER A 91 25.44 14.60 -8.62
C SER A 91 24.85 15.86 -9.26
N GLY A 92 25.70 16.84 -9.49
CA GLY A 92 25.27 18.05 -10.17
C GLY A 92 25.46 17.93 -11.67
N VAL A 93 26.64 18.30 -12.14
CA VAL A 93 26.97 18.14 -13.55
C VAL A 93 27.72 16.82 -13.76
N HIS A 94 28.28 16.32 -12.66
CA HIS A 94 28.96 15.04 -12.66
C HIS A 94 27.95 13.92 -12.51
N SER B 1 12.36 -19.62 -20.88
CA SER B 1 11.65 -19.76 -19.60
C SER B 1 12.43 -19.06 -18.49
N ASN B 2 13.61 -19.57 -18.19
CA ASN B 2 14.45 -18.97 -17.15
C ASN B 2 15.44 -18.00 -17.75
N ALA B 3 15.12 -16.73 -17.68
CA ALA B 3 15.98 -15.68 -18.19
C ALA B 3 16.38 -14.73 -17.06
N SER B 4 15.55 -14.64 -16.04
CA SER B 4 15.84 -13.80 -14.90
C SER B 4 16.76 -14.55 -13.94
N LYS B 5 17.63 -13.81 -13.25
CA LYS B 5 18.57 -14.41 -12.32
C LYS B 5 17.80 -15.05 -11.16
N HIS B 6 16.71 -14.41 -10.77
CA HIS B 6 15.81 -14.95 -9.78
C HIS B 6 14.38 -14.56 -10.14
N GLY B 7 13.54 -15.55 -10.37
CA GLY B 7 12.19 -15.29 -10.82
C GLY B 7 11.27 -14.88 -9.68
N VAL B 8 9.99 -14.79 -9.97
CA VAL B 8 9.00 -14.42 -8.98
C VAL B 8 8.47 -15.67 -8.29
N GLY B 9 8.64 -15.73 -6.97
CA GLY B 9 8.23 -16.91 -6.25
C GLY B 9 7.44 -16.56 -5.00
N THR B 10 8.13 -16.04 -4.00
CA THR B 10 7.49 -15.66 -2.75
C THR B 10 6.66 -14.40 -2.94
N GLU B 11 7.03 -13.59 -3.92
CA GLU B 11 6.30 -12.37 -4.23
C GLU B 11 4.88 -12.70 -4.67
N SER B 12 4.77 -13.62 -5.63
CA SER B 12 3.47 -14.06 -6.13
C SER B 12 2.71 -14.76 -5.00
N LEU B 13 3.45 -15.45 -4.14
CA LEU B 13 2.86 -16.09 -2.97
C LEU B 13 2.16 -15.06 -2.09
N PHE B 14 2.90 -14.01 -1.74
CA PHE B 14 2.37 -12.90 -0.95
C PHE B 14 1.11 -12.30 -1.57
N PHE B 15 1.20 -11.89 -2.83
CA PHE B 15 0.11 -11.19 -3.50
C PHE B 15 -1.14 -12.05 -3.58
N ASP B 16 -0.96 -13.35 -3.86
CA ASP B 16 -2.10 -14.27 -3.90
C ASP B 16 -2.76 -14.38 -2.53
N LYS B 17 -1.93 -14.40 -1.49
CA LYS B 17 -2.44 -14.43 -0.12
C LYS B 17 -3.23 -13.15 0.17
N VAL B 18 -2.66 -12.01 -0.20
CA VAL B 18 -3.33 -10.72 -0.03
C VAL B 18 -4.69 -10.72 -0.76
N ARG B 19 -4.67 -11.25 -1.97
CA ARG B 19 -5.87 -11.31 -2.80
C ARG B 19 -6.97 -12.10 -2.12
N LYS B 20 -6.61 -13.22 -1.49
CA LYS B 20 -7.59 -14.06 -0.80
C LYS B 20 -7.93 -13.49 0.59
N ALA B 21 -6.91 -13.08 1.32
CA ALA B 21 -7.07 -12.63 2.71
C ALA B 21 -7.97 -11.40 2.81
N LEU B 22 -7.78 -10.46 1.89
CA LEU B 22 -8.61 -9.25 1.87
C LEU B 22 -10.01 -9.59 1.39
N ARG B 23 -10.09 -10.51 0.42
CA ARG B 23 -11.35 -11.01 -0.14
C ARG B 23 -12.07 -9.96 -0.99
N SER B 24 -11.99 -8.70 -0.55
CA SER B 24 -12.60 -7.60 -1.27
C SER B 24 -11.71 -7.16 -2.42
N ALA B 25 -12.26 -7.21 -3.63
CA ALA B 25 -11.55 -6.75 -4.82
C ALA B 25 -11.24 -5.26 -4.72
N GLU B 26 -12.12 -4.53 -4.05
CA GLU B 26 -11.93 -3.10 -3.82
C GLU B 26 -10.68 -2.87 -2.98
N ALA B 27 -10.51 -3.69 -1.96
CA ALA B 27 -9.38 -3.56 -1.04
C ALA B 27 -8.07 -3.98 -1.70
N TYR B 28 -8.12 -5.05 -2.48
CA TYR B 28 -6.94 -5.52 -3.21
C TYR B 28 -6.51 -4.45 -4.21
N GLU B 29 -7.50 -3.90 -4.91
CA GLU B 29 -7.27 -2.81 -5.85
C GLU B 29 -6.62 -1.63 -5.13
N ASN B 30 -7.13 -1.33 -3.94
CA ASN B 30 -6.61 -0.24 -3.11
C ASN B 30 -5.13 -0.45 -2.83
N PHE B 31 -4.76 -1.69 -2.50
CA PHE B 31 -3.36 -2.04 -2.29
C PHE B 31 -2.51 -1.68 -3.51
N LEU B 32 -2.94 -2.11 -4.69
CA LEU B 32 -2.21 -1.81 -5.91
C LEU B 32 -2.21 -0.32 -6.23
N ARG B 33 -3.22 0.40 -5.77
CA ARG B 33 -3.23 1.84 -5.94
C ARG B 33 -2.12 2.46 -5.08
N CYS B 34 -1.93 1.91 -3.90
CA CYS B 34 -0.81 2.31 -3.05
C CYS B 34 0.51 1.99 -3.77
N LEU B 35 0.51 0.92 -4.55
CA LEU B 35 1.68 0.52 -5.30
C LEU B 35 2.01 1.53 -6.41
N VAL B 36 1.00 1.95 -7.16
CA VAL B 36 1.23 2.90 -8.26
C VAL B 36 1.69 4.26 -7.74
N ILE B 37 1.10 4.72 -6.65
CA ILE B 37 1.52 6.00 -6.07
C ILE B 37 2.92 5.89 -5.46
N PHE B 38 3.25 4.70 -4.96
CA PHE B 38 4.60 4.45 -4.45
C PHE B 38 5.60 4.51 -5.61
N ASN B 39 5.22 3.91 -6.73
CA ASN B 39 6.07 3.90 -7.92
C ASN B 39 6.29 5.31 -8.45
N GLN B 40 5.24 6.13 -8.34
CA GLN B 40 5.28 7.50 -8.83
C GLN B 40 5.78 8.46 -7.76
N GLU B 41 6.59 7.92 -6.84
CA GLU B 41 7.22 8.68 -5.74
C GLU B 41 6.25 9.61 -5.03
N VAL B 42 4.98 9.20 -4.96
CA VAL B 42 3.96 9.96 -4.26
C VAL B 42 4.03 9.68 -2.76
N ILE B 43 4.21 8.41 -2.42
CA ILE B 43 4.32 8.02 -1.02
C ILE B 43 5.70 7.45 -0.72
N SER B 44 5.95 7.14 0.53
CA SER B 44 7.24 6.60 0.95
C SER B 44 7.06 5.17 1.46
N ARG B 45 8.17 4.50 1.79
CA ARG B 45 8.12 3.13 2.28
C ARG B 45 7.26 3.03 3.55
N ALA B 46 7.57 3.89 4.52
CA ALA B 46 6.81 3.92 5.77
C ALA B 46 5.33 4.17 5.51
N GLU B 47 5.06 5.15 4.67
CA GLU B 47 3.68 5.49 4.31
C GLU B 47 2.96 4.27 3.74
N LEU B 48 3.60 3.62 2.76
CA LEU B 48 3.03 2.45 2.10
C LEU B 48 2.75 1.32 3.10
N VAL B 49 3.75 1.01 3.92
CA VAL B 49 3.63 -0.05 4.92
C VAL B 49 2.49 0.25 5.89
N GLN B 50 2.34 1.52 6.25
CA GLN B 50 1.29 1.94 7.15
C GLN B 50 -0.08 1.90 6.48
N LEU B 51 -0.14 2.28 5.21
CA LEU B 51 -1.40 2.33 4.47
C LEU B 51 -2.09 0.97 4.43
N VAL B 52 -1.30 -0.09 4.29
CA VAL B 52 -1.86 -1.42 4.13
C VAL B 52 -2.04 -2.12 5.50
N SER B 53 -1.80 -1.39 6.58
CA SER B 53 -1.93 -1.95 7.92
C SER B 53 -3.38 -2.37 8.24
N PRO B 54 -4.41 -1.58 7.87
CA PRO B 54 -5.82 -1.98 8.10
C PRO B 54 -6.21 -3.19 7.25
N PHE B 55 -5.35 -3.56 6.32
CA PHE B 55 -5.62 -4.69 5.45
C PHE B 55 -4.89 -5.94 5.94
N LEU B 56 -3.57 -5.84 6.07
CA LEU B 56 -2.75 -6.99 6.45
C LEU B 56 -2.56 -7.03 7.96
N GLY B 57 -3.19 -6.11 8.67
CA GLY B 57 -3.04 -6.03 10.11
C GLY B 57 -3.63 -7.23 10.83
N LYS B 58 -4.57 -7.91 10.18
CA LYS B 58 -5.18 -9.09 10.76
C LYS B 58 -4.35 -10.33 10.41
N PHE B 59 -3.29 -10.11 9.63
CA PHE B 59 -2.46 -11.20 9.16
C PHE B 59 -0.99 -10.92 9.51
N PRO B 60 -0.55 -11.38 10.68
CA PRO B 60 0.78 -11.06 11.24
C PRO B 60 1.93 -11.46 10.32
N GLU B 61 1.88 -12.69 9.81
CA GLU B 61 2.96 -13.20 8.98
C GLU B 61 2.96 -12.56 7.60
N LEU B 62 1.77 -12.21 7.12
CA LEU B 62 1.63 -11.58 5.82
C LEU B 62 2.15 -10.15 5.88
N PHE B 63 1.79 -9.43 6.93
CA PHE B 63 2.26 -8.07 7.13
C PHE B 63 3.78 -8.06 7.38
N ASN B 64 4.26 -9.10 8.05
CA ASN B 64 5.70 -9.29 8.27
C ASN B 64 6.41 -9.50 6.94
N TRP B 65 5.80 -10.26 6.05
CA TRP B 65 6.35 -10.49 4.72
C TRP B 65 6.55 -9.16 4.01
N PHE B 66 5.51 -8.34 4.02
CA PHE B 66 5.54 -7.03 3.39
C PHE B 66 6.70 -6.20 3.93
N LYS B 67 6.85 -6.18 5.26
CA LYS B 67 7.94 -5.46 5.90
C LYS B 67 9.30 -5.95 5.41
N ASN B 68 9.42 -7.26 5.24
CA ASN B 68 10.71 -7.87 4.88
C ASN B 68 11.08 -7.54 3.43
N PHE B 69 10.09 -7.55 2.55
CA PHE B 69 10.31 -7.29 1.13
C PHE B 69 10.82 -5.86 0.91
N LEU B 70 10.18 -4.90 1.57
CA LEU B 70 10.56 -3.50 1.42
C LEU B 70 11.73 -3.13 2.32
N GLY B 71 12.18 -4.08 3.13
CA GLY B 71 13.27 -3.82 4.04
C GLY B 71 12.91 -2.79 5.08
N TYR B 72 11.79 -3.02 5.76
CA TYR B 72 11.31 -2.14 6.82
C TYR B 72 12.29 -2.17 7.98
N LYS B 73 13.22 -1.23 7.98
CA LYS B 73 14.22 -1.16 9.01
C LYS B 73 13.71 -0.33 10.17
N GLU B 74 13.57 -0.97 11.32
CA GLU B 74 13.01 -0.32 12.50
C GLU B 74 14.14 0.22 13.38
N SER B 75 15.31 0.39 12.79
CA SER B 75 16.46 0.89 13.51
C SER B 75 17.30 1.82 12.63
N SER A 1 -10.12 3.26 21.07
CA SER A 1 -9.99 2.67 22.42
C SER A 1 -11.36 2.59 23.13
N ASN A 2 -12.36 3.32 22.63
CA ASN A 2 -13.67 3.31 23.26
C ASN A 2 -14.74 2.74 22.33
N ALA A 3 -14.32 2.36 21.11
CA ALA A 3 -15.23 1.75 20.16
C ALA A 3 -15.18 0.23 20.26
N GLY A 4 -14.21 -0.25 21.04
CA GLY A 4 -14.04 -1.67 21.22
C GLY A 4 -12.60 -2.03 21.53
N SER A 5 -11.95 -2.68 20.57
CA SER A 5 -10.54 -3.05 20.69
C SER A 5 -10.31 -4.05 21.82
N ASP A 6 -9.05 -4.36 22.07
CA ASP A 6 -8.66 -5.22 23.18
C ASP A 6 -7.31 -4.78 23.72
N ASP A 7 -6.89 -5.37 24.84
CA ASP A 7 -5.72 -4.90 25.56
C ASP A 7 -4.44 -5.58 25.06
N ASP A 8 -4.60 -6.63 24.27
CA ASP A 8 -3.46 -7.37 23.77
C ASP A 8 -3.12 -6.96 22.34
N GLY A 9 -4.10 -7.06 21.46
CA GLY A 9 -3.89 -6.76 20.06
C GLY A 9 -4.40 -7.86 19.16
N GLY A 10 -5.71 -8.08 19.22
CA GLY A 10 -6.31 -9.11 18.39
C GLY A 10 -6.54 -8.65 16.97
N ASP A 11 -7.34 -7.59 16.83
CA ASP A 11 -7.68 -7.02 15.52
C ASP A 11 -8.42 -8.03 14.65
N SER A 12 -9.75 -7.89 14.64
CA SER A 12 -10.64 -8.79 13.88
C SER A 12 -10.68 -10.18 14.51
N PRO A 13 -11.66 -10.42 15.40
CA PRO A 13 -11.84 -11.73 16.04
C PRO A 13 -12.34 -12.77 15.05
N VAL A 14 -13.13 -12.33 14.08
CA VAL A 14 -13.69 -13.21 13.08
C VAL A 14 -13.05 -12.96 11.72
N GLN A 15 -13.16 -13.94 10.84
CA GLN A 15 -12.62 -13.82 9.49
C GLN A 15 -13.76 -13.65 8.49
N ASP A 16 -13.48 -13.88 7.21
CA ASP A 16 -14.45 -13.63 6.14
C ASP A 16 -14.77 -12.15 6.07
N ILE A 17 -13.71 -11.36 6.11
CA ILE A 17 -13.83 -9.91 6.07
C ILE A 17 -14.52 -9.49 4.78
N ASP A 18 -15.44 -8.55 4.89
CA ASP A 18 -16.17 -8.04 3.74
C ASP A 18 -15.31 -7.03 2.99
N THR A 19 -14.82 -6.03 3.71
CA THR A 19 -13.97 -4.98 3.15
C THR A 19 -13.30 -4.19 4.27
N PRO A 20 -11.98 -4.36 4.45
CA PRO A 20 -11.23 -3.54 5.40
C PRO A 20 -11.08 -2.12 4.90
N GLU A 21 -10.81 -1.18 5.80
CA GLU A 21 -10.76 0.22 5.42
C GLU A 21 -9.33 0.75 5.45
N VAL A 22 -9.03 1.66 4.54
CA VAL A 22 -7.75 2.33 4.51
C VAL A 22 -7.89 3.73 5.08
N ASP A 23 -6.96 4.11 5.92
CA ASP A 23 -6.96 5.46 6.48
C ASP A 23 -5.87 6.28 5.82
N LEU A 24 -6.21 7.48 5.39
CA LEU A 24 -5.25 8.36 4.76
C LEU A 24 -4.93 9.54 5.66
N TYR A 25 -5.46 9.50 6.87
CA TYR A 25 -5.22 10.55 7.85
C TYR A 25 -3.91 10.24 8.58
N GLN A 26 -3.56 8.96 8.60
CA GLN A 26 -2.27 8.51 9.12
C GLN A 26 -1.11 9.05 8.29
N LEU A 27 -1.37 9.29 7.01
CA LEU A 27 -0.34 9.79 6.10
C LEU A 27 0.15 11.16 6.52
N GLN A 28 1.34 11.50 6.08
CA GLN A 28 1.90 12.81 6.37
C GLN A 28 1.29 13.87 5.46
N VAL A 29 1.19 15.10 5.97
CA VAL A 29 0.67 16.22 5.18
C VAL A 29 1.45 16.37 3.88
N ASN A 30 2.76 16.27 4.00
CA ASN A 30 3.65 16.41 2.86
C ASN A 30 3.34 15.35 1.81
N THR A 31 3.01 14.15 2.27
CA THR A 31 2.67 13.04 1.38
C THR A 31 1.36 13.31 0.65
N LEU A 32 0.37 13.81 1.37
CA LEU A 32 -0.93 14.11 0.81
C LEU A 32 -0.82 15.23 -0.22
N ARG A 33 0.01 16.22 0.09
CA ARG A 33 0.24 17.34 -0.81
C ARG A 33 1.02 16.88 -2.04
N ARG A 34 1.87 15.87 -1.86
CA ARG A 34 2.62 15.31 -2.97
C ARG A 34 1.69 14.55 -3.90
N TYR A 35 0.78 13.77 -3.29
CA TYR A 35 -0.27 13.09 -4.03
C TYR A 35 -0.99 14.04 -4.98
N LYS A 36 -1.55 15.11 -4.44
CA LYS A 36 -2.32 16.05 -5.25
C LYS A 36 -1.43 16.80 -6.24
N ARG A 37 -0.16 16.98 -5.89
CA ARG A 37 0.78 17.64 -6.79
C ARG A 37 1.04 16.79 -8.03
N HIS A 38 1.40 15.53 -7.80
CA HIS A 38 1.78 14.63 -8.90
C HIS A 38 0.59 14.33 -9.79
N PHE A 39 -0.59 14.20 -9.19
CA PHE A 39 -1.79 13.87 -9.96
C PHE A 39 -2.50 15.13 -10.45
N LYS A 40 -1.92 16.29 -10.13
CA LYS A 40 -2.46 17.58 -10.57
C LYS A 40 -3.88 17.81 -10.06
N LEU A 41 -3.99 18.10 -8.78
CA LEU A 41 -5.27 18.41 -8.17
C LEU A 41 -5.27 19.85 -7.65
N PRO A 42 -6.03 20.75 -8.27
CA PRO A 42 -6.10 22.15 -7.86
C PRO A 42 -6.77 22.31 -6.49
N THR A 43 -6.10 23.00 -5.59
CA THR A 43 -6.59 23.15 -4.24
C THR A 43 -6.72 24.61 -3.83
N ARG A 44 -7.47 24.85 -2.76
CA ARG A 44 -7.67 26.20 -2.25
C ARG A 44 -6.62 26.53 -1.19
N PRO A 45 -6.27 27.81 -1.03
CA PRO A 45 -5.30 28.24 -0.03
C PRO A 45 -5.79 27.97 1.39
N GLY A 46 -4.85 27.64 2.27
CA GLY A 46 -5.19 27.35 3.65
C GLY A 46 -5.76 25.96 3.83
N LEU A 47 -5.08 24.97 3.26
CA LEU A 47 -5.50 23.59 3.38
C LEU A 47 -5.21 23.03 4.76
N ASN A 48 -6.02 22.09 5.20
CA ASN A 48 -5.84 21.45 6.49
C ASN A 48 -5.65 19.95 6.28
N LYS A 49 -5.22 19.24 7.32
CA LYS A 49 -4.96 17.81 7.25
C LYS A 49 -6.19 17.05 6.75
N ALA A 50 -7.34 17.29 7.40
CA ALA A 50 -8.59 16.65 7.02
C ALA A 50 -8.96 16.98 5.57
N GLN A 51 -8.67 18.22 5.15
CA GLN A 51 -8.98 18.66 3.80
C GLN A 51 -8.17 17.86 2.79
N LEU A 52 -6.90 17.68 3.10
CA LEU A 52 -5.99 16.95 2.23
C LEU A 52 -6.45 15.50 2.08
N VAL A 53 -6.88 14.92 3.18
CA VAL A 53 -7.35 13.54 3.19
C VAL A 53 -8.57 13.37 2.29
N GLU A 54 -9.51 14.30 2.38
CA GLU A 54 -10.72 14.26 1.56
C GLU A 54 -10.36 14.32 0.08
N ILE A 55 -9.46 15.23 -0.26
CA ILE A 55 -9.01 15.38 -1.65
C ILE A 55 -8.31 14.12 -2.12
N VAL A 56 -7.34 13.65 -1.34
CA VAL A 56 -6.59 12.45 -1.68
C VAL A 56 -7.53 11.24 -1.79
N GLY A 57 -8.41 11.10 -0.81
CA GLY A 57 -9.33 9.97 -0.78
C GLY A 57 -10.27 9.97 -1.96
N CYS A 58 -10.77 11.16 -2.31
CA CYS A 58 -11.68 11.30 -3.44
C CYS A 58 -11.01 10.82 -4.72
N HIS A 59 -9.75 11.20 -4.90
CA HIS A 59 -9.01 10.79 -6.09
C HIS A 59 -8.51 9.35 -5.94
N PHE A 60 -8.28 8.94 -4.70
CA PHE A 60 -7.79 7.60 -4.40
C PHE A 60 -8.84 6.56 -4.76
N LYS A 61 -10.10 6.94 -4.68
CA LYS A 61 -11.19 6.06 -5.07
C LYS A 61 -11.38 6.07 -6.58
N SER A 62 -10.55 6.83 -7.29
CA SER A 62 -10.70 6.99 -8.73
C SER A 62 -9.39 6.65 -9.45
N ILE A 63 -8.56 5.83 -8.81
CA ILE A 63 -7.29 5.43 -9.40
C ILE A 63 -7.45 4.15 -10.23
N PRO A 64 -7.19 4.24 -11.54
CA PRO A 64 -7.19 3.08 -12.43
C PRO A 64 -5.96 2.22 -12.19
N VAL A 65 -6.17 0.97 -11.78
CA VAL A 65 -5.07 0.10 -11.44
C VAL A 65 -5.25 -1.28 -12.09
N ASN A 66 -4.15 -2.00 -12.30
CA ASN A 66 -4.20 -3.33 -12.89
C ASN A 66 -3.36 -4.30 -12.08
N GLU A 67 -3.96 -5.42 -11.71
CA GLU A 67 -3.32 -6.41 -10.84
C GLU A 67 -1.94 -6.82 -11.38
N LYS A 68 -1.92 -7.43 -12.56
CA LYS A 68 -0.69 -7.97 -13.13
C LYS A 68 0.39 -6.90 -13.29
N ASP A 69 0.04 -5.81 -13.95
CA ASP A 69 0.99 -4.75 -14.27
C ASP A 69 1.50 -4.05 -13.02
N THR A 70 0.58 -3.70 -12.12
CA THR A 70 0.95 -2.95 -10.93
C THR A 70 1.80 -3.79 -9.98
N LEU A 71 1.52 -5.09 -9.90
CA LEU A 71 2.37 -5.98 -9.13
C LEU A 71 3.77 -5.98 -9.71
N THR A 72 3.84 -6.07 -11.04
CA THR A 72 5.12 -6.04 -11.74
C THR A 72 5.89 -4.75 -11.42
N CYS A 73 5.18 -3.62 -11.45
CA CYS A 73 5.79 -2.32 -11.17
C CYS A 73 6.37 -2.29 -9.76
N PHE A 74 5.55 -2.60 -8.77
CA PHE A 74 5.96 -2.56 -7.38
C PHE A 74 7.17 -3.44 -7.13
N ILE A 75 7.10 -4.68 -7.60
CA ILE A 75 8.19 -5.64 -7.43
C ILE A 75 9.47 -5.11 -8.09
N TYR A 76 9.34 -4.64 -9.32
CA TYR A 76 10.47 -4.20 -10.12
C TYR A 76 11.13 -2.97 -9.50
N SER A 77 10.33 -2.08 -8.93
CA SER A 77 10.86 -0.89 -8.29
C SER A 77 11.61 -1.25 -7.00
N VAL A 78 10.91 -1.84 -6.05
CA VAL A 78 11.48 -2.04 -4.71
C VAL A 78 12.67 -3.01 -4.74
N ARG A 79 12.68 -3.93 -5.69
CA ARG A 79 13.77 -4.90 -5.81
C ARG A 79 14.99 -4.29 -6.50
N ASN A 80 14.87 -3.04 -6.94
CA ASN A 80 16.00 -2.34 -7.55
C ASN A 80 16.24 -1.00 -6.85
N ASP A 81 15.28 -0.10 -6.97
CA ASP A 81 15.37 1.20 -6.33
C ASP A 81 14.07 1.52 -5.60
N LYS A 82 14.11 1.39 -4.28
CA LYS A 82 12.94 1.66 -3.46
C LYS A 82 12.82 3.15 -3.22
N ASN A 83 12.12 3.82 -4.12
CA ASN A 83 12.03 5.28 -4.14
C ASN A 83 13.38 5.87 -4.50
N LYS A 84 13.64 5.98 -5.81
CA LYS A 84 14.92 6.44 -6.34
C LYS A 84 15.42 7.68 -5.61
N SER A 85 16.52 7.51 -4.90
CA SER A 85 17.13 8.57 -4.12
C SER A 85 18.64 8.35 -4.05
N ASP A 86 19.34 9.24 -3.36
CA ASP A 86 20.78 9.09 -3.17
C ASP A 86 21.08 7.92 -2.25
N LEU A 87 20.21 7.71 -1.27
CA LEU A 87 20.30 6.61 -0.32
C LEU A 87 21.50 6.77 0.61
N LYS A 88 22.67 6.34 0.15
CA LYS A 88 23.90 6.41 0.94
C LYS A 88 25.06 5.82 0.14
N ALA A 89 26.05 6.63 -0.16
CA ALA A 89 27.19 6.20 -0.94
C ALA A 89 28.44 6.10 -0.07
N ASP A 90 29.17 5.02 -0.24
CA ASP A 90 30.40 4.80 0.53
C ASP A 90 31.62 5.02 -0.34
N SER A 91 32.06 6.26 -0.43
CA SER A 91 33.23 6.61 -1.22
C SER A 91 34.37 7.06 -0.33
N GLY A 92 35.59 6.98 -0.84
CA GLY A 92 36.75 7.32 -0.04
C GLY A 92 37.60 6.10 0.26
N VAL A 93 37.20 5.34 1.27
CA VAL A 93 37.89 4.11 1.63
C VAL A 93 36.91 2.94 1.66
N HIS A 94 37.43 1.73 1.49
CA HIS A 94 36.60 0.54 1.48
C HIS A 94 36.66 -0.17 2.83
N SER B 1 15.03 -25.85 -1.58
CA SER B 1 14.31 -25.83 -2.87
C SER B 1 15.16 -26.48 -3.95
N ASN B 2 14.50 -27.00 -4.98
CA ASN B 2 15.18 -27.59 -6.13
C ASN B 2 15.54 -26.51 -7.13
N ALA B 3 14.93 -25.33 -6.96
CA ALA B 3 15.13 -24.23 -7.89
C ALA B 3 16.34 -23.39 -7.48
N SER B 4 17.38 -23.46 -8.30
CA SER B 4 18.59 -22.69 -8.05
C SER B 4 18.54 -21.36 -8.79
N LYS B 5 17.79 -21.34 -9.87
CA LYS B 5 17.65 -20.12 -10.67
C LYS B 5 16.27 -19.51 -10.47
N HIS B 6 16.22 -18.19 -10.48
CA HIS B 6 14.96 -17.45 -10.38
C HIS B 6 14.23 -17.77 -9.07
N GLY B 7 14.99 -17.87 -7.99
CA GLY B 7 14.40 -18.18 -6.69
C GLY B 7 13.73 -16.96 -6.06
N VAL B 8 12.90 -16.30 -6.85
CA VAL B 8 12.22 -15.08 -6.41
C VAL B 8 10.71 -15.21 -6.61
N GLY B 9 10.23 -16.44 -6.68
CA GLY B 9 8.81 -16.67 -6.88
C GLY B 9 8.00 -16.42 -5.61
N THR B 10 8.70 -16.00 -4.56
CA THR B 10 8.06 -15.74 -3.28
C THR B 10 7.16 -14.51 -3.34
N GLU B 11 7.46 -13.61 -4.27
CA GLU B 11 6.64 -12.43 -4.48
C GLU B 11 5.24 -12.85 -4.94
N SER B 12 5.19 -13.75 -5.92
CA SER B 12 3.93 -14.28 -6.41
C SER B 12 3.18 -14.98 -5.29
N LEU B 13 3.93 -15.70 -4.45
CA LEU B 13 3.35 -16.36 -3.29
C LEU B 13 2.70 -15.35 -2.35
N PHE B 14 3.45 -14.31 -2.01
CA PHE B 14 2.96 -13.24 -1.15
C PHE B 14 1.66 -12.65 -1.70
N PHE B 15 1.71 -12.16 -2.93
CA PHE B 15 0.58 -11.43 -3.51
C PHE B 15 -0.65 -12.31 -3.66
N ASP B 16 -0.45 -13.58 -4.01
CA ASP B 16 -1.58 -14.51 -4.10
C ASP B 16 -2.18 -14.74 -2.73
N LYS B 17 -1.32 -14.89 -1.72
CA LYS B 17 -1.76 -15.08 -0.36
C LYS B 17 -2.54 -13.84 0.12
N VAL B 18 -2.02 -12.66 -0.19
CA VAL B 18 -2.70 -11.41 0.13
C VAL B 18 -4.06 -11.35 -0.54
N ARG B 19 -4.07 -11.58 -1.84
CA ARG B 19 -5.28 -11.52 -2.65
C ARG B 19 -6.34 -12.51 -2.14
N LYS B 20 -5.87 -13.64 -1.64
CA LYS B 20 -6.74 -14.72 -1.19
C LYS B 20 -7.20 -14.50 0.25
N ALA B 21 -6.35 -13.89 1.06
CA ALA B 21 -6.66 -13.66 2.47
C ALA B 21 -7.59 -12.47 2.67
N LEU B 22 -7.36 -11.40 1.89
CA LEU B 22 -8.18 -10.21 2.00
C LEU B 22 -9.63 -10.50 1.64
N ARG B 23 -9.82 -11.39 0.66
CA ARG B 23 -11.15 -11.83 0.21
C ARG B 23 -11.87 -10.74 -0.58
N SER B 24 -11.56 -9.49 -0.26
CA SER B 24 -12.19 -8.35 -0.89
C SER B 24 -11.35 -7.83 -2.04
N ALA B 25 -11.94 -7.82 -3.23
CA ALA B 25 -11.25 -7.33 -4.42
C ALA B 25 -10.92 -5.85 -4.29
N GLU B 26 -11.86 -5.09 -3.76
CA GLU B 26 -11.69 -3.65 -3.57
C GLU B 26 -10.50 -3.37 -2.65
N ALA B 27 -10.30 -4.22 -1.66
CA ALA B 27 -9.20 -4.05 -0.71
C ALA B 27 -7.87 -4.34 -1.38
N TYR B 28 -7.85 -5.32 -2.27
CA TYR B 28 -6.65 -5.65 -3.01
C TYR B 28 -6.37 -4.55 -4.04
N GLU B 29 -7.44 -3.99 -4.59
CA GLU B 29 -7.32 -2.85 -5.47
C GLU B 29 -6.73 -1.66 -4.71
N ASN B 30 -7.22 -1.47 -3.49
CA ASN B 30 -6.67 -0.46 -2.59
C ASN B 30 -5.16 -0.64 -2.43
N PHE B 31 -4.76 -1.88 -2.16
CA PHE B 31 -3.35 -2.24 -2.05
C PHE B 31 -2.59 -1.83 -3.31
N LEU B 32 -3.15 -2.20 -4.45
CA LEU B 32 -2.53 -1.90 -5.73
C LEU B 32 -2.46 -0.39 -5.99
N ARG B 33 -3.44 0.35 -5.48
CA ARG B 33 -3.42 1.79 -5.64
C ARG B 33 -2.30 2.41 -4.82
N CYS B 34 -2.06 1.87 -3.63
CA CYS B 34 -0.92 2.26 -2.84
C CYS B 34 0.37 1.98 -3.61
N LEU B 35 0.37 0.89 -4.36
CA LEU B 35 1.52 0.51 -5.16
C LEU B 35 1.79 1.54 -6.27
N VAL B 36 0.77 1.85 -7.06
CA VAL B 36 0.94 2.77 -8.18
C VAL B 36 1.37 4.16 -7.73
N ILE B 37 0.82 4.65 -6.63
CA ILE B 37 1.23 5.95 -6.13
C ILE B 37 2.65 5.92 -5.59
N PHE B 38 3.06 4.77 -5.04
CA PHE B 38 4.45 4.57 -4.66
C PHE B 38 5.34 4.54 -5.91
N ASN B 39 4.82 3.92 -6.97
CA ASN B 39 5.54 3.80 -8.23
C ASN B 39 5.60 5.13 -8.96
N GLN B 40 4.93 6.14 -8.42
CA GLN B 40 4.93 7.48 -8.99
C GLN B 40 5.60 8.45 -8.03
N GLU B 41 6.28 7.89 -7.03
CA GLU B 41 6.99 8.68 -6.00
C GLU B 41 6.03 9.59 -5.25
N VAL B 42 4.77 9.18 -5.14
CA VAL B 42 3.79 9.95 -4.41
C VAL B 42 3.91 9.69 -2.91
N ILE B 43 3.94 8.42 -2.53
CA ILE B 43 4.09 8.06 -1.14
C ILE B 43 5.47 7.47 -0.89
N SER B 44 5.84 7.34 0.37
CA SER B 44 7.13 6.78 0.73
C SER B 44 6.96 5.32 1.17
N ARG B 45 8.07 4.67 1.49
CA ARG B 45 8.08 3.27 1.90
C ARG B 45 7.23 3.08 3.14
N ALA B 46 7.60 3.78 4.19
CA ALA B 46 6.89 3.69 5.47
C ALA B 46 5.43 4.05 5.32
N GLU B 47 5.14 5.07 4.52
CA GLU B 47 3.75 5.48 4.25
C GLU B 47 2.96 4.31 3.70
N LEU B 48 3.58 3.56 2.81
CA LEU B 48 2.95 2.42 2.15
C LEU B 48 2.64 1.31 3.16
N VAL B 49 3.59 0.98 4.03
CA VAL B 49 3.38 -0.08 5.01
C VAL B 49 2.26 0.31 5.98
N GLN B 50 2.15 1.61 6.26
CA GLN B 50 1.11 2.12 7.14
C GLN B 50 -0.27 1.98 6.51
N LEU B 51 -0.36 2.31 5.22
CA LEU B 51 -1.62 2.27 4.49
C LEU B 51 -2.26 0.89 4.52
N VAL B 52 -1.44 -0.13 4.31
CA VAL B 52 -1.94 -1.50 4.20
C VAL B 52 -1.93 -2.19 5.58
N SER B 53 -1.64 -1.42 6.63
CA SER B 53 -1.59 -1.95 7.98
C SER B 53 -2.92 -2.59 8.42
N PRO B 54 -4.08 -1.89 8.25
CA PRO B 54 -5.40 -2.46 8.59
C PRO B 54 -5.72 -3.73 7.80
N PHE B 55 -4.98 -3.95 6.72
CA PHE B 55 -5.24 -5.07 5.83
C PHE B 55 -4.34 -6.25 6.16
N LEU B 56 -3.03 -6.04 6.13
CA LEU B 56 -2.08 -7.13 6.30
C LEU B 56 -1.54 -7.20 7.73
N GLY B 57 -1.85 -6.18 8.52
CA GLY B 57 -1.34 -6.13 9.88
C GLY B 57 -1.91 -7.22 10.76
N LYS B 58 -3.07 -7.74 10.37
CA LYS B 58 -3.71 -8.82 11.10
C LYS B 58 -3.05 -10.16 10.75
N PHE B 59 -2.12 -10.14 9.81
CA PHE B 59 -1.37 -11.33 9.43
C PHE B 59 0.13 -11.08 9.63
N PRO B 60 0.66 -11.43 10.81
CA PRO B 60 2.07 -11.19 11.18
C PRO B 60 3.05 -11.65 10.11
N GLU B 61 2.89 -12.88 9.63
CA GLU B 61 3.81 -13.44 8.65
C GLU B 61 3.79 -12.66 7.35
N LEU B 62 2.62 -12.14 6.99
CA LEU B 62 2.42 -11.46 5.73
C LEU B 62 2.98 -10.05 5.81
N PHE B 63 2.71 -9.38 6.90
CA PHE B 63 3.21 -8.03 7.12
C PHE B 63 4.73 -8.07 7.34
N ASN B 64 5.20 -9.15 7.95
CA ASN B 64 6.63 -9.37 8.14
C ASN B 64 7.33 -9.57 6.80
N TRP B 65 6.64 -10.26 5.89
CA TRP B 65 7.14 -10.45 4.53
C TRP B 65 7.35 -9.07 3.90
N PHE B 66 6.35 -8.20 4.05
CA PHE B 66 6.42 -6.85 3.52
C PHE B 66 7.58 -6.07 4.15
N LYS B 67 7.80 -6.29 5.45
CA LYS B 67 8.94 -5.69 6.15
C LYS B 67 10.23 -6.02 5.42
N ASN B 68 10.41 -7.29 5.13
CA ASN B 68 11.63 -7.79 4.51
C ASN B 68 11.79 -7.31 3.07
N PHE B 69 10.68 -7.21 2.35
CA PHE B 69 10.72 -6.87 0.94
C PHE B 69 11.07 -5.40 0.75
N LEU B 70 10.52 -4.57 1.61
CA LEU B 70 10.76 -3.13 1.54
C LEU B 70 12.09 -2.78 2.21
N GLY B 71 12.58 -3.67 3.05
CA GLY B 71 13.77 -3.38 3.82
C GLY B 71 13.47 -2.41 4.93
N TYR B 72 12.22 -2.44 5.40
CA TYR B 72 11.74 -1.50 6.40
C TYR B 72 12.14 -1.98 7.79
N LYS B 73 13.32 -1.54 8.23
CA LYS B 73 13.82 -1.90 9.54
C LYS B 73 13.17 -1.03 10.61
N GLU B 74 12.14 -1.57 11.25
CA GLU B 74 11.48 -0.88 12.34
C GLU B 74 11.92 -1.49 13.66
N SER B 75 12.96 -2.32 13.59
CA SER B 75 13.50 -3.01 14.75
C SER B 75 12.45 -3.92 15.39
N SER A 1 -15.46 -15.15 -10.50
CA SER A 1 -14.77 -14.43 -11.59
C SER A 1 -14.25 -15.41 -12.64
N ASN A 2 -13.53 -16.43 -12.19
CA ASN A 2 -12.95 -17.41 -13.09
C ASN A 2 -13.59 -18.77 -12.86
N ALA A 3 -13.67 -19.57 -13.91
CA ALA A 3 -14.22 -20.92 -13.81
C ALA A 3 -13.55 -21.84 -14.81
N GLY A 4 -13.62 -23.14 -14.57
CA GLY A 4 -13.02 -24.10 -15.48
C GLY A 4 -11.73 -24.69 -14.95
N SER A 5 -11.18 -24.05 -13.92
CA SER A 5 -9.94 -24.50 -13.31
C SER A 5 -10.12 -25.88 -12.67
N ASP A 6 -9.46 -26.88 -13.25
CA ASP A 6 -9.61 -28.25 -12.79
C ASP A 6 -8.45 -28.62 -11.86
N ASP A 7 -7.33 -27.94 -12.03
CA ASP A 7 -6.15 -28.19 -11.20
C ASP A 7 -6.12 -27.24 -10.01
N ASP A 8 -5.67 -27.75 -8.88
CA ASP A 8 -5.59 -26.99 -7.63
C ASP A 8 -6.93 -26.39 -7.27
N GLY A 9 -7.90 -27.26 -7.02
CA GLY A 9 -9.23 -26.82 -6.66
C GLY A 9 -9.42 -26.73 -5.16
N GLY A 10 -8.43 -26.15 -4.49
CA GLY A 10 -8.50 -26.00 -3.07
C GLY A 10 -8.71 -24.55 -2.68
N ASP A 11 -9.28 -23.78 -3.59
CA ASP A 11 -9.55 -22.36 -3.36
C ASP A 11 -10.47 -22.19 -2.17
N SER A 12 -9.90 -21.76 -1.07
CA SER A 12 -10.64 -21.59 0.16
C SER A 12 -10.32 -20.24 0.79
N PRO A 13 -11.22 -19.25 0.64
CA PRO A 13 -11.04 -17.91 1.22
C PRO A 13 -10.96 -17.96 2.74
N VAL A 14 -12.07 -18.32 3.38
CA VAL A 14 -12.14 -18.46 4.83
C VAL A 14 -11.94 -17.10 5.49
N GLN A 15 -12.19 -16.04 4.74
CA GLN A 15 -12.07 -14.68 5.23
C GLN A 15 -13.45 -14.06 5.34
N ASP A 16 -13.87 -13.77 6.56
CA ASP A 16 -15.19 -13.19 6.80
C ASP A 16 -15.17 -11.70 6.51
N ILE A 17 -13.98 -11.15 6.29
CA ILE A 17 -13.82 -9.74 5.97
C ILE A 17 -14.61 -9.39 4.72
N ASP A 18 -15.33 -8.30 4.77
CA ASP A 18 -16.11 -7.84 3.64
C ASP A 18 -15.27 -6.90 2.78
N THR A 19 -14.78 -5.84 3.40
CA THR A 19 -13.97 -4.83 2.72
C THR A 19 -13.28 -3.95 3.76
N PRO A 20 -11.97 -4.14 3.98
CA PRO A 20 -11.19 -3.33 4.91
C PRO A 20 -11.00 -1.91 4.40
N GLU A 21 -10.78 -0.99 5.32
CA GLU A 21 -10.61 0.42 4.97
C GLU A 21 -9.16 0.84 5.13
N VAL A 22 -8.81 1.98 4.54
CA VAL A 22 -7.47 2.50 4.62
C VAL A 22 -7.45 3.88 5.27
N ASP A 23 -6.71 3.98 6.36
CA ASP A 23 -6.55 5.26 7.04
C ASP A 23 -5.60 6.15 6.25
N LEU A 24 -6.10 7.29 5.81
CA LEU A 24 -5.26 8.22 5.06
C LEU A 24 -4.91 9.43 5.91
N TYR A 25 -5.52 9.51 7.09
CA TYR A 25 -5.20 10.58 8.03
C TYR A 25 -3.84 10.30 8.68
N GLN A 26 -3.38 9.07 8.52
CA GLN A 26 -2.11 8.62 9.07
C GLN A 26 -0.94 9.21 8.28
N LEU A 27 -1.18 9.54 7.02
CA LEU A 27 -0.13 9.97 6.12
C LEU A 27 0.44 11.32 6.53
N GLN A 28 1.64 11.61 6.06
CA GLN A 28 2.27 12.88 6.33
C GLN A 28 1.69 13.96 5.41
N VAL A 29 1.79 15.21 5.84
CA VAL A 29 1.30 16.32 5.04
C VAL A 29 2.01 16.34 3.69
N ASN A 30 3.32 16.14 3.72
CA ASN A 30 4.11 16.12 2.49
C ASN A 30 3.58 15.07 1.53
N THR A 31 3.29 13.88 2.06
CA THR A 31 2.77 12.77 1.27
C THR A 31 1.41 13.12 0.66
N LEU A 32 0.52 13.64 1.49
CA LEU A 32 -0.82 14.02 1.05
C LEU A 32 -0.76 15.13 0.01
N ARG A 33 0.08 16.14 0.29
CA ARG A 33 0.25 17.25 -0.63
C ARG A 33 0.88 16.78 -1.94
N ARG A 34 1.80 15.81 -1.83
CA ARG A 34 2.46 15.27 -3.01
C ARG A 34 1.48 14.50 -3.89
N TYR A 35 0.64 13.68 -3.26
CA TYR A 35 -0.42 12.99 -3.98
C TYR A 35 -1.26 13.99 -4.78
N LYS A 36 -1.69 15.03 -4.10
CA LYS A 36 -2.55 16.03 -4.73
C LYS A 36 -1.81 16.82 -5.81
N ARG A 37 -0.50 16.97 -5.65
CA ARG A 37 0.30 17.69 -6.62
C ARG A 37 0.61 16.82 -7.83
N HIS A 38 0.97 15.56 -7.59
CA HIS A 38 1.34 14.65 -8.67
C HIS A 38 0.12 14.29 -9.51
N PHE A 39 -1.00 14.04 -8.84
CA PHE A 39 -2.23 13.65 -9.53
C PHE A 39 -3.00 14.87 -10.01
N LYS A 40 -2.47 16.05 -9.72
CA LYS A 40 -3.06 17.32 -10.15
C LYS A 40 -4.48 17.47 -9.62
N LEU A 41 -4.60 17.59 -8.31
CA LEU A 41 -5.91 17.76 -7.68
C LEU A 41 -6.14 19.22 -7.31
N PRO A 42 -7.35 19.73 -7.56
CA PRO A 42 -7.71 21.12 -7.24
C PRO A 42 -7.64 21.39 -5.74
N THR A 43 -7.13 22.57 -5.39
CA THR A 43 -7.00 22.95 -4.00
C THR A 43 -7.55 24.35 -3.77
N ARG A 44 -8.11 24.57 -2.59
CA ARG A 44 -8.63 25.87 -2.22
C ARG A 44 -7.80 26.42 -1.07
N PRO A 45 -7.61 27.75 -1.03
CA PRO A 45 -6.85 28.41 0.03
C PRO A 45 -7.41 28.09 1.42
N GLY A 46 -6.54 27.66 2.31
CA GLY A 46 -6.97 27.24 3.62
C GLY A 46 -6.94 25.74 3.76
N LEU A 47 -5.82 25.14 3.37
CA LEU A 47 -5.67 23.69 3.45
C LEU A 47 -5.24 23.25 4.83
N ASN A 48 -5.74 22.10 5.24
CA ASN A 48 -5.42 21.52 6.54
C ASN A 48 -5.17 20.04 6.38
N LYS A 49 -4.79 19.37 7.46
CA LYS A 49 -4.53 17.94 7.43
C LYS A 49 -5.74 17.17 6.91
N ALA A 50 -6.91 17.49 7.46
CA ALA A 50 -8.15 16.84 7.05
C ALA A 50 -8.47 17.14 5.59
N GLN A 51 -8.22 18.37 5.17
CA GLN A 51 -8.52 18.80 3.81
C GLN A 51 -7.74 17.97 2.80
N LEU A 52 -6.49 17.70 3.14
CA LEU A 52 -5.65 16.87 2.31
C LEU A 52 -6.23 15.46 2.23
N VAL A 53 -6.50 14.88 3.40
CA VAL A 53 -7.06 13.54 3.48
C VAL A 53 -8.37 13.41 2.70
N GLU A 54 -9.26 14.37 2.88
CA GLU A 54 -10.56 14.35 2.21
C GLU A 54 -10.39 14.31 0.70
N ILE A 55 -9.56 15.19 0.15
CA ILE A 55 -9.34 15.24 -1.28
C ILE A 55 -8.56 14.01 -1.76
N VAL A 56 -7.52 13.64 -1.02
CA VAL A 56 -6.71 12.47 -1.35
C VAL A 56 -7.58 11.22 -1.38
N GLY A 57 -8.37 11.02 -0.33
CA GLY A 57 -9.21 9.85 -0.24
C GLY A 57 -10.28 9.81 -1.31
N CYS A 58 -10.82 10.98 -1.63
CA CYS A 58 -11.83 11.11 -2.66
C CYS A 58 -11.31 10.58 -4.00
N HIS A 59 -10.06 10.92 -4.32
CA HIS A 59 -9.46 10.48 -5.57
C HIS A 59 -8.82 9.10 -5.42
N PHE A 60 -8.38 8.78 -4.21
CA PHE A 60 -7.69 7.54 -3.92
C PHE A 60 -8.58 6.34 -4.21
N LYS A 61 -9.85 6.43 -3.81
CA LYS A 61 -10.78 5.33 -4.03
C LYS A 61 -11.29 5.28 -5.48
N SER A 62 -10.58 5.94 -6.39
CA SER A 62 -10.98 5.95 -7.78
C SER A 62 -9.77 5.85 -8.71
N ILE A 63 -8.64 5.38 -8.19
CA ILE A 63 -7.43 5.24 -8.97
C ILE A 63 -7.50 3.97 -9.84
N PRO A 64 -7.34 4.12 -11.16
CA PRO A 64 -7.26 2.98 -12.07
C PRO A 64 -5.95 2.22 -11.88
N VAL A 65 -6.02 0.90 -11.93
CA VAL A 65 -4.87 0.07 -11.62
C VAL A 65 -4.92 -1.25 -12.41
N ASN A 66 -3.75 -1.86 -12.61
CA ASN A 66 -3.64 -3.11 -13.34
C ASN A 66 -2.92 -4.14 -12.49
N GLU A 67 -3.62 -5.21 -12.12
CA GLU A 67 -3.10 -6.20 -11.16
C GLU A 67 -1.68 -6.64 -11.50
N LYS A 68 -1.52 -7.30 -12.64
CA LYS A 68 -0.23 -7.89 -13.00
C LYS A 68 0.84 -6.83 -13.21
N ASP A 69 0.51 -5.77 -13.93
CA ASP A 69 1.48 -4.72 -14.24
C ASP A 69 1.92 -3.99 -12.99
N THR A 70 0.95 -3.71 -12.11
CA THR A 70 1.23 -3.01 -10.86
C THR A 70 2.10 -3.87 -9.94
N LEU A 71 1.82 -5.17 -9.89
CA LEU A 71 2.66 -6.10 -9.14
C LEU A 71 4.07 -6.04 -9.67
N THR A 72 4.20 -6.09 -11.00
CA THR A 72 5.49 -6.03 -11.65
C THR A 72 6.24 -4.76 -11.24
N CYS A 73 5.56 -3.62 -11.31
CA CYS A 73 6.14 -2.36 -10.89
C CYS A 73 6.61 -2.45 -9.45
N PHE A 74 5.69 -2.82 -8.56
CA PHE A 74 5.95 -2.91 -7.13
C PHE A 74 7.19 -3.76 -6.85
N ILE A 75 7.21 -4.97 -7.39
CA ILE A 75 8.29 -5.91 -7.15
C ILE A 75 9.64 -5.31 -7.55
N TYR A 76 9.75 -4.86 -8.80
CA TYR A 76 11.01 -4.39 -9.32
C TYR A 76 11.42 -3.02 -8.76
N SER A 77 10.44 -2.19 -8.40
CA SER A 77 10.74 -0.92 -7.78
C SER A 77 11.41 -1.13 -6.43
N VAL A 78 10.76 -1.89 -5.56
CA VAL A 78 11.23 -2.09 -4.20
C VAL A 78 12.55 -2.85 -4.18
N ARG A 79 12.74 -3.74 -5.15
CA ARG A 79 13.97 -4.53 -5.26
C ARG A 79 15.15 -3.69 -5.74
N ASN A 80 14.89 -2.43 -6.08
CA ASN A 80 15.95 -1.53 -6.53
C ASN A 80 16.02 -0.28 -5.66
N ASP A 81 14.90 0.43 -5.52
CA ASP A 81 14.84 1.66 -4.78
C ASP A 81 13.73 1.59 -3.76
N LYS A 82 13.71 2.54 -2.84
CA LYS A 82 12.72 2.54 -1.77
C LYS A 82 12.23 3.95 -1.48
N ASN A 83 12.54 4.87 -2.41
CA ASN A 83 12.17 6.30 -2.28
C ASN A 83 12.85 6.96 -1.08
N LYS A 84 13.74 6.22 -0.44
CA LYS A 84 14.49 6.72 0.71
C LYS A 84 15.96 6.36 0.54
N SER A 85 16.45 6.53 -0.67
CA SER A 85 17.81 6.12 -1.03
C SER A 85 18.76 7.31 -0.96
N ASP A 86 18.21 8.49 -0.77
CA ASP A 86 19.01 9.70 -0.61
C ASP A 86 18.75 10.33 0.75
N LEU A 87 19.82 10.56 1.48
CA LEU A 87 19.72 11.06 2.85
C LEU A 87 20.20 12.51 2.92
N LYS A 88 21.26 12.81 2.19
CA LYS A 88 21.87 14.14 2.23
C LYS A 88 21.33 15.01 1.11
N ALA A 89 20.18 15.61 1.34
CA ALA A 89 19.57 16.50 0.37
C ALA A 89 19.94 17.95 0.66
N ASP A 90 20.42 18.65 -0.35
CA ASP A 90 20.75 20.05 -0.24
C ASP A 90 19.48 20.89 -0.37
N SER A 91 19.63 22.21 -0.41
CA SER A 91 18.48 23.08 -0.50
C SER A 91 17.87 23.05 -1.89
N GLY A 92 16.80 22.29 -2.04
CA GLY A 92 16.07 22.24 -3.29
C GLY A 92 15.00 23.31 -3.35
N VAL A 93 15.29 24.47 -2.77
CA VAL A 93 14.36 25.57 -2.70
C VAL A 93 14.86 26.75 -3.54
N HIS A 94 13.96 27.41 -4.23
CA HIS A 94 14.31 28.56 -5.04
C HIS A 94 13.97 29.85 -4.30
N SER B 1 20.49 -31.87 4.02
CA SER B 1 20.89 -31.26 5.30
C SER B 1 20.95 -29.75 5.20
N ASN B 2 21.95 -29.24 4.48
CA ASN B 2 22.13 -27.80 4.32
C ASN B 2 21.43 -27.30 3.08
N ALA B 3 20.42 -26.47 3.28
CA ALA B 3 19.66 -25.91 2.17
C ALA B 3 19.43 -24.41 2.39
N SER B 4 19.73 -23.63 1.38
CA SER B 4 19.59 -22.18 1.46
C SER B 4 18.63 -21.69 0.38
N LYS B 5 18.30 -20.40 0.43
CA LYS B 5 17.38 -19.82 -0.55
C LYS B 5 18.16 -19.07 -1.62
N HIS B 6 17.82 -19.32 -2.87
CA HIS B 6 18.45 -18.63 -3.98
C HIS B 6 17.39 -18.17 -4.97
N GLY B 7 17.65 -17.05 -5.62
CA GLY B 7 16.72 -16.51 -6.61
C GLY B 7 15.45 -15.95 -5.97
N VAL B 8 14.51 -15.58 -6.82
CA VAL B 8 13.23 -15.05 -6.37
C VAL B 8 12.08 -15.93 -6.85
N GLY B 9 10.85 -15.44 -6.69
CA GLY B 9 9.69 -16.20 -7.08
C GLY B 9 8.73 -16.38 -5.92
N THR B 10 9.12 -15.86 -4.77
CA THR B 10 8.31 -15.95 -3.57
C THR B 10 7.31 -14.79 -3.51
N GLU B 11 7.56 -13.78 -4.34
CA GLU B 11 6.68 -12.62 -4.40
C GLU B 11 5.26 -13.04 -4.79
N SER B 12 5.16 -13.93 -5.76
CA SER B 12 3.86 -14.41 -6.22
C SER B 12 3.13 -15.16 -5.11
N LEU B 13 3.89 -15.84 -4.27
CA LEU B 13 3.33 -16.56 -3.13
C LEU B 13 2.70 -15.58 -2.14
N PHE B 14 3.42 -14.50 -1.90
CA PHE B 14 2.91 -13.39 -1.09
C PHE B 14 1.58 -12.88 -1.64
N PHE B 15 1.54 -12.63 -2.94
CA PHE B 15 0.35 -12.08 -3.57
C PHE B 15 -0.82 -13.06 -3.54
N ASP B 16 -0.52 -14.36 -3.59
CA ASP B 16 -1.55 -15.39 -3.44
C ASP B 16 -2.20 -15.26 -2.07
N LYS B 17 -1.36 -15.12 -1.05
CA LYS B 17 -1.83 -14.91 0.32
C LYS B 17 -2.65 -13.63 0.42
N VAL B 18 -2.12 -12.54 -0.11
CA VAL B 18 -2.78 -11.24 -0.06
C VAL B 18 -4.15 -11.29 -0.75
N ARG B 19 -4.15 -11.78 -1.99
CA ARG B 19 -5.36 -11.82 -2.80
C ARG B 19 -6.44 -12.64 -2.10
N LYS B 20 -6.04 -13.75 -1.52
CA LYS B 20 -6.96 -14.69 -0.89
C LYS B 20 -7.45 -14.16 0.46
N ALA B 21 -6.58 -13.45 1.17
CA ALA B 21 -6.90 -12.94 2.50
C ALA B 21 -7.75 -11.68 2.43
N LEU B 22 -7.41 -10.78 1.50
CA LEU B 22 -8.15 -9.54 1.36
C LEU B 22 -9.58 -9.81 0.88
N ARG B 23 -9.72 -10.73 -0.08
CA ARG B 23 -11.03 -11.17 -0.59
C ARG B 23 -11.71 -10.08 -1.43
N SER B 24 -11.87 -8.92 -0.82
CA SER B 24 -12.52 -7.79 -1.47
C SER B 24 -11.69 -7.28 -2.63
N ALA B 25 -12.33 -7.12 -3.78
CA ALA B 25 -11.66 -6.65 -4.98
C ALA B 25 -11.20 -5.21 -4.83
N GLU B 26 -12.06 -4.38 -4.22
CA GLU B 26 -11.73 -2.96 -4.02
C GLU B 26 -10.60 -2.83 -3.00
N ALA B 27 -10.55 -3.76 -2.05
CA ALA B 27 -9.49 -3.76 -1.06
C ALA B 27 -8.16 -4.17 -1.68
N TYR B 28 -8.20 -5.19 -2.52
CA TYR B 28 -7.00 -5.63 -3.24
C TYR B 28 -6.56 -4.54 -4.20
N GLU B 29 -7.54 -3.91 -4.83
CA GLU B 29 -7.29 -2.78 -5.71
C GLU B 29 -6.65 -1.65 -4.93
N ASN B 30 -7.17 -1.41 -3.72
CA ASN B 30 -6.63 -0.39 -2.82
C ASN B 30 -5.14 -0.61 -2.57
N PHE B 31 -4.79 -1.86 -2.31
CA PHE B 31 -3.39 -2.27 -2.15
C PHE B 31 -2.58 -1.88 -3.38
N LEU B 32 -3.10 -2.24 -4.54
CA LEU B 32 -2.43 -1.96 -5.80
C LEU B 32 -2.31 -0.47 -6.05
N ARG B 33 -3.30 0.30 -5.58
CA ARG B 33 -3.26 1.74 -5.71
C ARG B 33 -2.13 2.32 -4.88
N CYS B 34 -1.91 1.74 -3.70
CA CYS B 34 -0.78 2.12 -2.87
C CYS B 34 0.53 1.81 -3.61
N LEU B 35 0.51 0.72 -4.39
CA LEU B 35 1.68 0.30 -5.15
C LEU B 35 2.00 1.30 -6.27
N VAL B 36 0.98 1.70 -7.03
CA VAL B 36 1.20 2.62 -8.15
C VAL B 36 1.68 3.99 -7.67
N ILE B 37 1.08 4.50 -6.60
CA ILE B 37 1.51 5.80 -6.08
C ILE B 37 2.90 5.71 -5.46
N PHE B 38 3.25 4.54 -4.94
CA PHE B 38 4.60 4.30 -4.45
C PHE B 38 5.58 4.33 -5.62
N ASN B 39 5.17 3.72 -6.72
CA ASN B 39 6.00 3.65 -7.93
C ASN B 39 6.17 5.03 -8.56
N GLN B 40 5.14 5.87 -8.43
CA GLN B 40 5.18 7.22 -8.96
C GLN B 40 5.88 8.17 -7.99
N GLU B 41 6.47 7.61 -6.94
CA GLU B 41 7.22 8.37 -5.94
C GLU B 41 6.30 9.31 -5.15
N VAL B 42 5.01 9.01 -5.15
CA VAL B 42 4.05 9.82 -4.42
C VAL B 42 4.14 9.53 -2.93
N ILE B 43 4.27 8.26 -2.59
CA ILE B 43 4.44 7.86 -1.20
C ILE B 43 5.75 7.12 -1.02
N SER B 44 6.31 7.13 0.19
CA SER B 44 7.55 6.42 0.45
C SER B 44 7.26 5.07 1.10
N ARG B 45 8.32 4.40 1.55
CA ARG B 45 8.21 3.09 2.17
C ARG B 45 7.25 3.12 3.36
N ALA B 46 7.34 4.18 4.16
CA ALA B 46 6.58 4.28 5.41
C ALA B 46 5.08 4.23 5.15
N GLU B 47 4.61 5.10 4.27
CA GLU B 47 3.19 5.18 3.96
C GLU B 47 2.69 3.86 3.37
N LEU B 48 3.49 3.27 2.49
CA LEU B 48 3.13 2.01 1.86
C LEU B 48 2.88 0.93 2.90
N VAL B 49 3.74 0.88 3.91
CA VAL B 49 3.62 -0.10 4.99
C VAL B 49 2.40 0.19 5.85
N GLN B 50 2.16 1.47 6.13
CA GLN B 50 1.08 1.88 7.03
C GLN B 50 -0.29 1.75 6.36
N LEU B 51 -0.39 2.14 5.11
CA LEU B 51 -1.67 2.18 4.39
C LEU B 51 -2.27 0.78 4.30
N VAL B 52 -1.43 -0.21 4.12
CA VAL B 52 -1.90 -1.57 3.96
C VAL B 52 -1.95 -2.29 5.32
N SER B 53 -1.70 -1.55 6.39
CA SER B 53 -1.72 -2.11 7.74
C SER B 53 -3.11 -2.71 8.09
N PRO B 54 -4.23 -1.98 7.84
CA PRO B 54 -5.57 -2.52 8.11
C PRO B 54 -5.93 -3.69 7.19
N PHE B 55 -5.02 -4.03 6.29
CA PHE B 55 -5.24 -5.13 5.36
C PHE B 55 -4.34 -6.31 5.70
N LEU B 56 -3.03 -6.09 5.64
CA LEU B 56 -2.06 -7.17 5.84
C LEU B 56 -1.69 -7.30 7.31
N GLY B 57 -1.91 -6.24 8.08
CA GLY B 57 -1.54 -6.25 9.48
C GLY B 57 -2.43 -7.15 10.31
N LYS B 58 -3.51 -7.62 9.70
CA LYS B 58 -4.40 -8.57 10.34
C LYS B 58 -3.80 -9.98 10.27
N PHE B 59 -2.77 -10.11 9.45
CA PHE B 59 -2.12 -11.40 9.24
C PHE B 59 -0.62 -11.28 9.53
N PRO B 60 -0.18 -11.79 10.70
CA PRO B 60 1.21 -11.67 11.16
C PRO B 60 2.24 -12.09 10.11
N GLU B 61 2.06 -13.27 9.52
CA GLU B 61 3.01 -13.79 8.55
C GLU B 61 3.02 -12.93 7.29
N LEU B 62 1.83 -12.53 6.87
CA LEU B 62 1.67 -11.77 5.63
C LEU B 62 2.30 -10.39 5.76
N PHE B 63 2.03 -9.73 6.87
CA PHE B 63 2.58 -8.41 7.12
C PHE B 63 4.10 -8.48 7.30
N ASN B 64 4.57 -9.59 7.85
CA ASN B 64 6.00 -9.83 8.03
C ASN B 64 6.70 -9.91 6.67
N TRP B 65 6.12 -10.70 5.77
CA TRP B 65 6.67 -10.87 4.43
C TRP B 65 6.79 -9.52 3.74
N PHE B 66 5.70 -8.74 3.81
CA PHE B 66 5.63 -7.44 3.18
C PHE B 66 6.75 -6.52 3.66
N LYS B 67 6.89 -6.41 4.98
CA LYS B 67 7.91 -5.55 5.56
C LYS B 67 9.32 -6.01 5.19
N ASN B 68 9.51 -7.32 5.15
CA ASN B 68 10.81 -7.89 4.82
C ASN B 68 11.19 -7.54 3.38
N PHE B 69 10.23 -7.68 2.47
CA PHE B 69 10.46 -7.39 1.06
C PHE B 69 10.79 -5.92 0.86
N LEU B 70 10.08 -5.06 1.59
CA LEU B 70 10.29 -3.62 1.48
C LEU B 70 11.61 -3.20 2.10
N GLY B 71 12.08 -3.98 3.06
CA GLY B 71 13.26 -3.59 3.81
C GLY B 71 12.89 -2.70 4.96
N TYR B 72 11.72 -2.94 5.54
CA TYR B 72 11.25 -2.19 6.68
C TYR B 72 11.71 -2.88 7.95
N LYS B 73 12.87 -2.48 8.44
CA LYS B 73 13.44 -3.05 9.64
C LYS B 73 13.14 -2.16 10.84
N GLU B 74 12.01 -1.45 10.75
CA GLU B 74 11.59 -0.50 11.78
C GLU B 74 12.53 0.70 11.81
N SER B 75 13.28 0.88 10.73
CA SER B 75 14.21 1.98 10.60
C SER B 75 14.16 2.55 9.19
N SER A 1 9.56 -29.80 -0.40
CA SER A 1 9.49 -30.35 0.97
C SER A 1 8.32 -29.73 1.72
N ASN A 2 7.31 -30.55 2.00
CA ASN A 2 6.13 -30.09 2.72
C ASN A 2 6.42 -29.98 4.21
N ALA A 3 6.07 -28.85 4.79
CA ALA A 3 6.29 -28.60 6.21
C ALA A 3 5.35 -27.52 6.71
N GLY A 4 4.88 -27.67 7.94
CA GLY A 4 3.96 -26.71 8.50
C GLY A 4 2.52 -27.11 8.26
N SER A 5 1.63 -26.12 8.26
CA SER A 5 0.21 -26.35 8.06
C SER A 5 -0.16 -26.27 6.59
N ASP A 6 -1.24 -26.92 6.20
CA ASP A 6 -1.72 -26.86 4.83
C ASP A 6 -2.69 -25.71 4.66
N ASP A 7 -3.75 -25.72 5.43
CA ASP A 7 -4.76 -24.68 5.38
C ASP A 7 -4.61 -23.72 6.55
N ASP A 8 -4.83 -22.45 6.29
CA ASP A 8 -4.76 -21.42 7.32
C ASP A 8 -6.16 -20.95 7.67
N GLY A 9 -6.32 -20.48 8.90
CA GLY A 9 -7.60 -19.95 9.33
C GLY A 9 -7.98 -20.41 10.72
N GLY A 10 -7.82 -21.70 10.98
CA GLY A 10 -8.19 -22.25 12.26
C GLY A 10 -9.69 -22.21 12.50
N ASP A 11 -10.15 -21.20 13.20
CA ASP A 11 -11.58 -21.02 13.47
C ASP A 11 -12.00 -19.62 13.07
N SER A 12 -12.71 -19.51 11.96
CA SER A 12 -13.20 -18.22 11.48
C SER A 12 -14.47 -18.42 10.66
N PRO A 13 -15.44 -17.51 10.79
CA PRO A 13 -16.69 -17.57 10.04
C PRO A 13 -16.50 -17.13 8.60
N VAL A 14 -17.52 -17.33 7.78
CA VAL A 14 -17.47 -16.92 6.39
C VAL A 14 -17.47 -15.40 6.26
N GLN A 15 -16.50 -14.88 5.52
CA GLN A 15 -16.36 -13.42 5.30
C GLN A 15 -16.13 -12.68 6.61
N ASP A 16 -14.87 -12.47 6.95
CA ASP A 16 -14.52 -11.76 8.17
C ASP A 16 -14.46 -10.26 7.89
N ILE A 17 -14.32 -9.91 6.62
CA ILE A 17 -14.31 -8.52 6.19
C ILE A 17 -15.16 -8.36 4.93
N ASP A 18 -15.97 -7.32 4.90
CA ASP A 18 -16.71 -6.97 3.69
C ASP A 18 -15.79 -6.18 2.77
N THR A 19 -15.39 -5.00 3.23
CA THR A 19 -14.49 -4.13 2.47
C THR A 19 -13.67 -3.28 3.42
N PRO A 20 -12.43 -3.72 3.73
CA PRO A 20 -11.49 -2.93 4.55
C PRO A 20 -11.28 -1.53 3.99
N GLU A 21 -11.04 -0.58 4.87
CA GLU A 21 -10.92 0.82 4.47
C GLU A 21 -9.60 1.41 4.99
N VAL A 22 -9.09 2.37 4.24
CA VAL A 22 -7.79 2.96 4.57
C VAL A 22 -8.00 4.23 5.36
N ASP A 23 -7.17 4.43 6.37
CA ASP A 23 -7.25 5.65 7.17
C ASP A 23 -6.81 6.84 6.34
N LEU A 24 -5.70 6.63 5.67
CA LEU A 24 -5.04 7.65 4.84
C LEU A 24 -4.63 8.86 5.67
N TYR A 25 -4.74 8.73 6.98
CA TYR A 25 -4.35 9.79 7.89
C TYR A 25 -2.92 9.60 8.35
N GLN A 26 -2.37 8.43 8.03
CA GLN A 26 -0.98 8.13 8.36
C GLN A 26 -0.07 8.95 7.47
N LEU A 27 -0.58 9.25 6.27
CA LEU A 27 0.17 10.00 5.28
C LEU A 27 0.54 11.36 5.85
N GLN A 28 1.80 11.71 5.69
CA GLN A 28 2.29 12.99 6.13
C GLN A 28 1.77 14.09 5.22
N VAL A 29 1.84 15.33 5.68
CA VAL A 29 1.33 16.46 4.90
C VAL A 29 2.00 16.52 3.54
N ASN A 30 3.31 16.33 3.51
CA ASN A 30 4.06 16.36 2.27
C ASN A 30 3.60 15.26 1.30
N THR A 31 3.23 14.10 1.85
CA THR A 31 2.74 12.99 1.05
C THR A 31 1.34 13.28 0.49
N LEU A 32 0.46 13.76 1.36
CA LEU A 32 -0.90 14.10 0.96
C LEU A 32 -0.89 15.19 -0.11
N ARG A 33 -0.10 16.22 0.14
CA ARG A 33 0.05 17.31 -0.81
C ARG A 33 0.70 16.82 -2.09
N ARG A 34 1.57 15.84 -1.96
CA ARG A 34 2.26 15.28 -3.11
C ARG A 34 1.28 14.55 -4.01
N TYR A 35 0.42 13.72 -3.42
CA TYR A 35 -0.64 13.05 -4.15
C TYR A 35 -1.46 14.07 -4.93
N LYS A 36 -1.89 15.12 -4.23
CA LYS A 36 -2.69 16.19 -4.82
C LYS A 36 -1.99 16.84 -6.01
N ARG A 37 -0.71 17.13 -5.85
CA ARG A 37 0.03 17.90 -6.85
C ARG A 37 0.51 17.01 -7.99
N HIS A 38 0.80 15.75 -7.68
CA HIS A 38 1.28 14.81 -8.68
C HIS A 38 0.16 14.40 -9.61
N PHE A 39 -1.04 14.24 -9.06
CA PHE A 39 -2.19 13.86 -9.87
C PHE A 39 -2.91 15.09 -10.42
N LYS A 40 -2.48 16.26 -9.97
CA LYS A 40 -3.06 17.53 -10.40
C LYS A 40 -4.53 17.62 -10.04
N LEU A 41 -4.81 17.75 -8.74
CA LEU A 41 -6.18 17.80 -8.24
C LEU A 41 -6.55 19.20 -7.81
N PRO A 42 -7.82 19.59 -8.02
CA PRO A 42 -8.35 20.90 -7.59
C PRO A 42 -8.36 21.03 -6.07
N THR A 43 -8.23 22.27 -5.59
CA THR A 43 -8.14 22.51 -4.16
C THR A 43 -8.98 23.70 -3.72
N ARG A 44 -9.16 23.82 -2.42
CA ARG A 44 -9.88 24.95 -1.84
C ARG A 44 -8.97 25.70 -0.87
N PRO A 45 -9.20 27.01 -0.70
CA PRO A 45 -8.47 27.80 0.29
C PRO A 45 -8.77 27.38 1.71
N GLY A 46 -7.73 27.23 2.52
CA GLY A 46 -7.90 26.79 3.89
C GLY A 46 -7.66 25.30 4.04
N LEU A 47 -6.66 24.80 3.34
CA LEU A 47 -6.33 23.38 3.39
C LEU A 47 -5.75 22.99 4.74
N ASN A 48 -6.10 21.78 5.18
CA ASN A 48 -5.65 21.25 6.47
C ASN A 48 -5.35 19.77 6.33
N LYS A 49 -4.88 19.15 7.41
CA LYS A 49 -4.50 17.74 7.38
C LYS A 49 -5.67 16.85 6.93
N ALA A 50 -6.83 17.03 7.57
CA ALA A 50 -8.00 16.23 7.24
C ALA A 50 -8.53 16.58 5.85
N GLN A 51 -8.32 17.84 5.45
CA GLN A 51 -8.72 18.29 4.12
C GLN A 51 -7.93 17.55 3.06
N LEU A 52 -6.64 17.40 3.32
CA LEU A 52 -5.76 16.70 2.40
C LEU A 52 -6.20 15.24 2.27
N VAL A 53 -6.45 14.61 3.43
CA VAL A 53 -6.89 13.22 3.46
C VAL A 53 -8.19 13.03 2.68
N GLU A 54 -9.14 13.93 2.88
CA GLU A 54 -10.42 13.86 2.20
C GLU A 54 -10.25 13.92 0.68
N ILE A 55 -9.45 14.87 0.22
CA ILE A 55 -9.19 15.00 -1.21
C ILE A 55 -8.48 13.77 -1.75
N VAL A 56 -7.41 13.36 -1.06
CA VAL A 56 -6.63 12.20 -1.46
C VAL A 56 -7.49 10.96 -1.50
N GLY A 57 -8.23 10.72 -0.42
CA GLY A 57 -9.03 9.52 -0.30
C GLY A 57 -10.17 9.47 -1.29
N CYS A 58 -10.76 10.63 -1.55
CA CYS A 58 -11.85 10.75 -2.50
C CYS A 58 -11.39 10.30 -3.89
N HIS A 59 -10.25 10.82 -4.33
CA HIS A 59 -9.73 10.48 -5.64
C HIS A 59 -9.01 9.13 -5.61
N PHE A 60 -8.50 8.76 -4.44
CA PHE A 60 -7.76 7.51 -4.27
C PHE A 60 -8.62 6.34 -4.68
N LYS A 61 -9.86 6.29 -4.19
CA LYS A 61 -10.77 5.21 -4.53
C LYS A 61 -11.43 5.43 -5.90
N SER A 62 -10.60 5.80 -6.87
CA SER A 62 -11.04 5.94 -8.25
C SER A 62 -9.87 5.70 -9.20
N ILE A 63 -8.77 5.18 -8.66
CA ILE A 63 -7.57 4.92 -9.45
C ILE A 63 -7.61 3.53 -10.03
N PRO A 64 -7.54 3.41 -11.37
CA PRO A 64 -7.52 2.12 -12.07
C PRO A 64 -6.18 1.42 -11.89
N VAL A 65 -6.21 0.09 -11.86
CA VAL A 65 -5.00 -0.70 -11.72
C VAL A 65 -5.06 -1.95 -12.57
N ASN A 66 -4.01 -2.18 -13.34
CA ASN A 66 -3.84 -3.45 -14.03
C ASN A 66 -3.03 -4.38 -13.14
N GLU A 67 -3.62 -5.51 -12.77
CA GLU A 67 -3.01 -6.42 -11.81
C GLU A 67 -1.56 -6.77 -12.20
N LYS A 68 -1.38 -7.24 -13.42
CA LYS A 68 -0.05 -7.63 -13.91
C LYS A 68 0.91 -6.45 -13.87
N ASP A 69 0.50 -5.34 -14.45
CA ASP A 69 1.36 -4.15 -14.56
C ASP A 69 1.72 -3.60 -13.19
N THR A 70 0.74 -3.53 -12.30
CA THR A 70 0.94 -2.96 -10.98
C THR A 70 1.89 -3.82 -10.14
N LEU A 71 1.72 -5.14 -10.21
CA LEU A 71 2.60 -6.04 -9.49
C LEU A 71 4.02 -5.92 -10.02
N THR A 72 4.14 -5.81 -11.35
CA THR A 72 5.44 -5.61 -11.98
C THR A 72 6.10 -4.33 -11.44
N CYS A 73 5.32 -3.26 -11.37
CA CYS A 73 5.80 -1.98 -10.86
C CYS A 73 6.35 -2.12 -9.45
N PHE A 74 5.53 -2.63 -8.54
CA PHE A 74 5.91 -2.71 -7.13
C PHE A 74 7.12 -3.62 -6.93
N ILE A 75 7.01 -4.85 -7.40
CA ILE A 75 8.05 -5.84 -7.18
C ILE A 75 9.40 -5.36 -7.69
N TYR A 76 9.45 -5.00 -8.96
CA TYR A 76 10.70 -4.66 -9.59
C TYR A 76 11.32 -3.37 -9.02
N SER A 77 10.47 -2.42 -8.64
CA SER A 77 10.98 -1.18 -8.05
C SER A 77 11.65 -1.47 -6.71
N VAL A 78 10.95 -2.16 -5.82
CA VAL A 78 11.47 -2.47 -4.49
C VAL A 78 12.63 -3.45 -4.58
N ARG A 79 12.63 -4.30 -5.60
CA ARG A 79 13.73 -5.21 -5.86
C ARG A 79 15.01 -4.44 -6.20
N ASN A 80 14.84 -3.20 -6.62
CA ASN A 80 15.97 -2.36 -6.99
C ASN A 80 16.25 -1.30 -5.94
N ASP A 81 15.30 -0.39 -5.76
CA ASP A 81 15.49 0.75 -4.88
C ASP A 81 14.20 1.08 -4.16
N LYS A 82 14.30 1.37 -2.88
CA LYS A 82 13.16 1.80 -2.08
C LYS A 82 13.13 3.32 -2.02
N ASN A 83 13.44 3.93 -3.16
CA ASN A 83 13.46 5.38 -3.32
C ASN A 83 14.53 6.01 -2.42
N LYS A 84 14.11 6.49 -1.25
CA LYS A 84 15.03 7.07 -0.29
C LYS A 84 14.43 6.96 1.11
N SER A 85 13.48 6.05 1.26
CA SER A 85 12.80 5.84 2.52
C SER A 85 13.53 4.78 3.34
N ASP A 86 14.50 4.13 2.71
CA ASP A 86 15.25 3.06 3.35
C ASP A 86 16.55 3.60 3.95
N LEU A 87 16.84 4.86 3.70
CA LEU A 87 18.07 5.48 4.17
C LEU A 87 18.02 5.67 5.69
N LYS A 88 19.06 5.22 6.36
CA LYS A 88 19.11 5.27 7.81
C LYS A 88 20.33 6.04 8.31
N ALA A 89 20.07 7.17 8.94
CA ALA A 89 21.11 7.95 9.59
C ALA A 89 21.16 7.59 11.08
N ASP A 90 21.78 8.44 11.89
CA ASP A 90 21.79 8.23 13.34
C ASP A 90 20.36 8.22 13.87
N SER A 91 19.93 7.07 14.37
CA SER A 91 18.56 6.92 14.84
C SER A 91 18.40 7.49 16.25
N GLY A 92 19.45 7.39 17.06
CA GLY A 92 19.39 7.91 18.41
C GLY A 92 20.69 7.74 19.16
N VAL A 93 20.82 6.61 19.86
CA VAL A 93 21.97 6.31 20.71
C VAL A 93 21.96 7.19 21.96
N HIS A 94 21.78 6.54 23.10
CA HIS A 94 21.65 7.25 24.37
C HIS A 94 23.00 7.30 25.08
N SER B 1 20.27 -17.94 8.92
CA SER B 1 19.62 -19.01 9.69
C SER B 1 18.79 -19.91 8.77
N ASN B 2 18.59 -21.16 9.16
CA ASN B 2 17.85 -22.10 8.34
C ASN B 2 16.34 -21.86 8.44
N ALA B 3 15.91 -21.23 9.53
CA ALA B 3 14.51 -20.88 9.70
C ALA B 3 14.06 -19.91 8.60
N SER B 4 14.72 -18.77 8.52
CA SER B 4 14.45 -17.80 7.47
C SER B 4 15.37 -18.05 6.28
N LYS B 5 15.05 -19.07 5.50
CA LYS B 5 15.84 -19.42 4.33
C LYS B 5 15.58 -18.43 3.19
N HIS B 6 16.55 -18.31 2.29
CA HIS B 6 16.44 -17.34 1.21
C HIS B 6 16.01 -18.03 -0.08
N GLY B 7 15.54 -17.25 -1.04
CA GLY B 7 15.12 -17.80 -2.30
C GLY B 7 14.24 -16.84 -3.07
N VAL B 8 13.81 -17.24 -4.27
CA VAL B 8 12.95 -16.40 -5.09
C VAL B 8 11.66 -17.14 -5.42
N GLY B 9 10.65 -16.40 -5.86
CA GLY B 9 9.38 -17.00 -6.21
C GLY B 9 8.39 -16.95 -5.06
N THR B 10 8.78 -16.25 -4.00
CA THR B 10 7.95 -16.14 -2.82
C THR B 10 7.02 -14.92 -2.92
N GLU B 11 7.37 -13.99 -3.80
CA GLU B 11 6.55 -12.81 -4.03
C GLU B 11 5.19 -13.21 -4.60
N SER B 12 5.20 -14.20 -5.48
CA SER B 12 3.97 -14.72 -6.07
C SER B 12 3.05 -15.24 -4.97
N LEU B 13 3.64 -15.97 -4.03
CA LEU B 13 2.91 -16.51 -2.88
C LEU B 13 2.29 -15.37 -2.08
N PHE B 14 3.09 -14.36 -1.78
CA PHE B 14 2.63 -13.18 -1.04
C PHE B 14 1.39 -12.55 -1.70
N PHE B 15 1.48 -12.25 -2.98
CA PHE B 15 0.40 -11.54 -3.67
C PHE B 15 -0.84 -12.40 -3.83
N ASP B 16 -0.66 -13.71 -3.92
CA ASP B 16 -1.80 -14.62 -3.96
C ASP B 16 -2.50 -14.61 -2.61
N LYS B 17 -1.69 -14.59 -1.56
CA LYS B 17 -2.20 -14.42 -0.20
C LYS B 17 -2.97 -13.11 -0.09
N VAL B 18 -2.36 -12.01 -0.55
CA VAL B 18 -3.01 -10.69 -0.53
C VAL B 18 -4.37 -10.75 -1.24
N ARG B 19 -4.40 -11.45 -2.37
CA ARG B 19 -5.63 -11.64 -3.14
C ARG B 19 -6.73 -12.24 -2.27
N LYS B 20 -6.41 -13.34 -1.61
CA LYS B 20 -7.38 -14.07 -0.81
C LYS B 20 -7.64 -13.41 0.54
N ALA B 21 -6.61 -12.78 1.08
CA ALA B 21 -6.66 -12.20 2.43
C ALA B 21 -7.56 -10.98 2.49
N LEU B 22 -7.41 -10.09 1.51
CA LEU B 22 -8.18 -8.85 1.48
C LEU B 22 -9.64 -9.14 1.18
N ARG B 23 -9.88 -10.21 0.40
CA ARG B 23 -11.22 -10.72 0.09
C ARG B 23 -12.02 -9.77 -0.80
N SER B 24 -12.10 -8.51 -0.40
CA SER B 24 -12.85 -7.51 -1.14
C SER B 24 -12.07 -7.01 -2.35
N ALA B 25 -12.75 -6.85 -3.47
CA ALA B 25 -12.13 -6.36 -4.69
C ALA B 25 -11.67 -4.92 -4.51
N GLU B 26 -12.47 -4.13 -3.79
CA GLU B 26 -12.14 -2.73 -3.53
C GLU B 26 -10.89 -2.65 -2.68
N ALA B 27 -10.79 -3.57 -1.73
CA ALA B 27 -9.64 -3.63 -0.83
C ALA B 27 -8.37 -4.00 -1.60
N TYR B 28 -8.46 -5.03 -2.44
CA TYR B 28 -7.32 -5.46 -3.22
C TYR B 28 -6.92 -4.38 -4.23
N GLU B 29 -7.91 -3.79 -4.87
CA GLU B 29 -7.68 -2.70 -5.81
C GLU B 29 -6.99 -1.55 -5.09
N ASN B 30 -7.43 -1.28 -3.88
CA ASN B 30 -6.86 -0.25 -3.05
C ASN B 30 -5.37 -0.49 -2.83
N PHE B 31 -5.04 -1.73 -2.48
CA PHE B 31 -3.65 -2.16 -2.34
C PHE B 31 -2.84 -1.81 -3.59
N LEU B 32 -3.37 -2.18 -4.74
CA LEU B 32 -2.69 -1.92 -6.00
C LEU B 32 -2.55 -0.42 -6.25
N ARG B 33 -3.52 0.36 -5.82
CA ARG B 33 -3.45 1.81 -5.95
C ARG B 33 -2.33 2.37 -5.09
N CYS B 34 -2.15 1.78 -3.91
CA CYS B 34 -1.03 2.16 -3.05
C CYS B 34 0.29 1.89 -3.77
N LEU B 35 0.32 0.80 -4.53
CA LEU B 35 1.51 0.42 -5.27
C LEU B 35 1.84 1.43 -6.38
N VAL B 36 0.83 1.82 -7.15
CA VAL B 36 1.05 2.73 -8.27
C VAL B 36 1.49 4.11 -7.79
N ILE B 37 0.86 4.62 -6.74
CA ILE B 37 1.24 5.92 -6.22
C ILE B 37 2.63 5.87 -5.59
N PHE B 38 2.99 4.72 -5.02
CA PHE B 38 4.36 4.50 -4.55
C PHE B 38 5.34 4.56 -5.72
N ASN B 39 4.95 3.95 -6.83
CA ASN B 39 5.79 3.89 -8.02
C ASN B 39 5.99 5.29 -8.61
N GLN B 40 4.98 6.15 -8.45
CA GLN B 40 5.02 7.50 -9.01
C GLN B 40 5.63 8.50 -8.03
N GLU B 41 6.29 7.98 -7.00
CA GLU B 41 6.97 8.80 -5.97
C GLU B 41 5.99 9.57 -5.10
N VAL B 42 4.71 9.24 -5.21
CA VAL B 42 3.68 9.93 -4.45
C VAL B 42 3.82 9.59 -2.96
N ILE B 43 3.80 8.31 -2.65
CA ILE B 43 4.01 7.85 -1.29
C ILE B 43 5.33 7.11 -1.19
N SER B 44 5.93 7.12 -0.02
CA SER B 44 7.18 6.40 0.19
C SER B 44 6.94 5.09 0.94
N ARG B 45 8.02 4.37 1.24
CA ARG B 45 7.94 3.06 1.86
C ARG B 45 7.19 3.11 3.20
N ALA B 46 7.51 4.10 4.03
CA ALA B 46 6.88 4.22 5.35
C ALA B 46 5.37 4.36 5.22
N GLU B 47 4.94 5.30 4.38
CA GLU B 47 3.52 5.52 4.16
C GLU B 47 2.84 4.27 3.62
N LEU B 48 3.49 3.63 2.65
CA LEU B 48 2.96 2.41 2.04
C LEU B 48 2.71 1.33 3.10
N VAL B 49 3.69 1.14 3.98
CA VAL B 49 3.59 0.15 5.04
C VAL B 49 2.46 0.49 6.01
N GLN B 50 2.24 1.78 6.24
CA GLN B 50 1.19 2.23 7.15
C GLN B 50 -0.19 2.17 6.49
N LEU B 51 -0.24 2.33 5.19
CA LEU B 51 -1.50 2.35 4.46
C LEU B 51 -2.13 0.96 4.39
N VAL B 52 -1.31 -0.04 4.19
CA VAL B 52 -1.80 -1.41 4.06
C VAL B 52 -2.01 -2.05 5.44
N SER B 53 -1.85 -1.25 6.48
CA SER B 53 -2.01 -1.73 7.86
C SER B 53 -3.41 -2.33 8.10
N PRO B 54 -4.51 -1.61 7.78
CA PRO B 54 -5.88 -2.13 7.96
C PRO B 54 -6.18 -3.30 7.02
N PHE B 55 -5.24 -3.63 6.16
CA PHE B 55 -5.46 -4.66 5.15
C PHE B 55 -4.64 -5.92 5.46
N LEU B 56 -3.34 -5.77 5.65
CA LEU B 56 -2.47 -6.91 5.88
C LEU B 56 -2.01 -6.99 7.33
N GLY B 57 -2.34 -5.97 8.12
CA GLY B 57 -1.93 -5.94 9.51
C GLY B 57 -2.67 -6.99 10.33
N LYS B 58 -3.74 -7.52 9.76
CA LYS B 58 -4.52 -8.58 10.39
C LYS B 58 -3.90 -9.95 10.08
N PHE B 59 -2.78 -9.93 9.36
CA PHE B 59 -2.04 -11.16 9.06
C PHE B 59 -0.57 -10.97 9.43
N PRO B 60 -0.20 -11.36 10.66
CA PRO B 60 1.13 -11.14 11.22
C PRO B 60 2.26 -11.62 10.32
N GLU B 61 2.21 -12.89 9.91
CA GLU B 61 3.27 -13.48 9.10
C GLU B 61 3.32 -12.85 7.70
N LEU B 62 2.17 -12.46 7.19
CA LEU B 62 2.09 -11.88 5.85
C LEU B 62 2.62 -10.45 5.87
N PHE B 63 2.29 -9.72 6.93
CA PHE B 63 2.79 -8.36 7.11
C PHE B 63 4.28 -8.41 7.40
N ASN B 64 4.71 -9.50 8.04
CA ASN B 64 6.12 -9.76 8.29
C ASN B 64 6.86 -9.90 6.96
N TRP B 65 6.26 -10.64 6.03
CA TRP B 65 6.80 -10.80 4.69
C TRP B 65 6.99 -9.44 4.04
N PHE B 66 5.96 -8.61 4.12
CA PHE B 66 5.97 -7.28 3.54
C PHE B 66 7.16 -6.48 4.08
N LYS B 67 7.34 -6.52 5.41
CA LYS B 67 8.44 -5.81 6.04
C LYS B 67 9.79 -6.32 5.54
N ASN B 68 9.89 -7.62 5.36
CA ASN B 68 11.13 -8.25 4.90
C ASN B 68 11.45 -7.84 3.46
N PHE B 69 10.41 -7.71 2.64
CA PHE B 69 10.59 -7.37 1.23
C PHE B 69 11.02 -5.91 1.09
N LEU B 70 10.50 -5.06 1.96
CA LEU B 70 10.81 -3.65 1.94
C LEU B 70 12.07 -3.33 2.74
N GLY B 71 12.58 -4.34 3.43
CA GLY B 71 13.73 -4.13 4.31
C GLY B 71 13.41 -3.12 5.39
N TYR B 72 12.21 -3.22 5.93
CA TYR B 72 11.71 -2.25 6.89
C TYR B 72 12.28 -2.51 8.27
N LYS B 73 13.34 -1.79 8.59
CA LYS B 73 14.01 -1.92 9.88
C LYS B 73 13.31 -1.05 10.92
N GLU B 74 13.25 -1.53 12.14
CA GLU B 74 12.55 -0.84 13.22
C GLU B 74 13.50 0.06 13.98
N SER B 75 14.76 0.05 13.57
CA SER B 75 15.79 0.83 14.25
C SER B 75 16.42 1.82 13.27
N SER A 1 -9.38 13.22 26.94
CA SER A 1 -9.60 12.47 28.18
C SER A 1 -9.66 10.97 27.91
N ASN A 2 -9.32 10.18 28.92
CA ASN A 2 -9.42 8.73 28.84
C ASN A 2 -10.86 8.29 29.03
N ALA A 3 -11.67 9.17 29.65
CA ALA A 3 -13.07 8.90 29.95
C ALA A 3 -13.22 7.84 31.05
N GLY A 4 -12.73 6.63 30.78
CA GLY A 4 -12.87 5.56 31.73
C GLY A 4 -14.21 4.87 31.60
N SER A 5 -14.79 4.94 30.41
CA SER A 5 -16.08 4.34 30.16
C SER A 5 -16.15 3.82 28.73
N ASP A 6 -16.92 2.77 28.54
CA ASP A 6 -17.11 2.14 27.23
C ASP A 6 -15.84 1.46 26.75
N ASP A 7 -15.54 0.32 27.33
CA ASP A 7 -14.43 -0.52 26.89
C ASP A 7 -14.99 -1.82 26.35
N ASP A 8 -16.17 -2.18 26.84
CA ASP A 8 -16.87 -3.37 26.38
C ASP A 8 -17.68 -3.06 25.14
N GLY A 9 -18.28 -4.08 24.55
CA GLY A 9 -19.15 -3.87 23.42
C GLY A 9 -18.57 -4.47 22.15
N GLY A 10 -18.84 -3.81 21.04
CA GLY A 10 -18.41 -4.32 19.76
C GLY A 10 -19.49 -5.17 19.12
N ASP A 11 -19.48 -6.47 19.45
CA ASP A 11 -20.43 -7.42 18.89
C ASP A 11 -20.32 -7.44 17.37
N SER A 12 -21.39 -7.84 16.70
CA SER A 12 -21.45 -7.91 15.24
C SER A 12 -20.60 -9.07 14.71
N PRO A 13 -21.17 -9.90 13.83
CA PRO A 13 -20.47 -11.04 13.22
C PRO A 13 -19.07 -10.67 12.73
N VAL A 14 -19.01 -9.89 11.65
CA VAL A 14 -17.75 -9.43 11.06
C VAL A 14 -16.74 -10.57 10.95
N GLN A 15 -16.95 -11.41 9.96
CA GLN A 15 -16.09 -12.57 9.75
C GLN A 15 -15.02 -12.22 8.72
N ASP A 16 -13.78 -12.59 9.04
CA ASP A 16 -12.64 -12.29 8.18
C ASP A 16 -12.62 -10.81 7.87
N ILE A 17 -12.94 -10.45 6.63
CA ILE A 17 -13.05 -9.07 6.20
C ILE A 17 -13.80 -8.97 4.88
N ASP A 18 -14.91 -8.24 4.89
CA ASP A 18 -15.67 -8.01 3.67
C ASP A 18 -15.01 -6.94 2.83
N THR A 19 -14.72 -5.81 3.47
CA THR A 19 -13.99 -4.71 2.84
C THR A 19 -13.36 -3.82 3.91
N PRO A 20 -12.04 -3.96 4.12
CA PRO A 20 -11.30 -3.08 5.03
C PRO A 20 -11.08 -1.71 4.42
N GLU A 21 -10.70 -0.75 5.25
CA GLU A 21 -10.51 0.62 4.80
C GLU A 21 -9.08 1.08 5.04
N VAL A 22 -8.63 2.02 4.23
CA VAL A 22 -7.28 2.56 4.35
C VAL A 22 -7.29 3.89 5.08
N ASP A 23 -6.52 3.98 6.16
CA ASP A 23 -6.39 5.23 6.89
C ASP A 23 -5.37 6.13 6.19
N LEU A 24 -5.86 7.18 5.54
CA LEU A 24 -5.00 8.09 4.80
C LEU A 24 -4.58 9.26 5.68
N TYR A 25 -4.94 9.19 6.95
CA TYR A 25 -4.56 10.22 7.91
C TYR A 25 -3.13 9.96 8.38
N GLN A 26 -2.66 8.73 8.13
CA GLN A 26 -1.29 8.36 8.44
C GLN A 26 -0.32 9.15 7.58
N LEU A 27 -0.78 9.55 6.40
CA LEU A 27 0.05 10.25 5.45
C LEU A 27 0.40 11.65 5.94
N GLN A 28 1.62 12.06 5.66
CA GLN A 28 2.09 13.39 6.03
C GLN A 28 1.39 14.45 5.17
N VAL A 29 1.35 15.68 5.65
CA VAL A 29 0.77 16.78 4.89
C VAL A 29 1.48 16.92 3.56
N ASN A 30 2.80 16.83 3.60
CA ASN A 30 3.61 16.92 2.39
C ASN A 30 3.25 15.79 1.43
N THR A 31 3.03 14.61 1.99
CA THR A 31 2.67 13.43 1.19
C THR A 31 1.30 13.60 0.53
N LEU A 32 0.35 14.13 1.28
CA LEU A 32 -0.99 14.38 0.75
C LEU A 32 -0.95 15.44 -0.35
N ARG A 33 -0.17 16.49 -0.11
CA ARG A 33 0.03 17.53 -1.11
C ARG A 33 0.74 16.94 -2.32
N ARG A 34 1.65 16.01 -2.07
CA ARG A 34 2.43 15.36 -3.10
C ARG A 34 1.51 14.56 -4.03
N TYR A 35 0.52 13.90 -3.43
CA TYR A 35 -0.51 13.20 -4.20
C TYR A 35 -1.27 14.18 -5.08
N LYS A 36 -1.77 15.25 -4.46
CA LYS A 36 -2.60 16.23 -5.14
C LYS A 36 -1.83 16.98 -6.23
N ARG A 37 -0.53 17.13 -6.04
CA ARG A 37 0.31 17.81 -7.02
C ARG A 37 0.67 16.87 -8.17
N HIS A 38 0.93 15.60 -7.86
CA HIS A 38 1.28 14.62 -8.88
C HIS A 38 0.08 14.26 -9.75
N PHE A 39 -1.07 14.12 -9.12
CA PHE A 39 -2.29 13.76 -9.85
C PHE A 39 -3.01 15.01 -10.37
N LYS A 40 -2.44 16.17 -10.08
CA LYS A 40 -2.96 17.45 -10.56
C LYS A 40 -4.42 17.65 -10.19
N LEU A 41 -4.65 18.11 -8.97
CA LEU A 41 -6.00 18.35 -8.49
C LEU A 41 -6.22 19.84 -8.24
N PRO A 42 -7.34 20.39 -8.71
CA PRO A 42 -7.67 21.80 -8.53
C PRO A 42 -8.22 22.09 -7.13
N THR A 43 -7.63 23.06 -6.46
CA THR A 43 -8.07 23.47 -5.14
C THR A 43 -7.31 24.71 -4.68
N ARG A 44 -7.89 25.44 -3.73
CA ARG A 44 -7.26 26.65 -3.22
C ARG A 44 -6.23 26.29 -2.14
N PRO A 45 -5.21 27.13 -1.94
CA PRO A 45 -4.15 26.88 -0.96
C PRO A 45 -4.63 27.04 0.49
N GLY A 46 -3.93 26.40 1.41
CA GLY A 46 -4.26 26.51 2.81
C GLY A 46 -5.20 25.42 3.27
N LEU A 47 -5.18 24.29 2.59
CA LEU A 47 -6.02 23.16 2.98
C LEU A 47 -5.47 22.51 4.23
N ASN A 48 -6.35 22.03 5.09
CA ASN A 48 -5.94 21.38 6.33
C ASN A 48 -5.53 19.94 6.07
N LYS A 49 -4.91 19.33 7.08
CA LYS A 49 -4.50 17.94 7.00
C LYS A 49 -5.69 17.04 6.66
N ALA A 50 -6.74 17.14 7.46
CA ALA A 50 -7.94 16.32 7.25
C ALA A 50 -8.57 16.62 5.90
N GLN A 51 -8.47 17.87 5.46
CA GLN A 51 -9.07 18.28 4.19
C GLN A 51 -8.32 17.65 3.03
N LEU A 52 -7.00 17.61 3.14
CA LEU A 52 -6.17 16.93 2.15
C LEU A 52 -6.56 15.46 2.07
N VAL A 53 -6.73 14.85 3.23
CA VAL A 53 -7.08 13.43 3.32
C VAL A 53 -8.38 13.14 2.58
N GLU A 54 -9.37 14.02 2.74
CA GLU A 54 -10.65 13.86 2.07
C GLU A 54 -10.49 13.93 0.55
N ILE A 55 -9.77 14.95 0.08
CA ILE A 55 -9.54 15.12 -1.34
C ILE A 55 -8.76 13.93 -1.91
N VAL A 56 -7.70 13.55 -1.20
CA VAL A 56 -6.89 12.41 -1.59
C VAL A 56 -7.73 11.15 -1.64
N GLY A 57 -8.51 10.91 -0.59
CA GLY A 57 -9.35 9.72 -0.52
C GLY A 57 -10.34 9.65 -1.67
N CYS A 58 -11.02 10.77 -1.94
CA CYS A 58 -11.99 10.84 -3.02
C CYS A 58 -11.37 10.44 -4.36
N HIS A 59 -10.18 10.96 -4.63
CA HIS A 59 -9.51 10.67 -5.90
C HIS A 59 -8.83 9.30 -5.85
N PHE A 60 -8.40 8.89 -4.66
CA PHE A 60 -7.71 7.63 -4.45
C PHE A 60 -8.63 6.47 -4.79
N LYS A 61 -9.88 6.55 -4.35
CA LYS A 61 -10.87 5.51 -4.64
C LYS A 61 -11.22 5.48 -6.12
N SER A 62 -10.87 6.54 -6.82
CA SER A 62 -11.22 6.68 -8.23
C SER A 62 -10.06 6.29 -9.15
N ILE A 63 -9.01 5.70 -8.57
CA ILE A 63 -7.86 5.29 -9.34
C ILE A 63 -8.08 3.91 -9.97
N PRO A 64 -8.05 3.84 -11.32
CA PRO A 64 -8.13 2.58 -12.05
C PRO A 64 -6.79 1.85 -12.03
N VAL A 65 -6.75 0.70 -11.38
CA VAL A 65 -5.50 -0.01 -11.20
C VAL A 65 -5.58 -1.42 -11.79
N ASN A 66 -4.51 -1.83 -12.46
CA ASN A 66 -4.43 -3.16 -13.07
C ASN A 66 -3.62 -4.08 -12.17
N GLU A 67 -4.03 -5.34 -12.07
CA GLU A 67 -3.37 -6.29 -11.17
C GLU A 67 -1.92 -6.54 -11.58
N LYS A 68 -1.73 -7.13 -12.75
CA LYS A 68 -0.42 -7.59 -13.18
C LYS A 68 0.55 -6.42 -13.35
N ASP A 69 0.11 -5.40 -14.08
CA ASP A 69 0.96 -4.24 -14.39
C ASP A 69 1.52 -3.60 -13.12
N THR A 70 0.69 -3.52 -12.09
CA THR A 70 1.07 -2.90 -10.84
C THR A 70 2.01 -3.80 -10.04
N LEU A 71 1.76 -5.10 -10.09
CA LEU A 71 2.63 -6.07 -9.41
C LEU A 71 4.04 -5.96 -9.97
N THR A 72 4.14 -5.95 -11.30
CA THR A 72 5.42 -5.82 -11.98
C THR A 72 6.11 -4.50 -11.58
N CYS A 73 5.33 -3.43 -11.53
CA CYS A 73 5.83 -2.13 -11.13
C CYS A 73 6.47 -2.18 -9.74
N PHE A 74 5.70 -2.65 -8.77
CA PHE A 74 6.14 -2.68 -7.38
C PHE A 74 7.34 -3.60 -7.21
N ILE A 75 7.24 -4.80 -7.77
CA ILE A 75 8.30 -5.79 -7.63
C ILE A 75 9.62 -5.25 -8.16
N TYR A 76 9.60 -4.76 -9.40
CA TYR A 76 10.83 -4.23 -10.02
C TYR A 76 11.42 -3.09 -9.22
N SER A 77 10.56 -2.25 -8.65
CA SER A 77 11.03 -1.14 -7.84
C SER A 77 11.84 -1.63 -6.65
N VAL A 78 11.25 -2.55 -5.89
CA VAL A 78 11.86 -3.01 -4.64
C VAL A 78 13.02 -3.99 -4.90
N ARG A 79 13.00 -4.65 -6.04
CA ARG A 79 14.08 -5.57 -6.42
C ARG A 79 15.39 -4.81 -6.66
N ASN A 80 15.27 -3.52 -6.95
CA ASN A 80 16.45 -2.71 -7.21
C ASN A 80 16.75 -1.79 -6.03
N ASP A 81 15.73 -1.12 -5.54
CA ASP A 81 15.87 -0.17 -4.44
C ASP A 81 14.58 -0.11 -3.64
N LYS A 82 14.36 1.00 -2.94
CA LYS A 82 13.21 1.12 -2.06
C LYS A 82 12.47 2.44 -2.25
N ASN A 83 12.75 3.12 -3.37
CA ASN A 83 12.09 4.39 -3.70
C ASN A 83 12.58 4.89 -5.05
N LYS A 84 11.82 4.58 -6.10
CA LYS A 84 12.17 4.99 -7.45
C LYS A 84 10.98 4.80 -8.37
N SER A 85 10.84 5.70 -9.35
CA SER A 85 9.80 5.57 -10.35
C SER A 85 10.25 4.62 -11.45
N ASP A 86 9.35 4.29 -12.36
CA ASP A 86 9.67 3.36 -13.44
C ASP A 86 10.49 4.06 -14.52
N LEU A 87 11.81 3.96 -14.40
CA LEU A 87 12.72 4.54 -15.36
C LEU A 87 13.96 3.69 -15.49
N LYS A 88 14.54 3.67 -16.69
CA LYS A 88 15.76 2.92 -16.94
C LYS A 88 16.86 3.85 -17.45
N ALA A 89 16.95 5.03 -16.85
CA ALA A 89 17.95 6.02 -17.25
C ALA A 89 19.31 5.74 -16.61
N ASP A 90 19.45 4.55 -16.05
CA ASP A 90 20.70 4.14 -15.41
C ASP A 90 21.66 3.54 -16.42
N SER A 91 22.79 4.21 -16.59
CA SER A 91 23.84 3.71 -17.46
C SER A 91 25.15 3.61 -16.70
N GLY A 92 25.04 3.54 -15.38
CA GLY A 92 26.23 3.43 -14.55
C GLY A 92 26.19 4.37 -13.37
N VAL A 93 26.92 4.02 -12.31
CA VAL A 93 26.98 4.84 -11.11
C VAL A 93 27.56 6.22 -11.41
N HIS A 94 27.03 7.24 -10.77
CA HIS A 94 27.44 8.61 -11.00
C HIS A 94 27.37 9.40 -9.70
N SER B 1 12.98 -29.70 -13.65
CA SER B 1 11.85 -30.61 -13.34
C SER B 1 10.55 -29.84 -13.15
N ASN B 2 10.58 -28.53 -13.41
CA ASN B 2 9.40 -27.69 -13.23
C ASN B 2 9.40 -26.56 -14.25
N ALA B 3 8.23 -25.98 -14.50
CA ALA B 3 8.07 -24.92 -15.48
C ALA B 3 8.77 -23.63 -15.03
N SER B 4 8.71 -22.61 -15.89
CA SER B 4 9.32 -21.33 -15.61
C SER B 4 8.42 -20.52 -14.69
N LYS B 5 8.90 -19.37 -14.24
CA LYS B 5 8.17 -18.55 -13.28
C LYS B 5 7.96 -17.15 -13.83
N HIS B 6 7.08 -16.38 -13.19
CA HIS B 6 6.79 -15.02 -13.62
C HIS B 6 7.33 -14.02 -12.60
N GLY B 7 8.19 -14.50 -11.72
CA GLY B 7 8.80 -13.65 -10.72
C GLY B 7 10.21 -14.10 -10.38
N VAL B 8 10.80 -13.48 -9.37
CA VAL B 8 12.13 -13.84 -8.93
C VAL B 8 12.08 -15.03 -7.96
N GLY B 9 11.20 -14.93 -6.98
CA GLY B 9 11.02 -16.03 -6.05
C GLY B 9 9.68 -15.97 -5.35
N THR B 10 9.65 -15.41 -4.15
CA THR B 10 8.49 -15.44 -3.29
C THR B 10 7.53 -14.27 -3.49
N GLU B 11 7.89 -13.31 -4.34
CA GLU B 11 7.02 -12.16 -4.59
C GLU B 11 5.68 -12.61 -5.17
N SER B 12 5.71 -13.57 -6.08
CA SER B 12 4.49 -14.13 -6.64
C SER B 12 3.66 -14.82 -5.55
N LEU B 13 4.34 -15.40 -4.58
CA LEU B 13 3.70 -16.06 -3.45
C LEU B 13 3.00 -15.02 -2.57
N PHE B 14 3.73 -13.96 -2.26
CA PHE B 14 3.18 -12.85 -1.47
C PHE B 14 1.88 -12.33 -2.07
N PHE B 15 1.95 -11.88 -3.31
CA PHE B 15 0.80 -11.24 -3.95
C PHE B 15 -0.38 -12.20 -4.11
N ASP B 16 -0.10 -13.44 -4.45
CA ASP B 16 -1.16 -14.43 -4.58
C ASP B 16 -1.83 -14.68 -3.22
N LYS B 17 -1.00 -14.76 -2.18
CA LYS B 17 -1.49 -14.95 -0.83
C LYS B 17 -2.31 -13.74 -0.39
N VAL B 18 -1.83 -12.53 -0.70
CA VAL B 18 -2.58 -11.32 -0.41
C VAL B 18 -3.91 -11.32 -1.15
N ARG B 19 -3.84 -11.58 -2.45
CA ARG B 19 -5.02 -11.57 -3.32
C ARG B 19 -6.10 -12.52 -2.79
N LYS B 20 -5.67 -13.63 -2.20
CA LYS B 20 -6.62 -14.61 -1.68
C LYS B 20 -7.04 -14.29 -0.25
N ALA B 21 -6.07 -14.06 0.63
CA ALA B 21 -6.33 -13.90 2.06
C ALA B 21 -7.03 -12.58 2.39
N LEU B 22 -6.84 -11.58 1.55
CA LEU B 22 -7.46 -10.28 1.77
C LEU B 22 -8.96 -10.37 1.54
N ARG B 23 -9.37 -11.42 0.82
CA ARG B 23 -10.78 -11.77 0.61
C ARG B 23 -11.46 -10.80 -0.37
N SER B 24 -11.19 -9.52 -0.20
CA SER B 24 -11.83 -8.49 -1.02
C SER B 24 -10.92 -8.07 -2.16
N ALA B 25 -11.44 -8.15 -3.39
CA ALA B 25 -10.73 -7.67 -4.55
C ALA B 25 -10.69 -6.14 -4.53
N GLU B 26 -11.70 -5.54 -3.90
CA GLU B 26 -11.75 -4.10 -3.72
C GLU B 26 -10.60 -3.64 -2.83
N ALA B 27 -10.40 -4.39 -1.75
CA ALA B 27 -9.30 -4.11 -0.82
C ALA B 27 -7.96 -4.32 -1.51
N TYR B 28 -7.88 -5.37 -2.33
CA TYR B 28 -6.67 -5.65 -3.10
C TYR B 28 -6.41 -4.52 -4.09
N GLU B 29 -7.50 -3.99 -4.66
CA GLU B 29 -7.42 -2.83 -5.54
C GLU B 29 -6.80 -1.65 -4.81
N ASN B 30 -7.23 -1.43 -3.58
CA ASN B 30 -6.72 -0.33 -2.77
C ASN B 30 -5.23 -0.50 -2.50
N PHE B 31 -4.83 -1.74 -2.22
CA PHE B 31 -3.43 -2.07 -2.04
C PHE B 31 -2.63 -1.71 -3.28
N LEU B 32 -3.15 -2.11 -4.44
CA LEU B 32 -2.50 -1.83 -5.70
C LEU B 32 -2.48 -0.33 -5.99
N ARG B 33 -3.49 0.39 -5.51
CA ARG B 33 -3.52 1.84 -5.64
C ARG B 33 -2.43 2.49 -4.79
N CYS B 34 -2.21 1.95 -3.60
CA CYS B 34 -1.08 2.38 -2.79
C CYS B 34 0.23 2.11 -3.55
N LEU B 35 0.25 1.03 -4.31
CA LEU B 35 1.43 0.65 -5.07
C LEU B 35 1.70 1.63 -6.22
N VAL B 36 0.66 1.99 -6.97
CA VAL B 36 0.83 2.90 -8.09
C VAL B 36 1.33 4.26 -7.62
N ILE B 37 0.74 4.80 -6.55
CA ILE B 37 1.17 6.09 -6.04
C ILE B 37 2.59 6.00 -5.47
N PHE B 38 2.95 4.84 -4.94
CA PHE B 38 4.31 4.59 -4.48
C PHE B 38 5.30 4.71 -5.63
N ASN B 39 4.95 4.09 -6.76
CA ASN B 39 5.82 4.08 -7.93
C ASN B 39 5.83 5.44 -8.61
N GLN B 40 4.74 6.18 -8.49
CA GLN B 40 4.63 7.51 -9.09
C GLN B 40 5.29 8.57 -8.23
N GLU B 41 6.08 8.13 -7.22
CA GLU B 41 6.82 9.03 -6.34
C GLU B 41 5.87 9.89 -5.51
N VAL B 42 4.67 9.37 -5.24
CA VAL B 42 3.69 10.09 -4.47
C VAL B 42 3.87 9.81 -2.97
N ILE B 43 4.03 8.54 -2.62
CA ILE B 43 4.26 8.15 -1.24
C ILE B 43 5.59 7.43 -1.11
N SER B 44 6.10 7.37 0.10
CA SER B 44 7.35 6.67 0.36
C SER B 44 7.06 5.29 0.97
N ARG B 45 8.13 4.54 1.22
CA ARG B 45 8.04 3.20 1.77
C ARG B 45 7.23 3.18 3.06
N ALA B 46 7.63 4.05 3.97
CA ALA B 46 7.00 4.16 5.28
C ALA B 46 5.48 4.30 5.17
N GLU B 47 5.03 5.26 4.37
CA GLU B 47 3.61 5.48 4.15
C GLU B 47 2.95 4.22 3.60
N LEU B 48 3.56 3.63 2.58
CA LEU B 48 3.03 2.43 1.95
C LEU B 48 2.81 1.31 2.97
N VAL B 49 3.80 1.12 3.83
CA VAL B 49 3.74 0.09 4.86
C VAL B 49 2.61 0.38 5.85
N GLN B 50 2.40 1.64 6.18
CA GLN B 50 1.36 2.04 7.12
C GLN B 50 -0.02 1.97 6.48
N LEU B 51 -0.13 2.35 5.22
CA LEU B 51 -1.43 2.39 4.53
C LEU B 51 -2.06 1.00 4.45
N VAL B 52 -1.24 -0.01 4.25
CA VAL B 52 -1.76 -1.36 4.10
C VAL B 52 -1.87 -2.06 5.46
N SER B 53 -1.55 -1.33 6.53
CA SER B 53 -1.59 -1.87 7.89
C SER B 53 -3.01 -2.37 8.27
N PRO B 54 -4.08 -1.57 8.05
CA PRO B 54 -5.46 -2.03 8.33
C PRO B 54 -5.80 -3.32 7.58
N PHE B 55 -5.10 -3.57 6.50
CA PHE B 55 -5.38 -4.73 5.66
C PHE B 55 -4.58 -5.95 6.16
N LEU B 56 -3.26 -5.86 6.07
CA LEU B 56 -2.40 -7.00 6.35
C LEU B 56 -2.02 -7.07 7.83
N GLY B 57 -2.55 -6.15 8.62
CA GLY B 57 -2.26 -6.14 10.05
C GLY B 57 -2.76 -7.38 10.76
N LYS B 58 -3.80 -7.99 10.21
CA LYS B 58 -4.35 -9.21 10.78
C LYS B 58 -3.63 -10.44 10.23
N PHE B 59 -2.63 -10.21 9.39
CA PHE B 59 -1.86 -11.28 8.79
C PHE B 59 -0.37 -11.07 9.06
N PRO B 60 0.11 -11.54 10.23
CA PRO B 60 1.48 -11.28 10.69
C PRO B 60 2.55 -11.69 9.69
N GLU B 61 2.53 -12.94 9.25
CA GLU B 61 3.56 -13.46 8.34
C GLU B 61 3.55 -12.72 7.01
N LEU B 62 2.37 -12.28 6.60
CA LEU B 62 2.20 -11.62 5.31
C LEU B 62 2.72 -10.18 5.40
N PHE B 63 2.39 -9.52 6.50
CA PHE B 63 2.83 -8.14 6.71
C PHE B 63 4.33 -8.11 6.99
N ASN B 64 4.83 -9.14 7.66
CA ASN B 64 6.27 -9.26 7.91
C ASN B 64 7.02 -9.59 6.64
N TRP B 65 6.37 -10.31 5.72
CA TRP B 65 6.94 -10.55 4.41
C TRP B 65 7.14 -9.21 3.71
N PHE B 66 6.10 -8.39 3.74
CA PHE B 66 6.13 -7.06 3.17
C PHE B 66 7.30 -6.26 3.74
N LYS B 67 7.49 -6.37 5.05
CA LYS B 67 8.60 -5.70 5.73
C LYS B 67 9.95 -6.21 5.22
N ASN B 68 10.07 -7.53 5.13
CA ASN B 68 11.31 -8.16 4.70
C ASN B 68 11.69 -7.72 3.29
N PHE B 69 10.71 -7.64 2.41
CA PHE B 69 10.94 -7.29 1.01
C PHE B 69 11.42 -5.85 0.90
N LEU B 70 10.80 -4.97 1.69
CA LEU B 70 11.10 -3.54 1.65
C LEU B 70 12.32 -3.21 2.48
N GLY B 71 12.86 -4.20 3.18
CA GLY B 71 13.97 -3.95 4.10
C GLY B 71 13.55 -3.04 5.24
N TYR B 72 12.32 -3.23 5.69
CA TYR B 72 11.73 -2.40 6.71
C TYR B 72 12.05 -2.96 8.09
N LYS B 73 12.85 -2.22 8.83
CA LYS B 73 13.25 -2.61 10.17
C LYS B 73 12.92 -1.51 11.18
N GLU B 74 12.17 -1.86 12.21
CA GLU B 74 11.85 -0.92 13.27
C GLU B 74 12.99 -0.83 14.27
N SER B 75 14.08 -0.22 13.83
CA SER B 75 15.27 -0.06 14.64
C SER B 75 15.85 -1.44 15.00
N SER A 1 -46.36 -1.86 24.58
CA SER A 1 -45.69 -3.13 24.93
C SER A 1 -44.69 -3.52 23.85
N ASN A 2 -43.42 -3.23 24.11
CA ASN A 2 -42.36 -3.54 23.15
C ASN A 2 -42.07 -5.04 23.14
N ALA A 3 -41.38 -5.51 22.10
CA ALA A 3 -41.09 -6.92 21.94
C ALA A 3 -40.01 -7.37 22.91
N GLY A 4 -39.08 -6.48 23.19
CA GLY A 4 -37.99 -6.80 24.10
C GLY A 4 -36.77 -7.30 23.36
N SER A 5 -36.97 -8.33 22.55
CA SER A 5 -35.89 -8.95 21.78
C SER A 5 -34.86 -9.57 22.73
N ASP A 6 -33.73 -10.00 22.18
CA ASP A 6 -32.67 -10.57 22.99
C ASP A 6 -31.31 -10.19 22.40
N ASP A 7 -31.09 -10.61 21.16
CA ASP A 7 -29.87 -10.25 20.44
C ASP A 7 -29.98 -8.81 19.94
N ASP A 8 -31.07 -8.54 19.21
CA ASP A 8 -31.33 -7.22 18.61
C ASP A 8 -30.33 -6.90 17.50
N GLY A 9 -29.09 -6.64 17.88
CA GLY A 9 -28.07 -6.32 16.91
C GLY A 9 -27.33 -7.55 16.44
N GLY A 10 -26.71 -8.25 17.38
CA GLY A 10 -26.02 -9.48 17.07
C GLY A 10 -24.55 -9.41 17.40
N ASP A 11 -23.95 -10.57 17.64
CA ASP A 11 -22.52 -10.64 17.95
C ASP A 11 -21.76 -11.31 16.80
N SER A 12 -20.48 -10.98 16.67
CA SER A 12 -19.66 -11.55 15.62
C SER A 12 -18.46 -12.28 16.21
N PRO A 13 -18.54 -13.61 16.33
CA PRO A 13 -17.45 -14.43 16.87
C PRO A 13 -16.36 -14.69 15.84
N VAL A 14 -16.71 -14.51 14.57
CA VAL A 14 -15.77 -14.76 13.48
C VAL A 14 -15.61 -13.50 12.62
N GLN A 15 -14.38 -13.03 12.50
CA GLN A 15 -14.09 -11.90 11.63
C GLN A 15 -13.78 -12.39 10.22
N ASP A 16 -14.81 -12.53 9.41
CA ASP A 16 -14.65 -12.94 8.02
C ASP A 16 -14.37 -11.71 7.15
N ILE A 17 -14.86 -10.56 7.63
CA ILE A 17 -14.65 -9.26 6.99
C ILE A 17 -15.45 -9.15 5.69
N ASP A 18 -15.97 -7.96 5.45
CA ASP A 18 -16.70 -7.67 4.23
C ASP A 18 -15.81 -6.88 3.28
N THR A 19 -15.30 -5.76 3.78
CA THR A 19 -14.40 -4.90 3.04
C THR A 19 -13.64 -3.99 4.00
N PRO A 20 -12.34 -4.25 4.23
CA PRO A 20 -11.51 -3.36 5.03
C PRO A 20 -11.18 -2.09 4.26
N GLU A 21 -10.89 -1.03 4.99
CA GLU A 21 -10.69 0.28 4.35
C GLU A 21 -9.39 0.92 4.82
N VAL A 22 -8.88 1.83 4.00
CA VAL A 22 -7.65 2.54 4.31
C VAL A 22 -7.95 3.90 4.94
N ASP A 23 -7.39 4.15 6.11
CA ASP A 23 -7.53 5.43 6.77
C ASP A 23 -6.35 6.32 6.42
N LEU A 24 -6.55 7.18 5.42
CA LEU A 24 -5.47 8.01 4.87
C LEU A 24 -5.03 9.12 5.81
N TYR A 25 -5.24 8.92 7.10
CA TYR A 25 -4.89 9.93 8.08
C TYR A 25 -3.51 9.62 8.67
N GLN A 26 -2.94 8.48 8.29
CA GLN A 26 -1.61 8.11 8.76
C GLN A 26 -0.55 8.74 7.87
N LEU A 27 -0.94 9.07 6.65
CA LEU A 27 -0.05 9.76 5.72
C LEU A 27 0.33 11.12 6.26
N GLN A 28 1.60 11.45 6.17
CA GLN A 28 2.07 12.74 6.61
C GLN A 28 1.68 13.82 5.61
N VAL A 29 1.75 15.08 6.04
CA VAL A 29 1.35 16.22 5.21
C VAL A 29 2.14 16.21 3.90
N ASN A 30 3.39 15.80 3.99
CA ASN A 30 4.28 15.73 2.83
C ASN A 30 3.71 14.80 1.78
N THR A 31 3.25 13.63 2.22
CA THR A 31 2.73 12.62 1.33
C THR A 31 1.40 13.06 0.72
N LEU A 32 0.55 13.64 1.55
CA LEU A 32 -0.75 14.12 1.11
C LEU A 32 -0.58 15.20 0.05
N ARG A 33 0.36 16.11 0.28
CA ARG A 33 0.68 17.15 -0.69
C ARG A 33 1.29 16.54 -1.95
N ARG A 34 2.06 15.47 -1.77
CA ARG A 34 2.72 14.82 -2.89
C ARG A 34 1.71 14.16 -3.80
N TYR A 35 0.76 13.44 -3.19
CA TYR A 35 -0.36 12.86 -3.92
C TYR A 35 -1.08 13.93 -4.74
N LYS A 36 -1.44 15.03 -4.08
CA LYS A 36 -2.16 16.12 -4.73
C LYS A 36 -1.36 16.71 -5.89
N ARG A 37 -0.06 16.82 -5.73
CA ARG A 37 0.78 17.43 -6.75
C ARG A 37 1.02 16.47 -7.91
N HIS A 38 1.33 15.22 -7.60
CA HIS A 38 1.66 14.24 -8.63
C HIS A 38 0.43 13.88 -9.45
N PHE A 39 -0.74 13.91 -8.82
CA PHE A 39 -1.97 13.59 -9.52
C PHE A 39 -2.67 14.86 -10.01
N LYS A 40 -2.05 16.00 -9.74
CA LYS A 40 -2.56 17.31 -10.16
C LYS A 40 -3.99 17.55 -9.69
N LEU A 41 -4.14 17.84 -8.40
CA LEU A 41 -5.44 18.15 -7.83
C LEU A 41 -5.50 19.63 -7.47
N PRO A 42 -6.25 20.43 -8.25
CA PRO A 42 -6.37 21.86 -8.01
C PRO A 42 -7.08 22.17 -6.70
N THR A 43 -6.42 22.96 -5.87
CA THR A 43 -6.93 23.26 -4.54
C THR A 43 -6.66 24.71 -4.16
N ARG A 44 -7.56 25.29 -3.38
CA ARG A 44 -7.42 26.68 -2.96
C ARG A 44 -6.63 26.77 -1.66
N PRO A 45 -6.02 27.93 -1.39
CA PRO A 45 -5.22 28.16 -0.17
C PRO A 45 -6.04 27.98 1.10
N GLY A 46 -5.41 27.44 2.13
CA GLY A 46 -6.08 27.23 3.39
C GLY A 46 -6.30 25.76 3.67
N LEU A 47 -5.39 24.92 3.18
CA LEU A 47 -5.50 23.49 3.34
C LEU A 47 -4.99 23.05 4.71
N ASN A 48 -5.39 21.85 5.12
CA ASN A 48 -5.05 21.33 6.44
C ASN A 48 -4.85 19.83 6.34
N LYS A 49 -4.32 19.21 7.41
CA LYS A 49 -4.15 17.76 7.45
C LYS A 49 -5.46 17.06 7.08
N ALA A 50 -6.54 17.48 7.72
CA ALA A 50 -7.86 16.91 7.45
C ALA A 50 -8.29 17.17 6.02
N GLN A 51 -8.01 18.38 5.52
CA GLN A 51 -8.38 18.76 4.16
C GLN A 51 -7.67 17.87 3.14
N LEU A 52 -6.38 17.69 3.34
CA LEU A 52 -5.57 16.90 2.44
C LEU A 52 -6.06 15.46 2.40
N VAL A 53 -6.38 14.92 3.57
CA VAL A 53 -6.90 13.56 3.67
C VAL A 53 -8.20 13.41 2.89
N GLU A 54 -9.10 14.39 3.03
CA GLU A 54 -10.37 14.35 2.33
C GLU A 54 -10.17 14.41 0.81
N ILE A 55 -9.24 15.26 0.37
CA ILE A 55 -8.93 15.41 -1.04
C ILE A 55 -8.26 14.15 -1.59
N VAL A 56 -7.21 13.70 -0.90
CA VAL A 56 -6.51 12.48 -1.29
C VAL A 56 -7.47 11.30 -1.31
N GLY A 57 -8.27 11.20 -0.26
CA GLY A 57 -9.21 10.11 -0.13
C GLY A 57 -10.24 10.08 -1.23
N CYS A 58 -10.74 11.26 -1.58
CA CYS A 58 -11.75 11.39 -2.62
C CYS A 58 -11.20 10.88 -3.96
N HIS A 59 -9.98 11.28 -4.29
CA HIS A 59 -9.37 10.85 -5.53
C HIS A 59 -8.85 9.41 -5.42
N PHE A 60 -8.47 9.03 -4.20
CA PHE A 60 -7.97 7.69 -3.93
C PHE A 60 -9.06 6.64 -4.19
N LYS A 61 -10.30 7.05 -3.99
CA LYS A 61 -11.45 6.17 -4.24
C LYS A 61 -11.62 5.86 -5.73
N SER A 62 -10.91 6.61 -6.58
CA SER A 62 -11.06 6.45 -8.02
C SER A 62 -9.69 6.39 -8.71
N ILE A 63 -8.89 5.42 -8.34
CA ILE A 63 -7.60 5.21 -8.98
C ILE A 63 -7.63 4.00 -9.92
N PRO A 64 -7.39 4.21 -11.21
CA PRO A 64 -7.29 3.12 -12.20
C PRO A 64 -6.05 2.27 -11.96
N VAL A 65 -6.22 0.97 -11.84
CA VAL A 65 -5.11 0.08 -11.52
C VAL A 65 -5.22 -1.25 -12.29
N ASN A 66 -4.12 -1.66 -12.91
CA ASN A 66 -4.07 -2.93 -13.62
C ASN A 66 -3.17 -3.90 -12.88
N GLU A 67 -3.72 -5.07 -12.56
CA GLU A 67 -3.05 -6.05 -11.71
C GLU A 67 -1.61 -6.32 -12.13
N LYS A 68 -1.42 -6.84 -13.34
CA LYS A 68 -0.11 -7.24 -13.83
C LYS A 68 0.91 -6.10 -13.77
N ASP A 69 0.61 -5.01 -14.48
CA ASP A 69 1.50 -3.86 -14.56
C ASP A 69 1.90 -3.37 -13.17
N THR A 70 0.93 -3.33 -12.28
CA THR A 70 1.13 -2.82 -10.94
C THR A 70 2.04 -3.74 -10.12
N LEU A 71 1.84 -5.04 -10.26
CA LEU A 71 2.69 -6.00 -9.57
C LEU A 71 4.11 -5.93 -10.09
N THR A 72 4.25 -5.96 -11.42
CA THR A 72 5.57 -5.93 -12.05
C THR A 72 6.35 -4.70 -11.59
N CYS A 73 5.69 -3.54 -11.60
CA CYS A 73 6.32 -2.29 -11.20
C CYS A 73 6.76 -2.34 -9.75
N PHE A 74 5.86 -2.76 -8.87
CA PHE A 74 6.16 -2.83 -7.45
C PHE A 74 7.33 -3.76 -7.19
N ILE A 75 7.26 -4.96 -7.75
CA ILE A 75 8.27 -5.97 -7.52
C ILE A 75 9.67 -5.49 -7.90
N TYR A 76 9.83 -4.99 -9.13
CA TYR A 76 11.16 -4.62 -9.59
C TYR A 76 11.67 -3.39 -8.84
N SER A 77 10.77 -2.46 -8.51
CA SER A 77 11.17 -1.25 -7.81
C SER A 77 11.71 -1.58 -6.42
N VAL A 78 10.93 -2.36 -5.67
CA VAL A 78 11.29 -2.70 -4.30
C VAL A 78 12.51 -3.63 -4.27
N ARG A 79 12.71 -4.38 -5.34
CA ARG A 79 13.88 -5.24 -5.46
C ARG A 79 15.14 -4.43 -5.73
N ASN A 80 14.98 -3.22 -6.24
CA ASN A 80 16.11 -2.34 -6.48
C ASN A 80 16.27 -1.35 -5.33
N ASP A 81 15.38 -0.37 -5.25
CA ASP A 81 15.43 0.64 -4.20
C ASP A 81 14.03 0.96 -3.73
N LYS A 82 13.81 0.82 -2.44
CA LYS A 82 12.48 1.01 -1.87
C LYS A 82 12.27 2.47 -1.50
N ASN A 83 11.72 3.24 -2.45
CA ASN A 83 11.36 4.65 -2.23
C ASN A 83 12.59 5.55 -2.11
N LYS A 84 12.74 6.47 -3.06
CA LYS A 84 13.89 7.36 -3.09
C LYS A 84 13.47 8.81 -2.83
N SER A 85 12.29 8.99 -2.24
CA SER A 85 11.77 10.33 -2.00
C SER A 85 12.50 11.03 -0.86
N ASP A 86 12.55 10.36 0.29
CA ASP A 86 13.19 10.92 1.48
C ASP A 86 14.51 10.23 1.77
N LEU A 87 15.07 9.59 0.74
CA LEU A 87 16.34 8.87 0.88
C LEU A 87 17.46 9.83 1.27
N LYS A 88 17.53 10.96 0.57
CA LYS A 88 18.52 12.00 0.83
C LYS A 88 19.94 11.50 0.57
N ALA A 89 20.92 12.35 0.79
CA ALA A 89 22.32 11.98 0.63
C ALA A 89 23.14 12.47 1.81
N ASP A 90 24.40 12.08 1.85
CA ASP A 90 25.30 12.48 2.92
C ASP A 90 25.75 13.92 2.71
N SER A 91 25.68 14.72 3.76
CA SER A 91 26.05 16.12 3.69
C SER A 91 27.56 16.29 3.71
N GLY A 92 28.26 15.26 4.17
CA GLY A 92 29.70 15.27 4.17
C GLY A 92 30.29 15.29 5.56
N VAL A 93 29.44 15.02 6.56
CA VAL A 93 29.84 14.94 7.97
C VAL A 93 30.09 16.34 8.54
N HIS A 94 30.21 17.33 7.66
CA HIS A 94 30.47 18.70 8.08
C HIS A 94 29.72 19.66 7.18
N SER B 1 13.20 -13.52 -23.58
CA SER B 1 11.80 -13.28 -24.02
C SER B 1 11.00 -14.58 -24.04
N ASN B 2 11.63 -15.68 -24.45
CA ASN B 2 10.91 -16.95 -24.59
C ASN B 2 11.25 -17.89 -23.44
N ALA B 3 12.43 -17.71 -22.84
CA ALA B 3 12.87 -18.58 -21.77
C ALA B 3 12.94 -17.84 -20.45
N SER B 4 11.99 -18.11 -19.56
CA SER B 4 11.96 -17.49 -18.25
C SER B 4 12.95 -18.19 -17.31
N LYS B 5 13.73 -17.40 -16.59
CA LYS B 5 14.77 -17.95 -15.72
C LYS B 5 15.25 -16.90 -14.71
N HIS B 6 14.74 -16.99 -13.49
CA HIS B 6 15.14 -16.08 -12.42
C HIS B 6 14.68 -16.63 -11.08
N GLY B 7 15.45 -16.36 -10.04
CA GLY B 7 15.11 -16.87 -8.71
C GLY B 7 13.94 -16.14 -8.08
N VAL B 8 12.77 -16.27 -8.67
CA VAL B 8 11.56 -15.64 -8.15
C VAL B 8 10.48 -16.67 -7.90
N GLY B 9 9.46 -16.27 -7.16
CA GLY B 9 8.39 -17.19 -6.83
C GLY B 9 7.69 -16.81 -5.54
N THR B 10 8.46 -16.34 -4.56
CA THR B 10 7.90 -15.95 -3.28
C THR B 10 7.09 -14.65 -3.41
N GLU B 11 7.44 -13.83 -4.40
CA GLU B 11 6.71 -12.61 -4.66
C GLU B 11 5.29 -12.95 -5.11
N SER B 12 5.22 -13.89 -6.05
CA SER B 12 3.95 -14.37 -6.55
C SER B 12 3.16 -15.04 -5.42
N LEU B 13 3.89 -15.73 -4.54
CA LEU B 13 3.30 -16.36 -3.36
C LEU B 13 2.63 -15.31 -2.48
N PHE B 14 3.38 -14.25 -2.19
CA PHE B 14 2.85 -13.13 -1.41
C PHE B 14 1.55 -12.59 -1.99
N PHE B 15 1.59 -12.18 -3.25
CA PHE B 15 0.42 -11.56 -3.89
C PHE B 15 -0.74 -12.54 -3.96
N ASP B 16 -0.44 -13.82 -4.14
CA ASP B 16 -1.47 -14.85 -4.16
C ASP B 16 -2.14 -14.97 -2.79
N LYS B 17 -1.32 -14.97 -1.74
CA LYS B 17 -1.85 -14.98 -0.38
C LYS B 17 -2.57 -13.68 -0.05
N VAL B 18 -2.12 -12.56 -0.62
CA VAL B 18 -2.81 -11.28 -0.45
C VAL B 18 -4.23 -11.40 -1.01
N ARG B 19 -4.32 -11.89 -2.24
CA ARG B 19 -5.60 -12.14 -2.88
C ARG B 19 -6.46 -13.07 -2.04
N LYS B 20 -5.85 -14.17 -1.62
CA LYS B 20 -6.52 -15.23 -0.89
C LYS B 20 -6.99 -14.75 0.50
N ALA B 21 -6.16 -13.99 1.18
CA ALA B 21 -6.43 -13.57 2.55
C ALA B 21 -7.38 -12.38 2.61
N LEU B 22 -7.19 -11.41 1.72
CA LEU B 22 -8.03 -10.22 1.72
C LEU B 22 -9.45 -10.54 1.32
N ARG B 23 -9.60 -11.45 0.33
CA ARG B 23 -10.91 -11.95 -0.10
C ARG B 23 -11.71 -10.87 -0.87
N SER B 24 -11.77 -9.67 -0.31
CA SER B 24 -12.48 -8.57 -0.92
C SER B 24 -11.71 -8.05 -2.14
N ALA B 25 -12.41 -7.89 -3.25
CA ALA B 25 -11.80 -7.42 -4.48
C ALA B 25 -11.39 -5.96 -4.36
N GLU B 26 -12.15 -5.21 -3.57
CA GLU B 26 -11.85 -3.80 -3.36
C GLU B 26 -10.66 -3.62 -2.43
N ALA B 27 -10.51 -4.52 -1.47
CA ALA B 27 -9.37 -4.49 -0.56
C ALA B 27 -8.10 -4.86 -1.31
N TYR B 28 -8.19 -5.88 -2.16
CA TYR B 28 -7.07 -6.27 -3.00
C TYR B 28 -6.71 -5.15 -3.96
N GLU B 29 -7.75 -4.51 -4.50
CA GLU B 29 -7.54 -3.39 -5.40
C GLU B 29 -6.90 -2.23 -4.65
N ASN B 30 -7.31 -2.03 -3.40
CA ASN B 30 -6.70 -1.03 -2.52
C ASN B 30 -5.20 -1.26 -2.42
N PHE B 31 -4.82 -2.50 -2.17
CA PHE B 31 -3.41 -2.87 -2.12
C PHE B 31 -2.71 -2.43 -3.39
N LEU B 32 -3.35 -2.67 -4.52
CA LEU B 32 -2.81 -2.29 -5.81
C LEU B 32 -2.81 -0.77 -5.99
N ARG B 33 -3.75 -0.08 -5.35
CA ARG B 33 -3.79 1.39 -5.36
C ARG B 33 -2.54 1.91 -4.67
N CYS B 34 -2.27 1.37 -3.49
CA CYS B 34 -1.09 1.71 -2.74
C CYS B 34 0.16 1.43 -3.57
N LEU B 35 0.11 0.36 -4.36
CA LEU B 35 1.22 -0.01 -5.20
C LEU B 35 1.47 1.03 -6.28
N VAL B 36 0.44 1.36 -7.07
CA VAL B 36 0.61 2.29 -8.18
C VAL B 36 1.13 3.65 -7.72
N ILE B 37 0.60 4.16 -6.62
CA ILE B 37 1.06 5.45 -6.11
C ILE B 37 2.48 5.33 -5.54
N PHE B 38 2.81 4.16 -4.98
CA PHE B 38 4.17 3.91 -4.51
C PHE B 38 5.13 3.78 -5.68
N ASN B 39 4.67 3.16 -6.76
CA ASN B 39 5.47 3.00 -7.97
C ASN B 39 5.75 4.36 -8.59
N GLN B 40 4.83 5.28 -8.40
CA GLN B 40 5.00 6.66 -8.84
C GLN B 40 5.75 7.47 -7.79
N GLU B 41 6.14 6.79 -6.70
CA GLU B 41 6.83 7.40 -5.57
C GLU B 41 6.02 8.56 -4.99
N VAL B 42 4.71 8.40 -4.99
CA VAL B 42 3.80 9.35 -4.37
C VAL B 42 3.81 9.14 -2.86
N ILE B 43 3.70 7.89 -2.45
CA ILE B 43 3.80 7.56 -1.04
C ILE B 43 5.16 6.97 -0.74
N SER B 44 5.70 7.33 0.42
CA SER B 44 7.02 6.87 0.82
C SER B 44 6.94 5.47 1.40
N ARG B 45 8.09 4.92 1.80
CA ARG B 45 8.13 3.57 2.33
C ARG B 45 7.28 3.44 3.59
N ALA B 46 7.58 4.27 4.59
CA ALA B 46 6.82 4.27 5.83
C ALA B 46 5.33 4.50 5.57
N GLU B 47 5.05 5.38 4.62
CA GLU B 47 3.68 5.69 4.24
C GLU B 47 2.98 4.45 3.72
N LEU B 48 3.63 3.75 2.78
CA LEU B 48 3.08 2.53 2.19
C LEU B 48 2.83 1.47 3.28
N VAL B 49 3.82 1.30 4.15
CA VAL B 49 3.75 0.30 5.20
C VAL B 49 2.57 0.57 6.15
N GLN B 50 2.35 1.85 6.46
CA GLN B 50 1.27 2.24 7.36
C GLN B 50 -0.06 2.35 6.61
N LEU B 51 0.01 2.54 5.30
CA LEU B 51 -1.18 2.70 4.48
C LEU B 51 -1.97 1.40 4.44
N VAL B 52 -1.27 0.32 4.13
CA VAL B 52 -1.88 -0.98 3.98
C VAL B 52 -2.00 -1.70 5.34
N SER B 53 -1.80 -0.94 6.42
CA SER B 53 -1.82 -1.50 7.77
C SER B 53 -3.15 -2.22 8.10
N PRO B 54 -4.32 -1.64 7.78
CA PRO B 54 -5.62 -2.32 7.98
C PRO B 54 -5.73 -3.63 7.20
N PHE B 55 -4.87 -3.79 6.22
CA PHE B 55 -4.83 -5.00 5.42
C PHE B 55 -3.62 -5.83 5.82
N LEU B 56 -3.74 -7.15 5.71
CA LEU B 56 -2.61 -8.05 6.01
C LEU B 56 -2.27 -8.09 7.51
N GLY B 57 -2.71 -7.08 8.27
CA GLY B 57 -2.36 -6.98 9.68
C GLY B 57 -2.95 -8.11 10.51
N LYS B 58 -3.91 -8.82 9.96
CA LYS B 58 -4.50 -9.96 10.63
C LYS B 58 -3.66 -11.20 10.38
N PHE B 59 -2.72 -11.09 9.46
CA PHE B 59 -1.89 -12.21 9.04
C PHE B 59 -0.42 -11.88 9.24
N PRO B 60 0.14 -12.25 10.41
CA PRO B 60 1.52 -11.90 10.80
C PRO B 60 2.55 -12.23 9.74
N GLU B 61 2.57 -13.48 9.28
CA GLU B 61 3.57 -13.95 8.32
C GLU B 61 3.55 -13.13 7.03
N LEU B 62 2.37 -12.74 6.60
CA LEU B 62 2.19 -12.11 5.31
C LEU B 62 2.59 -10.64 5.38
N PHE B 63 2.16 -9.97 6.44
CA PHE B 63 2.50 -8.56 6.63
C PHE B 63 3.99 -8.42 6.95
N ASN B 64 4.54 -9.46 7.57
CA ASN B 64 5.98 -9.49 7.84
C ASN B 64 6.73 -9.61 6.52
N TRP B 65 6.23 -10.47 5.63
CA TRP B 65 6.81 -10.66 4.30
C TRP B 65 6.92 -9.31 3.61
N PHE B 66 5.82 -8.56 3.65
CA PHE B 66 5.77 -7.23 3.06
C PHE B 66 6.87 -6.33 3.61
N LYS B 67 6.96 -6.24 4.94
CA LYS B 67 7.98 -5.42 5.58
C LYS B 67 9.39 -5.90 5.20
N ASN B 68 9.55 -7.21 5.15
CA ASN B 68 10.86 -7.83 4.89
C ASN B 68 11.31 -7.60 3.45
N PHE B 69 10.36 -7.54 2.53
CA PHE B 69 10.68 -7.36 1.12
C PHE B 69 10.90 -5.88 0.85
N LEU B 70 10.18 -5.08 1.60
CA LEU B 70 10.19 -3.64 1.46
C LEU B 70 11.39 -3.03 2.18
N GLY B 71 12.07 -3.84 2.98
CA GLY B 71 13.26 -3.39 3.68
C GLY B 71 12.96 -2.26 4.63
N TYR B 72 11.82 -2.33 5.30
CA TYR B 72 11.39 -1.29 6.22
C TYR B 72 12.22 -1.33 7.50
N LYS B 73 13.05 -0.31 7.69
CA LYS B 73 13.93 -0.26 8.86
C LYS B 73 13.71 1.04 9.63
N GLU B 74 12.67 1.77 9.25
CA GLU B 74 12.34 3.03 9.91
C GLU B 74 11.49 2.79 11.15
N SER B 75 11.47 1.55 11.61
CA SER B 75 10.70 1.18 12.79
C SER B 75 11.31 1.79 14.04
N SER A 1 -20.47 -1.87 22.31
CA SER A 1 -20.52 -1.48 23.73
C SER A 1 -19.17 -1.62 24.41
N ASN A 2 -18.15 -2.01 23.64
CA ASN A 2 -16.80 -2.16 24.18
C ASN A 2 -15.77 -1.87 23.10
N ALA A 3 -14.50 -2.05 23.41
CA ALA A 3 -13.43 -1.81 22.46
C ALA A 3 -12.95 -3.12 21.86
N GLY A 4 -12.80 -4.12 22.70
CA GLY A 4 -12.32 -5.41 22.24
C GLY A 4 -13.01 -6.56 22.95
N SER A 5 -13.32 -7.60 22.20
CA SER A 5 -13.97 -8.78 22.75
C SER A 5 -12.92 -9.78 23.23
N ASP A 6 -11.66 -9.44 23.00
CA ASP A 6 -10.55 -10.28 23.42
C ASP A 6 -10.19 -10.00 24.87
N ASP A 7 -10.85 -10.71 25.78
CA ASP A 7 -10.64 -10.50 27.21
C ASP A 7 -9.39 -11.21 27.70
N ASP A 8 -9.41 -12.53 27.65
CA ASP A 8 -8.28 -13.35 28.09
C ASP A 8 -7.39 -13.72 26.92
N GLY A 9 -7.97 -14.43 25.97
CA GLY A 9 -7.22 -14.86 24.80
C GLY A 9 -8.13 -15.39 23.72
N GLY A 10 -8.31 -14.62 22.67
CA GLY A 10 -9.17 -15.02 21.59
C GLY A 10 -8.39 -15.36 20.34
N ASP A 11 -8.90 -16.30 19.55
CA ASP A 11 -8.25 -16.70 18.32
C ASP A 11 -8.80 -15.90 17.13
N SER A 12 -9.78 -15.06 17.43
CA SER A 12 -10.48 -14.26 16.43
C SER A 12 -10.90 -15.10 15.23
N PRO A 13 -11.99 -15.86 15.37
CA PRO A 13 -12.52 -16.70 14.30
C PRO A 13 -13.37 -15.89 13.33
N VAL A 14 -13.12 -16.08 12.05
CA VAL A 14 -13.84 -15.38 10.99
C VAL A 14 -13.62 -13.87 11.09
N GLN A 15 -12.56 -13.39 10.46
CA GLN A 15 -12.31 -11.96 10.37
C GLN A 15 -13.31 -11.34 9.40
N ASP A 16 -14.25 -10.60 9.94
CA ASP A 16 -15.35 -10.03 9.15
C ASP A 16 -14.92 -8.73 8.49
N ILE A 17 -14.78 -8.78 7.18
CA ILE A 17 -14.34 -7.63 6.42
C ILE A 17 -14.94 -7.64 5.03
N ASP A 18 -15.81 -6.68 4.77
CA ASP A 18 -16.41 -6.51 3.45
C ASP A 18 -15.45 -5.72 2.58
N THR A 19 -15.04 -4.57 3.10
CA THR A 19 -14.11 -3.70 2.41
C THR A 19 -13.31 -2.90 3.44
N PRO A 20 -12.10 -3.35 3.78
CA PRO A 20 -11.22 -2.66 4.73
C PRO A 20 -10.94 -1.22 4.30
N GLU A 21 -10.70 -0.36 5.28
CA GLU A 21 -10.48 1.05 5.01
C GLU A 21 -9.01 1.39 5.15
N VAL A 22 -8.52 2.27 4.29
CA VAL A 22 -7.14 2.72 4.36
C VAL A 22 -7.06 4.10 5.00
N ASP A 23 -6.59 4.13 6.24
CA ASP A 23 -6.42 5.39 6.95
C ASP A 23 -5.34 6.21 6.28
N LEU A 24 -5.74 7.34 5.71
CA LEU A 24 -4.79 8.23 5.05
C LEU A 24 -4.42 9.39 5.96
N TYR A 25 -4.99 9.38 7.16
CA TYR A 25 -4.73 10.44 8.13
C TYR A 25 -3.35 10.25 8.76
N GLN A 26 -2.85 9.03 8.68
CA GLN A 26 -1.52 8.69 9.18
C GLN A 26 -0.41 9.32 8.35
N LEU A 27 -0.73 9.58 7.07
CA LEU A 27 0.27 10.08 6.14
C LEU A 27 0.71 11.50 6.49
N GLN A 28 1.85 11.88 5.96
CA GLN A 28 2.40 13.20 6.20
C GLN A 28 1.68 14.24 5.36
N VAL A 29 1.74 15.48 5.79
CA VAL A 29 1.14 16.58 5.03
C VAL A 29 1.75 16.63 3.64
N ASN A 30 3.08 16.52 3.60
CA ASN A 30 3.80 16.56 2.34
C ASN A 30 3.39 15.40 1.45
N THR A 31 3.10 14.25 2.04
CA THR A 31 2.69 13.07 1.30
C THR A 31 1.31 13.28 0.65
N LEU A 32 0.38 13.81 1.41
CA LEU A 32 -0.97 14.07 0.91
C LEU A 32 -0.94 15.15 -0.17
N ARG A 33 -0.12 16.18 0.04
CA ARG A 33 0.07 17.22 -0.94
C ARG A 33 0.78 16.66 -2.18
N ARG A 34 1.71 15.75 -1.95
CA ARG A 34 2.48 15.11 -3.01
C ARG A 34 1.53 14.35 -3.93
N TYR A 35 0.62 13.60 -3.32
CA TYR A 35 -0.43 12.91 -4.05
C TYR A 35 -1.18 13.90 -4.93
N LYS A 36 -1.60 15.00 -4.33
CA LYS A 36 -2.32 16.04 -5.06
C LYS A 36 -1.52 16.58 -6.23
N ARG A 37 -0.26 16.88 -6.01
CA ARG A 37 0.56 17.50 -7.04
C ARG A 37 0.90 16.51 -8.15
N HIS A 38 1.19 15.27 -7.78
CA HIS A 38 1.52 14.25 -8.77
C HIS A 38 0.29 13.82 -9.57
N PHE A 39 -0.87 13.82 -8.93
CA PHE A 39 -2.10 13.47 -9.62
C PHE A 39 -2.82 14.70 -10.16
N LYS A 40 -2.18 15.86 -10.00
CA LYS A 40 -2.64 17.12 -10.59
C LYS A 40 -4.03 17.50 -10.07
N LEU A 41 -4.19 17.47 -8.76
CA LEU A 41 -5.48 17.76 -8.14
C LEU A 41 -5.58 19.24 -7.77
N PRO A 42 -6.72 19.87 -8.10
CA PRO A 42 -6.99 21.27 -7.74
C PRO A 42 -7.19 21.44 -6.24
N THR A 43 -6.44 22.36 -5.65
CA THR A 43 -6.54 22.62 -4.23
C THR A 43 -7.05 24.04 -3.97
N ARG A 44 -8.03 24.15 -3.08
CA ARG A 44 -8.58 25.43 -2.68
C ARG A 44 -7.76 26.03 -1.55
N PRO A 45 -7.77 27.37 -1.40
CA PRO A 45 -7.07 28.05 -0.31
C PRO A 45 -7.64 27.69 1.05
N GLY A 46 -6.76 27.46 2.02
CA GLY A 46 -7.19 27.12 3.36
C GLY A 46 -7.09 25.64 3.61
N LEU A 47 -6.01 25.03 3.12
CA LEU A 47 -5.82 23.60 3.26
C LEU A 47 -5.43 23.22 4.69
N ASN A 48 -5.94 22.08 5.12
CA ASN A 48 -5.68 21.54 6.45
C ASN A 48 -5.41 20.05 6.33
N LYS A 49 -4.76 19.47 7.33
CA LYS A 49 -4.43 18.04 7.32
C LYS A 49 -5.65 17.20 6.93
N ALA A 50 -6.75 17.38 7.65
CA ALA A 50 -7.96 16.61 7.39
C ALA A 50 -8.48 16.86 5.97
N GLN A 51 -8.36 18.12 5.52
CA GLN A 51 -8.82 18.50 4.18
C GLN A 51 -8.03 17.75 3.12
N LEU A 52 -6.73 17.65 3.36
CA LEU A 52 -5.85 16.93 2.46
C LEU A 52 -6.27 15.47 2.37
N VAL A 53 -6.46 14.86 3.53
CA VAL A 53 -6.82 13.46 3.60
C VAL A 53 -8.11 13.19 2.83
N GLU A 54 -9.12 14.03 3.05
CA GLU A 54 -10.42 13.88 2.40
C GLU A 54 -10.28 13.92 0.88
N ILE A 55 -9.59 14.93 0.36
CA ILE A 55 -9.40 15.05 -1.08
C ILE A 55 -8.62 13.85 -1.63
N VAL A 56 -7.62 13.39 -0.87
CA VAL A 56 -6.81 12.27 -1.30
C VAL A 56 -7.64 11.00 -1.43
N GLY A 57 -8.41 10.69 -0.39
CA GLY A 57 -9.23 9.50 -0.40
C GLY A 57 -10.33 9.56 -1.43
N CYS A 58 -10.86 10.75 -1.66
CA CYS A 58 -11.88 10.98 -2.66
C CYS A 58 -11.38 10.57 -4.04
N HIS A 59 -10.18 11.02 -4.40
CA HIS A 59 -9.62 10.70 -5.70
C HIS A 59 -8.91 9.33 -5.66
N PHE A 60 -8.50 8.92 -4.46
CA PHE A 60 -7.78 7.67 -4.28
C PHE A 60 -8.59 6.50 -4.78
N LYS A 61 -9.89 6.52 -4.51
CA LYS A 61 -10.79 5.46 -4.96
C LYS A 61 -11.15 5.60 -6.44
N SER A 62 -10.62 6.62 -7.09
CA SER A 62 -10.90 6.88 -8.50
C SER A 62 -9.69 6.53 -9.37
N ILE A 63 -8.73 5.82 -8.80
CA ILE A 63 -7.52 5.46 -9.53
C ILE A 63 -7.69 4.10 -10.21
N PRO A 64 -7.64 4.08 -11.55
CA PRO A 64 -7.69 2.83 -12.32
C PRO A 64 -6.38 2.06 -12.21
N VAL A 65 -6.43 0.91 -11.55
CA VAL A 65 -5.24 0.13 -11.31
C VAL A 65 -5.35 -1.26 -11.93
N ASN A 66 -4.28 -1.71 -12.56
CA ASN A 66 -4.25 -3.03 -13.19
C ASN A 66 -3.36 -3.97 -12.39
N GLU A 67 -3.82 -5.20 -12.19
CA GLU A 67 -3.09 -6.18 -11.38
C GLU A 67 -1.69 -6.43 -11.92
N LYS A 68 -1.62 -6.95 -13.15
CA LYS A 68 -0.36 -7.32 -13.78
C LYS A 68 0.63 -6.14 -13.82
N ASP A 69 0.18 -5.04 -14.41
CA ASP A 69 1.02 -3.84 -14.54
C ASP A 69 1.57 -3.38 -13.19
N THR A 70 0.70 -3.27 -12.20
CA THR A 70 1.07 -2.74 -10.91
C THR A 70 2.02 -3.66 -10.15
N LEU A 71 1.70 -4.96 -10.14
CA LEU A 71 2.57 -5.92 -9.45
C LEU A 71 3.95 -5.90 -10.06
N THR A 72 4.01 -5.82 -11.39
CA THR A 72 5.27 -5.73 -12.10
C THR A 72 6.06 -4.49 -11.65
N CYS A 73 5.38 -3.35 -11.60
CA CYS A 73 6.02 -2.09 -11.19
C CYS A 73 6.56 -2.19 -9.77
N PHE A 74 5.74 -2.72 -8.87
CA PHE A 74 6.12 -2.85 -7.47
C PHE A 74 7.35 -3.73 -7.30
N ILE A 75 7.25 -4.98 -7.75
CA ILE A 75 8.33 -5.95 -7.57
C ILE A 75 9.63 -5.42 -8.16
N TYR A 76 9.54 -4.84 -9.35
CA TYR A 76 10.69 -4.33 -10.08
C TYR A 76 11.38 -3.21 -9.29
N SER A 77 10.61 -2.27 -8.79
CA SER A 77 11.15 -1.12 -8.10
C SER A 77 11.80 -1.50 -6.77
N VAL A 78 11.17 -2.42 -6.03
CA VAL A 78 11.66 -2.79 -4.72
C VAL A 78 12.89 -3.69 -4.82
N ARG A 79 13.02 -4.41 -5.93
CA ARG A 79 14.22 -5.20 -6.20
C ARG A 79 15.36 -4.29 -6.65
N ASN A 80 15.03 -3.04 -6.92
CA ASN A 80 16.02 -2.03 -7.29
C ASN A 80 15.97 -0.87 -6.31
N ASP A 81 16.24 0.34 -6.78
CA ASP A 81 16.04 1.54 -5.98
C ASP A 81 14.56 1.72 -5.72
N LYS A 82 14.21 1.61 -4.47
CA LYS A 82 12.81 1.60 -4.02
C LYS A 82 12.18 2.99 -4.11
N ASN A 83 12.93 3.95 -4.62
CA ASN A 83 12.40 5.30 -4.84
C ASN A 83 13.38 6.11 -5.69
N LYS A 84 14.50 6.52 -5.10
CA LYS A 84 15.55 7.24 -5.83
C LYS A 84 16.72 7.58 -4.91
N SER A 85 16.45 7.56 -3.60
CA SER A 85 17.44 7.93 -2.59
C SER A 85 17.77 9.42 -2.64
N ASP A 86 17.23 10.17 -1.70
CA ASP A 86 17.44 11.61 -1.65
C ASP A 86 18.77 11.94 -0.99
N LEU A 87 19.83 11.91 -1.78
CA LEU A 87 21.16 12.19 -1.26
C LEU A 87 21.65 13.52 -1.79
N LYS A 88 21.67 13.64 -3.12
CA LYS A 88 22.15 14.83 -3.78
C LYS A 88 21.22 15.19 -4.94
N ALA A 89 21.47 16.32 -5.57
CA ALA A 89 20.69 16.73 -6.73
C ALA A 89 21.45 16.41 -8.01
N ASP A 90 22.71 16.86 -8.05
CA ASP A 90 23.58 16.59 -9.18
C ASP A 90 24.30 15.26 -9.00
N SER A 91 23.67 14.19 -9.47
CA SER A 91 24.25 12.86 -9.37
C SER A 91 25.03 12.54 -10.64
N GLY A 92 24.32 12.13 -11.68
CA GLY A 92 24.94 11.78 -12.94
C GLY A 92 24.05 12.08 -14.12
N VAL A 93 24.26 13.24 -14.72
CA VAL A 93 23.46 13.66 -15.87
C VAL A 93 24.20 13.36 -17.16
N HIS A 94 23.47 13.27 -18.26
CA HIS A 94 24.07 12.97 -19.55
C HIS A 94 23.31 13.69 -20.65
N SER B 1 -4.20 -17.56 -24.23
CA SER B 1 -4.42 -17.27 -22.80
C SER B 1 -3.09 -17.12 -22.08
N ASN B 2 -2.64 -15.88 -21.92
CA ASN B 2 -1.35 -15.63 -21.32
C ASN B 2 -1.48 -15.48 -19.80
N ALA B 3 -0.63 -16.19 -19.09
CA ALA B 3 -0.57 -16.09 -17.64
C ALA B 3 0.88 -15.96 -17.22
N SER B 4 1.31 -14.72 -17.00
CA SER B 4 2.69 -14.47 -16.62
C SER B 4 2.75 -13.48 -15.46
N LYS B 5 3.53 -13.83 -14.44
CA LYS B 5 3.77 -12.94 -13.32
C LYS B 5 5.25 -12.92 -12.99
N HIS B 6 5.78 -11.74 -12.71
CA HIS B 6 7.21 -11.57 -12.52
C HIS B 6 7.60 -11.97 -11.10
N GLY B 7 8.85 -12.36 -10.93
CA GLY B 7 9.34 -12.75 -9.63
C GLY B 7 9.86 -14.17 -9.62
N VAL B 8 10.46 -14.57 -8.50
CA VAL B 8 11.01 -15.92 -8.37
C VAL B 8 9.93 -16.90 -7.93
N GLY B 9 8.85 -16.37 -7.37
CA GLY B 9 7.73 -17.21 -7.01
C GLY B 9 7.09 -16.80 -5.70
N THR B 10 7.91 -16.44 -4.71
CA THR B 10 7.43 -16.10 -3.38
C THR B 10 6.68 -14.77 -3.40
N GLU B 11 7.03 -13.91 -4.35
CA GLU B 11 6.38 -12.61 -4.50
C GLU B 11 4.94 -12.82 -4.94
N SER B 12 4.75 -13.59 -6.00
CA SER B 12 3.42 -13.90 -6.50
C SER B 12 2.64 -14.69 -5.45
N LEU B 13 3.36 -15.53 -4.70
CA LEU B 13 2.77 -16.26 -3.59
C LEU B 13 2.18 -15.29 -2.57
N PHE B 14 2.99 -14.31 -2.17
CA PHE B 14 2.55 -13.25 -1.28
C PHE B 14 1.29 -12.56 -1.80
N PHE B 15 1.33 -12.11 -3.05
CA PHE B 15 0.23 -11.36 -3.64
C PHE B 15 -1.04 -12.19 -3.71
N ASP B 16 -0.90 -13.49 -3.99
CA ASP B 16 -2.06 -14.37 -4.06
C ASP B 16 -2.67 -14.52 -2.66
N LYS B 17 -1.80 -14.61 -1.66
CA LYS B 17 -2.23 -14.65 -0.26
C LYS B 17 -3.01 -13.39 0.08
N VAL B 18 -2.44 -12.24 -0.26
CA VAL B 18 -3.09 -10.95 -0.03
C VAL B 18 -4.46 -10.92 -0.69
N ARG B 19 -4.48 -11.34 -1.95
CA ARG B 19 -5.68 -11.35 -2.76
C ARG B 19 -6.77 -12.22 -2.13
N LYS B 20 -6.36 -13.29 -1.46
CA LYS B 20 -7.29 -14.23 -0.85
C LYS B 20 -7.70 -13.78 0.56
N ALA B 21 -6.70 -13.47 1.38
CA ALA B 21 -6.90 -13.19 2.80
C ALA B 21 -7.70 -11.91 3.05
N LEU B 22 -7.53 -10.92 2.17
CA LEU B 22 -8.23 -9.65 2.32
C LEU B 22 -9.74 -9.81 2.12
N ARG B 23 -10.12 -10.90 1.44
CA ARG B 23 -11.55 -11.25 1.23
C ARG B 23 -12.29 -10.23 0.37
N SER B 24 -11.58 -9.20 -0.07
CA SER B 24 -12.19 -8.15 -0.85
C SER B 24 -11.32 -7.79 -2.05
N ALA B 25 -11.95 -7.74 -3.22
CA ALA B 25 -11.26 -7.35 -4.44
C ALA B 25 -10.85 -5.88 -4.37
N GLU B 26 -11.72 -5.05 -3.79
CA GLU B 26 -11.42 -3.63 -3.63
C GLU B 26 -10.28 -3.44 -2.63
N ALA B 27 -10.18 -4.34 -1.66
CA ALA B 27 -9.08 -4.30 -0.71
C ALA B 27 -7.75 -4.56 -1.41
N TYR B 28 -7.73 -5.59 -2.25
CA TYR B 28 -6.55 -5.90 -3.04
C TYR B 28 -6.29 -4.79 -4.05
N GLU B 29 -7.36 -4.21 -4.56
CA GLU B 29 -7.27 -3.07 -5.48
C GLU B 29 -6.65 -1.87 -4.77
N ASN B 30 -7.00 -1.69 -3.50
CA ASN B 30 -6.47 -0.58 -2.72
C ASN B 30 -5.01 -0.82 -2.37
N PHE B 31 -4.64 -2.08 -2.23
CA PHE B 31 -3.24 -2.46 -2.07
C PHE B 31 -2.46 -2.02 -3.30
N LEU B 32 -2.98 -2.39 -4.47
CA LEU B 32 -2.36 -2.00 -5.74
C LEU B 32 -2.42 -0.49 -5.92
N ARG B 33 -3.43 0.12 -5.33
CA ARG B 33 -3.59 1.57 -5.33
C ARG B 33 -2.38 2.23 -4.66
N CYS B 34 -2.04 1.73 -3.48
CA CYS B 34 -0.86 2.18 -2.76
C CYS B 34 0.41 1.87 -3.57
N LEU B 35 0.38 0.79 -4.33
CA LEU B 35 1.53 0.41 -5.14
C LEU B 35 1.76 1.40 -6.28
N VAL B 36 0.69 1.79 -6.99
CA VAL B 36 0.84 2.71 -8.11
C VAL B 36 1.31 4.08 -7.64
N ILE B 37 0.77 4.56 -6.52
CA ILE B 37 1.22 5.85 -6.00
C ILE B 37 2.67 5.75 -5.51
N PHE B 38 3.04 4.59 -5.00
CA PHE B 38 4.42 4.34 -4.58
C PHE B 38 5.35 4.41 -5.79
N ASN B 39 4.93 3.81 -6.89
CA ASN B 39 5.72 3.77 -8.12
C ASN B 39 5.94 5.17 -8.68
N GLN B 40 4.99 6.06 -8.43
CA GLN B 40 5.06 7.42 -8.95
C GLN B 40 5.68 8.37 -7.92
N GLU B 41 6.36 7.79 -6.93
CA GLU B 41 7.05 8.54 -5.88
C GLU B 41 6.08 9.41 -5.07
N VAL B 42 4.83 9.01 -5.01
CA VAL B 42 3.84 9.73 -4.22
C VAL B 42 4.02 9.38 -2.74
N ILE B 43 4.25 8.12 -2.48
CA ILE B 43 4.50 7.64 -1.11
C ILE B 43 5.83 6.90 -1.06
N SER B 44 6.45 6.88 0.10
CA SER B 44 7.70 6.17 0.28
C SER B 44 7.45 4.84 1.01
N ARG B 45 8.54 4.20 1.43
CA ARG B 45 8.48 2.89 2.09
C ARG B 45 7.56 2.92 3.31
N ALA B 46 7.86 3.84 4.22
CA ALA B 46 7.11 3.93 5.47
C ALA B 46 5.61 4.07 5.22
N GLU B 47 5.24 5.00 4.36
CA GLU B 47 3.83 5.22 4.04
C GLU B 47 3.20 3.96 3.45
N LEU B 48 3.89 3.33 2.50
CA LEU B 48 3.38 2.13 1.85
C LEU B 48 3.09 1.02 2.86
N VAL B 49 4.02 0.83 3.80
CA VAL B 49 3.88 -0.20 4.82
C VAL B 49 2.74 0.15 5.79
N GLN B 50 2.60 1.44 6.07
CA GLN B 50 1.60 1.91 7.01
C GLN B 50 0.19 1.92 6.42
N LEU B 51 0.08 2.23 5.14
CA LEU B 51 -1.22 2.30 4.47
C LEU B 51 -1.89 0.94 4.40
N VAL B 52 -1.08 -0.09 4.19
CA VAL B 52 -1.62 -1.45 4.07
C VAL B 52 -1.74 -2.12 5.44
N SER B 53 -1.50 -1.34 6.50
CA SER B 53 -1.59 -1.85 7.86
C SER B 53 -3.00 -2.39 8.18
N PRO B 54 -4.09 -1.63 7.89
CA PRO B 54 -5.46 -2.11 8.11
C PRO B 54 -5.82 -3.34 7.26
N PHE B 55 -4.92 -3.72 6.37
CA PHE B 55 -5.15 -4.86 5.49
C PHE B 55 -4.26 -6.04 5.89
N LEU B 56 -2.96 -5.86 5.74
CA LEU B 56 -2.01 -6.95 5.98
C LEU B 56 -1.53 -6.98 7.42
N GLY B 57 -1.79 -5.91 8.15
CA GLY B 57 -1.37 -5.83 9.55
C GLY B 57 -2.15 -6.77 10.42
N LYS B 58 -3.22 -7.33 9.88
CA LYS B 58 -4.03 -8.31 10.59
C LYS B 58 -3.36 -9.69 10.50
N PHE B 59 -2.39 -9.79 9.61
CA PHE B 59 -1.67 -11.03 9.40
C PHE B 59 -0.17 -10.81 9.63
N PRO B 60 0.28 -10.99 10.88
CA PRO B 60 1.69 -10.75 11.27
C PRO B 60 2.69 -11.47 10.37
N GLU B 61 2.33 -12.67 9.93
CA GLU B 61 3.22 -13.46 9.08
C GLU B 61 3.31 -12.84 7.69
N LEU B 62 2.16 -12.53 7.11
CA LEU B 62 2.10 -11.96 5.77
C LEU B 62 2.72 -10.57 5.77
N PHE B 63 2.46 -9.82 6.82
CA PHE B 63 3.00 -8.48 6.99
C PHE B 63 4.52 -8.55 7.17
N ASN B 64 4.97 -9.64 7.80
CA ASN B 64 6.41 -9.87 7.99
C ASN B 64 7.08 -10.06 6.64
N TRP B 65 6.40 -10.80 5.75
CA TRP B 65 6.90 -11.00 4.38
C TRP B 65 7.08 -9.65 3.70
N PHE B 66 6.04 -8.82 3.78
CA PHE B 66 6.04 -7.51 3.17
C PHE B 66 7.22 -6.67 3.68
N LYS B 67 7.42 -6.68 4.99
CA LYS B 67 8.53 -5.94 5.59
C LYS B 67 9.87 -6.49 5.12
N ASN B 68 9.94 -7.81 4.97
CA ASN B 68 11.17 -8.48 4.57
C ASN B 68 11.59 -8.09 3.15
N PHE B 69 10.62 -7.94 2.26
CA PHE B 69 10.92 -7.65 0.87
C PHE B 69 11.16 -6.17 0.69
N LEU B 70 10.42 -5.39 1.45
CA LEU B 70 10.42 -3.95 1.32
C LEU B 70 11.56 -3.31 2.12
N GLY B 71 12.01 -4.02 3.15
CA GLY B 71 13.11 -3.53 3.95
C GLY B 71 12.66 -2.66 5.10
N TYR B 72 11.44 -2.88 5.57
CA TYR B 72 10.90 -2.09 6.66
C TYR B 72 11.30 -2.70 8.00
N LYS B 73 11.94 -1.89 8.82
CA LYS B 73 12.33 -2.32 10.16
C LYS B 73 11.67 -1.44 11.20
N GLU B 74 11.43 -2.00 12.38
CA GLU B 74 10.83 -1.25 13.48
C GLU B 74 11.88 -0.33 14.12
N SER B 75 12.45 0.55 13.31
CA SER B 75 13.45 1.48 13.78
C SER B 75 13.16 2.88 13.25
N SER A 1 4.81 9.81 28.69
CA SER A 1 4.38 9.15 29.95
C SER A 1 2.90 9.40 30.23
N ASN A 2 2.33 10.45 29.63
CA ASN A 2 0.92 10.79 29.86
C ASN A 2 0.03 9.71 29.27
N ALA A 3 0.14 9.50 27.96
CA ALA A 3 -0.61 8.46 27.28
C ALA A 3 0.29 7.68 26.33
N GLY A 4 -0.01 6.41 26.12
CA GLY A 4 0.81 5.59 25.25
C GLY A 4 -0.03 4.71 24.34
N SER A 5 -0.48 5.27 23.23
CA SER A 5 -1.28 4.53 22.27
C SER A 5 -0.70 4.68 20.86
N ASP A 6 0.53 5.16 20.79
CA ASP A 6 1.23 5.33 19.52
C ASP A 6 1.62 3.97 18.94
N ASP A 7 2.02 3.97 17.66
CA ASP A 7 2.40 2.75 16.92
C ASP A 7 1.16 1.94 16.56
N ASP A 8 0.56 1.28 17.54
CA ASP A 8 -0.65 0.49 17.30
C ASP A 8 -1.53 0.48 18.53
N GLY A 9 -2.68 1.14 18.43
CA GLY A 9 -3.65 1.10 19.51
C GLY A 9 -4.38 -0.23 19.54
N GLY A 10 -4.84 -0.66 18.38
CA GLY A 10 -5.55 -1.92 18.28
C GLY A 10 -7.05 -1.74 18.21
N ASP A 11 -7.50 -0.84 17.35
CA ASP A 11 -8.92 -0.56 17.22
C ASP A 11 -9.61 -1.59 16.32
N SER A 12 -9.09 -1.78 15.12
CA SER A 12 -9.69 -2.69 14.17
C SER A 12 -9.38 -4.15 14.51
N PRO A 13 -10.41 -4.96 14.78
CA PRO A 13 -10.25 -6.37 15.11
C PRO A 13 -10.06 -7.24 13.87
N VAL A 14 -9.52 -8.43 14.06
CA VAL A 14 -9.29 -9.34 12.95
C VAL A 14 -10.29 -10.50 13.00
N GLN A 15 -11.43 -10.32 12.35
CA GLN A 15 -12.46 -11.35 12.31
C GLN A 15 -13.43 -11.14 11.16
N ASP A 16 -13.09 -11.69 10.00
CA ASP A 16 -13.95 -11.70 8.81
C ASP A 16 -14.22 -10.29 8.29
N ILE A 17 -13.73 -10.01 7.09
CA ILE A 17 -13.86 -8.69 6.51
C ILE A 17 -14.67 -8.70 5.22
N ASP A 18 -15.44 -7.65 5.03
CA ASP A 18 -16.14 -7.44 3.78
C ASP A 18 -15.41 -6.40 2.95
N THR A 19 -15.03 -5.30 3.60
CA THR A 19 -14.32 -4.21 2.96
C THR A 19 -13.49 -3.43 3.97
N PRO A 20 -12.20 -3.77 4.09
CA PRO A 20 -11.27 -3.01 4.94
C PRO A 20 -10.96 -1.65 4.33
N GLU A 21 -10.75 -0.67 5.19
CA GLU A 21 -10.52 0.70 4.73
C GLU A 21 -9.06 1.09 4.92
N VAL A 22 -8.60 2.01 4.09
CA VAL A 22 -7.24 2.51 4.20
C VAL A 22 -7.23 3.85 4.92
N ASP A 23 -6.52 3.91 6.03
CA ASP A 23 -6.37 5.15 6.77
C ASP A 23 -5.37 6.04 6.07
N LEU A 24 -5.80 7.23 5.67
CA LEU A 24 -4.94 8.17 4.98
C LEU A 24 -4.60 9.36 5.88
N TYR A 25 -4.99 9.25 7.14
CA TYR A 25 -4.73 10.30 8.12
C TYR A 25 -3.39 10.03 8.81
N GLN A 26 -3.02 8.75 8.84
CA GLN A 26 -1.73 8.33 9.37
C GLN A 26 -0.57 8.89 8.56
N LEU A 27 -0.83 9.18 7.29
CA LEU A 27 0.19 9.68 6.39
C LEU A 27 0.67 11.07 6.79
N GLN A 28 1.82 11.45 6.30
CA GLN A 28 2.35 12.78 6.53
C GLN A 28 1.65 13.77 5.61
N VAL A 29 1.61 15.04 6.01
CA VAL A 29 0.98 16.06 5.19
C VAL A 29 1.70 16.20 3.84
N ASN A 30 3.03 16.11 3.86
CA ASN A 30 3.83 16.21 2.64
C ASN A 30 3.51 15.06 1.70
N THR A 31 3.15 13.91 2.27
CA THR A 31 2.78 12.73 1.48
C THR A 31 1.46 12.97 0.75
N LEU A 32 0.49 13.51 1.49
CA LEU A 32 -0.82 13.80 0.92
C LEU A 32 -0.73 14.89 -0.14
N ARG A 33 0.08 15.90 0.15
CA ARG A 33 0.31 16.99 -0.79
C ARG A 33 1.03 16.49 -2.03
N ARG A 34 1.91 15.50 -1.84
CA ARG A 34 2.67 14.94 -2.94
C ARG A 34 1.73 14.25 -3.91
N TYR A 35 0.81 13.47 -3.37
CA TYR A 35 -0.24 12.85 -4.16
C TYR A 35 -1.02 13.89 -4.95
N LYS A 36 -1.45 14.93 -4.27
CA LYS A 36 -2.27 15.96 -4.87
C LYS A 36 -1.54 16.74 -5.96
N ARG A 37 -0.26 17.01 -5.74
CA ARG A 37 0.52 17.77 -6.70
C ARG A 37 0.91 16.89 -7.90
N HIS A 38 1.17 15.62 -7.63
CA HIS A 38 1.56 14.69 -8.67
C HIS A 38 0.37 14.40 -9.60
N PHE A 39 -0.78 14.10 -9.01
CA PHE A 39 -1.97 13.78 -9.79
C PHE A 39 -2.72 15.03 -10.22
N LYS A 40 -2.22 16.19 -9.79
CA LYS A 40 -2.83 17.48 -10.10
C LYS A 40 -4.26 17.55 -9.58
N LEU A 41 -4.40 17.83 -8.30
CA LEU A 41 -5.71 17.89 -7.69
C LEU A 41 -6.01 19.29 -7.19
N PRO A 42 -6.79 20.05 -7.98
CA PRO A 42 -7.12 21.45 -7.66
C PRO A 42 -7.77 21.58 -6.29
N THR A 43 -7.41 22.65 -5.60
CA THR A 43 -7.93 22.90 -4.27
C THR A 43 -7.60 24.32 -3.82
N ARG A 44 -8.51 24.90 -3.04
CA ARG A 44 -8.33 26.25 -2.53
C ARG A 44 -7.29 26.25 -1.41
N PRO A 45 -6.68 27.42 -1.14
CA PRO A 45 -5.71 27.55 -0.05
C PRO A 45 -6.35 27.43 1.33
N GLY A 46 -5.52 27.36 2.35
CA GLY A 46 -6.03 27.19 3.70
C GLY A 46 -6.34 25.74 4.01
N LEU A 47 -5.55 24.85 3.44
CA LEU A 47 -5.76 23.42 3.62
C LEU A 47 -5.13 22.94 4.92
N ASN A 48 -5.77 21.95 5.52
CA ASN A 48 -5.25 21.32 6.73
C ASN A 48 -5.02 19.84 6.47
N LYS A 49 -4.63 19.12 7.51
CA LYS A 49 -4.36 17.69 7.40
C LYS A 49 -5.58 16.93 6.89
N ALA A 50 -6.69 17.02 7.62
CA ALA A 50 -7.91 16.31 7.27
C ALA A 50 -8.40 16.69 5.88
N GLN A 51 -8.17 17.94 5.51
CA GLN A 51 -8.56 18.45 4.20
C GLN A 51 -7.87 17.66 3.08
N LEU A 52 -6.56 17.52 3.21
CA LEU A 52 -5.78 16.77 2.26
C LEU A 52 -6.24 15.32 2.21
N VAL A 53 -6.48 14.75 3.39
CA VAL A 53 -6.90 13.37 3.49
C VAL A 53 -8.19 13.12 2.71
N GLU A 54 -9.16 14.02 2.87
CA GLU A 54 -10.43 13.90 2.17
C GLU A 54 -10.23 13.94 0.66
N ILE A 55 -9.43 14.89 0.19
CA ILE A 55 -9.18 15.03 -1.24
C ILE A 55 -8.43 13.81 -1.78
N VAL A 56 -7.39 13.39 -1.05
CA VAL A 56 -6.59 12.25 -1.46
C VAL A 56 -7.43 10.99 -1.54
N GLY A 57 -8.21 10.72 -0.49
CA GLY A 57 -9.04 9.53 -0.47
C GLY A 57 -10.06 9.53 -1.57
N CYS A 58 -10.62 10.70 -1.86
CA CYS A 58 -11.61 10.85 -2.92
C CYS A 58 -11.03 10.39 -4.26
N HIS A 59 -9.86 10.92 -4.62
CA HIS A 59 -9.25 10.60 -5.90
C HIS A 59 -8.53 9.25 -5.84
N PHE A 60 -8.12 8.85 -4.64
CA PHE A 60 -7.40 7.60 -4.45
C PHE A 60 -8.25 6.42 -4.88
N LYS A 61 -9.50 6.43 -4.49
CA LYS A 61 -10.42 5.35 -4.88
C LYS A 61 -10.99 5.59 -6.28
N SER A 62 -10.28 6.37 -7.08
CA SER A 62 -10.68 6.61 -8.46
C SER A 62 -9.52 6.31 -9.40
N ILE A 63 -8.59 5.48 -8.94
CA ILE A 63 -7.42 5.12 -9.73
C ILE A 63 -7.63 3.77 -10.42
N PRO A 64 -7.59 3.76 -11.76
CA PRO A 64 -7.65 2.53 -12.55
C PRO A 64 -6.35 1.76 -12.45
N VAL A 65 -6.39 0.59 -11.84
CA VAL A 65 -5.18 -0.15 -11.55
C VAL A 65 -5.20 -1.53 -12.24
N ASN A 66 -4.01 -2.08 -12.46
CA ASN A 66 -3.88 -3.38 -13.11
C ASN A 66 -3.44 -4.42 -12.09
N GLU A 67 -3.88 -5.66 -12.27
CA GLU A 67 -3.46 -6.72 -11.37
C GLU A 67 -2.00 -7.10 -11.62
N LYS A 68 -1.73 -7.64 -12.79
CA LYS A 68 -0.41 -8.18 -13.10
C LYS A 68 0.60 -7.08 -13.33
N ASP A 69 0.21 -6.07 -14.09
CA ASP A 69 1.11 -4.99 -14.47
C ASP A 69 1.58 -4.21 -13.24
N THR A 70 0.65 -3.94 -12.33
CA THR A 70 0.95 -3.18 -11.14
C THR A 70 1.77 -3.99 -10.15
N LEU A 71 1.47 -5.29 -10.02
CA LEU A 71 2.29 -6.17 -9.20
C LEU A 71 3.73 -6.14 -9.68
N THR A 72 3.91 -6.35 -10.98
CA THR A 72 5.23 -6.34 -11.58
C THR A 72 5.93 -5.01 -11.35
N CYS A 73 5.19 -3.93 -11.55
CA CYS A 73 5.70 -2.58 -11.33
C CYS A 73 6.25 -2.44 -9.92
N PHE A 74 5.42 -2.77 -8.94
CA PHE A 74 5.77 -2.64 -7.53
C PHE A 74 7.02 -3.46 -7.20
N ILE A 75 7.03 -4.72 -7.62
CA ILE A 75 8.13 -5.62 -7.32
C ILE A 75 9.47 -5.02 -7.79
N TYR A 76 9.52 -4.59 -9.05
CA TYR A 76 10.74 -4.02 -9.60
C TYR A 76 11.06 -2.67 -8.96
N SER A 77 10.05 -1.94 -8.53
CA SER A 77 10.25 -0.66 -7.87
C SER A 77 11.00 -0.83 -6.56
N VAL A 78 10.50 -1.72 -5.71
CA VAL A 78 11.10 -1.95 -4.41
C VAL A 78 12.47 -2.61 -4.57
N ARG A 79 12.63 -3.36 -5.67
CA ARG A 79 13.90 -3.99 -5.98
C ARG A 79 14.80 -3.06 -6.79
N ASN A 80 14.48 -1.77 -6.77
CA ASN A 80 15.32 -0.77 -7.42
C ASN A 80 15.78 0.27 -6.41
N ASP A 81 14.93 1.25 -6.14
CA ASP A 81 15.27 2.31 -5.21
C ASP A 81 14.06 2.71 -4.38
N LYS A 82 13.34 3.74 -4.82
CA LYS A 82 12.16 4.23 -4.15
C LYS A 82 12.48 4.67 -2.73
N ASN A 83 13.02 5.88 -2.63
CA ASN A 83 13.44 6.48 -1.34
C ASN A 83 14.74 5.83 -0.86
N LYS A 84 15.34 6.44 0.18
CA LYS A 84 16.61 5.98 0.74
C LYS A 84 17.77 6.30 -0.21
N SER A 85 18.67 7.15 0.25
CA SER A 85 19.82 7.54 -0.54
C SER A 85 20.79 6.37 -0.71
N ASP A 86 20.82 5.50 0.31
CA ASP A 86 21.70 4.34 0.31
C ASP A 86 23.16 4.79 0.28
N LEU A 87 23.71 5.04 1.46
CA LEU A 87 25.05 5.57 1.63
C LEU A 87 25.14 7.02 1.15
N LYS A 88 25.21 7.94 2.10
CA LYS A 88 25.32 9.36 1.80
C LYS A 88 26.77 9.72 1.51
N ALA A 89 27.68 8.98 2.13
CA ALA A 89 29.11 9.18 1.94
C ALA A 89 29.84 7.85 2.05
N ASP A 90 30.88 7.68 1.25
CA ASP A 90 31.65 6.43 1.25
C ASP A 90 32.41 6.26 2.56
N SER A 91 32.95 7.36 3.07
CA SER A 91 33.71 7.33 4.31
C SER A 91 33.76 8.72 4.93
N GLY A 92 33.84 8.78 6.25
CA GLY A 92 33.92 10.06 6.92
C GLY A 92 34.32 9.90 8.38
N VAL A 93 35.50 9.32 8.60
CA VAL A 93 36.00 9.10 9.95
C VAL A 93 36.29 10.43 10.65
N HIS A 94 35.72 10.61 11.82
CA HIS A 94 35.93 11.81 12.61
C HIS A 94 36.24 11.46 14.05
N SER B 1 20.52 -30.24 3.14
CA SER B 1 21.47 -31.12 2.43
C SER B 1 21.41 -30.88 0.92
N ASN B 2 20.21 -30.97 0.35
CA ASN B 2 20.03 -30.78 -1.09
C ASN B 2 18.91 -29.79 -1.37
N ALA B 3 19.20 -28.80 -2.20
CA ALA B 3 18.23 -27.79 -2.57
C ALA B 3 18.58 -27.20 -3.92
N SER B 4 17.56 -26.92 -4.73
CA SER B 4 17.78 -26.39 -6.07
C SER B 4 17.67 -24.86 -6.06
N LYS B 5 18.79 -24.20 -5.73
CA LYS B 5 18.92 -22.74 -5.73
C LYS B 5 17.88 -22.06 -4.84
N HIS B 6 16.68 -21.80 -5.39
CA HIS B 6 15.64 -21.03 -4.71
C HIS B 6 16.07 -19.58 -4.51
N GLY B 7 15.78 -18.75 -5.50
CA GLY B 7 16.15 -17.35 -5.43
C GLY B 7 14.95 -16.46 -5.21
N VAL B 8 14.62 -15.68 -6.21
CA VAL B 8 13.48 -14.75 -6.14
C VAL B 8 12.28 -15.37 -6.87
N GLY B 9 11.07 -14.89 -6.57
CA GLY B 9 9.89 -15.42 -7.20
C GLY B 9 8.77 -15.72 -6.22
N THR B 10 9.06 -15.59 -4.94
CA THR B 10 8.09 -15.87 -3.90
C THR B 10 7.17 -14.68 -3.67
N GLU B 11 7.41 -13.60 -4.40
CA GLU B 11 6.55 -12.43 -4.37
C GLU B 11 5.13 -12.82 -4.78
N SER B 12 5.03 -13.74 -5.74
CA SER B 12 3.75 -14.23 -6.20
C SER B 12 2.99 -14.87 -5.05
N LEU B 13 3.72 -15.59 -4.20
CA LEU B 13 3.14 -16.21 -3.02
C LEU B 13 2.56 -15.14 -2.10
N PHE B 14 3.35 -14.11 -1.83
CA PHE B 14 2.89 -12.97 -1.04
C PHE B 14 1.60 -12.37 -1.61
N PHE B 15 1.63 -12.00 -2.88
CA PHE B 15 0.49 -11.32 -3.50
C PHE B 15 -0.73 -12.23 -3.56
N ASP B 16 -0.51 -13.53 -3.74
CA ASP B 16 -1.61 -14.48 -3.74
C ASP B 16 -2.28 -14.51 -2.36
N LYS B 17 -1.45 -14.49 -1.32
CA LYS B 17 -1.93 -14.40 0.05
C LYS B 17 -2.76 -13.13 0.23
N VAL B 18 -2.20 -12.00 -0.18
CA VAL B 18 -2.89 -10.71 -0.10
C VAL B 18 -4.21 -10.75 -0.87
N ARG B 19 -4.16 -11.33 -2.07
CA ARG B 19 -5.32 -11.43 -2.94
C ARG B 19 -6.47 -12.17 -2.26
N LYS B 20 -6.14 -13.19 -1.48
CA LYS B 20 -7.16 -13.98 -0.78
C LYS B 20 -7.51 -13.36 0.57
N ALA B 21 -6.52 -12.83 1.25
CA ALA B 21 -6.69 -12.31 2.60
C ALA B 21 -7.60 -11.08 2.65
N LEU B 22 -7.32 -10.11 1.78
CA LEU B 22 -8.09 -8.87 1.77
C LEU B 22 -9.55 -9.11 1.41
N ARG B 23 -9.79 -10.14 0.60
CA ARG B 23 -11.13 -10.56 0.19
C ARG B 23 -11.80 -9.55 -0.72
N SER B 24 -11.97 -8.33 -0.23
CA SER B 24 -12.62 -7.27 -0.97
C SER B 24 -11.83 -6.91 -2.22
N ALA B 25 -12.54 -6.85 -3.35
CA ALA B 25 -11.91 -6.45 -4.60
C ALA B 25 -11.48 -4.99 -4.53
N GLU B 26 -12.27 -4.18 -3.82
CA GLU B 26 -11.97 -2.76 -3.66
C GLU B 26 -10.73 -2.60 -2.78
N ALA B 27 -10.65 -3.44 -1.76
CA ALA B 27 -9.49 -3.45 -0.87
C ALA B 27 -8.23 -3.90 -1.60
N TYR B 28 -8.35 -4.97 -2.38
CA TYR B 28 -7.24 -5.48 -3.17
C TYR B 28 -6.84 -4.45 -4.22
N GLU B 29 -7.84 -3.82 -4.84
CA GLU B 29 -7.61 -2.75 -5.78
C GLU B 29 -6.88 -1.60 -5.09
N ASN B 30 -7.32 -1.29 -3.88
CA ASN B 30 -6.72 -0.24 -3.07
C ASN B 30 -5.25 -0.53 -2.82
N PHE B 31 -4.95 -1.77 -2.47
CA PHE B 31 -3.57 -2.23 -2.30
C PHE B 31 -2.76 -1.93 -3.57
N LEU B 32 -3.31 -2.30 -4.71
CA LEU B 32 -2.66 -2.09 -5.99
C LEU B 32 -2.51 -0.59 -6.27
N ARG B 33 -3.48 0.20 -5.84
CA ARG B 33 -3.39 1.65 -6.00
C ARG B 33 -2.26 2.20 -5.14
N CYS B 34 -2.07 1.63 -3.95
CA CYS B 34 -0.95 2.00 -3.12
C CYS B 34 0.36 1.69 -3.84
N LEU B 35 0.36 0.63 -4.62
CA LEU B 35 1.54 0.21 -5.36
C LEU B 35 1.89 1.20 -6.46
N VAL B 36 0.88 1.64 -7.23
CA VAL B 36 1.14 2.56 -8.33
C VAL B 36 1.61 3.92 -7.83
N ILE B 37 0.99 4.44 -6.78
CA ILE B 37 1.39 5.73 -6.24
C ILE B 37 2.78 5.64 -5.61
N PHE B 38 3.10 4.48 -5.07
CA PHE B 38 4.44 4.22 -4.55
C PHE B 38 5.45 4.26 -5.69
N ASN B 39 5.10 3.63 -6.80
CA ASN B 39 5.98 3.59 -7.98
C ASN B 39 6.24 4.98 -8.53
N GLN B 40 5.21 5.83 -8.49
CA GLN B 40 5.31 7.18 -9.04
C GLN B 40 5.94 8.15 -8.05
N GLU B 41 6.59 7.62 -7.00
CA GLU B 41 7.30 8.44 -6.01
C GLU B 41 6.32 9.27 -5.17
N VAL B 42 5.03 8.97 -5.29
CA VAL B 42 3.99 9.76 -4.64
C VAL B 42 4.00 9.55 -3.13
N ILE B 43 4.16 8.33 -2.69
CA ILE B 43 4.18 8.03 -1.26
C ILE B 43 5.53 7.44 -0.86
N SER B 44 5.91 7.68 0.39
CA SER B 44 7.13 7.10 0.92
C SER B 44 6.89 5.62 1.22
N ARG B 45 7.97 4.86 1.32
CA ARG B 45 7.85 3.42 1.52
C ARG B 45 7.27 3.10 2.90
N ALA B 46 7.64 3.91 3.90
CA ALA B 46 7.07 3.75 5.24
C ALA B 46 5.58 4.04 5.23
N GLU B 47 5.21 5.11 4.53
CA GLU B 47 3.81 5.48 4.35
C GLU B 47 3.04 4.30 3.73
N LEU B 48 3.70 3.62 2.80
CA LEU B 48 3.13 2.47 2.10
C LEU B 48 2.79 1.34 3.07
N VAL B 49 3.75 0.99 3.93
CA VAL B 49 3.53 -0.09 4.89
C VAL B 49 2.35 0.26 5.80
N GLN B 50 2.29 1.53 6.18
CA GLN B 50 1.24 2.04 7.03
C GLN B 50 -0.12 2.00 6.33
N LEU B 51 -0.17 2.37 5.07
CA LEU B 51 -1.42 2.38 4.32
C LEU B 51 -2.04 1.00 4.23
N VAL B 52 -1.21 0.00 3.99
CA VAL B 52 -1.70 -1.36 3.86
C VAL B 52 -1.79 -2.04 5.23
N SER B 53 -1.51 -1.29 6.29
CA SER B 53 -1.56 -1.83 7.64
C SER B 53 -2.96 -2.35 8.00
N PRO B 54 -4.06 -1.59 7.74
CA PRO B 54 -5.42 -2.09 7.99
C PRO B 54 -5.73 -3.40 7.25
N PHE B 55 -4.95 -3.66 6.20
CA PHE B 55 -5.19 -4.82 5.36
C PHE B 55 -4.30 -6.00 5.77
N LEU B 56 -2.98 -5.80 5.71
CA LEU B 56 -2.04 -6.88 5.97
C LEU B 56 -1.77 -7.02 7.47
N GLY B 57 -2.07 -5.96 8.21
CA GLY B 57 -1.83 -5.96 9.65
C GLY B 57 -2.74 -6.94 10.37
N LYS B 58 -3.71 -7.49 9.63
CA LYS B 58 -4.57 -8.53 10.16
C LYS B 58 -3.79 -9.83 10.27
N PHE B 59 -2.72 -9.92 9.50
CA PHE B 59 -1.93 -11.14 9.42
C PHE B 59 -0.45 -10.83 9.66
N PRO B 60 0.04 -11.13 10.87
CA PRO B 60 1.43 -10.84 11.26
C PRO B 60 2.45 -11.38 10.25
N GLU B 61 2.30 -12.64 9.87
CA GLU B 61 3.19 -13.28 8.91
C GLU B 61 3.21 -12.51 7.58
N LEU B 62 2.04 -12.10 7.13
CA LEU B 62 1.90 -11.46 5.83
C LEU B 62 2.48 -10.04 5.86
N PHE B 63 2.16 -9.30 6.91
CA PHE B 63 2.63 -7.93 7.04
C PHE B 63 4.14 -7.90 7.31
N ASN B 64 4.63 -8.95 7.96
CA ASN B 64 6.07 -9.10 8.20
C ASN B 64 6.79 -9.31 6.89
N TRP B 65 6.21 -10.16 6.03
CA TRP B 65 6.74 -10.40 4.69
C TRP B 65 6.90 -9.07 3.95
N PHE B 66 5.84 -8.27 3.99
CA PHE B 66 5.83 -6.97 3.34
C PHE B 66 6.98 -6.10 3.84
N LYS B 67 7.12 -5.97 5.16
CA LYS B 67 8.20 -5.19 5.74
C LYS B 67 9.55 -5.74 5.33
N ASN B 68 9.62 -7.06 5.19
CA ASN B 68 10.85 -7.76 4.83
C ASN B 68 11.27 -7.40 3.40
N PHE B 69 10.28 -7.23 2.53
CA PHE B 69 10.54 -6.93 1.12
C PHE B 69 10.90 -5.46 0.94
N LEU B 70 10.29 -4.62 1.77
CA LEU B 70 10.53 -3.18 1.71
C LEU B 70 11.81 -2.80 2.45
N GLY B 71 12.31 -3.72 3.27
CA GLY B 71 13.46 -3.44 4.09
C GLY B 71 13.13 -2.44 5.18
N TYR B 72 11.93 -2.56 5.73
CA TYR B 72 11.43 -1.64 6.73
C TYR B 72 11.89 -2.08 8.12
N LYS B 73 13.07 -1.65 8.50
CA LYS B 73 13.62 -1.95 9.81
C LYS B 73 13.10 -0.95 10.84
N GLU B 74 12.32 -1.44 11.79
CA GLU B 74 11.79 -0.59 12.84
C GLU B 74 12.74 -0.56 14.03
N SER B 75 13.88 -1.20 13.86
CA SER B 75 14.89 -1.27 14.88
C SER B 75 15.77 -0.03 14.86
N SER A 1 -12.41 -35.34 -10.09
CA SER A 1 -11.90 -35.49 -11.47
C SER A 1 -12.59 -34.50 -12.41
N ASN A 2 -11.77 -33.76 -13.16
CA ASN A 2 -12.24 -32.77 -14.13
C ASN A 2 -12.75 -31.51 -13.43
N ALA A 3 -13.83 -31.64 -12.69
CA ALA A 3 -14.42 -30.52 -11.98
C ALA A 3 -13.85 -30.39 -10.58
N GLY A 4 -13.07 -29.34 -10.36
CA GLY A 4 -12.50 -29.11 -9.06
C GLY A 4 -13.05 -27.85 -8.42
N SER A 5 -12.52 -27.51 -7.25
CA SER A 5 -12.99 -26.34 -6.53
C SER A 5 -12.22 -25.08 -6.92
N ASP A 6 -12.95 -24.04 -7.30
CA ASP A 6 -12.34 -22.76 -7.63
C ASP A 6 -12.19 -21.94 -6.37
N ASP A 7 -13.30 -21.72 -5.69
CA ASP A 7 -13.31 -20.97 -4.43
C ASP A 7 -12.79 -21.85 -3.31
N ASP A 8 -13.25 -23.09 -3.29
CA ASP A 8 -12.81 -24.08 -2.31
C ASP A 8 -13.09 -23.59 -0.89
N GLY A 9 -14.37 -23.49 -0.56
CA GLY A 9 -14.76 -22.92 0.71
C GLY A 9 -15.21 -23.96 1.72
N GLY A 10 -14.41 -25.00 1.89
CA GLY A 10 -14.68 -25.98 2.91
C GLY A 10 -13.78 -25.79 4.11
N ASP A 11 -12.54 -25.43 3.81
CA ASP A 11 -11.53 -25.20 4.82
C ASP A 11 -11.62 -23.77 5.34
N SER A 12 -12.01 -22.86 4.46
CA SER A 12 -12.18 -21.46 4.81
C SER A 12 -13.49 -20.94 4.26
N PRO A 13 -14.32 -20.32 5.10
CA PRO A 13 -15.62 -19.79 4.70
C PRO A 13 -15.50 -18.46 3.93
N VAL A 14 -16.63 -17.99 3.43
CA VAL A 14 -16.67 -16.71 2.71
C VAL A 14 -16.29 -15.56 3.64
N GLN A 15 -15.25 -14.84 3.26
CA GLN A 15 -14.77 -13.71 4.03
C GLN A 15 -14.41 -12.55 3.10
N ASP A 16 -15.20 -11.49 3.14
CA ASP A 16 -14.88 -10.28 2.41
C ASP A 16 -14.07 -9.37 3.30
N ILE A 17 -13.90 -9.82 4.55
CA ILE A 17 -13.14 -9.10 5.56
C ILE A 17 -13.89 -7.81 5.92
N ASP A 18 -15.16 -7.80 5.55
CA ASP A 18 -16.05 -6.66 5.73
C ASP A 18 -15.53 -5.45 4.95
N THR A 19 -14.58 -5.71 4.07
CA THR A 19 -13.91 -4.68 3.30
C THR A 19 -13.08 -3.77 4.22
N PRO A 20 -11.79 -4.08 4.38
CA PRO A 20 -10.87 -3.27 5.20
C PRO A 20 -10.79 -1.84 4.69
N GLU A 21 -10.49 -0.91 5.59
CA GLU A 21 -10.49 0.50 5.27
C GLU A 21 -9.14 1.13 5.56
N VAL A 22 -8.67 1.95 4.64
CA VAL A 22 -7.37 2.59 4.76
C VAL A 22 -7.49 3.99 5.34
N ASP A 23 -6.77 4.25 6.42
CA ASP A 23 -6.74 5.57 7.01
C ASP A 23 -5.67 6.43 6.35
N LEU A 24 -6.11 7.43 5.60
CA LEU A 24 -5.18 8.35 4.96
C LEU A 24 -4.91 9.53 5.89
N TYR A 25 -5.59 9.53 7.02
CA TYR A 25 -5.47 10.60 8.01
C TYR A 25 -4.18 10.42 8.81
N GLN A 26 -3.55 9.25 8.65
CA GLN A 26 -2.34 8.92 9.40
C GLN A 26 -1.08 9.35 8.65
N LEU A 27 -1.26 9.76 7.40
CA LEU A 27 -0.12 10.09 6.55
C LEU A 27 0.46 11.46 6.89
N GLN A 28 1.64 11.72 6.38
CA GLN A 28 2.30 13.01 6.55
C GLN A 28 1.59 14.07 5.70
N VAL A 29 1.71 15.32 6.11
CA VAL A 29 1.12 16.43 5.37
C VAL A 29 1.69 16.51 3.96
N ASN A 30 3.00 16.35 3.86
CA ASN A 30 3.67 16.42 2.58
C ASN A 30 3.29 15.25 1.68
N THR A 31 3.01 14.10 2.28
CA THR A 31 2.62 12.91 1.50
C THR A 31 1.28 13.14 0.82
N LEU A 32 0.35 13.74 1.56
CA LEU A 32 -0.96 14.06 1.03
C LEU A 32 -0.84 15.11 -0.07
N ARG A 33 0.02 16.10 0.16
CA ARG A 33 0.29 17.12 -0.85
C ARG A 33 0.95 16.48 -2.07
N ARG A 34 1.83 15.52 -1.82
CA ARG A 34 2.52 14.78 -2.87
C ARG A 34 1.50 14.11 -3.79
N TYR A 35 0.59 13.35 -3.19
CA TYR A 35 -0.49 12.71 -3.92
C TYR A 35 -1.24 13.72 -4.78
N LYS A 36 -1.68 14.80 -4.15
CA LYS A 36 -2.47 15.82 -4.83
C LYS A 36 -1.67 16.52 -5.93
N ARG A 37 -0.36 16.65 -5.73
CA ARG A 37 0.50 17.30 -6.69
C ARG A 37 0.79 16.38 -7.88
N HIS A 38 1.15 15.14 -7.59
CA HIS A 38 1.56 14.21 -8.64
C HIS A 38 0.36 13.80 -9.49
N PHE A 39 -0.81 13.67 -8.85
CA PHE A 39 -2.02 13.31 -9.57
C PHE A 39 -2.76 14.54 -10.10
N LYS A 40 -2.12 15.71 -9.93
CA LYS A 40 -2.63 16.97 -10.47
C LYS A 40 -4.03 17.28 -9.96
N LEU A 41 -4.22 17.22 -8.65
CA LEU A 41 -5.52 17.45 -8.04
C LEU A 41 -5.68 18.92 -7.68
N PRO A 42 -6.82 19.52 -8.06
CA PRO A 42 -7.12 20.92 -7.75
C PRO A 42 -7.16 21.18 -6.25
N THR A 43 -6.81 22.39 -5.85
CA THR A 43 -6.76 22.74 -4.44
C THR A 43 -7.47 24.06 -4.16
N ARG A 44 -7.78 24.28 -2.90
CA ARG A 44 -8.44 25.51 -2.47
C ARG A 44 -7.56 26.23 -1.45
N PRO A 45 -7.66 27.57 -1.37
CA PRO A 45 -6.91 28.36 -0.40
C PRO A 45 -7.19 27.94 1.04
N GLY A 46 -6.15 27.85 1.84
CA GLY A 46 -6.30 27.40 3.20
C GLY A 46 -6.32 25.89 3.29
N LEU A 47 -5.20 25.27 2.96
CA LEU A 47 -5.10 23.82 3.04
C LEU A 47 -4.76 23.36 4.44
N ASN A 48 -5.37 22.27 4.83
CA ASN A 48 -5.17 21.70 6.15
C ASN A 48 -5.04 20.19 6.01
N LYS A 49 -4.59 19.52 7.07
CA LYS A 49 -4.44 18.07 7.07
C LYS A 49 -5.72 17.39 6.59
N ALA A 50 -6.84 17.75 7.22
CA ALA A 50 -8.14 17.16 6.87
C ALA A 50 -8.50 17.42 5.41
N GLN A 51 -8.21 18.63 4.94
CA GLN A 51 -8.52 19.02 3.56
C GLN A 51 -7.76 18.11 2.58
N LEU A 52 -6.49 17.91 2.88
CA LEU A 52 -5.63 17.08 2.06
C LEU A 52 -6.17 15.65 2.03
N VAL A 53 -6.44 15.10 3.22
CA VAL A 53 -6.92 13.73 3.35
C VAL A 53 -8.20 13.51 2.57
N GLU A 54 -9.13 14.47 2.66
CA GLU A 54 -10.39 14.37 1.93
C GLU A 54 -10.17 14.25 0.44
N ILE A 55 -9.45 15.22 -0.13
CA ILE A 55 -9.21 15.23 -1.57
C ILE A 55 -8.40 14.01 -1.99
N VAL A 56 -7.39 13.66 -1.19
CA VAL A 56 -6.58 12.48 -1.45
C VAL A 56 -7.44 11.23 -1.48
N GLY A 57 -8.28 11.07 -0.46
CA GLY A 57 -9.15 9.92 -0.37
C GLY A 57 -10.17 9.89 -1.50
N CYS A 58 -10.67 11.06 -1.86
CA CYS A 58 -11.65 11.18 -2.92
C CYS A 58 -11.13 10.58 -4.22
N HIS A 59 -9.90 10.93 -4.59
CA HIS A 59 -9.31 10.36 -5.80
C HIS A 59 -8.69 9.00 -5.50
N PHE A 60 -8.32 8.77 -4.26
CA PHE A 60 -7.70 7.51 -3.86
C PHE A 60 -8.64 6.35 -4.11
N LYS A 61 -9.93 6.61 -3.93
CA LYS A 61 -10.97 5.61 -4.18
C LYS A 61 -11.31 5.53 -5.67
N SER A 62 -10.66 6.36 -6.48
CA SER A 62 -10.94 6.43 -7.90
C SER A 62 -9.65 6.36 -8.71
N ILE A 63 -8.78 5.41 -8.35
CA ILE A 63 -7.53 5.22 -9.07
C ILE A 63 -7.63 4.00 -9.98
N PRO A 64 -7.55 4.21 -11.31
CA PRO A 64 -7.51 3.11 -12.27
C PRO A 64 -6.22 2.30 -12.13
N VAL A 65 -6.36 1.08 -11.64
CA VAL A 65 -5.21 0.25 -11.34
C VAL A 65 -5.38 -1.17 -11.87
N ASN A 66 -4.38 -1.64 -12.61
CA ASN A 66 -4.41 -2.99 -13.19
C ASN A 66 -3.50 -3.91 -12.40
N GLU A 67 -4.03 -5.05 -11.94
CA GLU A 67 -3.31 -5.95 -11.04
C GLU A 67 -1.91 -6.30 -11.55
N LYS A 68 -1.82 -7.00 -12.68
CA LYS A 68 -0.55 -7.55 -13.13
C LYS A 68 0.51 -6.47 -13.33
N ASP A 69 0.17 -5.41 -14.04
CA ASP A 69 1.13 -4.32 -14.30
C ASP A 69 1.59 -3.69 -13.01
N THR A 70 0.65 -3.50 -12.08
CA THR A 70 0.95 -2.87 -10.81
C THR A 70 1.88 -3.74 -9.97
N LEU A 71 1.62 -5.05 -9.97
CA LEU A 71 2.47 -5.99 -9.28
C LEU A 71 3.89 -5.90 -9.84
N THR A 72 3.97 -5.93 -11.17
CA THR A 72 5.24 -5.88 -11.86
C THR A 72 6.01 -4.61 -11.49
N CYS A 73 5.33 -3.47 -11.52
CA CYS A 73 5.94 -2.19 -11.20
C CYS A 73 6.54 -2.19 -9.80
N PHE A 74 5.72 -2.53 -8.82
CA PHE A 74 6.14 -2.49 -7.42
C PHE A 74 7.30 -3.45 -7.17
N ILE A 75 7.18 -4.67 -7.68
CA ILE A 75 8.19 -5.69 -7.45
C ILE A 75 9.55 -5.23 -7.96
N TYR A 76 9.61 -4.82 -9.23
CA TYR A 76 10.88 -4.44 -9.84
C TYR A 76 11.41 -3.14 -9.27
N SER A 77 10.53 -2.33 -8.71
CA SER A 77 10.94 -1.11 -8.04
C SER A 77 11.73 -1.43 -6.77
N VAL A 78 11.16 -2.29 -5.93
CA VAL A 78 11.80 -2.64 -4.66
C VAL A 78 13.00 -3.56 -4.87
N ARG A 79 12.99 -4.30 -5.98
CA ARG A 79 14.11 -5.16 -6.33
C ARG A 79 15.39 -4.36 -6.54
N ASN A 80 15.25 -3.09 -6.90
CA ASN A 80 16.40 -2.22 -7.10
C ASN A 80 16.69 -1.42 -5.82
N ASP A 81 15.70 -0.69 -5.36
CA ASP A 81 15.85 0.15 -4.17
C ASP A 81 14.49 0.32 -3.51
N LYS A 82 14.35 1.32 -2.66
CA LYS A 82 13.09 1.57 -1.96
C LYS A 82 12.48 2.88 -2.43
N ASN A 83 12.99 3.37 -3.56
CA ASN A 83 12.51 4.63 -4.15
C ASN A 83 12.79 5.80 -3.20
N LYS A 84 14.04 5.87 -2.75
CA LYS A 84 14.46 6.91 -1.84
C LYS A 84 15.48 7.82 -2.53
N SER A 85 15.30 9.13 -2.39
CA SER A 85 16.19 10.08 -3.05
C SER A 85 17.35 10.45 -2.14
N ASP A 86 18.46 9.73 -2.26
CA ASP A 86 19.66 10.03 -1.47
C ASP A 86 20.67 10.77 -2.31
N LEU A 87 20.93 10.24 -3.50
CA LEU A 87 21.87 10.87 -4.42
C LEU A 87 21.20 12.04 -5.14
N LYS A 88 21.67 13.25 -4.82
CA LYS A 88 21.10 14.46 -5.40
C LYS A 88 22.20 15.50 -5.62
N ALA A 89 22.45 15.82 -6.88
CA ALA A 89 23.46 16.80 -7.27
C ALA A 89 24.84 16.47 -6.72
N ASP A 90 25.56 15.60 -7.42
CA ASP A 90 26.92 15.26 -7.03
C ASP A 90 27.93 15.91 -7.96
N SER A 91 27.77 15.70 -9.26
CA SER A 91 28.65 16.30 -10.24
C SER A 91 28.24 17.75 -10.49
N GLY A 92 28.89 18.67 -9.80
CA GLY A 92 28.55 20.07 -9.92
C GLY A 92 29.75 20.91 -10.31
N VAL A 93 30.63 20.30 -11.09
CA VAL A 93 31.84 20.98 -11.55
C VAL A 93 31.51 22.08 -12.55
N HIS A 94 30.37 21.96 -13.20
CA HIS A 94 29.91 22.96 -14.13
C HIS A 94 28.59 23.54 -13.66
N SER B 1 24.53 -15.43 -12.21
CA SER B 1 23.09 -15.38 -12.53
C SER B 1 22.32 -16.39 -11.69
N ASN B 2 21.05 -16.08 -11.42
CA ASN B 2 20.20 -16.96 -10.62
C ASN B 2 19.57 -18.03 -11.49
N ALA B 3 19.11 -17.62 -12.67
CA ALA B 3 18.43 -18.50 -13.61
C ALA B 3 17.11 -19.02 -13.04
N SER B 4 16.02 -18.42 -13.46
CA SER B 4 14.70 -18.80 -12.98
C SER B 4 14.32 -20.19 -13.50
N LYS B 5 13.71 -21.00 -12.64
CA LYS B 5 13.34 -22.36 -13.01
C LYS B 5 11.90 -22.64 -12.59
N HIS B 6 11.01 -22.66 -13.56
CA HIS B 6 9.60 -22.98 -13.34
C HIS B 6 8.98 -21.99 -12.34
N GLY B 7 9.19 -20.70 -12.58
CA GLY B 7 8.67 -19.68 -11.68
C GLY B 7 9.47 -18.41 -11.72
N VAL B 8 9.01 -17.42 -10.97
CA VAL B 8 9.68 -16.12 -10.92
C VAL B 8 10.36 -15.92 -9.56
N GLY B 9 9.61 -16.17 -8.49
CA GLY B 9 10.15 -16.02 -7.16
C GLY B 9 9.06 -15.93 -6.10
N THR B 10 9.46 -15.67 -4.87
CA THR B 10 8.52 -15.58 -3.77
C THR B 10 7.71 -14.30 -3.81
N GLU B 11 8.12 -13.36 -4.65
CA GLU B 11 7.36 -12.13 -4.86
C GLU B 11 5.96 -12.47 -5.35
N SER B 12 5.87 -13.28 -6.40
CA SER B 12 4.60 -13.70 -6.95
C SER B 12 3.82 -14.52 -5.92
N LEU B 13 4.54 -15.28 -5.10
CA LEU B 13 3.93 -16.05 -4.02
C LEU B 13 3.24 -15.13 -3.02
N PHE B 14 3.98 -14.09 -2.60
CA PHE B 14 3.43 -13.08 -1.70
C PHE B 14 2.13 -12.50 -2.23
N PHE B 15 2.16 -11.97 -3.46
CA PHE B 15 1.00 -11.28 -4.00
C PHE B 15 -0.20 -12.22 -4.20
N ASP B 16 0.07 -13.47 -4.51
CA ASP B 16 -1.01 -14.46 -4.61
C ASP B 16 -1.67 -14.64 -3.25
N LYS B 17 -0.85 -14.69 -2.21
CA LYS B 17 -1.37 -14.77 -0.85
C LYS B 17 -2.07 -13.49 -0.45
N VAL B 18 -1.59 -12.35 -0.96
CA VAL B 18 -2.22 -11.06 -0.69
C VAL B 18 -3.64 -11.04 -1.22
N ARG B 19 -3.80 -11.46 -2.48
CA ARG B 19 -5.11 -11.51 -3.10
C ARG B 19 -6.00 -12.50 -2.36
N LYS B 20 -5.38 -13.58 -1.88
CA LYS B 20 -6.09 -14.64 -1.17
C LYS B 20 -6.44 -14.21 0.26
N ALA B 21 -5.68 -13.27 0.80
CA ALA B 21 -5.87 -12.80 2.16
C ALA B 21 -6.88 -11.66 2.23
N LEU B 22 -6.64 -10.61 1.46
CA LEU B 22 -7.53 -9.46 1.42
C LEU B 22 -8.90 -9.87 0.90
N ARG B 23 -8.90 -10.67 -0.17
CA ARG B 23 -10.12 -11.27 -0.73
C ARG B 23 -11.05 -10.24 -1.36
N SER B 24 -11.46 -9.25 -0.58
CA SER B 24 -12.37 -8.21 -1.03
C SER B 24 -11.80 -7.46 -2.24
N ALA B 25 -12.66 -7.19 -3.21
CA ALA B 25 -12.24 -6.54 -4.45
C ALA B 25 -11.64 -5.17 -4.18
N GLU B 26 -12.42 -4.32 -3.51
CA GLU B 26 -11.98 -2.97 -3.18
C GLU B 26 -10.74 -3.01 -2.29
N ALA B 27 -10.65 -4.03 -1.45
CA ALA B 27 -9.53 -4.16 -0.52
C ALA B 27 -8.24 -4.46 -1.26
N TYR B 28 -8.26 -5.47 -2.12
CA TYR B 28 -7.06 -5.85 -2.86
C TYR B 28 -6.68 -4.76 -3.83
N GLU B 29 -7.67 -4.11 -4.42
CA GLU B 29 -7.42 -3.02 -5.33
C GLU B 29 -6.83 -1.84 -4.56
N ASN B 30 -7.28 -1.66 -3.32
CA ASN B 30 -6.75 -0.64 -2.43
C ASN B 30 -5.26 -0.84 -2.21
N PHE B 31 -4.88 -2.09 -1.99
CA PHE B 31 -3.48 -2.48 -1.89
C PHE B 31 -2.73 -2.05 -3.15
N LEU B 32 -3.33 -2.31 -4.30
CA LEU B 32 -2.75 -1.95 -5.58
C LEU B 32 -2.69 -0.42 -5.74
N ARG B 33 -3.63 0.28 -5.11
CA ARG B 33 -3.59 1.74 -5.09
C ARG B 33 -2.32 2.21 -4.42
N CYS B 34 -2.00 1.60 -3.29
CA CYS B 34 -0.80 1.91 -2.55
C CYS B 34 0.44 1.61 -3.40
N LEU B 35 0.37 0.56 -4.19
CA LEU B 35 1.48 0.17 -5.05
C LEU B 35 1.74 1.22 -6.13
N VAL B 36 0.69 1.63 -6.84
CA VAL B 36 0.87 2.58 -7.94
C VAL B 36 1.35 3.94 -7.43
N ILE B 37 0.80 4.42 -6.32
CA ILE B 37 1.22 5.70 -5.78
C ILE B 37 2.64 5.63 -5.22
N PHE B 38 3.04 4.47 -4.71
CA PHE B 38 4.41 4.26 -4.29
C PHE B 38 5.34 4.32 -5.49
N ASN B 39 4.92 3.67 -6.58
CA ASN B 39 5.69 3.65 -7.82
C ASN B 39 5.84 5.06 -8.38
N GLN B 40 4.80 5.86 -8.22
CA GLN B 40 4.79 7.23 -8.71
C GLN B 40 5.48 8.19 -7.75
N GLU B 41 6.22 7.63 -6.78
CA GLU B 41 6.99 8.43 -5.83
C GLU B 41 6.08 9.32 -4.99
N VAL B 42 4.85 8.86 -4.78
CA VAL B 42 3.87 9.62 -4.00
C VAL B 42 3.99 9.31 -2.51
N ILE B 43 4.00 8.04 -2.16
CA ILE B 43 4.12 7.64 -0.78
C ILE B 43 5.48 6.98 -0.54
N SER B 44 6.03 7.14 0.65
CA SER B 44 7.29 6.54 0.99
C SER B 44 7.09 5.17 1.63
N ARG B 45 8.18 4.52 2.01
CA ARG B 45 8.12 3.19 2.63
C ARG B 45 7.23 3.20 3.86
N ALA B 46 7.51 4.14 4.77
CA ALA B 46 6.77 4.23 6.03
C ALA B 46 5.28 4.45 5.79
N GLU B 47 4.95 5.40 4.92
CA GLU B 47 3.57 5.74 4.61
C GLU B 47 2.83 4.50 4.08
N LEU B 48 3.47 3.79 3.15
CA LEU B 48 2.89 2.61 2.54
C LEU B 48 2.63 1.52 3.58
N VAL B 49 3.64 1.23 4.40
CA VAL B 49 3.53 0.17 5.39
C VAL B 49 2.43 0.47 6.42
N GLN B 50 2.21 1.76 6.68
CA GLN B 50 1.16 2.16 7.61
C GLN B 50 -0.22 2.08 6.97
N LEU B 51 -0.31 2.41 5.69
CA LEU B 51 -1.58 2.39 4.97
C LEU B 51 -2.14 0.98 4.87
N VAL B 52 -1.27 0.03 4.58
CA VAL B 52 -1.67 -1.35 4.38
C VAL B 52 -1.80 -2.10 5.72
N SER B 53 -1.70 -1.35 6.82
CA SER B 53 -1.80 -1.93 8.16
C SER B 53 -3.12 -2.69 8.37
N PRO B 54 -4.30 -2.07 8.12
CA PRO B 54 -5.60 -2.74 8.30
C PRO B 54 -5.85 -3.86 7.29
N PHE B 55 -4.89 -4.08 6.40
CA PHE B 55 -5.01 -5.10 5.37
C PHE B 55 -4.06 -6.27 5.66
N LEU B 56 -2.76 -6.01 5.52
CA LEU B 56 -1.76 -7.06 5.68
C LEU B 56 -1.34 -7.21 7.13
N GLY B 57 -1.64 -6.21 7.95
CA GLY B 57 -1.26 -6.25 9.36
C GLY B 57 -2.03 -7.33 10.11
N LYS B 58 -3.09 -7.82 9.49
CA LYS B 58 -3.90 -8.89 10.08
C LYS B 58 -3.28 -10.24 9.77
N PHE B 59 -2.33 -10.25 8.84
CA PHE B 59 -1.66 -11.46 8.42
C PHE B 59 -0.16 -11.33 8.64
N PRO B 60 0.33 -11.80 9.80
CA PRO B 60 1.72 -11.59 10.24
C PRO B 60 2.76 -11.95 9.20
N GLU B 61 2.69 -13.18 8.69
CA GLU B 61 3.68 -13.67 7.71
C GLU B 61 3.72 -12.78 6.47
N LEU B 62 2.59 -12.23 6.08
CA LEU B 62 2.50 -11.43 4.88
C LEU B 62 2.98 -10.01 5.15
N PHE B 63 2.62 -9.50 6.32
CA PHE B 63 3.04 -8.17 6.74
C PHE B 63 4.55 -8.15 6.99
N ASN B 64 5.06 -9.24 7.57
CA ASN B 64 6.48 -9.41 7.80
C ASN B 64 7.24 -9.51 6.50
N TRP B 65 6.68 -10.26 5.55
CA TRP B 65 7.26 -10.40 4.22
C TRP B 65 7.40 -9.03 3.57
N PHE B 66 6.32 -8.25 3.64
CA PHE B 66 6.27 -6.92 3.06
C PHE B 66 7.36 -6.04 3.66
N LYS B 67 7.47 -6.07 4.98
CA LYS B 67 8.48 -5.30 5.70
C LYS B 67 9.89 -5.73 5.29
N ASN B 68 10.10 -7.04 5.23
CA ASN B 68 11.42 -7.58 4.92
C ASN B 68 11.85 -7.20 3.51
N PHE B 69 10.91 -7.24 2.58
CA PHE B 69 11.18 -6.88 1.19
C PHE B 69 11.42 -5.38 1.06
N LEU B 70 10.62 -4.59 1.76
CA LEU B 70 10.71 -3.13 1.70
C LEU B 70 11.88 -2.59 2.53
N GLY B 71 12.52 -3.47 3.28
CA GLY B 71 13.63 -3.05 4.11
C GLY B 71 13.17 -2.25 5.31
N TYR B 72 11.99 -2.57 5.81
CA TYR B 72 11.42 -1.87 6.94
C TYR B 72 11.56 -2.72 8.19
N LYS B 73 12.69 -2.57 8.88
CA LYS B 73 12.93 -3.29 10.13
C LYS B 73 12.27 -2.57 11.29
N GLU B 74 11.01 -2.18 11.08
CA GLU B 74 10.23 -1.42 12.05
C GLU B 74 10.86 -0.05 12.28
N SER B 75 11.68 0.37 11.33
CA SER B 75 12.36 1.65 11.37
C SER B 75 12.82 2.03 9.99
N SER A 1 -30.97 -11.16 20.51
CA SER A 1 -30.02 -11.54 21.56
C SER A 1 -30.24 -10.72 22.82
N ASN A 2 -31.07 -11.24 23.70
CA ASN A 2 -31.38 -10.58 24.96
C ASN A 2 -31.11 -11.52 26.12
N ALA A 3 -31.43 -12.80 25.92
CA ALA A 3 -31.22 -13.81 26.94
C ALA A 3 -30.63 -15.08 26.33
N GLY A 4 -31.07 -15.39 25.12
CA GLY A 4 -30.62 -16.59 24.45
C GLY A 4 -31.61 -17.03 23.40
N SER A 5 -31.26 -18.10 22.68
CA SER A 5 -32.12 -18.64 21.62
C SER A 5 -32.31 -17.61 20.50
N ASP A 6 -31.37 -17.58 19.57
CA ASP A 6 -31.44 -16.65 18.45
C ASP A 6 -31.36 -17.43 17.14
N ASP A 7 -31.72 -16.76 16.05
CA ASP A 7 -31.73 -17.39 14.74
C ASP A 7 -30.31 -17.63 14.23
N ASP A 8 -29.64 -16.56 13.88
CA ASP A 8 -28.28 -16.64 13.38
C ASP A 8 -27.31 -16.08 14.41
N GLY A 9 -27.78 -15.08 15.13
CA GLY A 9 -26.97 -14.45 16.16
C GLY A 9 -27.50 -13.09 16.53
N GLY A 10 -26.60 -12.18 16.89
CA GLY A 10 -27.01 -10.83 17.26
C GLY A 10 -25.84 -9.88 17.38
N ASP A 11 -24.68 -10.28 16.90
CA ASP A 11 -23.50 -9.44 16.95
C ASP A 11 -22.63 -9.62 15.71
N SER A 12 -21.92 -10.73 15.64
CA SER A 12 -21.03 -10.99 14.53
C SER A 12 -21.26 -12.40 13.98
N PRO A 13 -21.99 -12.51 12.86
CA PRO A 13 -22.25 -13.80 12.20
C PRO A 13 -21.01 -14.34 11.50
N VAL A 14 -20.53 -13.61 10.52
CA VAL A 14 -19.33 -14.00 9.80
C VAL A 14 -18.23 -12.98 10.02
N GLN A 15 -17.00 -13.47 10.15
CA GLN A 15 -15.86 -12.60 10.38
C GLN A 15 -14.90 -12.68 9.20
N ASP A 16 -15.45 -13.01 8.04
CA ASP A 16 -14.68 -13.16 6.81
C ASP A 16 -14.33 -11.81 6.20
N ILE A 17 -14.81 -10.73 6.84
CA ILE A 17 -14.53 -9.36 6.41
C ILE A 17 -15.33 -9.00 5.15
N ASP A 18 -15.72 -7.75 5.04
CA ASP A 18 -16.42 -7.26 3.87
C ASP A 18 -15.48 -6.40 3.03
N THR A 19 -15.03 -5.29 3.60
CA THR A 19 -14.16 -4.36 2.90
C THR A 19 -13.28 -3.57 3.89
N PRO A 20 -12.01 -3.96 4.04
CA PRO A 20 -11.05 -3.19 4.84
C PRO A 20 -10.81 -1.81 4.23
N GLU A 21 -10.45 -0.84 5.06
CA GLU A 21 -10.30 0.53 4.60
C GLU A 21 -8.99 1.13 5.08
N VAL A 22 -8.47 2.06 4.29
CA VAL A 22 -7.21 2.73 4.59
C VAL A 22 -7.49 4.05 5.35
N ASP A 23 -6.61 4.39 6.29
CA ASP A 23 -6.82 5.55 7.16
C ASP A 23 -6.52 6.86 6.46
N LEU A 24 -5.37 6.87 5.82
CA LEU A 24 -4.87 8.01 5.02
C LEU A 24 -4.44 9.20 5.89
N TYR A 25 -5.17 9.49 6.96
CA TYR A 25 -4.83 10.59 7.85
C TYR A 25 -3.49 10.28 8.53
N GLN A 26 -3.22 8.99 8.64
CA GLN A 26 -1.96 8.46 9.14
C GLN A 26 -0.76 9.00 8.36
N LEU A 27 -0.98 9.41 7.11
CA LEU A 27 0.09 9.86 6.25
C LEU A 27 0.55 11.25 6.64
N GLN A 28 1.80 11.55 6.32
CA GLN A 28 2.35 12.87 6.52
C GLN A 28 1.59 13.88 5.66
N VAL A 29 1.38 15.07 6.20
CA VAL A 29 0.73 16.15 5.45
C VAL A 29 1.50 16.45 4.16
N ASN A 30 2.82 16.29 4.22
CA ASN A 30 3.67 16.46 3.03
C ASN A 30 3.36 15.38 2.00
N THR A 31 3.12 14.15 2.48
CA THR A 31 2.84 13.02 1.60
C THR A 31 1.49 13.19 0.90
N LEU A 32 0.50 13.69 1.63
CA LEU A 32 -0.83 13.95 1.06
C LEU A 32 -0.73 15.01 -0.01
N ARG A 33 0.02 16.06 0.31
CA ARG A 33 0.26 17.14 -0.64
C ARG A 33 1.03 16.61 -1.84
N ARG A 34 1.89 15.63 -1.61
CA ARG A 34 2.69 15.03 -2.66
C ARG A 34 1.80 14.28 -3.64
N TYR A 35 0.86 13.52 -3.09
CA TYR A 35 -0.14 12.82 -3.89
C TYR A 35 -0.88 13.80 -4.80
N LYS A 36 -1.47 14.80 -4.19
CA LYS A 36 -2.31 15.75 -4.92
C LYS A 36 -1.49 16.59 -5.89
N ARG A 37 -0.23 16.86 -5.54
CA ARG A 37 0.66 17.62 -6.39
C ARG A 37 1.09 16.79 -7.59
N HIS A 38 1.43 15.53 -7.35
CA HIS A 38 1.90 14.65 -8.41
C HIS A 38 0.77 14.36 -9.40
N PHE A 39 -0.43 14.13 -8.88
CA PHE A 39 -1.59 13.87 -9.72
C PHE A 39 -2.16 15.17 -10.29
N LYS A 40 -1.58 16.30 -9.85
CA LYS A 40 -1.99 17.63 -10.32
C LYS A 40 -3.48 17.86 -10.06
N LEU A 41 -3.89 17.74 -8.81
CA LEU A 41 -5.29 17.91 -8.45
C LEU A 41 -5.56 19.37 -8.13
N PRO A 42 -6.55 19.97 -8.82
CA PRO A 42 -6.95 21.35 -8.58
C PRO A 42 -7.43 21.57 -7.15
N THR A 43 -6.85 22.56 -6.49
CA THR A 43 -7.14 22.79 -5.07
C THR A 43 -7.29 24.27 -4.75
N ARG A 44 -7.96 24.56 -3.66
CA ARG A 44 -8.12 25.93 -3.17
C ARG A 44 -7.05 26.24 -2.12
N PRO A 45 -6.64 27.51 -2.02
CA PRO A 45 -5.62 27.94 -1.05
C PRO A 45 -6.13 27.83 0.39
N GLY A 46 -5.23 27.49 1.30
CA GLY A 46 -5.58 27.41 2.71
C GLY A 46 -6.08 26.04 3.09
N LEU A 47 -5.38 25.01 2.67
CA LEU A 47 -5.78 23.63 2.92
C LEU A 47 -5.30 23.14 4.28
N ASN A 48 -6.11 22.30 4.90
CA ASN A 48 -5.81 21.71 6.20
C ASN A 48 -5.45 20.23 6.03
N LYS A 49 -4.75 19.67 7.01
CA LYS A 49 -4.38 18.24 7.00
C LYS A 49 -5.60 17.35 6.70
N ALA A 50 -6.69 17.59 7.41
CA ALA A 50 -7.91 16.82 7.23
C ALA A 50 -8.51 17.03 5.84
N GLN A 51 -8.47 18.28 5.39
CA GLN A 51 -8.98 18.65 4.06
C GLN A 51 -8.22 17.90 2.99
N LEU A 52 -6.92 17.76 3.20
CA LEU A 52 -6.07 17.00 2.29
C LEU A 52 -6.56 15.57 2.22
N VAL A 53 -6.67 14.93 3.38
CA VAL A 53 -7.05 13.53 3.46
C VAL A 53 -8.39 13.28 2.77
N GLU A 54 -9.34 14.19 2.98
CA GLU A 54 -10.65 14.07 2.34
C GLU A 54 -10.52 14.05 0.82
N ILE A 55 -9.81 15.03 0.28
CA ILE A 55 -9.60 15.10 -1.16
C ILE A 55 -8.78 13.91 -1.66
N VAL A 56 -7.73 13.57 -0.91
CA VAL A 56 -6.88 12.44 -1.26
C VAL A 56 -7.71 11.17 -1.33
N GLY A 57 -8.50 10.91 -0.29
CA GLY A 57 -9.31 9.71 -0.24
C GLY A 57 -10.34 9.64 -1.34
N CYS A 58 -10.90 10.80 -1.68
CA CYS A 58 -11.90 10.88 -2.74
C CYS A 58 -11.31 10.40 -4.07
N HIS A 59 -10.10 10.86 -4.37
CA HIS A 59 -9.44 10.46 -5.62
C HIS A 59 -8.73 9.12 -5.45
N PHE A 60 -8.41 8.78 -4.20
CA PHE A 60 -7.72 7.54 -3.87
C PHE A 60 -8.57 6.34 -4.20
N LYS A 61 -9.86 6.43 -3.89
CA LYS A 61 -10.79 5.33 -4.15
C LYS A 61 -11.07 5.18 -5.65
N SER A 62 -10.65 6.16 -6.43
CA SER A 62 -10.94 6.16 -7.86
C SER A 62 -9.66 6.08 -8.70
N ILE A 63 -8.59 5.55 -8.12
CA ILE A 63 -7.34 5.36 -8.84
C ILE A 63 -7.45 4.15 -9.78
N PRO A 64 -7.17 4.36 -11.08
CA PRO A 64 -7.12 3.27 -12.05
C PRO A 64 -5.91 2.39 -11.83
N VAL A 65 -6.14 1.09 -11.70
CA VAL A 65 -5.05 0.17 -11.39
C VAL A 65 -5.28 -1.19 -12.05
N ASN A 66 -4.19 -1.92 -12.28
CA ASN A 66 -4.26 -3.26 -12.87
C ASN A 66 -3.33 -4.22 -12.13
N GLU A 67 -3.84 -5.40 -11.80
CA GLU A 67 -3.09 -6.38 -11.02
C GLU A 67 -1.70 -6.65 -11.59
N LYS A 68 -1.65 -7.21 -12.79
CA LYS A 68 -0.41 -7.68 -13.40
C LYS A 68 0.64 -6.56 -13.46
N ASP A 69 0.28 -5.44 -14.05
CA ASP A 69 1.20 -4.32 -14.22
C ASP A 69 1.70 -3.79 -12.88
N THR A 70 0.78 -3.62 -11.94
CA THR A 70 1.10 -3.02 -10.67
C THR A 70 2.02 -3.91 -9.84
N LEU A 71 1.72 -5.21 -9.82
CA LEU A 71 2.57 -6.16 -9.13
C LEU A 71 3.97 -6.12 -9.71
N THR A 72 4.05 -6.21 -11.03
CA THR A 72 5.33 -6.18 -11.73
C THR A 72 6.11 -4.91 -11.41
N CYS A 73 5.42 -3.77 -11.47
CA CYS A 73 6.04 -2.48 -11.22
C CYS A 73 6.61 -2.41 -9.80
N PHE A 74 5.79 -2.79 -8.83
CA PHE A 74 6.17 -2.73 -7.43
C PHE A 74 7.36 -3.62 -7.14
N ILE A 75 7.24 -4.90 -7.49
CA ILE A 75 8.28 -5.89 -7.22
C ILE A 75 9.60 -5.47 -7.86
N TYR A 76 9.51 -5.06 -9.12
CA TYR A 76 10.68 -4.70 -9.91
C TYR A 76 11.41 -3.51 -9.30
N SER A 77 10.65 -2.53 -8.81
CA SER A 77 11.22 -1.32 -8.25
C SER A 77 11.90 -1.61 -6.91
N VAL A 78 11.16 -2.21 -5.98
CA VAL A 78 11.65 -2.42 -4.62
C VAL A 78 12.89 -3.31 -4.59
N ARG A 79 12.93 -4.29 -5.49
CA ARG A 79 14.07 -5.19 -5.57
C ARG A 79 15.29 -4.50 -6.18
N ASN A 80 15.07 -3.38 -6.87
CA ASN A 80 16.16 -2.64 -7.48
C ASN A 80 16.69 -1.56 -6.53
N ASP A 81 15.77 -0.78 -5.99
CA ASP A 81 16.14 0.29 -5.08
C ASP A 81 14.90 0.86 -4.43
N LYS A 82 15.09 1.51 -3.32
CA LYS A 82 13.99 2.13 -2.60
C LYS A 82 13.74 3.53 -3.14
N ASN A 83 12.46 3.87 -3.30
CA ASN A 83 12.04 5.12 -3.93
C ASN A 83 12.67 6.37 -3.30
N LYS A 84 12.61 7.46 -4.04
CA LYS A 84 13.09 8.75 -3.57
C LYS A 84 12.00 9.80 -3.75
N SER A 85 12.39 11.08 -3.70
CA SER A 85 11.48 12.19 -3.92
C SER A 85 10.50 12.36 -2.77
N ASP A 86 10.76 11.63 -1.69
CA ASP A 86 9.93 11.68 -0.50
C ASP A 86 10.54 12.64 0.53
N LEU A 87 11.84 12.49 0.75
CA LEU A 87 12.57 13.33 1.68
C LEU A 87 13.92 13.70 1.11
N LYS A 88 14.30 14.95 1.24
CA LYS A 88 15.57 15.43 0.72
C LYS A 88 16.53 15.72 1.85
N ALA A 89 17.79 15.37 1.64
CA ALA A 89 18.83 15.60 2.63
C ALA A 89 19.84 16.63 2.13
N ASP A 90 20.97 16.76 2.85
CA ASP A 90 22.03 17.68 2.46
C ASP A 90 21.55 19.13 2.51
N SER A 91 20.56 19.38 3.37
CA SER A 91 19.98 20.71 3.50
C SER A 91 20.12 21.22 4.93
N GLY A 92 20.97 20.57 5.71
CA GLY A 92 21.16 20.95 7.10
C GLY A 92 20.41 20.02 8.05
N VAL A 93 21.12 19.03 8.56
CA VAL A 93 20.51 18.04 9.45
C VAL A 93 21.50 17.64 10.55
N HIS A 94 20.98 17.40 11.75
CA HIS A 94 21.80 16.99 12.88
C HIS A 94 20.92 16.30 13.93
N SER B 1 7.12 -27.34 -4.22
CA SER B 1 8.39 -26.60 -4.13
C SER B 1 9.31 -27.24 -3.09
N ASN B 2 10.25 -28.05 -3.54
CA ASN B 2 11.18 -28.74 -2.66
C ASN B 2 12.54 -28.08 -2.72
N ALA B 3 13.03 -27.87 -3.93
CA ALA B 3 14.33 -27.27 -4.13
C ALA B 3 14.19 -25.86 -4.69
N SER B 4 15.27 -25.08 -4.58
CA SER B 4 15.29 -23.73 -5.11
C SER B 4 15.14 -23.75 -6.63
N LYS B 5 14.28 -22.92 -7.16
CA LYS B 5 14.03 -22.89 -8.60
C LYS B 5 15.10 -22.06 -9.32
N HIS B 6 15.03 -20.74 -9.13
CA HIS B 6 15.97 -19.85 -9.82
C HIS B 6 16.13 -18.55 -9.02
N GLY B 7 15.61 -18.55 -7.81
CA GLY B 7 15.66 -17.35 -6.99
C GLY B 7 14.27 -16.84 -6.70
N VAL B 8 13.58 -16.39 -7.74
CA VAL B 8 12.22 -15.91 -7.58
C VAL B 8 11.26 -17.08 -7.39
N GLY B 9 10.53 -17.05 -6.30
CA GLY B 9 9.56 -18.09 -6.02
C GLY B 9 8.61 -17.70 -4.91
N THR B 10 9.16 -17.26 -3.78
CA THR B 10 8.35 -16.85 -2.66
C THR B 10 7.60 -15.55 -2.96
N GLU B 11 8.04 -14.85 -4.01
CA GLU B 11 7.36 -13.64 -4.47
C GLU B 11 5.90 -13.92 -4.79
N SER B 12 5.67 -14.84 -5.74
CA SER B 12 4.32 -15.17 -6.16
C SER B 12 3.54 -15.82 -5.03
N LEU B 13 4.26 -16.47 -4.11
CA LEU B 13 3.64 -17.09 -2.96
C LEU B 13 2.99 -16.01 -2.07
N PHE B 14 3.78 -15.00 -1.72
CA PHE B 14 3.29 -13.87 -0.94
C PHE B 14 2.08 -13.21 -1.61
N PHE B 15 2.27 -12.75 -2.84
CA PHE B 15 1.23 -11.96 -3.51
C PHE B 15 -0.03 -12.78 -3.79
N ASP B 16 0.11 -14.10 -3.94
CA ASP B 16 -1.04 -14.96 -4.13
C ASP B 16 -1.83 -15.06 -2.83
N LYS B 17 -1.12 -15.20 -1.72
CA LYS B 17 -1.74 -15.22 -0.40
C LYS B 17 -2.44 -13.90 -0.14
N VAL B 18 -1.76 -12.79 -0.45
CA VAL B 18 -2.34 -11.46 -0.29
C VAL B 18 -3.65 -11.34 -1.06
N ARG B 19 -3.63 -11.78 -2.31
CA ARG B 19 -4.80 -11.71 -3.18
C ARG B 19 -5.98 -12.48 -2.59
N LYS B 20 -5.71 -13.65 -2.02
CA LYS B 20 -6.77 -14.47 -1.44
C LYS B 20 -7.17 -13.96 -0.06
N ALA B 21 -6.21 -13.45 0.69
CA ALA B 21 -6.46 -12.97 2.05
C ALA B 21 -7.29 -11.70 2.06
N LEU B 22 -6.90 -10.74 1.22
CA LEU B 22 -7.62 -9.46 1.15
C LEU B 22 -9.07 -9.68 0.75
N ARG B 23 -9.26 -10.55 -0.26
CA ARG B 23 -10.59 -11.01 -0.68
C ARG B 23 -11.39 -9.90 -1.37
N SER B 24 -11.65 -8.83 -0.65
CA SER B 24 -12.45 -7.73 -1.15
C SER B 24 -11.79 -7.07 -2.35
N ALA B 25 -12.61 -6.61 -3.29
CA ALA B 25 -12.11 -6.02 -4.52
C ALA B 25 -11.37 -4.73 -4.22
N GLU B 26 -12.00 -3.84 -3.46
CA GLU B 26 -11.37 -2.56 -3.11
C GLU B 26 -10.20 -2.77 -2.17
N ALA B 27 -10.21 -3.87 -1.43
CA ALA B 27 -9.10 -4.18 -0.53
C ALA B 27 -7.84 -4.44 -1.34
N TYR B 28 -7.92 -5.39 -2.27
CA TYR B 28 -6.79 -5.72 -3.12
C TYR B 28 -6.47 -4.55 -4.05
N GLU B 29 -7.50 -3.87 -4.52
CA GLU B 29 -7.32 -2.72 -5.39
C GLU B 29 -6.60 -1.60 -4.66
N ASN B 30 -7.02 -1.32 -3.43
CA ASN B 30 -6.41 -0.26 -2.63
C ASN B 30 -4.93 -0.57 -2.40
N PHE B 31 -4.63 -1.84 -2.16
CA PHE B 31 -3.25 -2.30 -2.05
C PHE B 31 -2.46 -1.91 -3.30
N LEU B 32 -3.03 -2.24 -4.46
CA LEU B 32 -2.40 -1.94 -5.73
C LEU B 32 -2.29 -0.43 -5.96
N ARG B 33 -3.28 0.32 -5.47
CA ARG B 33 -3.25 1.76 -5.57
C ARG B 33 -2.09 2.33 -4.76
N CYS B 34 -1.88 1.76 -3.58
CA CYS B 34 -0.74 2.14 -2.75
C CYS B 34 0.55 1.83 -3.50
N LEU B 35 0.54 0.75 -4.27
CA LEU B 35 1.70 0.34 -5.05
C LEU B 35 1.99 1.34 -6.15
N VAL B 36 0.99 1.67 -6.97
CA VAL B 36 1.19 2.58 -8.10
C VAL B 36 1.69 3.94 -7.63
N ILE B 37 1.12 4.47 -6.56
CA ILE B 37 1.57 5.77 -6.06
C ILE B 37 2.96 5.67 -5.45
N PHE B 38 3.28 4.53 -4.85
CA PHE B 38 4.63 4.30 -4.33
C PHE B 38 5.63 4.27 -5.48
N ASN B 39 5.28 3.55 -6.53
CA ASN B 39 6.15 3.37 -7.69
C ASN B 39 6.41 4.70 -8.39
N GLN B 40 5.43 5.58 -8.34
CA GLN B 40 5.54 6.88 -8.99
C GLN B 40 6.06 7.94 -8.02
N GLU B 41 6.57 7.49 -6.87
CA GLU B 41 7.23 8.36 -5.90
C GLU B 41 6.26 9.34 -5.23
N VAL B 42 5.03 8.90 -5.00
CA VAL B 42 4.06 9.69 -4.27
C VAL B 42 4.17 9.42 -2.78
N ILE B 43 4.12 8.15 -2.40
CA ILE B 43 4.24 7.78 -1.01
C ILE B 43 5.57 7.08 -0.77
N SER B 44 6.15 7.29 0.39
CA SER B 44 7.43 6.69 0.72
C SER B 44 7.23 5.29 1.28
N ARG B 45 8.34 4.62 1.60
CA ARG B 45 8.31 3.28 2.14
C ARG B 45 7.46 3.21 3.41
N ALA B 46 7.68 4.15 4.32
CA ALA B 46 6.92 4.19 5.57
C ALA B 46 5.43 4.31 5.31
N GLU B 47 5.05 5.31 4.53
CA GLU B 47 3.64 5.54 4.21
C GLU B 47 3.00 4.31 3.58
N LEU B 48 3.74 3.64 2.71
CA LEU B 48 3.23 2.44 2.05
C LEU B 48 2.87 1.35 3.05
N VAL B 49 3.80 1.09 3.97
CA VAL B 49 3.59 0.06 4.98
C VAL B 49 2.48 0.48 5.95
N GLN B 50 2.36 1.79 6.17
CA GLN B 50 1.30 2.32 7.01
C GLN B 50 -0.07 2.14 6.37
N LEU B 51 -0.17 2.47 5.09
CA LEU B 51 -1.45 2.43 4.38
C LEU B 51 -2.04 1.03 4.34
N VAL B 52 -1.18 0.03 4.13
CA VAL B 52 -1.63 -1.34 3.99
C VAL B 52 -1.73 -2.03 5.36
N SER B 53 -1.54 -1.25 6.42
CA SER B 53 -1.62 -1.78 7.79
C SER B 53 -2.97 -2.46 8.06
N PRO B 54 -4.12 -1.80 7.81
CA PRO B 54 -5.45 -2.41 8.05
C PRO B 54 -5.73 -3.58 7.11
N PHE B 55 -4.87 -3.79 6.13
CA PHE B 55 -5.08 -4.81 5.13
C PHE B 55 -4.26 -6.07 5.43
N LEU B 56 -2.97 -5.89 5.68
CA LEU B 56 -2.09 -7.04 5.92
C LEU B 56 -1.72 -7.15 7.40
N GLY B 57 -2.07 -6.14 8.17
CA GLY B 57 -1.70 -6.10 9.58
C GLY B 57 -2.35 -7.18 10.40
N LYS B 58 -3.44 -7.74 9.91
CA LYS B 58 -4.12 -8.83 10.60
C LYS B 58 -3.46 -10.17 10.28
N PHE B 59 -2.49 -10.14 9.38
CA PHE B 59 -1.74 -11.35 9.02
C PHE B 59 -0.27 -11.17 9.36
N PRO B 60 0.13 -11.61 10.57
CA PRO B 60 1.49 -11.41 11.10
C PRO B 60 2.60 -11.85 10.13
N GLU B 61 2.54 -13.10 9.68
CA GLU B 61 3.58 -13.64 8.82
C GLU B 61 3.60 -12.90 7.48
N LEU B 62 2.41 -12.68 6.93
CA LEU B 62 2.26 -12.07 5.63
C LEU B 62 2.79 -10.63 5.65
N PHE B 63 2.47 -9.91 6.70
CA PHE B 63 2.89 -8.51 6.81
C PHE B 63 4.40 -8.43 7.09
N ASN B 64 4.94 -9.42 7.79
CA ASN B 64 6.37 -9.47 8.07
C ASN B 64 7.15 -9.79 6.79
N TRP B 65 6.55 -10.61 5.94
CA TRP B 65 7.12 -10.88 4.62
C TRP B 65 7.21 -9.57 3.85
N PHE B 66 6.10 -8.84 3.85
CA PHE B 66 6.00 -7.55 3.17
C PHE B 66 7.11 -6.62 3.67
N LYS B 67 7.18 -6.44 4.98
CA LYS B 67 8.17 -5.55 5.58
C LYS B 67 9.58 -5.92 5.18
N ASN B 68 9.87 -7.22 5.14
CA ASN B 68 11.18 -7.70 4.74
C ASN B 68 11.46 -7.33 3.28
N PHE B 69 10.42 -7.36 2.46
CA PHE B 69 10.54 -7.01 1.05
C PHE B 69 10.91 -5.54 0.88
N LEU B 70 10.30 -4.68 1.69
CA LEU B 70 10.60 -3.24 1.65
C LEU B 70 11.93 -2.94 2.35
N GLY B 71 12.41 -3.90 3.13
CA GLY B 71 13.56 -3.65 3.98
C GLY B 71 13.19 -2.73 5.12
N TYR B 72 11.96 -2.88 5.59
CA TYR B 72 11.39 -2.02 6.60
C TYR B 72 11.51 -2.66 7.98
N LYS B 73 12.43 -2.13 8.78
CA LYS B 73 12.68 -2.66 10.12
C LYS B 73 11.98 -1.78 11.16
N GLU B 74 10.77 -1.35 10.80
CA GLU B 74 10.04 -0.32 11.54
C GLU B 74 10.70 1.03 11.31
N SER B 75 11.67 1.04 10.40
CA SER B 75 12.40 2.22 9.99
C SER B 75 13.39 1.82 8.90
N SER A 1 -5.85 -12.99 38.79
CA SER A 1 -6.16 -11.86 37.89
C SER A 1 -6.04 -12.30 36.43
N ASN A 2 -4.89 -12.88 36.07
CA ASN A 2 -4.65 -13.35 34.72
C ASN A 2 -4.53 -14.86 34.70
N ALA A 3 -5.37 -15.51 33.91
CA ALA A 3 -5.42 -16.97 33.89
C ALA A 3 -4.33 -17.56 32.99
N GLY A 4 -3.57 -16.68 32.34
CA GLY A 4 -2.49 -17.13 31.50
C GLY A 4 -2.71 -16.78 30.04
N SER A 5 -3.40 -15.69 29.79
CA SER A 5 -3.67 -15.25 28.43
C SER A 5 -3.47 -13.75 28.32
N ASP A 6 -2.98 -13.30 27.17
CA ASP A 6 -2.71 -11.88 26.97
C ASP A 6 -3.52 -11.34 25.79
N ASP A 7 -3.59 -12.13 24.74
CA ASP A 7 -4.36 -11.75 23.56
C ASP A 7 -5.45 -12.78 23.32
N ASP A 8 -6.19 -12.62 22.23
CA ASP A 8 -7.28 -13.53 21.90
C ASP A 8 -6.80 -14.97 21.80
N GLY A 9 -5.77 -15.19 20.99
CA GLY A 9 -5.26 -16.53 20.79
C GLY A 9 -4.41 -16.63 19.56
N GLY A 10 -3.59 -15.62 19.32
CA GLY A 10 -2.71 -15.60 18.17
C GLY A 10 -3.46 -15.33 16.88
N ASP A 11 -3.47 -16.31 15.99
CA ASP A 11 -4.13 -16.17 14.70
C ASP A 11 -5.52 -16.77 14.74
N SER A 12 -6.42 -16.21 13.95
CA SER A 12 -7.78 -16.69 13.87
C SER A 12 -7.99 -17.50 12.59
N PRO A 13 -8.53 -18.73 12.71
CA PRO A 13 -8.78 -19.59 11.55
C PRO A 13 -9.83 -19.02 10.62
N VAL A 14 -10.81 -18.34 11.20
CA VAL A 14 -11.87 -17.72 10.43
C VAL A 14 -11.60 -16.23 10.20
N GLN A 15 -11.26 -15.89 8.98
CA GLN A 15 -11.02 -14.51 8.61
C GLN A 15 -12.10 -14.03 7.65
N ASP A 16 -13.10 -13.37 8.20
CA ASP A 16 -14.22 -12.90 7.40
C ASP A 16 -14.12 -11.40 7.18
N ILE A 17 -14.15 -10.99 5.92
CA ILE A 17 -13.99 -9.59 5.56
C ILE A 17 -14.70 -9.28 4.25
N ASP A 18 -15.73 -8.45 4.34
CA ASP A 18 -16.36 -7.91 3.15
C ASP A 18 -15.35 -7.06 2.39
N THR A 19 -14.94 -5.96 3.02
CA THR A 19 -13.95 -5.06 2.44
C THR A 19 -13.21 -4.30 3.54
N PRO A 20 -11.95 -4.67 3.82
CA PRO A 20 -11.12 -3.93 4.77
C PRO A 20 -10.86 -2.51 4.26
N GLU A 21 -10.72 -1.57 5.17
CA GLU A 21 -10.61 -0.17 4.80
C GLU A 21 -9.17 0.32 4.99
N VAL A 22 -8.84 1.40 4.29
CA VAL A 22 -7.52 2.00 4.40
C VAL A 22 -7.60 3.34 5.11
N ASP A 23 -6.73 3.53 6.09
CA ASP A 23 -6.65 4.80 6.79
C ASP A 23 -5.71 5.73 6.05
N LEU A 24 -6.19 6.91 5.69
CA LEU A 24 -5.37 7.87 4.97
C LEU A 24 -5.03 9.07 5.85
N TYR A 25 -5.40 8.99 7.11
CA TYR A 25 -5.13 10.06 8.06
C TYR A 25 -3.82 9.76 8.79
N GLN A 26 -3.39 8.51 8.68
CA GLN A 26 -2.13 8.07 9.25
C GLN A 26 -0.94 8.59 8.45
N LEU A 27 -1.20 8.98 7.21
CA LEU A 27 -0.15 9.44 6.31
C LEU A 27 0.39 10.80 6.73
N GLN A 28 1.60 11.08 6.32
CA GLN A 28 2.24 12.35 6.61
C GLN A 28 1.57 13.47 5.83
N VAL A 29 1.74 14.70 6.30
CA VAL A 29 1.18 15.85 5.62
C VAL A 29 1.82 16.01 4.24
N ASN A 30 3.12 15.79 4.19
CA ASN A 30 3.87 15.91 2.94
C ASN A 30 3.41 14.85 1.95
N THR A 31 3.16 13.65 2.44
CA THR A 31 2.72 12.54 1.61
C THR A 31 1.42 12.90 0.87
N LEU A 32 0.46 13.44 1.61
CA LEU A 32 -0.83 13.82 1.05
C LEU A 32 -0.65 14.95 0.03
N ARG A 33 0.20 15.91 0.37
CA ARG A 33 0.50 17.04 -0.51
C ARG A 33 1.22 16.56 -1.77
N ARG A 34 2.03 15.53 -1.61
CA ARG A 34 2.78 14.94 -2.72
C ARG A 34 1.82 14.28 -3.70
N TYR A 35 0.86 13.53 -3.17
CA TYR A 35 -0.22 12.96 -3.98
C TYR A 35 -0.89 14.05 -4.80
N LYS A 36 -1.28 15.13 -4.12
CA LYS A 36 -1.96 16.24 -4.76
C LYS A 36 -1.15 16.83 -5.91
N ARG A 37 0.16 16.96 -5.71
CA ARG A 37 1.01 17.54 -6.73
C ARG A 37 1.22 16.58 -7.90
N HIS A 38 1.54 15.34 -7.59
CA HIS A 38 1.91 14.38 -8.62
C HIS A 38 0.70 13.96 -9.44
N PHE A 39 -0.47 13.94 -8.81
CA PHE A 39 -1.70 13.59 -9.51
C PHE A 39 -2.40 14.84 -10.03
N LYS A 40 -1.78 15.99 -9.80
CA LYS A 40 -2.27 17.28 -10.32
C LYS A 40 -3.68 17.57 -9.81
N LEU A 41 -3.80 17.93 -8.55
CA LEU A 41 -5.09 18.27 -7.97
C LEU A 41 -5.13 19.74 -7.57
N PRO A 42 -5.87 20.56 -8.32
CA PRO A 42 -6.02 21.99 -8.01
C PRO A 42 -6.78 22.21 -6.72
N THR A 43 -6.19 22.96 -5.81
CA THR A 43 -6.76 23.16 -4.50
C THR A 43 -6.67 24.62 -4.07
N ARG A 44 -7.42 24.98 -3.04
CA ARG A 44 -7.48 26.35 -2.58
C ARG A 44 -6.59 26.55 -1.36
N PRO A 45 -6.03 27.76 -1.20
CA PRO A 45 -5.16 28.09 -0.06
C PRO A 45 -5.88 27.93 1.28
N GLY A 46 -5.19 27.35 2.25
CA GLY A 46 -5.77 27.11 3.55
C GLY A 46 -6.00 25.63 3.78
N LEU A 47 -5.07 24.82 3.29
CA LEU A 47 -5.18 23.37 3.39
C LEU A 47 -4.64 22.85 4.71
N ASN A 48 -5.28 21.81 5.23
CA ASN A 48 -4.87 21.19 6.48
C ASN A 48 -4.90 19.68 6.34
N LYS A 49 -4.49 18.98 7.40
CA LYS A 49 -4.41 17.52 7.38
C LYS A 49 -5.71 16.88 6.93
N ALA A 50 -6.80 17.19 7.62
CA ALA A 50 -8.11 16.62 7.31
C ALA A 50 -8.54 16.94 5.88
N GLN A 51 -8.18 18.14 5.44
CA GLN A 51 -8.53 18.61 4.10
C GLN A 51 -7.80 17.78 3.05
N LEU A 52 -6.50 17.58 3.27
CA LEU A 52 -5.68 16.81 2.35
C LEU A 52 -6.20 15.39 2.24
N VAL A 53 -6.47 14.77 3.39
CA VAL A 53 -6.95 13.40 3.43
C VAL A 53 -8.25 13.24 2.64
N GLU A 54 -9.16 14.20 2.81
CA GLU A 54 -10.42 14.19 2.08
C GLU A 54 -10.19 14.24 0.57
N ILE A 55 -9.31 15.13 0.14
CA ILE A 55 -9.00 15.27 -1.28
C ILE A 55 -8.31 14.02 -1.82
N VAL A 56 -7.31 13.56 -1.07
CA VAL A 56 -6.57 12.37 -1.47
C VAL A 56 -7.49 11.16 -1.55
N GLY A 57 -8.29 10.96 -0.51
CA GLY A 57 -9.22 9.84 -0.47
C GLY A 57 -10.23 9.89 -1.59
N CYS A 58 -10.73 11.09 -1.86
CA CYS A 58 -11.69 11.31 -2.93
C CYS A 58 -11.15 10.79 -4.26
N HIS A 59 -9.91 11.15 -4.58
CA HIS A 59 -9.32 10.74 -5.85
C HIS A 59 -8.72 9.34 -5.75
N PHE A 60 -8.36 8.93 -4.53
CA PHE A 60 -7.74 7.64 -4.28
C PHE A 60 -8.72 6.51 -4.60
N LYS A 61 -9.98 6.70 -4.26
CA LYS A 61 -11.01 5.69 -4.51
C LYS A 61 -11.39 5.63 -5.98
N SER A 62 -10.69 6.38 -6.82
CA SER A 62 -11.01 6.43 -8.23
C SER A 62 -9.75 6.29 -9.10
N ILE A 63 -8.71 5.67 -8.54
CA ILE A 63 -7.48 5.44 -9.30
C ILE A 63 -7.57 4.14 -10.09
N PRO A 64 -7.50 4.23 -11.43
CA PRO A 64 -7.48 3.05 -12.30
C PRO A 64 -6.19 2.27 -12.13
N VAL A 65 -6.29 1.00 -11.78
CA VAL A 65 -5.13 0.18 -11.50
C VAL A 65 -5.24 -1.18 -12.18
N ASN A 66 -4.09 -1.72 -12.59
CA ASN A 66 -4.04 -3.02 -13.25
C ASN A 66 -3.23 -4.00 -12.41
N GLU A 67 -3.89 -5.07 -11.98
CA GLU A 67 -3.30 -6.04 -11.06
C GLU A 67 -1.90 -6.50 -11.49
N LYS A 68 -1.80 -7.07 -12.69
CA LYS A 68 -0.55 -7.67 -13.14
C LYS A 68 0.55 -6.61 -13.29
N ASP A 69 0.23 -5.52 -13.97
CA ASP A 69 1.21 -4.48 -14.25
C ASP A 69 1.70 -3.82 -12.98
N THR A 70 0.76 -3.47 -12.11
CA THR A 70 1.08 -2.78 -10.87
C THR A 70 1.96 -3.65 -9.96
N LEU A 71 1.66 -4.94 -9.89
CA LEU A 71 2.50 -5.87 -9.13
C LEU A 71 3.90 -5.89 -9.72
N THR A 72 3.98 -5.98 -11.04
CA THR A 72 5.25 -6.02 -11.75
C THR A 72 6.07 -4.76 -11.45
N CYS A 73 5.41 -3.60 -11.53
CA CYS A 73 6.05 -2.34 -11.23
C CYS A 73 6.61 -2.35 -9.81
N PHE A 74 5.74 -2.66 -8.85
CA PHE A 74 6.12 -2.67 -7.44
C PHE A 74 7.30 -3.59 -7.19
N ILE A 75 7.17 -4.84 -7.63
CA ILE A 75 8.19 -5.85 -7.38
C ILE A 75 9.56 -5.41 -7.88
N TYR A 76 9.63 -5.00 -9.14
CA TYR A 76 10.91 -4.61 -9.73
C TYR A 76 11.44 -3.30 -9.16
N SER A 77 10.54 -2.44 -8.67
CA SER A 77 10.97 -1.19 -8.07
C SER A 77 11.62 -1.43 -6.71
N VAL A 78 10.99 -2.27 -5.90
CA VAL A 78 11.47 -2.50 -4.53
C VAL A 78 12.69 -3.42 -4.54
N ARG A 79 12.73 -4.39 -5.45
CA ARG A 79 13.87 -5.29 -5.55
C ARG A 79 15.12 -4.53 -5.97
N ASN A 80 14.99 -3.66 -6.96
CA ASN A 80 16.13 -2.90 -7.46
C ASN A 80 16.19 -1.54 -6.78
N ASP A 81 16.74 -1.51 -5.56
CA ASP A 81 16.82 -0.30 -4.73
C ASP A 81 15.44 0.15 -4.27
N LYS A 82 15.27 0.27 -2.97
CA LYS A 82 13.95 0.49 -2.38
C LYS A 82 13.57 1.97 -2.31
N ASN A 83 14.22 2.78 -3.14
CA ASN A 83 13.97 4.23 -3.18
C ASN A 83 14.40 4.88 -1.88
N LYS A 84 15.64 5.33 -1.83
CA LYS A 84 16.20 5.91 -0.62
C LYS A 84 16.77 7.29 -0.90
N SER A 85 15.92 8.29 -0.85
CA SER A 85 16.34 9.68 -0.96
C SER A 85 17.00 10.11 0.35
N ASP A 86 16.53 9.50 1.44
CA ASP A 86 17.12 9.64 2.78
C ASP A 86 16.82 10.99 3.41
N LEU A 87 16.81 12.04 2.60
CA LEU A 87 16.60 13.41 3.08
C LEU A 87 17.69 13.81 4.06
N LYS A 88 18.71 14.47 3.53
CA LYS A 88 19.87 14.83 4.33
C LYS A 88 20.16 16.33 4.22
N ALA A 89 19.35 17.03 3.44
CA ALA A 89 19.53 18.45 3.26
C ALA A 89 18.72 19.24 4.28
N ASP A 90 19.29 19.39 5.47
CA ASP A 90 18.64 20.14 6.53
C ASP A 90 19.39 21.45 6.80
N SER A 91 20.64 21.50 6.37
CA SER A 91 21.46 22.67 6.54
C SER A 91 21.67 23.37 5.20
N GLY A 92 21.57 24.69 5.19
CA GLY A 92 21.76 25.44 3.98
C GLY A 92 21.43 26.92 4.14
N VAL A 93 20.67 27.26 5.17
CA VAL A 93 20.27 28.64 5.39
C VAL A 93 20.77 29.15 6.74
N HIS A 94 21.00 30.45 6.81
CA HIS A 94 21.48 31.08 8.04
C HIS A 94 21.25 32.58 7.96
N SER B 1 4.08 -24.59 -6.76
CA SER B 1 5.20 -25.15 -7.54
C SER B 1 6.14 -25.93 -6.62
N ASN B 2 6.36 -27.19 -6.94
CA ASN B 2 7.26 -28.03 -6.16
C ASN B 2 8.71 -27.62 -6.41
N ALA B 3 9.06 -27.46 -7.68
CA ALA B 3 10.40 -27.05 -8.05
C ALA B 3 10.52 -25.53 -8.03
N SER B 4 11.73 -25.04 -7.82
CA SER B 4 11.99 -23.62 -7.80
C SER B 4 12.94 -23.23 -8.91
N LYS B 5 12.94 -21.95 -9.25
CA LYS B 5 13.78 -21.46 -10.33
C LYS B 5 15.07 -20.85 -9.76
N HIS B 6 14.93 -19.94 -8.80
CA HIS B 6 16.08 -19.27 -8.22
C HIS B 6 15.98 -19.21 -6.69
N GLY B 7 14.92 -19.78 -6.13
CA GLY B 7 14.69 -19.70 -4.70
C GLY B 7 14.15 -18.35 -4.29
N VAL B 8 14.82 -17.29 -4.69
CA VAL B 8 14.37 -15.94 -4.45
C VAL B 8 13.24 -15.59 -5.40
N GLY B 9 12.20 -14.96 -4.87
CA GLY B 9 11.04 -14.63 -5.67
C GLY B 9 9.75 -15.04 -4.99
N THR B 10 9.72 -14.86 -3.67
CA THR B 10 8.55 -15.24 -2.88
C THR B 10 7.47 -14.15 -2.96
N GLU B 11 7.73 -13.12 -3.77
CA GLU B 11 6.76 -12.07 -4.03
C GLU B 11 5.44 -12.68 -4.53
N SER B 12 5.56 -13.62 -5.46
CA SER B 12 4.40 -14.29 -6.02
C SER B 12 3.63 -15.01 -4.91
N LEU B 13 4.38 -15.63 -4.00
CA LEU B 13 3.80 -16.31 -2.84
C LEU B 13 3.05 -15.30 -1.97
N PHE B 14 3.72 -14.20 -1.67
CA PHE B 14 3.11 -13.11 -0.90
C PHE B 14 1.80 -12.64 -1.52
N PHE B 15 1.87 -12.20 -2.78
CA PHE B 15 0.72 -11.60 -3.45
C PHE B 15 -0.43 -12.58 -3.63
N ASP B 16 -0.10 -13.87 -3.77
CA ASP B 16 -1.11 -14.90 -3.87
C ASP B 16 -1.86 -15.02 -2.54
N LYS B 17 -1.11 -15.01 -1.44
CA LYS B 17 -1.71 -15.03 -0.12
C LYS B 17 -2.50 -13.75 0.12
N VAL B 18 -1.97 -12.61 -0.32
CA VAL B 18 -2.68 -11.34 -0.21
C VAL B 18 -4.01 -11.39 -0.95
N ARG B 19 -3.99 -12.00 -2.13
CA ARG B 19 -5.19 -12.17 -2.95
C ARG B 19 -6.26 -12.94 -2.17
N LYS B 20 -5.85 -14.03 -1.54
CA LYS B 20 -6.77 -14.87 -0.78
C LYS B 20 -7.12 -14.23 0.56
N ALA B 21 -6.18 -13.51 1.14
CA ALA B 21 -6.33 -12.94 2.47
C ALA B 21 -7.33 -11.78 2.47
N LEU B 22 -7.10 -10.80 1.60
CA LEU B 22 -7.95 -9.62 1.54
C LEU B 22 -9.35 -9.96 1.06
N ARG B 23 -9.44 -10.95 0.16
CA ARG B 23 -10.71 -11.43 -0.40
C ARG B 23 -11.35 -10.39 -1.31
N SER B 24 -11.64 -9.23 -0.77
CA SER B 24 -12.30 -8.16 -1.52
C SER B 24 -11.43 -7.69 -2.68
N ALA B 25 -12.02 -7.69 -3.87
CA ALA B 25 -11.33 -7.22 -5.06
C ALA B 25 -11.08 -5.72 -4.96
N GLU B 26 -11.98 -5.03 -4.25
CA GLU B 26 -11.86 -3.61 -4.03
C GLU B 26 -10.74 -3.33 -3.03
N ALA B 27 -10.67 -4.16 -2.00
CA ALA B 27 -9.61 -4.05 -1.00
C ALA B 27 -8.25 -4.31 -1.64
N TYR B 28 -8.19 -5.33 -2.49
CA TYR B 28 -6.97 -5.67 -3.20
C TYR B 28 -6.62 -4.56 -4.18
N GLU B 29 -7.64 -4.00 -4.82
CA GLU B 29 -7.45 -2.87 -5.72
C GLU B 29 -6.86 -1.68 -4.97
N ASN B 30 -7.34 -1.47 -3.75
CA ASN B 30 -6.86 -0.39 -2.91
C ASN B 30 -5.37 -0.57 -2.60
N PHE B 31 -4.99 -1.82 -2.29
CA PHE B 31 -3.59 -2.17 -2.11
C PHE B 31 -2.79 -1.82 -3.36
N LEU B 32 -3.36 -2.09 -4.51
CA LEU B 32 -2.71 -1.78 -5.78
C LEU B 32 -2.60 -0.28 -6.00
N ARG B 33 -3.57 0.49 -5.49
CA ARG B 33 -3.48 1.95 -5.50
C ARG B 33 -2.25 2.38 -4.72
N CYS B 34 -2.05 1.76 -3.57
CA CYS B 34 -0.90 2.04 -2.75
C CYS B 34 0.39 1.73 -3.52
N LEU B 35 0.35 0.69 -4.34
CA LEU B 35 1.50 0.29 -5.13
C LEU B 35 1.81 1.31 -6.21
N VAL B 36 0.80 1.77 -6.94
CA VAL B 36 1.02 2.71 -8.04
C VAL B 36 1.54 4.05 -7.52
N ILE B 37 0.98 4.55 -6.43
CA ILE B 37 1.43 5.81 -5.86
C ILE B 37 2.83 5.66 -5.26
N PHE B 38 3.16 4.47 -4.78
CA PHE B 38 4.52 4.19 -4.33
C PHE B 38 5.47 4.17 -5.54
N ASN B 39 5.00 3.55 -6.61
CA ASN B 39 5.78 3.42 -7.85
C ASN B 39 6.15 4.80 -8.40
N GLN B 40 5.19 5.72 -8.35
CA GLN B 40 5.38 7.05 -8.91
C GLN B 40 5.98 8.01 -7.87
N GLU B 41 6.57 7.44 -6.82
CA GLU B 41 7.22 8.19 -5.76
C GLU B 41 6.29 9.23 -5.15
N VAL B 42 5.08 8.80 -4.82
CA VAL B 42 4.12 9.64 -4.13
C VAL B 42 4.14 9.35 -2.64
N ILE B 43 4.21 8.08 -2.30
CA ILE B 43 4.31 7.67 -0.90
C ILE B 43 5.64 6.97 -0.68
N SER B 44 6.17 7.05 0.53
CA SER B 44 7.44 6.42 0.84
C SER B 44 7.21 4.99 1.34
N ARG B 45 8.31 4.28 1.61
CA ARG B 45 8.24 2.91 2.13
C ARG B 45 7.35 2.83 3.37
N ALA B 46 7.64 3.66 4.37
CA ALA B 46 6.89 3.65 5.63
C ALA B 46 5.40 3.88 5.39
N GLU B 47 5.09 4.90 4.59
CA GLU B 47 3.71 5.23 4.27
C GLU B 47 2.98 4.04 3.65
N LEU B 48 3.70 3.33 2.78
CA LEU B 48 3.15 2.17 2.09
C LEU B 48 2.78 1.06 3.08
N VAL B 49 3.67 0.75 4.00
CA VAL B 49 3.40 -0.30 4.99
C VAL B 49 2.23 0.11 5.88
N GLN B 50 2.11 1.42 6.10
CA GLN B 50 1.03 1.97 6.93
C GLN B 50 -0.34 1.78 6.26
N LEU B 51 -0.42 2.08 4.97
CA LEU B 51 -1.69 2.03 4.26
C LEU B 51 -2.26 0.62 4.21
N VAL B 52 -1.39 -0.35 3.96
CA VAL B 52 -1.83 -1.74 3.84
C VAL B 52 -1.91 -2.41 5.21
N SER B 53 -1.66 -1.64 6.27
CA SER B 53 -1.66 -2.16 7.63
C SER B 53 -2.98 -2.85 7.99
N PRO B 54 -4.16 -2.20 7.79
CA PRO B 54 -5.45 -2.82 8.10
C PRO B 54 -5.65 -4.14 7.35
N PHE B 55 -5.14 -4.20 6.13
CA PHE B 55 -5.34 -5.34 5.26
C PHE B 55 -4.52 -6.54 5.72
N LEU B 56 -3.28 -6.28 6.13
CA LEU B 56 -2.37 -7.35 6.53
C LEU B 56 -2.27 -7.46 8.04
N GLY B 57 -3.06 -6.66 8.74
CA GLY B 57 -3.02 -6.63 10.19
C GLY B 57 -3.50 -7.93 10.83
N LYS B 58 -4.23 -8.72 10.05
CA LYS B 58 -4.73 -10.00 10.53
C LYS B 58 -3.77 -11.10 10.15
N PHE B 59 -2.73 -10.74 9.40
CA PHE B 59 -1.81 -11.71 8.83
C PHE B 59 -0.36 -11.34 9.15
N PRO B 60 0.15 -11.76 10.31
CA PRO B 60 1.49 -11.42 10.77
C PRO B 60 2.59 -11.75 9.77
N GLU B 61 2.50 -12.94 9.16
CA GLU B 61 3.50 -13.36 8.18
C GLU B 61 3.53 -12.40 7.00
N LEU B 62 2.36 -12.02 6.53
CA LEU B 62 2.23 -11.22 5.33
C LEU B 62 2.73 -9.80 5.55
N PHE B 63 2.32 -9.19 6.66
CA PHE B 63 2.73 -7.83 6.95
C PHE B 63 4.23 -7.76 7.22
N ASN B 64 4.76 -8.78 7.87
CA ASN B 64 6.19 -8.85 8.15
C ASN B 64 6.98 -9.06 6.86
N TRP B 65 6.48 -9.93 5.99
CA TRP B 65 7.08 -10.16 4.68
C TRP B 65 7.19 -8.83 3.94
N PHE B 66 6.09 -8.09 3.94
CA PHE B 66 6.02 -6.81 3.28
C PHE B 66 7.10 -5.87 3.81
N LYS B 67 7.23 -5.79 5.13
CA LYS B 67 8.25 -4.96 5.75
C LYS B 67 9.64 -5.34 5.24
N ASN B 68 9.95 -6.63 5.29
CA ASN B 68 11.27 -7.12 4.93
C ASN B 68 11.59 -6.85 3.47
N PHE B 69 10.56 -6.88 2.62
CA PHE B 69 10.75 -6.66 1.19
C PHE B 69 11.13 -5.21 0.94
N LEU B 70 10.43 -4.31 1.62
CA LEU B 70 10.70 -2.88 1.52
C LEU B 70 11.98 -2.52 2.26
N GLY B 71 12.39 -3.40 3.18
CA GLY B 71 13.56 -3.13 4.00
C GLY B 71 13.20 -2.32 5.21
N TYR B 72 11.91 -2.22 5.49
CA TYR B 72 11.41 -1.39 6.57
C TYR B 72 11.51 -2.11 7.90
N LYS B 73 12.29 -1.55 8.80
CA LYS B 73 12.50 -2.13 10.13
C LYS B 73 12.37 -1.04 11.18
N GLU B 74 11.40 -0.15 10.99
CA GLU B 74 11.16 0.97 11.90
C GLU B 74 12.39 1.84 12.02
N SER B 75 13.20 1.87 10.96
CA SER B 75 14.45 2.59 10.96
C SER B 75 14.57 3.47 9.73
#